data_2LY7
#
_entry.id   2LY7
#
_cell.length_a   1.000
_cell.length_b   1.000
_cell.length_c   1.000
_cell.angle_alpha   90.00
_cell.angle_beta   90.00
_cell.angle_gamma   90.00
#
_symmetry.space_group_name_H-M   'P 1'
#
_entity_poly.entity_id   1
_entity_poly.type   'polypeptide(L)'
_entity_poly.pdbx_seq_one_letter_code
;MDDVYTSIHIEEYESEARDTKLGPEEITRDIPNVGEDALRNLDDRGVIRIGAEVKDGDLLVGKVTPKGVTELTAEERLLH
AIFGEKAREVRDTSLRVPHGGGGIIHDVKVFNREDGDELPPGVNQLVRVYIVQKRKISEGDGTHHHHHH
;
_entity_poly.pdbx_strand_id   A
#
# COMPACT_ATOMS: atom_id res chain seq x y z
N ASP A 3 -4.12 6.85 -36.93
CA ASP A 3 -3.08 6.69 -37.93
C ASP A 3 -1.70 6.95 -37.34
N VAL A 4 -1.41 6.31 -36.22
CA VAL A 4 -0.13 6.47 -35.54
C VAL A 4 0.37 5.15 -34.96
N TYR A 5 1.68 4.96 -34.98
CA TYR A 5 2.29 3.74 -34.46
C TYR A 5 2.60 3.88 -32.97
N THR A 6 1.66 3.45 -32.13
CA THR A 6 1.83 3.53 -30.68
C THR A 6 0.80 2.66 -29.96
N SER A 7 1.27 1.94 -28.94
CA SER A 7 0.39 1.07 -28.17
C SER A 7 0.27 1.55 -26.74
N ILE A 8 -0.41 0.77 -25.90
CA ILE A 8 -0.60 1.11 -24.50
C ILE A 8 0.42 0.40 -23.62
N HIS A 9 1.00 1.14 -22.68
CA HIS A 9 1.99 0.59 -21.77
C HIS A 9 1.32 -0.14 -20.61
N ILE A 10 2.06 -1.03 -19.95
CA ILE A 10 1.53 -1.77 -18.82
C ILE A 10 2.46 -1.68 -17.62
N GLU A 11 1.95 -1.09 -16.53
CA GLU A 11 2.73 -0.93 -15.32
C GLU A 11 2.65 -2.18 -14.45
N GLU A 12 3.65 -2.37 -13.60
CA GLU A 12 3.69 -3.53 -12.72
C GLU A 12 4.28 -3.16 -11.36
N TYR A 13 3.43 -3.19 -10.34
CA TYR A 13 3.86 -2.85 -8.98
C TYR A 13 3.92 -4.09 -8.11
N GLU A 14 4.85 -4.09 -7.16
CA GLU A 14 5.03 -5.22 -6.25
C GLU A 14 4.70 -4.82 -4.81
N SER A 15 4.32 -5.80 -4.00
CA SER A 15 3.98 -5.55 -2.61
C SER A 15 3.85 -6.86 -1.84
N GLU A 16 4.81 -7.13 -0.96
CA GLU A 16 4.80 -8.35 -0.16
C GLU A 16 5.03 -8.04 1.31
N ALA A 17 4.30 -8.73 2.18
CA ALA A 17 4.42 -8.53 3.62
C ALA A 17 5.69 -9.17 4.16
N ARG A 18 6.72 -8.36 4.35
CA ARG A 18 8.00 -8.84 4.86
C ARG A 18 7.97 -8.95 6.38
N ASP A 19 8.50 -10.06 6.90
CA ASP A 19 8.53 -10.29 8.34
C ASP A 19 9.50 -9.32 9.02
N THR A 20 9.03 -8.70 10.10
CA THR A 20 9.84 -7.74 10.84
C THR A 20 10.78 -8.45 11.82
N LYS A 21 11.72 -7.70 12.37
CA LYS A 21 12.68 -8.26 13.32
C LYS A 21 12.14 -8.16 14.74
N LEU A 22 10.90 -7.72 14.88
CA LEU A 22 10.28 -7.58 16.19
C LEU A 22 9.33 -8.74 16.47
N GLY A 23 9.20 -9.64 15.50
CA GLY A 23 8.33 -10.78 15.67
C GLY A 23 6.92 -10.52 15.16
N PRO A 24 6.74 -10.58 13.83
CA PRO A 24 5.45 -10.35 13.20
C PRO A 24 4.46 -11.48 13.47
N GLU A 25 3.20 -11.26 13.11
CA GLU A 25 2.16 -12.26 13.32
C GLU A 25 1.21 -12.32 12.13
N GLU A 26 0.84 -11.14 11.62
CA GLU A 26 -0.07 -11.06 10.48
C GLU A 26 -0.03 -9.67 9.85
N ILE A 27 -0.39 -9.59 8.57
CA ILE A 27 -0.40 -8.31 7.87
C ILE A 27 -1.59 -7.47 8.27
N THR A 28 -1.36 -6.17 8.42
CA THR A 28 -2.43 -5.24 8.81
C THR A 28 -2.32 -3.93 8.04
N ARG A 29 -3.31 -3.06 8.23
CA ARG A 29 -3.33 -1.77 7.55
C ARG A 29 -3.36 -0.63 8.56
N ASP A 30 -2.36 0.23 8.49
CA ASP A 30 -2.26 1.37 9.40
C ASP A 30 -1.63 2.58 8.70
N ILE A 31 -2.46 3.33 7.98
CA ILE A 31 -1.99 4.51 7.27
C ILE A 31 -2.52 5.79 7.90
N PRO A 32 -1.86 6.24 8.97
CA PRO A 32 -2.24 7.46 9.69
C PRO A 32 -1.98 8.72 8.87
N ASN A 33 -2.78 9.75 9.12
CA ASN A 33 -2.63 11.02 8.42
C ASN A 33 -2.91 10.85 6.93
N VAL A 34 -3.75 9.87 6.60
CA VAL A 34 -4.10 9.59 5.21
C VAL A 34 -5.42 10.26 4.83
N GLY A 35 -5.60 10.53 3.54
CA GLY A 35 -6.81 11.18 3.08
C GLY A 35 -7.96 10.20 2.95
N GLU A 36 -9.18 10.73 3.00
CA GLU A 36 -10.38 9.89 2.89
C GLU A 36 -10.56 9.39 1.46
N ASP A 37 -10.00 10.13 0.51
CA ASP A 37 -10.11 9.76 -0.90
C ASP A 37 -9.26 8.52 -1.20
N ALA A 38 -8.10 8.43 -0.57
CA ALA A 38 -7.21 7.30 -0.76
C ALA A 38 -7.83 6.01 -0.23
N LEU A 39 -8.77 6.16 0.70
CA LEU A 39 -9.43 5.00 1.28
C LEU A 39 -10.91 4.98 0.89
N ARG A 40 -11.26 5.76 -0.12
CA ARG A 40 -12.64 5.83 -0.59
C ARG A 40 -13.02 4.54 -1.34
N ASN A 41 -12.02 3.91 -1.95
CA ASN A 41 -12.25 2.68 -2.70
C ASN A 41 -11.82 1.46 -1.89
N LEU A 42 -10.86 1.66 -0.99
CA LEU A 42 -10.37 0.58 -0.14
C LEU A 42 -11.51 -0.14 0.55
N ASP A 43 -11.46 -1.47 0.56
CA ASP A 43 -12.49 -2.28 1.20
C ASP A 43 -12.07 -2.67 2.62
N ASP A 44 -12.89 -3.49 3.26
CA ASP A 44 -12.61 -3.95 4.62
C ASP A 44 -11.34 -4.79 4.66
N ARG A 45 -10.93 -5.28 3.49
CA ARG A 45 -9.73 -6.10 3.39
C ARG A 45 -8.47 -5.25 3.47
N GLY A 46 -8.61 -3.97 3.15
CA GLY A 46 -7.48 -3.05 3.19
C GLY A 46 -6.80 -2.91 1.84
N VAL A 47 -7.54 -3.23 0.78
CA VAL A 47 -7.01 -3.13 -0.58
C VAL A 47 -7.99 -2.44 -1.51
N ILE A 48 -7.47 -1.59 -2.38
CA ILE A 48 -8.31 -0.86 -3.34
C ILE A 48 -8.91 -1.82 -4.37
N ARG A 49 -10.18 -1.60 -4.70
CA ARG A 49 -10.88 -2.44 -5.67
C ARG A 49 -10.50 -2.04 -7.09
N ILE A 50 -10.78 -2.91 -8.05
CA ILE A 50 -10.47 -2.65 -9.45
C ILE A 50 -11.38 -1.57 -10.02
N GLY A 51 -10.89 -0.87 -11.03
CA GLY A 51 -11.68 0.18 -11.65
C GLY A 51 -11.54 1.52 -10.93
N ALA A 52 -10.57 1.60 -10.02
CA ALA A 52 -10.33 2.82 -9.26
C ALA A 52 -9.11 3.55 -9.78
N GLU A 53 -9.21 4.88 -9.89
CA GLU A 53 -8.11 5.70 -10.37
C GLU A 53 -6.94 5.67 -9.39
N VAL A 54 -5.91 6.47 -9.68
CA VAL A 54 -4.74 6.54 -8.81
C VAL A 54 -4.28 7.98 -8.63
N LYS A 55 -3.84 8.30 -7.41
CA LYS A 55 -3.37 9.65 -7.10
C LYS A 55 -2.17 9.60 -6.16
N ASP A 56 -1.48 10.73 -6.04
CA ASP A 56 -0.31 10.82 -5.16
C ASP A 56 -0.69 10.52 -3.72
N GLY A 57 0.21 9.83 -3.01
CA GLY A 57 -0.05 9.50 -1.62
C GLY A 57 -0.98 8.31 -1.48
N ASP A 58 -1.36 7.72 -2.60
CA ASP A 58 -2.25 6.57 -2.60
C ASP A 58 -1.47 5.28 -2.82
N LEU A 59 -1.12 4.61 -1.72
CA LEU A 59 -0.38 3.36 -1.79
C LEU A 59 -1.21 2.26 -2.43
N LEU A 60 -2.52 2.32 -2.24
CA LEU A 60 -3.44 1.34 -2.81
C LEU A 60 -3.20 -0.04 -2.19
N VAL A 61 -2.44 -0.07 -1.11
CA VAL A 61 -2.12 -1.32 -0.43
C VAL A 61 -1.88 -1.10 1.06
N GLY A 62 -2.37 -2.02 1.88
CA GLY A 62 -2.20 -1.89 3.32
C GLY A 62 -1.16 -2.85 3.86
N LYS A 63 0.04 -2.34 4.10
CA LYS A 63 1.13 -3.14 4.62
C LYS A 63 1.87 -2.43 5.75
N VAL A 64 1.81 -2.99 6.94
CA VAL A 64 2.47 -2.40 8.10
C VAL A 64 2.79 -3.45 9.15
N THR A 65 4.05 -3.49 9.59
CA THR A 65 4.47 -4.44 10.59
C THR A 65 4.57 -3.80 11.98
N PRO A 66 4.53 -4.63 13.02
CA PRO A 66 4.62 -4.16 14.41
C PRO A 66 6.00 -3.63 14.76
N LYS A 67 6.05 -2.64 15.63
CA LYS A 67 7.31 -2.03 16.06
C LYS A 67 7.68 -2.48 17.47
N GLY A 68 8.89 -2.13 17.89
CA GLY A 68 9.34 -2.51 19.22
C GLY A 68 8.83 -1.58 20.30
N VAL A 69 9.35 -1.73 21.50
CA VAL A 69 8.93 -0.90 22.63
C VAL A 69 9.84 0.33 22.78
N THR A 70 11.14 0.08 22.86
CA THR A 70 12.11 1.16 23.01
C THR A 70 12.16 2.03 21.76
N GLU A 71 11.81 1.44 20.61
CA GLU A 71 11.81 2.17 19.36
C GLU A 71 10.99 3.44 19.47
N LEU A 72 9.96 3.41 20.31
CA LEU A 72 9.09 4.57 20.51
C LEU A 72 9.92 5.82 20.82
N THR A 73 9.28 6.99 20.70
CA THR A 73 9.96 8.25 20.97
C THR A 73 9.39 8.91 22.22
N ALA A 74 10.11 9.91 22.74
CA ALA A 74 9.68 10.63 23.93
C ALA A 74 8.29 11.23 23.74
N GLU A 75 7.99 11.61 22.50
CA GLU A 75 6.70 12.22 22.18
C GLU A 75 5.56 11.24 22.48
N GLU A 76 5.81 9.96 22.25
CA GLU A 76 4.80 8.93 22.50
C GLU A 76 4.58 8.75 24.00
N ARG A 77 5.64 8.94 24.79
CA ARG A 77 5.55 8.80 26.23
C ARG A 77 4.59 9.82 26.84
N LEU A 78 4.76 11.08 26.45
CA LEU A 78 3.91 12.15 26.95
C LEU A 78 2.53 12.11 26.29
N LEU A 79 2.48 11.54 25.10
CA LEU A 79 1.22 11.44 24.37
C LEU A 79 0.20 10.61 25.16
N HIS A 80 0.70 9.78 26.06
CA HIS A 80 -0.17 8.94 26.88
C HIS A 80 -1.19 9.78 27.65
N ALA A 81 -0.72 10.91 28.19
CA ALA A 81 -1.59 11.80 28.94
C ALA A 81 -2.46 12.63 28.00
N ILE A 82 -2.01 12.78 26.76
CA ILE A 82 -2.74 13.56 25.77
C ILE A 82 -3.95 12.79 25.26
N PHE A 83 -3.73 11.55 24.84
CA PHE A 83 -4.80 10.71 24.32
C PHE A 83 -5.52 9.99 25.47
N GLY A 84 -4.81 9.80 26.57
CA GLY A 84 -5.41 9.12 27.72
C GLY A 84 -5.12 7.63 27.73
N GLU A 85 -4.76 7.09 26.57
CA GLU A 85 -4.46 5.67 26.45
C GLU A 85 -3.41 5.42 25.38
N LYS A 86 -2.47 4.53 25.67
CA LYS A 86 -1.41 4.20 24.73
C LYS A 86 -1.98 3.77 23.38
N ALA A 87 -1.18 3.89 22.33
CA ALA A 87 -1.61 3.52 20.99
C ALA A 87 -0.54 2.69 20.28
N ARG A 88 -0.97 1.59 19.67
CA ARG A 88 -0.04 0.71 18.96
C ARG A 88 0.67 1.47 17.84
N GLU A 89 1.99 1.27 17.75
CA GLU A 89 2.79 1.94 16.73
C GLU A 89 3.39 0.92 15.77
N VAL A 90 3.29 1.20 14.47
CA VAL A 90 3.82 0.31 13.44
C VAL A 90 4.63 1.08 12.41
N ARG A 91 5.21 0.36 11.46
CA ARG A 91 6.02 0.98 10.42
C ARG A 91 5.32 0.89 9.07
N ASP A 92 5.48 1.93 8.26
CA ASP A 92 4.86 1.97 6.94
C ASP A 92 5.72 1.25 5.91
N THR A 93 5.39 -0.01 5.65
CA THR A 93 6.14 -0.81 4.68
C THR A 93 5.36 -0.97 3.38
N SER A 94 4.31 -0.17 3.22
CA SER A 94 3.49 -0.22 2.01
C SER A 94 4.25 0.30 0.80
N LEU A 95 3.68 0.09 -0.38
CA LEU A 95 4.30 0.55 -1.61
C LEU A 95 4.05 2.04 -1.84
N ARG A 96 5.00 2.70 -2.51
CA ARG A 96 4.88 4.12 -2.78
C ARG A 96 4.35 4.35 -4.19
N VAL A 97 3.34 5.21 -4.30
CA VAL A 97 2.75 5.54 -5.60
C VAL A 97 3.03 6.98 -5.99
N PRO A 98 3.52 7.17 -7.22
CA PRO A 98 3.84 8.51 -7.75
C PRO A 98 2.59 9.34 -8.02
N HIS A 99 2.77 10.64 -8.13
CA HIS A 99 1.65 11.55 -8.39
C HIS A 99 1.05 11.28 -9.77
N GLY A 100 -0.27 11.26 -9.83
CA GLY A 100 -0.95 11.02 -11.09
C GLY A 100 -1.09 9.54 -11.41
N GLY A 101 0.02 8.81 -11.32
CA GLY A 101 -0.01 7.39 -11.59
C GLY A 101 0.17 7.08 -13.06
N GLY A 102 -0.37 7.93 -13.92
CA GLY A 102 -0.24 7.73 -15.35
C GLY A 102 -1.40 6.94 -15.93
N GLY A 103 -1.86 5.93 -15.18
CA GLY A 103 -2.96 5.12 -15.65
C GLY A 103 -3.99 4.89 -14.57
N ILE A 104 -4.80 3.83 -14.73
CA ILE A 104 -5.83 3.51 -13.76
C ILE A 104 -5.82 2.01 -13.43
N ILE A 105 -6.17 1.69 -12.19
CA ILE A 105 -6.19 0.31 -11.74
C ILE A 105 -7.25 -0.50 -12.49
N HIS A 106 -6.82 -1.27 -13.47
CA HIS A 106 -7.72 -2.08 -14.27
C HIS A 106 -7.61 -3.56 -13.88
N ASP A 107 -6.46 -3.93 -13.33
CA ASP A 107 -6.23 -5.31 -12.91
C ASP A 107 -5.31 -5.37 -11.69
N VAL A 108 -5.52 -6.37 -10.85
CA VAL A 108 -4.72 -6.53 -9.64
C VAL A 108 -4.60 -8.00 -9.26
N LYS A 109 -3.37 -8.48 -9.14
CA LYS A 109 -3.12 -9.87 -8.77
C LYS A 109 -2.74 -9.98 -7.29
N VAL A 110 -3.36 -10.93 -6.60
CA VAL A 110 -3.08 -11.15 -5.19
C VAL A 110 -3.03 -12.63 -4.85
N PHE A 111 -1.89 -13.09 -4.36
CA PHE A 111 -1.71 -14.49 -4.00
C PHE A 111 -1.71 -14.67 -2.48
N ASN A 112 -2.32 -15.75 -2.02
CA ASN A 112 -2.39 -16.03 -0.59
C ASN A 112 -1.91 -17.45 -0.30
N ARG A 113 -1.14 -17.60 0.78
CA ARG A 113 -0.61 -18.90 1.17
C ARG A 113 -1.75 -19.88 1.47
N GLU A 114 -2.84 -19.36 2.00
CA GLU A 114 -4.00 -20.18 2.33
C GLU A 114 -4.53 -20.90 1.09
N ASP A 115 -4.33 -20.28 -0.07
CA ASP A 115 -4.79 -20.86 -1.32
C ASP A 115 -3.90 -22.03 -1.74
N GLY A 116 -2.70 -22.09 -1.17
CA GLY A 116 -1.77 -23.16 -1.50
C GLY A 116 -0.62 -22.68 -2.35
N ASP A 117 -0.34 -21.38 -2.30
CA ASP A 117 0.76 -20.80 -3.07
C ASP A 117 2.00 -20.61 -2.20
N GLU A 118 3.07 -21.31 -2.56
CA GLU A 118 4.32 -21.22 -1.82
C GLU A 118 4.94 -19.83 -1.96
N LEU A 119 5.61 -19.38 -0.91
CA LEU A 119 6.26 -18.07 -0.92
C LEU A 119 7.70 -18.17 -0.44
N PRO A 120 8.52 -17.17 -0.80
CA PRO A 120 9.93 -17.12 -0.42
C PRO A 120 10.11 -16.85 1.07
N PRO A 121 11.34 -17.05 1.57
CA PRO A 121 11.68 -16.84 2.97
C PRO A 121 11.66 -15.37 3.36
N GLY A 122 10.83 -15.02 4.34
CA GLY A 122 10.72 -13.64 4.79
C GLY A 122 9.45 -12.98 4.32
N VAL A 123 8.75 -13.62 3.38
CA VAL A 123 7.51 -13.08 2.85
C VAL A 123 6.31 -13.85 3.37
N ASN A 124 5.22 -13.13 3.62
CA ASN A 124 4.00 -13.74 4.13
C ASN A 124 2.88 -13.68 3.09
N GLN A 125 2.94 -12.68 2.22
CA GLN A 125 1.94 -12.51 1.18
C GLN A 125 2.55 -11.88 -0.07
N LEU A 126 1.81 -11.91 -1.16
CA LEU A 126 2.27 -11.35 -2.43
C LEU A 126 1.12 -10.75 -3.23
N VAL A 127 1.24 -9.48 -3.57
CA VAL A 127 0.21 -8.79 -4.34
C VAL A 127 0.81 -7.74 -5.26
N ARG A 128 0.39 -7.77 -6.53
CA ARG A 128 0.90 -6.82 -7.52
C ARG A 128 -0.24 -6.04 -8.15
N VAL A 129 0.05 -4.82 -8.57
CA VAL A 129 -0.96 -3.97 -9.20
C VAL A 129 -0.63 -3.73 -10.67
N TYR A 130 -1.68 -3.62 -11.48
CA TYR A 130 -1.51 -3.39 -12.92
C TYR A 130 -2.17 -2.08 -13.34
N ILE A 131 -1.37 -1.18 -13.90
CA ILE A 131 -1.88 0.11 -14.36
C ILE A 131 -1.61 0.31 -15.84
N VAL A 132 -2.67 0.62 -16.59
CA VAL A 132 -2.56 0.84 -18.03
C VAL A 132 -2.39 2.32 -18.35
N GLN A 133 -1.30 2.65 -19.02
CA GLN A 133 -1.01 4.04 -19.38
C GLN A 133 -1.93 4.50 -20.52
N LYS A 134 -2.62 5.62 -20.30
CA LYS A 134 -3.52 6.17 -21.29
C LYS A 134 -2.94 7.42 -21.94
N ARG A 135 -2.94 7.46 -23.26
CA ARG A 135 -2.42 8.60 -24.00
C ARG A 135 -3.29 8.93 -25.20
N LYS A 136 -3.59 10.21 -25.39
CA LYS A 136 -4.41 10.65 -26.50
C LYS A 136 -3.79 11.86 -27.19
N ILE A 137 -3.97 11.94 -28.51
CA ILE A 137 -3.42 13.05 -29.29
C ILE A 137 -3.81 14.39 -28.68
N SER A 138 -3.19 15.45 -29.17
CA SER A 138 -3.47 16.80 -28.68
C SER A 138 -4.56 17.47 -29.50
N GLU A 139 -5.58 18.00 -28.82
CA GLU A 139 -6.69 18.66 -29.48
C GLU A 139 -6.73 20.14 -29.12
N GLY A 140 -6.92 20.99 -30.12
CA GLY A 140 -6.98 22.42 -29.89
C GLY A 140 -5.94 23.18 -30.68
N ASP A 141 -4.89 22.48 -31.10
CA ASP A 141 -3.81 23.10 -31.87
C ASP A 141 -3.57 22.34 -33.17
N ASP A 3 2.93 14.06 -34.24
CA ASP A 3 1.75 13.27 -34.60
C ASP A 3 2.14 11.82 -34.86
N VAL A 4 2.40 11.07 -33.80
CA VAL A 4 2.78 9.67 -33.92
C VAL A 4 1.84 8.78 -33.10
N TYR A 5 1.33 7.73 -33.74
CA TYR A 5 0.42 6.81 -33.07
C TYR A 5 1.12 6.12 -31.89
N THR A 6 0.35 5.86 -30.83
CA THR A 6 0.89 5.22 -29.65
C THR A 6 -0.08 4.19 -29.09
N SER A 7 0.42 3.26 -28.30
CA SER A 7 -0.41 2.22 -27.70
C SER A 7 -0.53 2.42 -26.20
N ILE A 8 -1.18 1.46 -25.53
CA ILE A 8 -1.36 1.54 -24.09
C ILE A 8 -0.28 0.74 -23.36
N HIS A 9 0.42 1.40 -22.44
CA HIS A 9 1.47 0.76 -21.67
C HIS A 9 0.89 -0.01 -20.48
N ILE A 10 1.65 -0.96 -19.96
CA ILE A 10 1.22 -1.75 -18.83
C ILE A 10 2.22 -1.68 -17.68
N GLU A 11 1.78 -1.15 -16.55
CA GLU A 11 2.63 -1.01 -15.37
C GLU A 11 2.61 -2.29 -14.54
N GLU A 12 3.65 -2.48 -13.73
CA GLU A 12 3.76 -3.66 -12.89
C GLU A 12 4.38 -3.32 -11.55
N TYR A 13 3.58 -3.38 -10.49
CA TYR A 13 4.04 -3.07 -9.15
C TYR A 13 4.08 -4.33 -8.28
N GLU A 14 5.02 -4.35 -7.32
CA GLU A 14 5.17 -5.49 -6.43
C GLU A 14 4.87 -5.09 -4.99
N SER A 15 4.08 -5.90 -4.29
CA SER A 15 3.72 -5.63 -2.91
C SER A 15 3.61 -6.92 -2.12
N GLU A 16 4.59 -7.16 -1.24
CA GLU A 16 4.60 -8.36 -0.41
C GLU A 16 4.82 -8.01 1.06
N ALA A 17 4.18 -8.77 1.95
CA ALA A 17 4.31 -8.54 3.38
C ALA A 17 5.59 -9.14 3.92
N ARG A 18 6.61 -8.29 4.10
CA ARG A 18 7.90 -8.74 4.62
C ARG A 18 7.87 -8.84 6.13
N ASP A 19 8.53 -9.87 6.67
CA ASP A 19 8.59 -10.07 8.12
C ASP A 19 9.49 -9.03 8.78
N THR A 20 8.99 -8.44 9.86
CA THR A 20 9.74 -7.43 10.58
C THR A 20 10.70 -8.06 11.58
N LYS A 21 11.61 -7.26 12.12
CA LYS A 21 12.58 -7.74 13.10
C LYS A 21 12.03 -7.64 14.52
N LEU A 22 10.76 -7.27 14.63
CA LEU A 22 10.11 -7.14 15.93
C LEU A 22 9.24 -8.36 16.23
N GLY A 23 9.21 -9.30 15.30
CA GLY A 23 8.42 -10.50 15.47
C GLY A 23 7.00 -10.34 14.98
N PRO A 24 6.82 -10.42 13.65
CA PRO A 24 5.50 -10.28 13.02
C PRO A 24 4.59 -11.46 13.31
N GLU A 25 3.30 -11.30 13.02
CA GLU A 25 2.32 -12.36 13.24
C GLU A 25 1.34 -12.45 12.09
N GLU A 26 0.89 -11.29 11.61
CA GLU A 26 -0.07 -11.24 10.51
C GLU A 26 -0.04 -9.87 9.83
N ILE A 27 -0.48 -9.83 8.58
CA ILE A 27 -0.51 -8.59 7.83
C ILE A 27 -1.71 -7.74 8.21
N THR A 28 -1.51 -6.43 8.29
CA THR A 28 -2.58 -5.50 8.65
C THR A 28 -2.44 -4.19 7.89
N ARG A 29 -3.38 -3.27 8.14
CA ARG A 29 -3.37 -1.96 7.48
C ARG A 29 -3.43 -0.84 8.52
N ASP A 30 -2.47 0.07 8.45
CA ASP A 30 -2.42 1.19 9.37
C ASP A 30 -1.80 2.42 8.70
N ILE A 31 -2.64 3.20 8.02
CA ILE A 31 -2.18 4.40 7.34
C ILE A 31 -2.70 5.66 8.02
N PRO A 32 -2.02 6.07 9.10
CA PRO A 32 -2.39 7.26 9.87
C PRO A 32 -2.14 8.56 9.09
N ASN A 33 -2.92 9.58 9.39
CA ASN A 33 -2.79 10.87 8.73
C ASN A 33 -3.09 10.75 7.23
N VAL A 34 -3.93 9.78 6.88
CA VAL A 34 -4.30 9.55 5.49
C VAL A 34 -5.61 10.25 5.15
N GLY A 35 -5.79 10.58 3.88
CA GLY A 35 -7.00 11.25 3.44
C GLY A 35 -8.16 10.29 3.22
N GLU A 36 -9.38 10.82 3.25
CA GLU A 36 -10.56 10.00 3.07
C GLU A 36 -10.69 9.56 1.61
N ASP A 37 -10.13 10.35 0.70
CA ASP A 37 -10.19 10.05 -0.73
C ASP A 37 -9.31 8.85 -1.06
N ALA A 38 -8.16 8.75 -0.39
CA ALA A 38 -7.24 7.65 -0.61
C ALA A 38 -7.82 6.33 -0.11
N LEU A 39 -8.79 6.43 0.79
CA LEU A 39 -9.44 5.24 1.35
C LEU A 39 -10.91 5.19 0.96
N ARG A 40 -11.27 5.98 -0.04
CA ARG A 40 -12.66 6.03 -0.51
C ARG A 40 -12.99 4.78 -1.32
N ASN A 41 -11.96 4.17 -1.91
CA ASN A 41 -12.15 2.97 -2.72
C ASN A 41 -11.72 1.72 -1.94
N LEU A 42 -10.79 1.91 -1.02
CA LEU A 42 -10.30 0.79 -0.20
C LEU A 42 -11.45 0.04 0.45
N ASP A 43 -11.33 -1.28 0.49
CA ASP A 43 -12.37 -2.12 1.10
C ASP A 43 -11.91 -2.67 2.44
N ASP A 44 -12.69 -3.61 2.98
CA ASP A 44 -12.36 -4.21 4.27
C ASP A 44 -11.12 -5.08 4.17
N ARG A 45 -10.74 -5.41 2.93
CA ARG A 45 -9.55 -6.23 2.70
C ARG A 45 -8.27 -5.42 2.87
N GLY A 46 -8.40 -4.09 2.73
CA GLY A 46 -7.25 -3.23 2.87
C GLY A 46 -6.60 -2.91 1.54
N VAL A 47 -7.35 -3.12 0.46
CA VAL A 47 -6.84 -2.84 -0.88
C VAL A 47 -7.87 -2.10 -1.72
N ILE A 48 -7.40 -1.20 -2.57
CA ILE A 48 -8.28 -0.43 -3.43
C ILE A 48 -8.94 -1.31 -4.49
N ARG A 49 -10.26 -1.16 -4.62
CA ARG A 49 -11.01 -1.95 -5.59
C ARG A 49 -10.60 -1.58 -7.02
N ILE A 50 -10.84 -2.50 -7.95
CA ILE A 50 -10.51 -2.28 -9.35
C ILE A 50 -11.38 -1.17 -9.95
N GLY A 51 -10.80 -0.44 -10.90
CA GLY A 51 -11.53 0.64 -11.54
C GLY A 51 -11.36 1.97 -10.83
N ALA A 52 -10.38 2.02 -9.92
CA ALA A 52 -10.11 3.25 -9.17
C ALA A 52 -8.87 3.95 -9.69
N GLU A 53 -8.99 5.25 -9.94
CA GLU A 53 -7.87 6.04 -10.45
C GLU A 53 -6.77 6.15 -9.41
N VAL A 54 -5.53 5.97 -9.85
CA VAL A 54 -4.38 6.05 -8.95
C VAL A 54 -3.81 7.47 -8.92
N LYS A 55 -3.35 7.88 -7.74
CA LYS A 55 -2.78 9.22 -7.57
C LYS A 55 -1.82 9.25 -6.39
N ASP A 56 -1.18 10.40 -6.19
CA ASP A 56 -0.23 10.56 -5.08
C ASP A 56 -0.94 10.36 -3.74
N GLY A 57 -0.24 9.73 -2.81
CA GLY A 57 -0.79 9.49 -1.49
C GLY A 57 -1.63 8.22 -1.44
N ASP A 58 -1.69 7.51 -2.56
CA ASP A 58 -2.46 6.27 -2.64
C ASP A 58 -1.56 5.09 -2.95
N LEU A 59 -1.24 4.31 -1.92
CA LEU A 59 -0.38 3.14 -2.09
C LEU A 59 -1.14 1.99 -2.72
N LEU A 60 -2.46 1.99 -2.56
CA LEU A 60 -3.30 0.95 -3.12
C LEU A 60 -3.02 -0.40 -2.45
N VAL A 61 -2.28 -0.36 -1.35
CA VAL A 61 -1.95 -1.58 -0.62
C VAL A 61 -1.73 -1.28 0.86
N GLY A 62 -2.43 -2.04 1.71
CA GLY A 62 -2.30 -1.84 3.15
C GLY A 62 -1.34 -2.82 3.78
N LYS A 63 -0.12 -2.37 4.05
CA LYS A 63 0.90 -3.22 4.66
C LYS A 63 1.61 -2.48 5.79
N VAL A 64 1.63 -3.09 6.96
CA VAL A 64 2.28 -2.49 8.13
C VAL A 64 2.63 -3.56 9.16
N THR A 65 3.89 -3.53 9.62
CA THR A 65 4.35 -4.49 10.62
C THR A 65 4.38 -3.87 12.01
N PRO A 66 4.36 -4.73 13.04
CA PRO A 66 4.39 -4.28 14.44
C PRO A 66 5.74 -3.68 14.83
N LYS A 67 5.71 -2.68 15.70
CA LYS A 67 6.92 -2.02 16.16
C LYS A 67 7.11 -2.22 17.66
N GLY A 68 8.27 -1.81 18.17
CA GLY A 68 8.56 -1.95 19.58
C GLY A 68 8.32 -0.67 20.35
N VAL A 69 8.02 -0.80 21.64
CA VAL A 69 7.77 0.36 22.49
C VAL A 69 9.06 1.10 22.80
N THR A 70 10.18 0.38 22.77
CA THR A 70 11.48 0.96 23.06
C THR A 70 11.94 1.86 21.91
N GLU A 71 11.43 1.60 20.71
CA GLU A 71 11.79 2.38 19.54
C GLU A 71 10.78 3.49 19.29
N LEU A 72 10.29 4.08 20.37
CA LEU A 72 9.31 5.17 20.27
C LEU A 72 9.99 6.52 20.41
N THR A 73 9.22 7.59 20.17
CA THR A 73 9.75 8.94 20.27
C THR A 73 9.33 9.61 21.57
N ALA A 74 10.04 10.65 21.96
CA ALA A 74 9.73 11.38 23.18
C ALA A 74 8.28 11.87 23.19
N GLU A 75 7.78 12.21 22.01
CA GLU A 75 6.40 12.69 21.89
C GLU A 75 5.41 11.66 22.44
N GLU A 76 5.63 10.41 22.08
CA GLU A 76 4.75 9.33 22.54
C GLU A 76 4.74 9.25 24.06
N ARG A 77 5.86 9.63 24.67
CA ARG A 77 5.99 9.61 26.13
C ARG A 77 5.03 10.60 26.78
N LEU A 78 5.02 11.83 26.28
CA LEU A 78 4.15 12.87 26.82
C LEU A 78 2.74 12.71 26.28
N LEU A 79 2.60 12.03 25.16
CA LEU A 79 1.30 11.81 24.55
C LEU A 79 0.49 10.79 25.34
N HIS A 80 1.19 9.94 26.09
CA HIS A 80 0.54 8.92 26.91
C HIS A 80 -0.44 9.56 27.90
N ALA A 81 -0.01 10.63 28.55
CA ALA A 81 -0.84 11.34 29.52
C ALA A 81 -2.01 12.02 28.83
N ILE A 82 -1.86 12.31 27.55
CA ILE A 82 -2.91 12.96 26.78
C ILE A 82 -4.08 12.02 26.53
N PHE A 83 -3.79 10.89 25.90
CA PHE A 83 -4.83 9.90 25.61
C PHE A 83 -5.22 9.13 26.86
N GLY A 84 -4.30 9.06 27.82
CA GLY A 84 -4.58 8.36 29.07
C GLY A 84 -4.67 6.86 28.87
N GLU A 85 -3.93 6.34 27.89
CA GLU A 85 -3.94 4.92 27.60
C GLU A 85 -2.88 4.57 26.55
N LYS A 86 -1.98 3.68 26.90
CA LYS A 86 -0.92 3.25 25.99
C LYS A 86 -1.51 2.74 24.68
N ALA A 87 -0.82 3.01 23.58
CA ALA A 87 -1.27 2.57 22.26
C ALA A 87 -0.12 1.96 21.46
N ARG A 88 -0.40 0.85 20.79
CA ARG A 88 0.61 0.16 19.99
C ARG A 88 0.85 0.91 18.67
N GLU A 89 2.11 0.98 18.26
CA GLU A 89 2.48 1.65 17.03
C GLU A 89 3.09 0.68 16.03
N VAL A 90 3.02 1.03 14.75
CA VAL A 90 3.57 0.18 13.70
C VAL A 90 4.44 0.99 12.74
N ARG A 91 5.02 0.31 11.76
CA ARG A 91 5.89 0.96 10.78
C ARG A 91 5.29 0.85 9.39
N ASP A 92 5.15 2.00 8.72
CA ASP A 92 4.58 2.04 7.38
C ASP A 92 5.54 1.42 6.37
N THR A 93 5.29 0.17 6.02
CA THR A 93 6.14 -0.54 5.06
C THR A 93 5.40 -0.79 3.75
N SER A 94 4.35 -0.01 3.51
CA SER A 94 3.56 -0.15 2.31
C SER A 94 4.33 0.33 1.08
N LEU A 95 3.80 0.05 -0.10
CA LEU A 95 4.45 0.45 -1.35
C LEU A 95 4.25 1.94 -1.61
N ARG A 96 5.21 2.55 -2.28
CA ARG A 96 5.14 3.98 -2.60
C ARG A 96 4.62 4.19 -4.02
N VAL A 97 3.54 4.95 -4.14
CA VAL A 97 2.95 5.22 -5.45
C VAL A 97 3.29 6.63 -5.91
N PRO A 98 3.74 6.76 -7.18
CA PRO A 98 4.10 8.05 -7.77
C PRO A 98 2.89 8.95 -8.00
N HIS A 99 3.14 10.23 -8.19
CA HIS A 99 2.08 11.20 -8.43
C HIS A 99 1.38 10.90 -9.76
N GLY A 100 0.06 10.69 -9.69
CA GLY A 100 -0.71 10.41 -10.88
C GLY A 100 -0.67 8.94 -11.26
N GLY A 101 0.53 8.38 -11.32
CA GLY A 101 0.67 6.98 -11.68
C GLY A 101 0.77 6.77 -13.17
N GLY A 102 0.06 7.59 -13.93
CA GLY A 102 0.09 7.47 -15.38
C GLY A 102 -1.16 6.80 -15.93
N GLY A 103 -1.64 5.78 -15.22
CA GLY A 103 -2.83 5.07 -15.66
C GLY A 103 -3.82 4.85 -14.54
N ILE A 104 -4.71 3.88 -14.73
CA ILE A 104 -5.72 3.57 -13.72
C ILE A 104 -5.71 2.08 -13.38
N ILE A 105 -6.06 1.76 -12.14
CA ILE A 105 -6.10 0.38 -11.69
C ILE A 105 -7.17 -0.42 -12.43
N HIS A 106 -6.75 -1.22 -13.39
CA HIS A 106 -7.67 -2.03 -14.17
C HIS A 106 -7.60 -3.49 -13.75
N ASP A 107 -6.45 -3.90 -13.22
CA ASP A 107 -6.26 -5.28 -12.77
C ASP A 107 -5.43 -5.32 -11.50
N VAL A 108 -5.72 -6.29 -10.65
CA VAL A 108 -5.00 -6.45 -9.38
C VAL A 108 -4.93 -7.91 -8.95
N LYS A 109 -3.72 -8.44 -8.84
CA LYS A 109 -3.53 -9.82 -8.43
C LYS A 109 -3.15 -9.91 -6.96
N VAL A 110 -3.64 -10.96 -6.28
CA VAL A 110 -3.35 -11.15 -4.87
C VAL A 110 -3.28 -12.64 -4.53
N PHE A 111 -2.14 -13.07 -4.00
CA PHE A 111 -1.95 -14.47 -3.63
C PHE A 111 -1.81 -14.61 -2.12
N ASN A 112 -2.36 -15.70 -1.59
CA ASN A 112 -2.30 -15.96 -0.15
C ASN A 112 -1.78 -17.37 0.12
N ARG A 113 -0.85 -17.48 1.06
CA ARG A 113 -0.28 -18.78 1.43
C ARG A 113 -1.37 -19.78 1.79
N GLU A 114 -2.48 -19.27 2.32
CA GLU A 114 -3.60 -20.12 2.72
C GLU A 114 -4.14 -20.89 1.52
N ASP A 115 -4.01 -20.30 0.34
CA ASP A 115 -4.48 -20.95 -0.89
C ASP A 115 -3.56 -22.08 -1.29
N GLY A 116 -2.32 -22.03 -0.81
CA GLY A 116 -1.35 -23.06 -1.14
C GLY A 116 -0.28 -22.57 -2.10
N ASP A 117 -0.09 -21.26 -2.14
CA ASP A 117 0.91 -20.66 -3.02
C ASP A 117 2.24 -20.47 -2.29
N GLU A 118 3.23 -21.26 -2.67
CA GLU A 118 4.55 -21.19 -2.05
C GLU A 118 5.13 -19.78 -2.18
N LEU A 119 5.84 -19.35 -1.15
CA LEU A 119 6.45 -18.01 -1.14
C LEU A 119 7.88 -18.08 -0.61
N PRO A 120 8.68 -17.06 -0.95
CA PRO A 120 10.08 -16.97 -0.52
C PRO A 120 10.21 -16.70 0.98
N PRO A 121 11.43 -16.86 1.50
CA PRO A 121 11.72 -16.64 2.91
C PRO A 121 11.64 -15.16 3.30
N GLY A 122 10.79 -14.85 4.27
CA GLY A 122 10.63 -13.48 4.72
C GLY A 122 9.33 -12.85 4.22
N VAL A 123 8.69 -13.51 3.26
CA VAL A 123 7.44 -13.02 2.70
C VAL A 123 6.26 -13.83 3.20
N ASN A 124 5.15 -13.13 3.50
CA ASN A 124 3.95 -13.80 3.98
C ASN A 124 2.84 -13.77 2.93
N GLN A 125 2.82 -12.70 2.13
CA GLN A 125 1.82 -12.56 1.09
C GLN A 125 2.42 -11.93 -0.17
N LEU A 126 1.69 -12.00 -1.27
CA LEU A 126 2.16 -11.45 -2.54
C LEU A 126 1.02 -10.76 -3.28
N VAL A 127 1.27 -9.55 -3.75
CA VAL A 127 0.27 -8.78 -4.49
C VAL A 127 0.92 -7.93 -5.58
N ARG A 128 0.31 -7.94 -6.76
CA ARG A 128 0.82 -7.16 -7.88
C ARG A 128 -0.27 -6.29 -8.49
N VAL A 129 0.04 -5.00 -8.64
CA VAL A 129 -0.92 -4.05 -9.21
C VAL A 129 -0.66 -3.83 -10.69
N TYR A 130 -1.73 -3.63 -11.45
CA TYR A 130 -1.63 -3.40 -12.89
C TYR A 130 -2.26 -2.07 -13.28
N ILE A 131 -1.47 -1.22 -13.94
CA ILE A 131 -1.95 0.08 -14.37
C ILE A 131 -1.82 0.23 -15.89
N VAL A 132 -2.87 0.75 -16.51
CA VAL A 132 -2.87 0.96 -17.96
C VAL A 132 -2.82 2.44 -18.30
N GLN A 133 -1.78 2.84 -19.02
CA GLN A 133 -1.62 4.24 -19.42
C GLN A 133 -2.67 4.64 -20.45
N LYS A 134 -3.17 5.87 -20.34
CA LYS A 134 -4.18 6.36 -21.27
C LYS A 134 -3.54 7.20 -22.38
N ARG A 135 -4.24 7.31 -23.50
CA ARG A 135 -3.73 8.08 -24.64
C ARG A 135 -3.31 9.48 -24.21
N LYS A 136 -2.18 9.94 -24.73
CA LYS A 136 -1.66 11.27 -24.41
C LYS A 136 -1.35 12.05 -25.68
N ILE A 137 -1.55 13.36 -25.60
CA ILE A 137 -1.29 14.24 -26.75
C ILE A 137 0.11 14.00 -27.30
N SER A 138 0.29 14.27 -28.59
CA SER A 138 1.57 14.09 -29.24
C SER A 138 2.63 15.01 -28.63
N GLU A 139 3.64 14.40 -28.02
CA GLU A 139 4.72 15.15 -27.39
C GLU A 139 5.39 16.08 -28.40
N GLY A 140 5.97 15.48 -29.45
CA GLY A 140 6.64 16.26 -30.47
C GLY A 140 8.14 16.31 -30.26
N ASP A 141 8.57 16.12 -29.02
CA ASP A 141 9.99 16.15 -28.69
C ASP A 141 10.57 14.73 -28.69
N ASP A 3 -0.17 19.13 -24.31
CA ASP A 3 0.18 17.83 -23.74
C ASP A 3 0.47 16.81 -24.84
N VAL A 4 1.35 15.87 -24.52
CA VAL A 4 1.72 14.84 -25.49
C VAL A 4 1.14 13.48 -25.09
N TYR A 5 0.60 12.76 -26.07
CA TYR A 5 0.01 11.46 -25.83
C TYR A 5 0.88 10.35 -26.40
N THR A 6 1.07 9.29 -25.61
CA THR A 6 1.89 8.16 -26.03
C THR A 6 1.04 6.91 -26.22
N SER A 7 1.69 5.79 -26.52
CA SER A 7 0.99 4.53 -26.72
C SER A 7 0.52 3.94 -25.40
N ILE A 8 -0.08 2.76 -25.46
CA ILE A 8 -0.57 2.09 -24.26
C ILE A 8 0.48 1.15 -23.68
N HIS A 9 0.79 1.33 -22.40
CA HIS A 9 1.78 0.50 -21.73
C HIS A 9 1.17 -0.17 -20.50
N ILE A 10 1.79 -1.26 -20.05
CA ILE A 10 1.32 -2.00 -18.88
C ILE A 10 2.31 -1.90 -17.73
N GLU A 11 1.86 -1.32 -16.62
CA GLU A 11 2.71 -1.16 -15.45
C GLU A 11 2.66 -2.42 -14.57
N GLU A 12 3.66 -2.57 -13.71
CA GLU A 12 3.73 -3.72 -12.81
C GLU A 12 4.28 -3.32 -11.44
N TYR A 13 3.41 -3.36 -10.43
CA TYR A 13 3.81 -3.00 -9.08
C TYR A 13 3.87 -4.23 -8.18
N GLU A 14 4.83 -4.24 -7.26
CA GLU A 14 4.99 -5.36 -6.34
C GLU A 14 4.74 -4.91 -4.90
N SER A 15 4.24 -5.84 -4.07
CA SER A 15 3.97 -5.54 -2.68
C SER A 15 3.78 -6.82 -1.88
N GLU A 16 4.77 -7.13 -1.03
CA GLU A 16 4.72 -8.34 -0.21
C GLU A 16 4.93 -8.00 1.26
N ALA A 17 4.25 -8.73 2.14
CA ALA A 17 4.37 -8.51 3.57
C ALA A 17 5.64 -9.13 4.13
N ARG A 18 6.68 -8.31 4.28
CA ARG A 18 7.96 -8.77 4.80
C ARG A 18 7.95 -8.81 6.31
N ASP A 19 8.44 -9.91 6.88
CA ASP A 19 8.49 -10.06 8.33
C ASP A 19 9.41 -9.03 8.96
N THR A 20 8.92 -8.36 10.01
CA THR A 20 9.70 -7.35 10.69
C THR A 20 10.68 -7.97 11.69
N LYS A 21 11.60 -7.16 12.18
CA LYS A 21 12.60 -7.64 13.15
C LYS A 21 12.09 -7.48 14.57
N LEU A 22 10.82 -7.08 14.71
CA LEU A 22 10.21 -6.90 16.02
C LEU A 22 9.32 -8.09 16.37
N GLY A 23 9.19 -9.02 15.44
CA GLY A 23 8.36 -10.19 15.67
C GLY A 23 6.94 -10.01 15.17
N PRO A 24 6.76 -10.15 13.84
CA PRO A 24 5.44 -9.99 13.21
C PRO A 24 4.50 -11.14 13.57
N GLU A 25 3.23 -10.98 13.20
CA GLU A 25 2.22 -12.00 13.48
C GLU A 25 1.26 -12.15 12.30
N GLU A 26 0.86 -11.03 11.72
CA GLU A 26 -0.06 -11.03 10.59
C GLU A 26 -0.09 -9.68 9.91
N ILE A 27 -0.48 -9.67 8.63
CA ILE A 27 -0.55 -8.42 7.87
C ILE A 27 -1.78 -7.61 8.26
N THR A 28 -1.65 -6.29 8.23
CA THR A 28 -2.74 -5.40 8.58
C THR A 28 -2.62 -4.05 7.87
N ARG A 29 -3.59 -3.18 8.09
CA ARG A 29 -3.57 -1.86 7.47
C ARG A 29 -3.65 -0.76 8.53
N ASP A 30 -2.65 0.12 8.53
CA ASP A 30 -2.59 1.22 9.49
C ASP A 30 -1.92 2.44 8.87
N ILE A 31 -2.69 3.23 8.13
CA ILE A 31 -2.16 4.42 7.49
C ILE A 31 -2.83 5.68 8.04
N PRO A 32 -2.35 6.14 9.20
CA PRO A 32 -2.88 7.34 9.86
C PRO A 32 -2.55 8.62 9.09
N ASN A 33 -3.34 9.66 9.31
CA ASN A 33 -3.13 10.94 8.64
C ASN A 33 -3.30 10.80 7.14
N VAL A 34 -4.00 9.77 6.73
CA VAL A 34 -4.25 9.51 5.31
C VAL A 34 -5.51 10.23 4.83
N GLY A 35 -5.56 10.56 3.54
CA GLY A 35 -6.71 11.24 2.99
C GLY A 35 -7.90 10.31 2.81
N GLU A 36 -9.09 10.80 3.13
CA GLU A 36 -10.30 10.00 3.00
C GLU A 36 -10.46 9.47 1.58
N ASP A 37 -9.96 10.23 0.61
CA ASP A 37 -10.04 9.83 -0.79
C ASP A 37 -9.13 8.64 -1.06
N ALA A 38 -8.01 8.59 -0.37
CA ALA A 38 -7.05 7.49 -0.54
C ALA A 38 -7.62 6.18 -0.02
N LEU A 39 -8.61 6.27 0.86
CA LEU A 39 -9.25 5.10 1.43
C LEU A 39 -10.73 5.05 1.08
N ARG A 40 -11.13 5.85 0.10
CA ARG A 40 -12.51 5.89 -0.34
C ARG A 40 -12.90 4.61 -1.07
N ASN A 41 -11.93 3.99 -1.72
CA ASN A 41 -12.17 2.75 -2.46
C ASN A 41 -11.59 1.55 -1.71
N LEU A 42 -10.61 1.81 -0.85
CA LEU A 42 -9.98 0.75 -0.07
C LEU A 42 -11.02 -0.07 0.66
N ASP A 43 -10.80 -1.39 0.70
CA ASP A 43 -11.73 -2.30 1.37
C ASP A 43 -11.16 -2.73 2.73
N ASP A 44 -11.86 -3.65 3.38
CA ASP A 44 -11.43 -4.15 4.68
C ASP A 44 -10.10 -4.87 4.57
N ARG A 45 -9.75 -5.29 3.37
CA ARG A 45 -8.50 -6.00 3.13
C ARG A 45 -7.31 -5.03 3.12
N GLY A 46 -7.61 -3.75 2.86
CA GLY A 46 -6.56 -2.75 2.84
C GLY A 46 -6.05 -2.48 1.43
N VAL A 47 -6.74 -3.04 0.44
CA VAL A 47 -6.35 -2.86 -0.95
C VAL A 47 -7.46 -2.16 -1.74
N ILE A 48 -7.05 -1.25 -2.62
CA ILE A 48 -8.02 -0.52 -3.44
C ILE A 48 -8.70 -1.43 -4.44
N ARG A 49 -10.00 -1.26 -4.60
CA ARG A 49 -10.78 -2.07 -5.54
C ARG A 49 -10.45 -1.70 -6.98
N ILE A 50 -10.82 -2.57 -7.91
CA ILE A 50 -10.56 -2.34 -9.32
C ILE A 50 -11.44 -1.23 -9.86
N GLY A 51 -10.97 -0.55 -10.91
CA GLY A 51 -11.72 0.53 -11.50
C GLY A 51 -11.51 1.85 -10.79
N ALA A 52 -10.51 1.89 -9.91
CA ALA A 52 -10.21 3.10 -9.16
C ALA A 52 -8.97 3.80 -9.71
N GLU A 53 -9.08 5.11 -9.91
CA GLU A 53 -7.97 5.89 -10.45
C GLU A 53 -6.85 6.02 -9.42
N VAL A 54 -5.62 5.90 -9.88
CA VAL A 54 -4.45 6.01 -9.00
C VAL A 54 -3.95 7.44 -8.94
N LYS A 55 -3.46 7.85 -7.77
CA LYS A 55 -2.94 9.19 -7.58
C LYS A 55 -1.96 9.23 -6.40
N ASP A 56 -1.32 10.38 -6.22
CA ASP A 56 -0.35 10.55 -5.13
C ASP A 56 -1.01 10.26 -3.78
N GLY A 57 -0.24 9.63 -2.88
CA GLY A 57 -0.76 9.31 -1.58
C GLY A 57 -1.58 8.03 -1.58
N ASP A 58 -1.66 7.38 -2.74
CA ASP A 58 -2.42 6.15 -2.87
C ASP A 58 -1.50 4.94 -3.01
N LEU A 59 -1.23 4.29 -1.89
CA LEU A 59 -0.35 3.13 -1.88
C LEU A 59 -1.00 1.95 -2.60
N LEU A 60 -2.32 1.93 -2.63
CA LEU A 60 -3.06 0.88 -3.29
C LEU A 60 -2.79 -0.47 -2.64
N VAL A 61 -2.25 -0.44 -1.43
CA VAL A 61 -1.93 -1.66 -0.69
C VAL A 61 -1.80 -1.38 0.81
N GLY A 62 -2.36 -2.26 1.62
CA GLY A 62 -2.30 -2.10 3.06
C GLY A 62 -1.31 -3.05 3.71
N LYS A 63 -0.13 -2.55 4.02
CA LYS A 63 0.91 -3.36 4.65
C LYS A 63 1.62 -2.57 5.76
N VAL A 64 1.45 -3.03 7.00
CA VAL A 64 2.08 -2.38 8.14
C VAL A 64 2.48 -3.40 9.21
N THR A 65 3.73 -3.34 9.63
CA THR A 65 4.24 -4.26 10.64
C THR A 65 4.30 -3.59 12.01
N PRO A 66 4.31 -4.42 13.07
CA PRO A 66 4.35 -3.93 14.45
C PRO A 66 5.71 -3.30 14.80
N LYS A 67 5.71 -2.43 15.81
CA LYS A 67 6.92 -1.76 16.24
C LYS A 67 7.25 -2.10 17.69
N GLY A 68 8.39 -1.64 18.16
CA GLY A 68 8.80 -1.89 19.53
C GLY A 68 8.49 -0.72 20.45
N VAL A 69 8.28 -1.03 21.73
CA VAL A 69 7.98 0.00 22.72
C VAL A 69 9.20 0.85 23.02
N THR A 70 10.38 0.25 22.87
CA THR A 70 11.63 0.96 23.12
C THR A 70 11.91 2.00 22.05
N GLU A 71 11.38 1.76 20.85
CA GLU A 71 11.56 2.68 19.74
C GLU A 71 10.87 4.02 20.01
N LEU A 72 9.77 3.96 20.75
CA LEU A 72 9.00 5.16 21.08
C LEU A 72 9.90 6.22 21.71
N THR A 73 9.54 7.48 21.52
CA THR A 73 10.31 8.59 22.06
C THR A 73 9.54 9.29 23.18
N ALA A 74 10.26 10.10 23.95
CA ALA A 74 9.65 10.84 25.06
C ALA A 74 8.46 11.67 24.58
N GLU A 75 8.55 12.15 23.34
CA GLU A 75 7.50 12.97 22.76
C GLU A 75 6.19 12.19 22.69
N GLU A 76 6.30 10.90 22.42
CA GLU A 76 5.12 10.04 22.32
C GLU A 76 4.61 9.65 23.70
N ARG A 77 5.53 9.31 24.59
CA ARG A 77 5.17 8.91 25.95
C ARG A 77 4.27 9.97 26.60
N LEU A 78 4.67 11.22 26.50
CA LEU A 78 3.90 12.32 27.07
C LEU A 78 2.63 12.57 26.27
N LEU A 79 2.68 12.26 24.99
CA LEU A 79 1.53 12.45 24.10
C LEU A 79 0.33 11.66 24.60
N HIS A 80 0.60 10.59 25.35
CA HIS A 80 -0.47 9.75 25.89
C HIS A 80 -1.41 10.57 26.77
N ALA A 81 -0.83 11.42 27.62
CA ALA A 81 -1.62 12.25 28.52
C ALA A 81 -2.38 13.33 27.74
N ILE A 82 -1.87 13.67 26.56
CA ILE A 82 -2.50 14.68 25.72
C ILE A 82 -3.83 14.17 25.16
N PHE A 83 -3.77 13.07 24.42
CA PHE A 83 -4.96 12.48 23.82
C PHE A 83 -5.79 11.76 24.88
N GLY A 84 -5.12 11.30 25.93
CA GLY A 84 -5.81 10.60 27.00
C GLY A 84 -6.41 9.28 26.53
N GLU A 85 -5.75 8.64 25.57
CA GLU A 85 -6.22 7.37 25.03
C GLU A 85 -5.05 6.52 24.53
N LYS A 86 -5.05 5.25 24.90
CA LYS A 86 -3.99 4.33 24.50
C LYS A 86 -3.84 4.31 22.98
N ALA A 87 -2.62 4.56 22.51
CA ALA A 87 -2.33 4.57 21.09
C ALA A 87 -1.05 3.80 20.78
N ARG A 88 -1.19 2.72 20.02
CA ARG A 88 -0.05 1.90 19.65
C ARG A 88 0.65 2.45 18.41
N GLU A 89 1.93 2.15 18.27
CA GLU A 89 2.71 2.62 17.13
C GLU A 89 3.21 1.45 16.29
N VAL A 90 3.21 1.64 14.97
CA VAL A 90 3.65 0.60 14.04
C VAL A 90 4.55 1.18 12.95
N ARG A 91 5.01 0.32 12.06
CA ARG A 91 5.87 0.74 10.95
C ARG A 91 5.19 0.53 9.62
N ASP A 92 5.12 1.57 8.81
CA ASP A 92 4.48 1.51 7.50
C ASP A 92 5.49 1.08 6.44
N THR A 93 5.28 -0.10 5.86
CA THR A 93 6.17 -0.62 4.84
C THR A 93 5.44 -0.77 3.50
N SER A 94 4.30 -0.10 3.38
CA SER A 94 3.50 -0.16 2.16
C SER A 94 4.31 0.33 0.96
N LEU A 95 3.76 0.13 -0.23
CA LEU A 95 4.43 0.56 -1.46
C LEU A 95 4.21 2.05 -1.71
N ARG A 96 5.18 2.69 -2.35
CA ARG A 96 5.09 4.11 -2.65
C ARG A 96 4.60 4.33 -4.07
N VAL A 97 3.53 5.11 -4.21
CA VAL A 97 2.95 5.41 -5.52
C VAL A 97 3.21 6.85 -5.92
N PRO A 98 3.68 7.05 -7.17
CA PRO A 98 3.98 8.38 -7.70
C PRO A 98 2.72 9.21 -7.93
N HIS A 99 2.89 10.52 -8.02
CA HIS A 99 1.77 11.42 -8.24
C HIS A 99 1.13 11.18 -9.61
N GLY A 100 -0.20 11.12 -9.65
CA GLY A 100 -0.90 10.88 -10.89
C GLY A 100 -1.02 9.41 -11.22
N GLY A 101 0.10 8.69 -11.17
CA GLY A 101 0.09 7.27 -11.48
C GLY A 101 0.28 7.00 -12.95
N GLY A 102 -0.27 7.86 -13.80
CA GLY A 102 -0.14 7.69 -15.23
C GLY A 102 -1.31 6.91 -15.82
N GLY A 103 -1.78 5.91 -15.09
CA GLY A 103 -2.89 5.11 -15.56
C GLY A 103 -3.95 4.90 -14.51
N ILE A 104 -4.75 3.84 -14.67
CA ILE A 104 -5.81 3.54 -13.71
C ILE A 104 -5.83 2.06 -13.37
N ILE A 105 -6.20 1.74 -12.14
CA ILE A 105 -6.27 0.36 -11.68
C ILE A 105 -7.35 -0.41 -12.44
N HIS A 106 -6.93 -1.24 -13.39
CA HIS A 106 -7.86 -2.04 -14.18
C HIS A 106 -7.83 -3.50 -13.75
N ASP A 107 -6.71 -3.91 -13.17
CA ASP A 107 -6.56 -5.29 -12.71
C ASP A 107 -5.58 -5.36 -11.53
N VAL A 108 -5.78 -6.37 -10.67
CA VAL A 108 -4.91 -6.54 -9.51
C VAL A 108 -4.82 -8.02 -9.12
N LYS A 109 -3.58 -8.52 -9.02
CA LYS A 109 -3.35 -9.91 -8.66
C LYS A 109 -2.92 -10.02 -7.21
N VAL A 110 -3.53 -10.96 -6.49
CA VAL A 110 -3.20 -11.18 -5.08
C VAL A 110 -3.15 -12.66 -4.75
N PHE A 111 -1.99 -13.11 -4.27
CA PHE A 111 -1.82 -14.51 -3.92
C PHE A 111 -1.83 -14.71 -2.41
N ASN A 112 -2.37 -15.84 -1.96
CA ASN A 112 -2.44 -16.13 -0.53
C ASN A 112 -1.95 -17.54 -0.25
N ARG A 113 -1.14 -17.68 0.80
CA ARG A 113 -0.60 -18.98 1.18
C ARG A 113 -1.72 -19.99 1.42
N GLU A 114 -2.89 -19.49 1.80
CA GLU A 114 -4.04 -20.35 2.05
C GLU A 114 -4.56 -20.97 0.76
N ASP A 115 -4.27 -20.32 -0.35
CA ASP A 115 -4.71 -20.81 -1.66
C ASP A 115 -3.87 -22.01 -2.09
N GLY A 116 -2.67 -22.12 -1.53
CA GLY A 116 -1.79 -23.22 -1.87
C GLY A 116 -0.60 -22.77 -2.69
N ASP A 117 -0.28 -21.49 -2.61
CA ASP A 117 0.84 -20.93 -3.37
C ASP A 117 2.09 -20.84 -2.49
N GLU A 118 3.23 -21.28 -3.03
CA GLU A 118 4.49 -21.25 -2.30
C GLU A 118 5.13 -19.87 -2.40
N LEU A 119 5.67 -19.39 -1.28
CA LEU A 119 6.33 -18.09 -1.25
C LEU A 119 7.73 -18.20 -0.68
N PRO A 120 8.58 -17.22 -1.00
CA PRO A 120 9.97 -17.19 -0.53
C PRO A 120 10.07 -16.91 0.96
N PRO A 121 11.27 -17.12 1.53
CA PRO A 121 11.53 -16.90 2.95
C PRO A 121 11.50 -15.42 3.33
N GLY A 122 10.69 -15.08 4.32
CA GLY A 122 10.60 -13.70 4.76
C GLY A 122 9.33 -13.03 4.26
N VAL A 123 8.62 -13.69 3.35
CA VAL A 123 7.40 -13.15 2.79
C VAL A 123 6.17 -13.90 3.33
N ASN A 124 5.12 -13.14 3.65
CA ASN A 124 3.90 -13.73 4.18
C ASN A 124 2.79 -13.68 3.14
N GLN A 125 2.82 -12.65 2.29
CA GLN A 125 1.82 -12.50 1.25
C GLN A 125 2.42 -11.86 -0.01
N LEU A 126 1.68 -11.91 -1.10
CA LEU A 126 2.15 -11.34 -2.37
C LEU A 126 0.99 -10.76 -3.16
N VAL A 127 1.12 -9.49 -3.54
CA VAL A 127 0.08 -8.81 -4.31
C VAL A 127 0.69 -7.79 -5.27
N ARG A 128 0.27 -7.84 -6.52
CA ARG A 128 0.78 -6.93 -7.54
C ARG A 128 -0.36 -6.11 -8.14
N VAL A 129 -0.04 -4.94 -8.67
CA VAL A 129 -1.03 -4.07 -9.28
C VAL A 129 -0.78 -3.90 -10.77
N TYR A 130 -1.84 -3.66 -11.53
CA TYR A 130 -1.73 -3.48 -12.97
C TYR A 130 -2.33 -2.15 -13.41
N ILE A 131 -1.47 -1.25 -13.89
CA ILE A 131 -1.92 0.05 -14.33
C ILE A 131 -1.65 0.25 -15.82
N VAL A 132 -2.68 0.62 -16.57
CA VAL A 132 -2.56 0.84 -18.00
C VAL A 132 -2.55 2.33 -18.34
N GLN A 133 -1.67 2.71 -19.26
CA GLN A 133 -1.56 4.10 -19.67
C GLN A 133 -2.42 4.38 -20.89
N LYS A 134 -3.42 5.24 -20.73
CA LYS A 134 -4.32 5.60 -21.82
C LYS A 134 -4.24 7.09 -22.13
N ARG A 135 -4.61 7.46 -23.35
CA ARG A 135 -4.58 8.86 -23.77
C ARG A 135 -5.84 9.22 -24.55
N LYS A 136 -6.35 10.43 -24.31
CA LYS A 136 -7.55 10.89 -25.00
C LYS A 136 -7.19 11.71 -26.23
N ILE A 137 -8.01 11.59 -27.26
CA ILE A 137 -7.79 12.31 -28.51
C ILE A 137 -7.58 13.80 -28.25
N SER A 138 -6.87 14.47 -29.16
CA SER A 138 -6.61 15.90 -29.03
C SER A 138 -7.91 16.70 -29.01
N GLU A 139 -8.13 17.44 -27.93
CA GLU A 139 -9.33 18.26 -27.79
C GLU A 139 -8.99 19.74 -27.85
N GLY A 140 -8.34 20.14 -28.94
CA GLY A 140 -7.96 21.54 -29.11
C GLY A 140 -6.47 21.76 -29.01
N ASP A 141 -5.78 20.82 -28.37
CA ASP A 141 -4.33 20.91 -28.21
C ASP A 141 -3.63 19.70 -28.83
N ASP A 3 -3.99 13.98 -35.68
CA ASP A 3 -3.04 14.10 -34.57
C ASP A 3 -2.57 12.73 -34.11
N VAL A 4 -1.46 12.70 -33.40
CA VAL A 4 -0.89 11.46 -32.89
C VAL A 4 -0.75 11.48 -31.37
N TYR A 5 -0.97 10.33 -30.74
CA TYR A 5 -0.87 10.22 -29.29
C TYR A 5 -0.10 8.98 -28.89
N THR A 6 0.46 8.99 -27.69
CA THR A 6 1.22 7.86 -27.17
C THR A 6 0.39 6.59 -27.17
N SER A 7 1.07 5.44 -27.16
CA SER A 7 0.39 4.16 -27.15
C SER A 7 0.00 3.75 -25.73
N ILE A 8 -0.55 2.55 -25.60
CA ILE A 8 -0.96 2.04 -24.30
C ILE A 8 0.15 1.22 -23.65
N HIS A 9 0.40 1.49 -22.37
CA HIS A 9 1.44 0.78 -21.63
C HIS A 9 0.85 0.05 -20.43
N ILE A 10 1.57 -0.95 -19.93
CA ILE A 10 1.13 -1.73 -18.79
C ILE A 10 2.13 -1.64 -17.63
N GLU A 11 1.68 -1.09 -16.51
CA GLU A 11 2.54 -0.96 -15.33
C GLU A 11 2.53 -2.23 -14.50
N GLU A 12 3.53 -2.37 -13.64
CA GLU A 12 3.64 -3.55 -12.77
C GLU A 12 4.14 -3.16 -11.39
N TYR A 13 3.27 -3.29 -10.40
CA TYR A 13 3.63 -2.95 -9.02
C TYR A 13 3.73 -4.21 -8.16
N GLU A 14 4.68 -4.21 -7.24
CA GLU A 14 4.88 -5.35 -6.35
C GLU A 14 4.61 -4.98 -4.90
N SER A 15 4.00 -5.89 -4.15
CA SER A 15 3.66 -5.66 -2.75
C SER A 15 3.59 -6.97 -1.99
N GLU A 16 4.58 -7.21 -1.13
CA GLU A 16 4.62 -8.42 -0.34
C GLU A 16 4.84 -8.10 1.14
N ALA A 17 4.09 -8.77 2.00
CA ALA A 17 4.19 -8.56 3.44
C ALA A 17 5.50 -9.13 3.99
N ARG A 18 6.49 -8.25 4.15
CA ARG A 18 7.79 -8.67 4.66
C ARG A 18 7.78 -8.76 6.19
N ASP A 19 8.20 -9.90 6.71
CA ASP A 19 8.24 -10.10 8.16
C ASP A 19 9.19 -9.13 8.82
N THR A 20 8.75 -8.55 9.94
CA THR A 20 9.56 -7.58 10.68
C THR A 20 10.52 -8.29 11.63
N LYS A 21 11.50 -7.55 12.13
CA LYS A 21 12.47 -8.10 13.06
C LYS A 21 12.00 -7.98 14.50
N LEU A 22 10.75 -7.54 14.67
CA LEU A 22 10.17 -7.38 16.00
C LEU A 22 9.23 -8.54 16.33
N GLY A 23 9.09 -9.46 15.38
CA GLY A 23 8.22 -10.61 15.58
C GLY A 23 6.80 -10.34 15.13
N PRO A 24 6.57 -10.42 13.81
CA PRO A 24 5.24 -10.20 13.22
C PRO A 24 4.26 -11.32 13.56
N GLU A 25 3.00 -11.10 13.21
CA GLU A 25 1.96 -12.10 13.47
C GLU A 25 0.99 -12.21 12.30
N GLU A 26 0.59 -11.06 11.76
CA GLU A 26 -0.33 -11.03 10.63
C GLU A 26 -0.28 -9.68 9.93
N ILE A 27 -0.68 -9.65 8.67
CA ILE A 27 -0.69 -8.43 7.88
C ILE A 27 -1.92 -7.58 8.19
N THR A 28 -1.73 -6.27 8.29
CA THR A 28 -2.83 -5.35 8.58
C THR A 28 -2.68 -4.05 7.79
N ARG A 29 -3.68 -3.19 7.89
CA ARG A 29 -3.67 -1.91 7.18
C ARG A 29 -3.75 -0.75 8.17
N ASP A 30 -2.74 0.11 8.14
CA ASP A 30 -2.70 1.27 9.03
C ASP A 30 -1.99 2.44 8.36
N ILE A 31 -2.76 3.26 7.65
CA ILE A 31 -2.20 4.42 6.96
C ILE A 31 -2.66 5.72 7.61
N PRO A 32 -1.97 6.10 8.70
CA PRO A 32 -2.28 7.33 9.44
C PRO A 32 -1.94 8.60 8.65
N ASN A 33 -2.63 9.68 8.96
CA ASN A 33 -2.41 10.95 8.27
C ASN A 33 -2.73 10.84 6.78
N VAL A 34 -3.63 9.90 6.45
CA VAL A 34 -4.03 9.69 5.07
C VAL A 34 -5.32 10.44 4.75
N GLY A 35 -5.54 10.72 3.47
CA GLY A 35 -6.75 11.42 3.07
C GLY A 35 -7.94 10.49 2.91
N GLU A 36 -9.14 11.07 2.97
CA GLU A 36 -10.36 10.28 2.84
C GLU A 36 -10.55 9.81 1.40
N ASP A 37 -10.03 10.58 0.45
CA ASP A 37 -10.15 10.26 -0.96
C ASP A 37 -9.29 9.04 -1.30
N ALA A 38 -8.12 8.94 -0.67
CA ALA A 38 -7.21 7.83 -0.91
C ALA A 38 -7.77 6.53 -0.35
N LEU A 39 -8.67 6.66 0.62
CA LEU A 39 -9.29 5.49 1.24
C LEU A 39 -10.77 5.39 0.88
N ARG A 40 -11.17 6.14 -0.15
CA ARG A 40 -12.56 6.14 -0.59
C ARG A 40 -12.88 4.85 -1.35
N ASN A 41 -11.85 4.22 -1.90
CA ASN A 41 -12.03 2.99 -2.66
C ASN A 41 -11.53 1.79 -1.86
N LEU A 42 -10.58 2.03 -0.96
CA LEU A 42 -10.00 0.97 -0.13
C LEU A 42 -11.10 0.20 0.58
N ASP A 43 -10.95 -1.12 0.64
CA ASP A 43 -11.92 -1.98 1.30
C ASP A 43 -11.37 -2.53 2.61
N ASP A 44 -12.11 -3.44 3.22
CA ASP A 44 -11.69 -4.04 4.48
C ASP A 44 -10.39 -4.81 4.31
N ARG A 45 -10.05 -5.13 3.07
CA ARG A 45 -8.83 -5.86 2.77
C ARG A 45 -7.61 -4.95 2.84
N GLY A 46 -7.85 -3.65 2.71
CA GLY A 46 -6.77 -2.69 2.77
C GLY A 46 -6.26 -2.30 1.39
N VAL A 47 -6.74 -3.00 0.37
CA VAL A 47 -6.34 -2.73 -1.00
C VAL A 47 -7.45 -2.01 -1.77
N ILE A 48 -7.04 -1.11 -2.67
CA ILE A 48 -8.00 -0.35 -3.46
C ILE A 48 -8.73 -1.26 -4.46
N ARG A 49 -10.03 -1.04 -4.61
CA ARG A 49 -10.83 -1.83 -5.53
C ARG A 49 -10.53 -1.46 -6.99
N ILE A 50 -10.81 -2.39 -7.90
CA ILE A 50 -10.57 -2.15 -9.31
C ILE A 50 -11.47 -1.05 -9.86
N GLY A 51 -10.96 -0.29 -10.82
CA GLY A 51 -11.73 0.79 -11.41
C GLY A 51 -11.55 2.10 -10.68
N ALA A 52 -10.59 2.13 -9.76
CA ALA A 52 -10.31 3.33 -8.99
C ALA A 52 -9.04 4.02 -9.48
N GLU A 53 -9.14 5.32 -9.76
CA GLU A 53 -8.01 6.09 -10.23
C GLU A 53 -6.93 6.20 -9.16
N VAL A 54 -5.68 6.05 -9.58
CA VAL A 54 -4.55 6.14 -8.65
C VAL A 54 -4.02 7.56 -8.57
N LYS A 55 -3.53 7.95 -7.39
CA LYS A 55 -2.98 9.28 -7.18
C LYS A 55 -2.07 9.31 -5.96
N ASP A 56 -1.45 10.45 -5.73
CA ASP A 56 -0.54 10.61 -4.59
C ASP A 56 -1.22 10.18 -3.29
N GLY A 57 -0.45 9.54 -2.41
CA GLY A 57 -1.00 9.09 -1.15
C GLY A 57 -1.79 7.81 -1.28
N ASP A 58 -1.82 7.26 -2.50
CA ASP A 58 -2.55 6.02 -2.76
C ASP A 58 -1.59 4.86 -2.96
N LEU A 59 -1.27 4.17 -1.87
CA LEU A 59 -0.36 3.03 -1.93
C LEU A 59 -0.99 1.86 -2.66
N LEU A 60 -2.33 1.84 -2.72
CA LEU A 60 -3.06 0.79 -3.39
C LEU A 60 -2.80 -0.57 -2.73
N VAL A 61 -2.28 -0.53 -1.51
CA VAL A 61 -2.00 -1.74 -0.76
C VAL A 61 -1.84 -1.45 0.73
N GLY A 62 -2.44 -2.30 1.56
CA GLY A 62 -2.36 -2.11 3.00
C GLY A 62 -1.34 -3.03 3.64
N LYS A 63 -0.16 -2.50 3.93
CA LYS A 63 0.91 -3.29 4.55
C LYS A 63 1.57 -2.51 5.68
N VAL A 64 1.51 -3.07 6.89
CA VAL A 64 2.11 -2.43 8.05
C VAL A 64 2.46 -3.44 9.13
N THR A 65 3.73 -3.47 9.53
CA THR A 65 4.19 -4.41 10.55
C THR A 65 4.31 -3.72 11.90
N PRO A 66 4.29 -4.52 12.98
CA PRO A 66 4.40 -4.00 14.35
C PRO A 66 5.80 -3.47 14.65
N LYS A 67 5.88 -2.57 15.62
CA LYS A 67 7.16 -1.98 16.02
C LYS A 67 7.46 -2.25 17.48
N GLY A 68 8.68 -1.93 17.91
CA GLY A 68 9.07 -2.15 19.29
C GLY A 68 9.04 -0.87 20.11
N VAL A 69 8.93 -1.01 21.43
CA VAL A 69 8.89 0.14 22.32
C VAL A 69 10.28 0.72 22.53
N THR A 70 11.28 -0.16 22.52
CA THR A 70 12.67 0.26 22.72
C THR A 70 13.14 1.15 21.57
N GLU A 71 12.55 0.94 20.39
CA GLU A 71 12.91 1.73 19.21
C GLU A 71 11.90 2.85 18.98
N LEU A 72 11.45 3.46 20.06
CA LEU A 72 10.48 4.56 19.97
C LEU A 72 11.18 5.91 20.12
N THR A 73 10.45 6.97 19.77
CA THR A 73 11.00 8.32 19.86
C THR A 73 10.57 9.00 21.16
N ALA A 74 11.37 9.96 21.62
CA ALA A 74 11.07 10.69 22.83
C ALA A 74 9.71 11.36 22.76
N GLU A 75 9.33 11.77 21.55
CA GLU A 75 8.05 12.43 21.33
C GLU A 75 6.89 11.51 21.69
N GLU A 76 7.07 10.22 21.42
CA GLU A 76 6.04 9.23 21.70
C GLU A 76 5.81 9.11 23.20
N ARG A 77 6.86 9.35 23.98
CA ARG A 77 6.76 9.26 25.43
C ARG A 77 5.92 10.40 26.00
N LEU A 78 6.22 11.62 25.56
CA LEU A 78 5.49 12.79 26.02
C LEU A 78 4.11 12.86 25.37
N LEU A 79 3.99 12.28 24.19
CA LEU A 79 2.72 12.28 23.46
C LEU A 79 1.64 11.56 24.26
N HIS A 80 2.07 10.63 25.12
CA HIS A 80 1.14 9.87 25.94
C HIS A 80 0.30 10.79 26.82
N ALA A 81 0.95 11.79 27.40
CA ALA A 81 0.26 12.75 28.26
C ALA A 81 -0.65 13.67 27.45
N ILE A 82 -0.32 13.84 26.17
CA ILE A 82 -1.11 14.68 25.29
C ILE A 82 -2.47 14.07 25.01
N PHE A 83 -2.47 12.87 24.45
CA PHE A 83 -3.71 12.17 24.13
C PHE A 83 -4.34 11.58 25.38
N GLY A 84 -3.51 11.31 26.38
CA GLY A 84 -4.01 10.74 27.62
C GLY A 84 -4.52 9.32 27.45
N GLU A 85 -3.83 8.54 26.62
CA GLU A 85 -4.22 7.16 26.37
C GLU A 85 -3.12 6.41 25.63
N LYS A 86 -2.88 5.17 26.03
CA LYS A 86 -1.86 4.34 25.40
C LYS A 86 -2.18 4.11 23.93
N ALA A 87 -1.19 4.36 23.07
CA ALA A 87 -1.36 4.18 21.64
C ALA A 87 -0.31 3.23 21.08
N ARG A 88 -0.63 2.61 19.95
CA ARG A 88 0.28 1.66 19.31
C ARG A 88 0.93 2.29 18.08
N GLU A 89 2.23 2.04 17.92
CA GLU A 89 2.97 2.57 16.78
C GLU A 89 3.47 1.46 15.87
N VAL A 90 3.34 1.66 14.57
CA VAL A 90 3.78 0.68 13.59
C VAL A 90 4.63 1.32 12.50
N ARG A 91 5.17 0.49 11.61
CA ARG A 91 6.00 0.97 10.52
C ARG A 91 5.30 0.78 9.17
N ASP A 92 5.25 1.85 8.39
CA ASP A 92 4.61 1.80 7.08
C ASP A 92 5.48 1.04 6.08
N THR A 93 5.17 -0.22 5.88
CA THR A 93 5.92 -1.06 4.94
C THR A 93 5.17 -1.24 3.62
N SER A 94 4.22 -0.34 3.37
CA SER A 94 3.42 -0.40 2.15
C SER A 94 4.23 0.12 0.96
N LEU A 95 3.68 -0.09 -0.24
CA LEU A 95 4.34 0.36 -1.46
C LEU A 95 4.12 1.85 -1.68
N ARG A 96 5.09 2.50 -2.32
CA ARG A 96 5.01 3.93 -2.60
C ARG A 96 4.50 4.18 -4.03
N VAL A 97 3.50 5.03 -4.15
CA VAL A 97 2.92 5.35 -5.44
C VAL A 97 3.22 6.80 -5.84
N PRO A 98 3.68 6.99 -7.09
CA PRO A 98 4.01 8.32 -7.61
C PRO A 98 2.77 9.19 -7.82
N HIS A 99 2.99 10.48 -8.04
CA HIS A 99 1.89 11.41 -8.27
C HIS A 99 1.14 11.09 -9.55
N GLY A 100 -0.16 10.84 -9.44
CA GLY A 100 -0.96 10.52 -10.60
C GLY A 100 -0.89 9.05 -10.97
N GLY A 101 0.32 8.52 -11.06
CA GLY A 101 0.50 7.12 -11.40
C GLY A 101 0.63 6.90 -12.90
N GLY A 102 -0.10 7.71 -13.67
CA GLY A 102 -0.06 7.57 -15.12
C GLY A 102 -1.29 6.86 -15.67
N GLY A 103 -1.75 5.84 -14.95
CA GLY A 103 -2.91 5.10 -15.39
C GLY A 103 -3.91 4.87 -14.28
N ILE A 104 -4.77 3.88 -14.46
CA ILE A 104 -5.79 3.56 -13.46
C ILE A 104 -5.81 2.07 -13.14
N ILE A 105 -6.20 1.73 -11.93
CA ILE A 105 -6.27 0.33 -11.50
C ILE A 105 -7.32 -0.43 -12.31
N HIS A 106 -6.87 -1.25 -13.24
CA HIS A 106 -7.76 -2.04 -14.08
C HIS A 106 -7.75 -3.50 -13.66
N ASP A 107 -6.60 -3.97 -13.20
CA ASP A 107 -6.46 -5.36 -12.77
C ASP A 107 -5.58 -5.45 -11.52
N VAL A 108 -5.80 -6.48 -10.71
CA VAL A 108 -5.03 -6.68 -9.50
C VAL A 108 -4.92 -8.17 -9.16
N LYS A 109 -3.68 -8.64 -9.02
CA LYS A 109 -3.44 -10.04 -8.70
C LYS A 109 -2.94 -10.19 -7.26
N VAL A 110 -3.58 -11.08 -6.51
CA VAL A 110 -3.21 -11.32 -5.12
C VAL A 110 -3.10 -12.81 -4.83
N PHE A 111 -1.96 -13.23 -4.28
CA PHE A 111 -1.72 -14.62 -3.95
C PHE A 111 -1.71 -14.83 -2.44
N ASN A 112 -2.17 -16.00 -2.01
CA ASN A 112 -2.21 -16.32 -0.58
C ASN A 112 -1.63 -17.71 -0.33
N ARG A 113 -0.75 -17.79 0.68
CA ARG A 113 -0.11 -19.05 1.03
C ARG A 113 -1.16 -20.14 1.30
N GLU A 114 -2.25 -19.74 1.96
CA GLU A 114 -3.32 -20.67 2.29
C GLU A 114 -3.90 -21.30 1.02
N ASP A 115 -3.82 -20.57 -0.09
CA ASP A 115 -4.34 -21.06 -1.37
C ASP A 115 -3.41 -22.12 -1.96
N GLY A 116 -2.20 -22.22 -1.40
CA GLY A 116 -1.24 -23.19 -1.89
C GLY A 116 -0.10 -22.54 -2.66
N ASP A 117 0.13 -21.26 -2.41
CA ASP A 117 1.20 -20.53 -3.08
C ASP A 117 2.45 -20.48 -2.22
N GLU A 118 3.51 -21.16 -2.69
CA GLU A 118 4.77 -21.20 -1.96
C GLU A 118 5.53 -19.88 -2.11
N LEU A 119 6.14 -19.44 -1.02
CA LEU A 119 6.90 -18.19 -1.03
C LEU A 119 8.21 -18.34 -0.26
N PRO A 120 9.20 -17.51 -0.60
CA PRO A 120 10.51 -17.53 0.05
C PRO A 120 10.45 -17.02 1.50
N PRO A 121 11.55 -17.22 2.24
CA PRO A 121 11.65 -16.80 3.64
C PRO A 121 11.70 -15.28 3.77
N GLY A 122 10.84 -14.73 4.62
CA GLY A 122 10.80 -13.30 4.83
C GLY A 122 9.50 -12.67 4.36
N VAL A 123 8.77 -13.40 3.52
CA VAL A 123 7.50 -12.91 2.99
C VAL A 123 6.34 -13.75 3.50
N ASN A 124 5.19 -13.11 3.70
CA ASN A 124 4.00 -13.80 4.19
C ASN A 124 2.89 -13.79 3.13
N GLN A 125 2.92 -12.77 2.27
CA GLN A 125 1.92 -12.65 1.21
C GLN A 125 2.52 -11.97 -0.02
N LEU A 126 1.80 -12.06 -1.14
CA LEU A 126 2.26 -11.47 -2.39
C LEU A 126 1.09 -10.91 -3.19
N VAL A 127 1.19 -9.65 -3.57
CA VAL A 127 0.14 -9.00 -4.35
C VAL A 127 0.71 -7.96 -5.30
N ARG A 128 0.26 -7.98 -6.55
CA ARG A 128 0.74 -7.04 -7.55
C ARG A 128 -0.42 -6.27 -8.17
N VAL A 129 -0.14 -5.05 -8.61
CA VAL A 129 -1.16 -4.21 -9.22
C VAL A 129 -0.91 -4.01 -10.71
N TYR A 130 -1.97 -3.72 -11.46
CA TYR A 130 -1.86 -3.52 -12.89
C TYR A 130 -2.49 -2.19 -13.31
N ILE A 131 -1.64 -1.26 -13.76
CA ILE A 131 -2.10 0.05 -14.18
C ILE A 131 -1.85 0.27 -15.67
N VAL A 132 -2.92 0.53 -16.41
CA VAL A 132 -2.81 0.76 -17.84
C VAL A 132 -2.78 2.25 -18.16
N GLN A 133 -1.90 2.63 -19.10
CA GLN A 133 -1.77 4.03 -19.49
C GLN A 133 -2.73 4.37 -20.64
N LYS A 134 -3.69 5.22 -20.35
CA LYS A 134 -4.67 5.64 -21.35
C LYS A 134 -4.05 6.61 -22.35
N ARG A 135 -4.65 6.69 -23.54
CA ARG A 135 -4.15 7.57 -24.59
C ARG A 135 -4.27 9.03 -24.16
N LYS A 136 -3.14 9.74 -24.15
CA LYS A 136 -3.12 11.15 -23.77
C LYS A 136 -2.69 12.02 -24.93
N ILE A 137 -3.25 13.23 -25.00
CA ILE A 137 -2.91 14.17 -26.07
C ILE A 137 -1.41 14.34 -26.19
N SER A 138 -0.98 14.95 -27.30
CA SER A 138 0.45 15.17 -27.55
C SER A 138 1.10 15.87 -26.35
N GLU A 139 2.13 15.25 -25.80
CA GLU A 139 2.84 15.80 -24.67
C GLU A 139 3.34 17.22 -24.97
N GLY A 140 3.45 18.04 -23.93
CA GLY A 140 3.91 19.41 -24.11
C GLY A 140 2.76 20.39 -24.16
N ASP A 141 1.58 19.92 -24.54
CA ASP A 141 0.40 20.78 -24.63
C ASP A 141 -0.22 21.00 -23.25
N ASP A 3 4.26 14.53 -35.56
CA ASP A 3 3.57 14.09 -34.36
C ASP A 3 3.43 12.58 -34.34
N VAL A 4 3.37 12.01 -33.13
CA VAL A 4 3.24 10.57 -32.97
C VAL A 4 2.16 10.22 -31.96
N TYR A 5 1.44 9.13 -32.21
CA TYR A 5 0.37 8.70 -31.32
C TYR A 5 0.79 7.44 -30.55
N THR A 6 1.30 7.65 -29.33
CA THR A 6 1.73 6.53 -28.49
C THR A 6 0.58 5.58 -28.20
N SER A 7 0.92 4.35 -27.84
CA SER A 7 -0.09 3.34 -27.54
C SER A 7 -0.26 3.16 -26.04
N ILE A 8 -1.08 2.19 -25.64
CA ILE A 8 -1.32 1.92 -24.23
C ILE A 8 -0.28 0.96 -23.67
N HIS A 9 0.30 1.33 -22.53
CA HIS A 9 1.32 0.50 -21.88
C HIS A 9 0.75 -0.18 -20.64
N ILE A 10 1.39 -1.26 -20.21
CA ILE A 10 0.96 -2.00 -19.04
C ILE A 10 2.00 -1.93 -17.93
N GLU A 11 1.61 -1.35 -16.80
CA GLU A 11 2.51 -1.23 -15.65
C GLU A 11 2.44 -2.47 -14.76
N GLU A 12 3.46 -2.65 -13.94
CA GLU A 12 3.52 -3.79 -13.03
C GLU A 12 4.12 -3.40 -11.69
N TYR A 13 3.29 -3.40 -10.65
CA TYR A 13 3.75 -3.04 -9.32
C TYR A 13 3.83 -4.26 -8.42
N GLU A 14 4.76 -4.23 -7.46
CA GLU A 14 4.94 -5.34 -6.53
C GLU A 14 4.62 -4.92 -5.10
N SER A 15 4.15 -5.87 -4.31
CA SER A 15 3.80 -5.60 -2.92
C SER A 15 3.66 -6.89 -2.13
N GLU A 16 4.63 -7.15 -1.25
CA GLU A 16 4.61 -8.36 -0.44
C GLU A 16 4.79 -8.02 1.04
N ALA A 17 4.02 -8.69 1.90
CA ALA A 17 4.09 -8.47 3.33
C ALA A 17 5.37 -9.05 3.92
N ARG A 18 6.36 -8.20 4.12
CA ARG A 18 7.65 -8.64 4.68
C ARG A 18 7.57 -8.72 6.20
N ASP A 19 8.26 -9.70 6.78
CA ASP A 19 8.28 -9.88 8.22
C ASP A 19 9.21 -8.88 8.89
N THR A 20 8.74 -8.28 9.98
CA THR A 20 9.54 -7.30 10.70
C THR A 20 10.49 -7.97 11.68
N LYS A 21 11.44 -7.20 12.20
CA LYS A 21 12.42 -7.72 13.15
C LYS A 21 11.90 -7.63 14.58
N LEU A 22 10.64 -7.22 14.72
CA LEU A 22 10.02 -7.09 16.04
C LEU A 22 9.11 -8.27 16.34
N GLY A 23 9.04 -9.21 15.40
CA GLY A 23 8.21 -10.38 15.59
C GLY A 23 6.78 -10.16 15.12
N PRO A 24 6.57 -10.22 13.80
CA PRO A 24 5.24 -10.03 13.20
C PRO A 24 4.30 -11.17 13.51
N GLU A 25 3.03 -11.00 13.16
CA GLU A 25 2.02 -12.03 13.40
C GLU A 25 1.12 -12.19 12.18
N GLU A 26 0.74 -11.07 11.57
CA GLU A 26 -0.12 -11.10 10.39
C GLU A 26 -0.17 -9.73 9.73
N ILE A 27 -0.50 -9.71 8.44
CA ILE A 27 -0.58 -8.47 7.68
C ILE A 27 -1.84 -7.70 8.04
N THR A 28 -1.74 -6.37 8.01
CA THR A 28 -2.86 -5.50 8.33
C THR A 28 -2.75 -4.17 7.62
N ARG A 29 -3.76 -3.31 7.81
CA ARG A 29 -3.76 -2.00 7.18
C ARG A 29 -3.79 -0.89 8.22
N ASP A 30 -2.77 -0.04 8.20
CA ASP A 30 -2.66 1.06 9.15
C ASP A 30 -1.97 2.27 8.52
N ILE A 31 -2.74 3.11 7.86
CA ILE A 31 -2.20 4.30 7.20
C ILE A 31 -2.63 5.57 7.93
N PRO A 32 -1.92 5.91 9.01
CA PRO A 32 -2.22 7.10 9.81
C PRO A 32 -1.89 8.40 9.06
N ASN A 33 -2.69 9.43 9.30
CA ASN A 33 -2.49 10.72 8.65
C ASN A 33 -2.68 10.61 7.14
N VAL A 34 -3.62 9.74 6.74
CA VAL A 34 -3.90 9.54 5.32
C VAL A 34 -5.19 10.23 4.92
N GLY A 35 -5.33 10.53 3.63
CA GLY A 35 -6.52 11.19 3.15
C GLY A 35 -7.71 10.25 3.04
N GLU A 36 -8.88 10.74 3.44
CA GLU A 36 -10.09 9.94 3.39
C GLU A 36 -10.34 9.40 1.98
N ASP A 37 -9.88 10.15 0.98
CA ASP A 37 -10.04 9.75 -0.41
C ASP A 37 -9.17 8.53 -0.73
N ALA A 38 -8.01 8.46 -0.10
CA ALA A 38 -7.08 7.35 -0.33
C ALA A 38 -7.68 6.04 0.16
N LEU A 39 -8.65 6.13 1.07
CA LEU A 39 -9.30 4.95 1.62
C LEU A 39 -10.78 4.92 1.25
N ARG A 40 -11.15 5.74 0.27
CA ARG A 40 -12.54 5.81 -0.18
C ARG A 40 -12.93 4.54 -0.93
N ASN A 41 -11.96 3.95 -1.62
CA ASN A 41 -12.21 2.73 -2.38
C ASN A 41 -11.69 1.50 -1.63
N LEU A 42 -10.72 1.72 -0.75
CA LEU A 42 -10.14 0.64 0.04
C LEU A 42 -11.23 -0.17 0.74
N ASP A 43 -11.09 -1.49 0.71
CA ASP A 43 -12.05 -2.37 1.34
C ASP A 43 -11.50 -2.93 2.65
N ASP A 44 -12.23 -3.87 3.23
CA ASP A 44 -11.82 -4.48 4.49
C ASP A 44 -10.52 -5.28 4.32
N ARG A 45 -10.19 -5.58 3.07
CA ARG A 45 -8.98 -6.34 2.77
C ARG A 45 -7.75 -5.45 2.87
N GLY A 46 -7.95 -4.14 2.75
CA GLY A 46 -6.84 -3.20 2.83
C GLY A 46 -6.27 -2.87 1.47
N VAL A 47 -7.05 -3.13 0.42
CA VAL A 47 -6.60 -2.85 -0.94
C VAL A 47 -7.69 -2.13 -1.73
N ILE A 48 -7.28 -1.18 -2.56
CA ILE A 48 -8.23 -0.41 -3.37
C ILE A 48 -8.86 -1.29 -4.44
N ARG A 49 -10.18 -1.26 -4.52
CA ARG A 49 -10.91 -2.04 -5.50
C ARG A 49 -10.53 -1.64 -6.92
N ILE A 50 -10.86 -2.49 -7.88
CA ILE A 50 -10.54 -2.22 -9.28
C ILE A 50 -11.39 -1.07 -9.82
N GLY A 51 -10.85 -0.36 -10.82
CA GLY A 51 -11.58 0.75 -11.40
C GLY A 51 -11.32 2.06 -10.66
N ALA A 52 -10.30 2.06 -9.81
CA ALA A 52 -9.95 3.25 -9.06
C ALA A 52 -8.71 3.94 -9.63
N GLU A 53 -8.80 5.24 -9.83
CA GLU A 53 -7.68 6.01 -10.38
C GLU A 53 -6.54 6.12 -9.37
N VAL A 54 -5.32 5.96 -9.85
CA VAL A 54 -4.14 6.04 -8.99
C VAL A 54 -3.59 7.46 -8.95
N LYS A 55 -3.06 7.85 -7.80
CA LYS A 55 -2.50 9.18 -7.63
C LYS A 55 -1.56 9.22 -6.41
N ASP A 56 -0.93 10.37 -6.21
CA ASP A 56 -0.01 10.53 -5.09
C ASP A 56 -0.74 10.37 -3.75
N GLY A 57 -0.05 9.75 -2.79
CA GLY A 57 -0.66 9.55 -1.48
C GLY A 57 -1.54 8.32 -1.44
N ASP A 58 -1.59 7.60 -2.55
CA ASP A 58 -2.40 6.38 -2.64
C ASP A 58 -1.54 5.17 -2.96
N LEU A 59 -1.24 4.38 -1.94
CA LEU A 59 -0.42 3.18 -2.11
C LEU A 59 -1.23 2.06 -2.76
N LEU A 60 -2.54 2.10 -2.56
CA LEU A 60 -3.42 1.08 -3.12
C LEU A 60 -3.13 -0.29 -2.52
N VAL A 61 -2.40 -0.30 -1.41
CA VAL A 61 -2.06 -1.54 -0.73
C VAL A 61 -1.88 -1.32 0.77
N GLY A 62 -2.40 -2.24 1.57
CA GLY A 62 -2.29 -2.12 3.01
C GLY A 62 -1.21 -3.01 3.57
N LYS A 63 -0.06 -2.42 3.88
CA LYS A 63 1.07 -3.16 4.44
C LYS A 63 1.65 -2.44 5.65
N VAL A 64 1.54 -3.06 6.82
CA VAL A 64 2.06 -2.49 8.04
C VAL A 64 2.37 -3.57 9.08
N THR A 65 3.29 -3.26 9.99
CA THR A 65 3.68 -4.20 11.03
C THR A 65 3.78 -3.51 12.39
N PRO A 66 3.61 -4.30 13.46
CA PRO A 66 3.68 -3.78 14.84
C PRO A 66 5.10 -3.39 15.23
N LYS A 67 5.22 -2.30 15.97
CA LYS A 67 6.51 -1.81 16.42
C LYS A 67 6.62 -1.85 17.94
N GLY A 68 7.83 -2.09 18.45
CA GLY A 68 8.04 -2.15 19.88
C GLY A 68 8.57 -0.84 20.45
N VAL A 69 8.69 -0.78 21.76
CA VAL A 69 9.20 0.42 22.43
C VAL A 69 10.71 0.38 22.54
N THR A 70 11.28 -0.82 22.53
CA THR A 70 12.72 -0.99 22.63
C THR A 70 13.45 -0.16 21.58
N GLU A 71 12.79 0.06 20.45
CA GLU A 71 13.37 0.83 19.36
C GLU A 71 12.49 2.02 18.99
N LEU A 72 12.31 2.93 19.95
CA LEU A 72 11.47 4.11 19.73
C LEU A 72 12.33 5.37 19.62
N THR A 73 11.73 6.46 19.17
CA THR A 73 12.43 7.72 19.03
C THR A 73 12.27 8.59 20.27
N ALA A 74 13.18 9.55 20.43
CA ALA A 74 13.13 10.45 21.58
C ALA A 74 11.82 11.22 21.63
N GLU A 75 11.39 11.73 20.47
CA GLU A 75 10.15 12.48 20.39
C GLU A 75 8.96 11.64 20.87
N GLU A 76 9.03 10.34 20.60
CA GLU A 76 7.96 9.44 21.00
C GLU A 76 8.04 9.12 22.49
N ARG A 77 9.26 9.13 23.02
CA ARG A 77 9.49 8.85 24.43
C ARG A 77 8.79 9.89 25.31
N LEU A 78 9.01 11.16 24.99
CA LEU A 78 8.41 12.25 25.76
C LEU A 78 6.91 12.32 25.52
N LEU A 79 6.48 11.85 24.36
CA LEU A 79 5.06 11.85 24.01
C LEU A 79 4.25 11.05 25.02
N HIS A 80 4.92 10.11 25.69
CA HIS A 80 4.26 9.27 26.69
C HIS A 80 3.61 10.13 27.77
N ALA A 81 4.35 11.11 28.28
CA ALA A 81 3.84 11.99 29.31
C ALA A 81 2.69 12.84 28.79
N ILE A 82 2.66 13.05 27.48
CA ILE A 82 1.61 13.85 26.86
C ILE A 82 0.26 13.12 26.90
N PHE A 83 0.24 11.90 26.37
CA PHE A 83 -0.98 11.10 26.35
C PHE A 83 -1.27 10.52 27.73
N GLY A 84 -0.23 10.36 28.53
CA GLY A 84 -0.40 9.82 29.86
C GLY A 84 -0.74 8.34 29.85
N GLU A 85 -0.26 7.64 28.84
CA GLU A 85 -0.52 6.20 28.72
C GLU A 85 0.23 5.60 27.54
N LYS A 86 0.60 4.33 27.66
CA LYS A 86 1.33 3.65 26.60
C LYS A 86 0.42 3.28 25.45
N ALA A 87 0.95 3.33 24.23
CA ALA A 87 0.17 3.00 23.04
C ALA A 87 0.97 2.10 22.11
N ARG A 88 0.25 1.36 21.26
CA ARG A 88 0.89 0.45 20.31
C ARG A 88 1.54 1.23 19.18
N GLU A 89 2.62 0.68 18.62
CA GLU A 89 3.33 1.32 17.53
C GLU A 89 3.20 0.51 16.25
N VAL A 90 3.33 1.19 15.10
CA VAL A 90 3.22 0.55 13.81
C VAL A 90 4.18 1.17 12.80
N ARG A 91 4.56 0.39 11.79
CA ARG A 91 5.47 0.87 10.76
C ARG A 91 4.84 0.75 9.38
N ASP A 92 5.11 1.72 8.51
CA ASP A 92 4.58 1.71 7.16
C ASP A 92 5.50 0.97 6.21
N THR A 93 5.05 -0.17 5.72
CA THR A 93 5.83 -0.99 4.79
C THR A 93 5.15 -1.10 3.44
N SER A 94 4.02 -0.41 3.29
CA SER A 94 3.28 -0.43 2.04
C SER A 94 4.14 0.08 0.89
N LEU A 95 3.65 -0.10 -0.33
CA LEU A 95 4.37 0.35 -1.52
C LEU A 95 4.18 1.85 -1.75
N ARG A 96 5.18 2.48 -2.35
CA ARG A 96 5.12 3.91 -2.62
C ARG A 96 4.66 4.17 -4.04
N VAL A 97 3.50 4.82 -4.17
CA VAL A 97 2.94 5.13 -5.49
C VAL A 97 3.40 6.51 -5.96
N PRO A 98 3.82 6.59 -7.24
CA PRO A 98 4.29 7.84 -7.83
C PRO A 98 3.15 8.85 -8.04
N HIS A 99 3.51 10.12 -8.21
CA HIS A 99 2.53 11.17 -8.41
C HIS A 99 1.79 10.98 -9.73
N GLY A 100 0.46 10.95 -9.66
CA GLY A 100 -0.34 10.77 -10.86
C GLY A 100 -0.55 9.31 -11.20
N GLY A 101 0.54 8.54 -11.21
CA GLY A 101 0.44 7.12 -11.53
C GLY A 101 0.59 6.85 -13.01
N GLY A 102 0.07 7.76 -13.84
CA GLY A 102 0.16 7.59 -15.28
C GLY A 102 -1.03 6.86 -15.84
N GLY A 103 -1.53 5.87 -15.12
CA GLY A 103 -2.67 5.10 -15.58
C GLY A 103 -3.72 4.93 -14.50
N ILE A 104 -4.56 3.91 -14.65
CA ILE A 104 -5.62 3.64 -13.69
C ILE A 104 -5.67 2.15 -13.33
N ILE A 105 -6.04 1.87 -12.09
CA ILE A 105 -6.14 0.49 -11.63
C ILE A 105 -7.25 -0.26 -12.37
N HIS A 106 -6.84 -1.07 -13.35
CA HIS A 106 -7.80 -1.85 -14.12
C HIS A 106 -7.77 -3.32 -13.72
N ASP A 107 -6.68 -3.73 -13.09
CA ASP A 107 -6.52 -5.11 -12.64
C ASP A 107 -5.57 -5.20 -11.46
N VAL A 108 -5.79 -6.19 -10.60
CA VAL A 108 -4.95 -6.38 -9.42
C VAL A 108 -4.88 -7.85 -9.02
N LYS A 109 -3.67 -8.39 -8.94
CA LYS A 109 -3.47 -9.79 -8.57
C LYS A 109 -3.05 -9.90 -7.12
N VAL A 110 -3.63 -10.87 -6.41
CA VAL A 110 -3.31 -11.10 -5.01
C VAL A 110 -3.24 -12.59 -4.69
N PHE A 111 -2.08 -13.02 -4.22
CA PHE A 111 -1.87 -14.42 -3.87
C PHE A 111 -1.83 -14.62 -2.36
N ASN A 112 -2.33 -15.75 -1.90
CA ASN A 112 -2.36 -16.05 -0.47
C ASN A 112 -1.69 -17.40 -0.19
N ARG A 113 -0.90 -17.46 0.87
CA ARG A 113 -0.21 -18.70 1.24
C ARG A 113 -1.20 -19.76 1.68
N GLU A 114 -2.33 -19.33 2.24
CA GLU A 114 -3.36 -20.25 2.69
C GLU A 114 -3.87 -21.11 1.55
N ASP A 115 -3.87 -20.54 0.35
CA ASP A 115 -4.34 -21.25 -0.84
C ASP A 115 -3.32 -22.29 -1.29
N GLY A 116 -2.08 -22.15 -0.80
CA GLY A 116 -1.04 -23.08 -1.16
C GLY A 116 -0.01 -22.47 -2.09
N ASP A 117 0.07 -21.15 -2.10
CA ASP A 117 1.02 -20.44 -2.95
C ASP A 117 2.39 -20.36 -2.29
N GLU A 118 3.40 -20.90 -2.97
CA GLU A 118 4.76 -20.88 -2.46
C GLU A 118 5.37 -19.49 -2.55
N LEU A 119 5.96 -19.03 -1.45
CA LEU A 119 6.58 -17.71 -1.41
C LEU A 119 8.00 -17.79 -0.84
N PRO A 120 8.81 -16.77 -1.13
CA PRO A 120 10.20 -16.70 -0.65
C PRO A 120 10.28 -16.48 0.84
N PRO A 121 11.48 -16.67 1.41
CA PRO A 121 11.73 -16.48 2.84
C PRO A 121 11.66 -15.01 3.26
N GLY A 122 10.80 -14.72 4.24
CA GLY A 122 10.66 -13.36 4.72
C GLY A 122 9.40 -12.69 4.18
N VAL A 123 8.59 -13.44 3.45
CA VAL A 123 7.36 -12.92 2.88
C VAL A 123 6.14 -13.68 3.41
N ASN A 124 5.08 -12.94 3.69
CA ASN A 124 3.85 -13.54 4.21
C ASN A 124 2.77 -13.58 3.13
N GLN A 125 2.78 -12.58 2.26
CA GLN A 125 1.80 -12.50 1.18
C GLN A 125 2.41 -11.86 -0.07
N LEU A 126 1.71 -11.98 -1.18
CA LEU A 126 2.18 -11.39 -2.43
C LEU A 126 1.03 -10.77 -3.22
N VAL A 127 1.24 -9.55 -3.70
CA VAL A 127 0.22 -8.84 -4.46
C VAL A 127 0.85 -7.94 -5.52
N ARG A 128 0.27 -7.95 -6.72
CA ARG A 128 0.78 -7.15 -7.82
C ARG A 128 -0.33 -6.30 -8.44
N VAL A 129 -0.09 -4.99 -8.53
CA VAL A 129 -1.07 -4.07 -9.10
C VAL A 129 -0.79 -3.79 -10.57
N TYR A 130 -1.84 -3.66 -11.35
CA TYR A 130 -1.71 -3.40 -12.78
C TYR A 130 -2.29 -2.04 -13.14
N ILE A 131 -1.50 -1.21 -13.81
CA ILE A 131 -1.94 0.12 -14.21
C ILE A 131 -1.75 0.32 -15.72
N VAL A 132 -2.86 0.56 -16.42
CA VAL A 132 -2.82 0.78 -17.85
C VAL A 132 -2.91 2.26 -18.19
N GLN A 133 -2.21 2.67 -19.25
CA GLN A 133 -2.22 4.06 -19.67
C GLN A 133 -3.34 4.33 -20.66
N LYS A 134 -4.31 5.14 -20.25
CA LYS A 134 -5.44 5.49 -21.10
C LYS A 134 -5.13 6.70 -21.97
N ARG A 135 -5.58 6.67 -23.22
CA ARG A 135 -5.35 7.77 -24.14
C ARG A 135 -5.92 9.06 -23.60
N LYS A 136 -5.47 10.18 -24.16
CA LYS A 136 -5.93 11.50 -23.73
C LYS A 136 -6.67 12.21 -24.86
N ILE A 137 -7.68 13.00 -24.50
CA ILE A 137 -8.46 13.74 -25.49
C ILE A 137 -7.55 14.54 -26.42
N SER A 138 -8.01 14.77 -27.64
CA SER A 138 -7.25 15.53 -28.62
C SER A 138 -6.94 16.93 -28.11
N GLU A 139 -5.67 17.31 -28.18
CA GLU A 139 -5.24 18.63 -27.73
C GLU A 139 -5.57 19.70 -28.77
N GLY A 140 -5.48 19.31 -30.04
CA GLY A 140 -5.77 20.25 -31.12
C GLY A 140 -4.52 20.73 -31.82
N ASP A 141 -3.38 20.60 -31.14
CA ASP A 141 -2.11 21.03 -31.70
C ASP A 141 -2.10 22.53 -31.99
N ASP A 3 -1.73 14.41 -15.60
CA ASP A 3 -1.41 13.19 -16.33
C ASP A 3 -0.79 13.51 -17.69
N VAL A 4 -0.06 12.53 -18.23
CA VAL A 4 0.59 12.71 -19.52
C VAL A 4 0.16 11.63 -20.50
N TYR A 5 0.11 11.98 -21.79
CA TYR A 5 -0.30 11.04 -22.82
C TYR A 5 0.92 10.38 -23.46
N THR A 6 1.07 9.08 -23.26
CA THR A 6 2.19 8.34 -23.81
C THR A 6 1.71 7.11 -24.58
N SER A 7 2.66 6.30 -25.04
CA SER A 7 2.33 5.09 -25.79
C SER A 7 1.48 4.15 -24.96
N ILE A 8 1.21 2.97 -25.49
CA ILE A 8 0.41 1.97 -24.80
C ILE A 8 1.29 0.99 -24.03
N HIS A 9 1.20 1.05 -22.70
CA HIS A 9 1.99 0.17 -21.84
C HIS A 9 1.35 0.04 -20.46
N ILE A 10 1.70 -1.02 -19.75
CA ILE A 10 1.17 -1.26 -18.41
C ILE A 10 2.27 -1.25 -17.37
N GLU A 11 1.96 -0.70 -16.19
CA GLU A 11 2.93 -0.62 -15.11
C GLU A 11 2.97 -1.92 -14.31
N GLU A 12 3.96 -2.04 -13.44
CA GLU A 12 4.11 -3.24 -12.62
C GLU A 12 4.58 -2.89 -11.22
N TYR A 13 3.71 -3.08 -10.24
CA TYR A 13 4.03 -2.77 -8.85
C TYR A 13 4.07 -4.05 -8.01
N GLU A 14 5.04 -4.13 -7.10
CA GLU A 14 5.19 -5.29 -6.24
C GLU A 14 4.97 -4.91 -4.78
N SER A 15 4.49 -5.86 -3.98
CA SER A 15 4.24 -5.62 -2.57
C SER A 15 4.05 -6.94 -1.82
N GLU A 16 5.02 -7.28 -1.00
CA GLU A 16 4.97 -8.52 -0.22
C GLU A 16 5.23 -8.25 1.25
N ALA A 17 4.42 -8.85 2.12
CA ALA A 17 4.56 -8.68 3.56
C ALA A 17 5.77 -9.44 4.08
N ARG A 18 6.88 -8.74 4.24
CA ARG A 18 8.11 -9.35 4.74
C ARG A 18 8.12 -9.38 6.27
N ASP A 19 8.67 -10.46 6.82
CA ASP A 19 8.75 -10.63 8.27
C ASP A 19 9.75 -9.66 8.87
N THR A 20 9.32 -8.92 9.90
CA THR A 20 10.18 -7.96 10.56
C THR A 20 11.07 -8.63 11.60
N LYS A 21 12.06 -7.90 12.09
CA LYS A 21 12.99 -8.42 13.09
C LYS A 21 12.47 -8.16 14.50
N LEU A 22 11.25 -7.63 14.59
CA LEU A 22 10.64 -7.33 15.88
C LEU A 22 9.66 -8.42 16.29
N GLY A 23 9.37 -9.32 15.35
CA GLY A 23 8.44 -10.40 15.64
C GLY A 23 7.06 -10.16 15.05
N PRO A 24 6.93 -10.35 13.73
CA PRO A 24 5.66 -10.15 13.03
C PRO A 24 4.62 -11.21 13.40
N GLU A 25 3.37 -10.96 13.03
CA GLU A 25 2.28 -11.88 13.32
C GLU A 25 1.32 -11.99 12.14
N GLU A 26 0.97 -10.84 11.57
CA GLU A 26 0.06 -10.79 10.43
C GLU A 26 0.09 -9.43 9.76
N ILE A 27 -0.30 -9.39 8.48
CA ILE A 27 -0.31 -8.15 7.72
C ILE A 27 -1.62 -7.39 7.92
N THR A 28 -1.55 -6.07 7.91
CA THR A 28 -2.74 -5.24 8.10
C THR A 28 -2.59 -3.91 7.35
N ARG A 29 -3.63 -3.09 7.41
CA ARG A 29 -3.62 -1.79 6.74
C ARG A 29 -3.75 -0.66 7.76
N ASP A 30 -2.74 0.22 7.80
CA ASP A 30 -2.75 1.34 8.72
C ASP A 30 -2.02 2.53 8.13
N ILE A 31 -2.76 3.38 7.41
CA ILE A 31 -2.18 4.56 6.79
C ILE A 31 -2.66 5.84 7.47
N PRO A 32 -2.00 6.19 8.58
CA PRO A 32 -2.35 7.39 9.35
C PRO A 32 -1.99 8.68 8.62
N ASN A 33 -2.56 9.79 9.06
CA ASN A 33 -2.30 11.09 8.45
C ASN A 33 -2.79 11.11 6.99
N VAL A 34 -3.66 10.17 6.67
CA VAL A 34 -4.22 10.08 5.33
C VAL A 34 -5.75 10.14 5.35
N GLY A 35 -6.32 10.86 4.39
CA GLY A 35 -7.76 10.98 4.32
C GLY A 35 -8.45 9.66 4.04
N GLU A 36 -9.74 9.59 4.33
CA GLU A 36 -10.50 8.37 4.11
C GLU A 36 -10.74 8.13 2.62
N ASP A 37 -10.71 9.22 1.85
CA ASP A 37 -10.92 9.14 0.41
C ASP A 37 -9.89 8.20 -0.24
N ALA A 38 -8.66 8.25 0.26
CA ALA A 38 -7.59 7.43 -0.27
C ALA A 38 -7.88 5.94 -0.04
N LEU A 39 -8.73 5.66 0.95
CA LEU A 39 -9.09 4.28 1.27
C LEU A 39 -10.58 4.05 1.05
N ARG A 40 -11.23 4.97 0.33
CA ARG A 40 -12.65 4.86 0.06
C ARG A 40 -12.95 3.62 -0.78
N ASN A 41 -12.00 3.25 -1.64
CA ASN A 41 -12.16 2.09 -2.50
C ASN A 41 -11.59 0.84 -1.85
N LEU A 42 -10.67 1.05 -0.91
CA LEU A 42 -10.05 -0.06 -0.20
C LEU A 42 -11.10 -1.01 0.37
N ASP A 43 -10.81 -2.31 0.30
CA ASP A 43 -11.73 -3.32 0.81
C ASP A 43 -11.21 -3.93 2.10
N ASP A 44 -11.91 -4.93 2.61
CA ASP A 44 -11.51 -5.60 3.85
C ASP A 44 -10.18 -6.31 3.67
N ARG A 45 -9.80 -6.56 2.43
CA ARG A 45 -8.54 -7.23 2.13
C ARG A 45 -7.36 -6.28 2.28
N GLY A 46 -7.64 -4.98 2.21
CA GLY A 46 -6.59 -3.99 2.35
C GLY A 46 -6.06 -3.52 1.01
N VAL A 47 -6.85 -3.72 -0.05
CA VAL A 47 -6.45 -3.31 -1.39
C VAL A 47 -7.55 -2.50 -2.06
N ILE A 48 -7.15 -1.50 -2.84
CA ILE A 48 -8.11 -0.65 -3.54
C ILE A 48 -8.83 -1.43 -4.64
N ARG A 49 -10.15 -1.28 -4.69
CA ARG A 49 -10.95 -1.97 -5.69
C ARG A 49 -10.51 -1.60 -7.10
N ILE A 50 -10.95 -2.39 -8.08
CA ILE A 50 -10.59 -2.13 -9.47
C ILE A 50 -11.44 -1.01 -10.05
N GLY A 51 -10.89 -0.32 -11.05
CA GLY A 51 -11.60 0.77 -11.69
C GLY A 51 -11.44 2.08 -10.94
N ALA A 52 -10.46 2.13 -10.04
CA ALA A 52 -10.20 3.33 -9.25
C ALA A 52 -8.96 4.07 -9.77
N GLU A 53 -9.12 5.36 -10.05
CA GLU A 53 -8.03 6.17 -10.55
C GLU A 53 -6.95 6.35 -9.48
N VAL A 54 -5.70 6.25 -9.90
CA VAL A 54 -4.57 6.39 -8.97
C VAL A 54 -4.10 7.83 -8.92
N LYS A 55 -3.46 8.20 -7.81
CA LYS A 55 -2.96 9.56 -7.62
C LYS A 55 -1.91 9.61 -6.52
N ASP A 56 -1.31 10.77 -6.33
CA ASP A 56 -0.29 10.95 -5.29
C ASP A 56 -0.88 10.72 -3.90
N GLY A 57 -0.19 9.93 -3.10
CA GLY A 57 -0.66 9.64 -1.75
C GLY A 57 -1.50 8.39 -1.68
N ASP A 58 -1.65 7.71 -2.83
CA ASP A 58 -2.44 6.50 -2.89
C ASP A 58 -1.54 5.27 -3.04
N LEU A 59 -1.25 4.61 -1.93
CA LEU A 59 -0.41 3.42 -1.93
C LEU A 59 -1.08 2.26 -2.66
N LEU A 60 -2.40 2.17 -2.49
CA LEU A 60 -3.17 1.11 -3.13
C LEU A 60 -2.77 -0.26 -2.60
N VAL A 61 -2.04 -0.27 -1.48
CA VAL A 61 -1.59 -1.51 -0.86
C VAL A 61 -1.42 -1.34 0.65
N GLY A 62 -2.08 -2.21 1.41
CA GLY A 62 -1.99 -2.15 2.85
C GLY A 62 -0.87 -3.01 3.40
N LYS A 63 0.22 -2.38 3.81
CA LYS A 63 1.36 -3.09 4.36
C LYS A 63 1.98 -2.32 5.52
N VAL A 64 1.63 -2.72 6.74
CA VAL A 64 2.14 -2.07 7.94
C VAL A 64 2.57 -3.11 8.99
N THR A 65 3.77 -2.91 9.53
CA THR A 65 4.29 -3.83 10.55
C THR A 65 4.32 -3.16 11.93
N PRO A 66 4.27 -3.99 12.97
CA PRO A 66 4.29 -3.51 14.37
C PRO A 66 5.65 -2.93 14.75
N LYS A 67 5.65 -2.12 15.80
CA LYS A 67 6.88 -1.50 16.28
C LYS A 67 7.03 -1.66 17.78
N GLY A 68 8.22 -2.02 18.24
CA GLY A 68 8.47 -2.20 19.65
C GLY A 68 8.53 -0.89 20.40
N VAL A 69 8.51 -0.96 21.73
CA VAL A 69 8.56 0.23 22.56
C VAL A 69 9.99 0.54 23.00
N THR A 70 10.83 -0.49 23.03
CA THR A 70 12.22 -0.34 23.43
C THR A 70 13.02 0.40 22.36
N GLU A 71 12.62 0.22 21.11
CA GLU A 71 13.31 0.87 19.99
C GLU A 71 12.51 2.06 19.49
N LEU A 72 12.07 2.91 20.41
CA LEU A 72 11.29 4.10 20.05
C LEU A 72 12.20 5.27 19.72
N THR A 73 11.63 6.30 19.12
CA THR A 73 12.39 7.49 18.75
C THR A 73 12.28 8.58 19.81
N ALA A 74 13.06 9.63 19.65
CA ALA A 74 13.06 10.73 20.61
C ALA A 74 11.72 11.46 20.59
N GLU A 75 11.04 11.42 19.45
CA GLU A 75 9.74 12.07 19.31
C GLU A 75 8.64 11.26 19.98
N GLU A 76 8.77 9.94 19.92
CA GLU A 76 7.78 9.05 20.52
C GLU A 76 7.99 8.94 22.03
N ARG A 77 9.24 8.73 22.44
CA ARG A 77 9.57 8.61 23.85
C ARG A 77 9.02 9.80 24.64
N LEU A 78 9.00 10.97 24.01
CA LEU A 78 8.50 12.18 24.65
C LEU A 78 6.99 12.27 24.51
N LEU A 79 6.45 11.65 23.47
CA LEU A 79 5.01 11.66 23.24
C LEU A 79 4.25 11.13 24.44
N HIS A 80 4.83 10.14 25.10
CA HIS A 80 4.21 9.53 26.27
C HIS A 80 3.91 10.58 27.33
N ALA A 81 4.70 11.64 27.35
CA ALA A 81 4.51 12.73 28.30
C ALA A 81 3.31 13.60 27.92
N ILE A 82 3.00 13.63 26.64
CA ILE A 82 1.89 14.43 26.14
C ILE A 82 0.56 13.76 26.45
N PHE A 83 0.37 12.55 25.93
CA PHE A 83 -0.86 11.81 26.15
C PHE A 83 -0.90 11.24 27.57
N GLY A 84 0.28 11.02 28.15
CA GLY A 84 0.35 10.48 29.49
C GLY A 84 -0.15 9.04 29.58
N GLU A 85 -0.20 8.37 28.43
CA GLU A 85 -0.67 7.00 28.38
C GLU A 85 0.19 6.16 27.43
N LYS A 86 0.12 4.85 27.57
CA LYS A 86 0.89 3.94 26.73
C LYS A 86 0.19 3.71 25.39
N ALA A 87 0.75 4.28 24.33
CA ALA A 87 0.18 4.13 23.00
C ALA A 87 1.01 3.18 22.15
N ARG A 88 0.34 2.42 21.28
CA ARG A 88 1.02 1.47 20.41
C ARG A 88 1.53 2.16 19.15
N GLU A 89 2.76 1.81 18.74
CA GLU A 89 3.36 2.41 17.56
C GLU A 89 3.41 1.38 16.42
N VAL A 90 3.31 1.87 15.19
CA VAL A 90 3.35 1.02 14.02
C VAL A 90 4.15 1.66 12.89
N ARG A 91 4.68 0.82 11.99
CA ARG A 91 5.47 1.30 10.87
C ARG A 91 4.78 0.99 9.55
N ASP A 92 4.78 1.97 8.64
CA ASP A 92 4.16 1.80 7.34
C ASP A 92 5.20 1.46 6.28
N THR A 93 5.25 0.20 5.88
CA THR A 93 6.20 -0.26 4.87
C THR A 93 5.53 -0.41 3.51
N SER A 94 4.38 0.22 3.35
CA SER A 94 3.64 0.16 2.10
C SER A 94 4.45 0.74 0.95
N LEU A 95 3.98 0.52 -0.28
CA LEU A 95 4.67 1.02 -1.46
C LEU A 95 4.33 2.48 -1.72
N ARG A 96 5.26 3.20 -2.32
CA ARG A 96 5.07 4.61 -2.62
C ARG A 96 4.61 4.81 -4.07
N VAL A 97 3.46 5.43 -4.24
CA VAL A 97 2.90 5.67 -5.57
C VAL A 97 3.18 7.10 -6.03
N PRO A 98 3.65 7.23 -7.28
CA PRO A 98 3.97 8.54 -7.87
C PRO A 98 2.72 9.38 -8.13
N HIS A 99 2.91 10.69 -8.24
CA HIS A 99 1.79 11.60 -8.49
C HIS A 99 1.12 11.29 -9.83
N GLY A 100 -0.18 11.06 -9.79
CA GLY A 100 -0.92 10.74 -11.00
C GLY A 100 -0.85 9.28 -11.36
N GLY A 101 0.37 8.73 -11.39
CA GLY A 101 0.54 7.33 -11.73
C GLY A 101 0.65 7.10 -13.22
N GLY A 102 -0.07 7.90 -14.00
CA GLY A 102 -0.04 7.75 -15.45
C GLY A 102 -1.25 7.04 -15.99
N GLY A 103 -1.71 6.02 -15.26
CA GLY A 103 -2.88 5.27 -15.70
C GLY A 103 -3.88 5.04 -14.57
N ILE A 104 -4.73 4.04 -14.74
CA ILE A 104 -5.74 3.73 -13.74
C ILE A 104 -5.73 2.25 -13.39
N ILE A 105 -6.07 1.93 -12.15
CA ILE A 105 -6.09 0.55 -11.68
C ILE A 105 -7.17 -0.25 -12.42
N HIS A 106 -6.74 -1.03 -13.41
CA HIS A 106 -7.66 -1.85 -14.19
C HIS A 106 -7.55 -3.31 -13.79
N ASP A 107 -6.41 -3.69 -13.23
CA ASP A 107 -6.18 -5.06 -12.81
C ASP A 107 -5.35 -5.11 -11.53
N VAL A 108 -5.61 -6.11 -10.69
CA VAL A 108 -4.89 -6.26 -9.43
C VAL A 108 -4.79 -7.73 -9.02
N LYS A 109 -3.58 -8.24 -8.95
CA LYS A 109 -3.35 -9.63 -8.56
C LYS A 109 -2.92 -9.73 -7.10
N VAL A 110 -3.57 -10.64 -6.37
CA VAL A 110 -3.26 -10.84 -4.97
C VAL A 110 -3.24 -12.32 -4.61
N PHE A 111 -2.15 -12.77 -4.02
CA PHE A 111 -2.00 -14.16 -3.63
C PHE A 111 -1.91 -14.30 -2.11
N ASN A 112 -2.60 -15.30 -1.56
CA ASN A 112 -2.59 -15.54 -0.12
C ASN A 112 -2.17 -16.96 0.19
N ARG A 113 -1.41 -17.13 1.27
CA ARG A 113 -0.94 -18.45 1.68
C ARG A 113 -2.11 -19.33 2.11
N GLU A 114 -3.16 -18.70 2.63
CA GLU A 114 -4.34 -19.43 3.09
C GLU A 114 -4.95 -20.23 1.95
N ASP A 115 -4.84 -19.71 0.73
CA ASP A 115 -5.38 -20.38 -0.45
C ASP A 115 -4.53 -21.58 -0.83
N GLY A 116 -3.29 -21.60 -0.35
CA GLY A 116 -2.40 -22.70 -0.65
C GLY A 116 -1.28 -22.29 -1.60
N ASP A 117 -1.03 -20.99 -1.69
CA ASP A 117 0.01 -20.47 -2.57
C ASP A 117 1.36 -20.43 -1.86
N GLU A 118 2.26 -21.33 -2.24
CA GLU A 118 3.58 -21.39 -1.63
C GLU A 118 4.33 -20.08 -1.83
N LEU A 119 5.13 -19.71 -0.84
CA LEU A 119 5.91 -18.47 -0.90
C LEU A 119 7.33 -18.69 -0.38
N PRO A 120 8.25 -17.80 -0.76
CA PRO A 120 9.65 -17.87 -0.35
C PRO A 120 9.82 -17.55 1.13
N PRO A 121 11.02 -17.84 1.66
CA PRO A 121 11.35 -17.59 3.08
C PRO A 121 11.46 -16.10 3.39
N GLY A 122 10.61 -15.63 4.30
CA GLY A 122 10.62 -14.23 4.67
C GLY A 122 9.38 -13.49 4.22
N VAL A 123 8.68 -14.05 3.24
CA VAL A 123 7.46 -13.45 2.73
C VAL A 123 6.22 -14.15 3.28
N ASN A 124 5.17 -13.37 3.51
CA ASN A 124 3.91 -13.93 4.03
C ASN A 124 2.79 -13.77 3.02
N GLN A 125 2.92 -12.77 2.15
CA GLN A 125 1.91 -12.50 1.13
C GLN A 125 2.53 -11.87 -0.10
N LEU A 126 1.82 -11.94 -1.22
CA LEU A 126 2.30 -11.37 -2.47
C LEU A 126 1.17 -10.73 -3.25
N VAL A 127 1.32 -9.44 -3.56
CA VAL A 127 0.30 -8.71 -4.30
C VAL A 127 0.95 -7.71 -5.26
N ARG A 128 0.38 -7.59 -6.46
CA ARG A 128 0.89 -6.67 -7.46
C ARG A 128 -0.24 -5.83 -8.06
N VAL A 129 0.11 -4.69 -8.64
CA VAL A 129 -0.87 -3.80 -9.25
C VAL A 129 -0.64 -3.67 -10.75
N TYR A 130 -1.71 -3.43 -11.49
CA TYR A 130 -1.63 -3.28 -12.94
C TYR A 130 -2.28 -1.98 -13.40
N ILE A 131 -1.46 -1.07 -13.91
CA ILE A 131 -1.97 0.22 -14.39
C ILE A 131 -1.71 0.37 -15.89
N VAL A 132 -2.80 0.51 -16.65
CA VAL A 132 -2.70 0.67 -18.09
C VAL A 132 -2.58 2.14 -18.47
N GLN A 133 -1.78 2.43 -19.49
CA GLN A 133 -1.59 3.80 -19.96
C GLN A 133 -2.57 4.14 -21.07
N LYS A 134 -3.48 5.08 -20.78
CA LYS A 134 -4.47 5.50 -21.77
C LYS A 134 -4.05 6.80 -22.45
N ARG A 135 -4.60 7.04 -23.63
CA ARG A 135 -4.27 8.25 -24.38
C ARG A 135 -5.51 8.78 -25.09
N LYS A 136 -5.41 10.00 -25.62
CA LYS A 136 -6.51 10.63 -26.33
C LYS A 136 -6.28 10.61 -27.84
N ILE A 137 -7.36 10.49 -28.59
CA ILE A 137 -7.28 10.45 -30.06
C ILE A 137 -6.46 11.63 -30.58
N SER A 138 -6.14 11.59 -31.87
CA SER A 138 -5.37 12.66 -32.50
C SER A 138 -6.29 13.69 -33.14
N GLU A 139 -6.23 14.91 -32.65
CA GLU A 139 -7.06 15.99 -33.18
C GLU A 139 -6.46 16.57 -34.46
N GLY A 140 -7.24 17.36 -35.17
CA GLY A 140 -6.77 17.96 -36.40
C GLY A 140 -7.45 17.39 -37.63
N ASP A 141 -8.51 16.61 -37.41
CA ASP A 141 -9.24 16.01 -38.50
C ASP A 141 -10.75 16.22 -38.33
N ASP A 3 4.39 4.24 -41.68
CA ASP A 3 4.55 4.28 -40.24
C ASP A 3 3.38 3.58 -39.54
N VAL A 4 3.62 3.09 -38.33
CA VAL A 4 2.59 2.40 -37.57
C VAL A 4 2.47 2.97 -36.16
N TYR A 5 1.25 3.01 -35.64
CA TYR A 5 1.01 3.53 -34.29
C TYR A 5 1.18 2.43 -33.25
N THR A 6 1.72 2.81 -32.09
CA THR A 6 1.93 1.86 -31.00
C THR A 6 0.62 1.49 -30.33
N SER A 7 0.70 0.71 -29.26
CA SER A 7 -0.48 0.28 -28.53
C SER A 7 -0.42 0.72 -27.07
N ILE A 8 -1.37 0.26 -26.27
CA ILE A 8 -1.41 0.61 -24.85
C ILE A 8 -0.30 -0.08 -24.08
N HIS A 9 0.07 0.50 -22.94
CA HIS A 9 1.12 -0.07 -22.10
C HIS A 9 0.53 -0.72 -20.85
N ILE A 10 1.30 -1.62 -20.24
CA ILE A 10 0.86 -2.31 -19.04
C ILE A 10 1.87 -2.14 -17.91
N GLU A 11 1.42 -1.55 -16.81
CA GLU A 11 2.28 -1.33 -15.65
C GLU A 11 2.33 -2.56 -14.76
N GLU A 12 3.37 -2.66 -13.94
CA GLU A 12 3.53 -3.79 -13.04
C GLU A 12 4.10 -3.35 -11.70
N TYR A 13 3.29 -3.44 -10.66
CA TYR A 13 3.72 -3.04 -9.32
C TYR A 13 3.80 -4.25 -8.39
N GLU A 14 4.77 -4.21 -7.47
CA GLU A 14 4.95 -5.30 -6.53
C GLU A 14 4.69 -4.83 -5.10
N SER A 15 4.31 -5.77 -4.23
CA SER A 15 4.03 -5.45 -2.83
C SER A 15 3.88 -6.73 -2.01
N GLU A 16 4.83 -6.95 -1.10
CA GLU A 16 4.81 -8.13 -0.24
C GLU A 16 4.94 -7.74 1.22
N ALA A 17 4.31 -8.52 2.10
CA ALA A 17 4.36 -8.26 3.53
C ALA A 17 5.61 -8.87 4.15
N ARG A 18 6.61 -8.04 4.44
CA ARG A 18 7.85 -8.49 5.03
C ARG A 18 7.72 -8.62 6.55
N ASP A 19 8.18 -9.74 7.08
CA ASP A 19 8.11 -9.99 8.53
C ASP A 19 9.02 -9.03 9.28
N THR A 20 8.52 -8.49 10.39
CA THR A 20 9.29 -7.56 11.20
C THR A 20 10.19 -8.31 12.19
N LYS A 21 11.13 -7.58 12.78
CA LYS A 21 12.05 -8.18 13.75
C LYS A 21 11.47 -8.12 15.15
N LEU A 22 10.21 -7.69 15.27
CA LEU A 22 9.55 -7.60 16.55
C LEU A 22 8.63 -8.79 16.78
N GLY A 23 8.51 -9.65 15.77
CA GLY A 23 7.67 -10.82 15.88
C GLY A 23 6.27 -10.57 15.35
N PRO A 24 6.12 -10.57 14.02
CA PRO A 24 4.83 -10.35 13.36
C PRO A 24 3.86 -11.51 13.57
N GLU A 25 2.62 -11.32 13.13
CA GLU A 25 1.61 -12.37 13.26
C GLU A 25 0.74 -12.44 12.02
N GLU A 26 0.30 -11.28 11.53
CA GLU A 26 -0.54 -11.22 10.34
C GLU A 26 -0.47 -9.84 9.69
N ILE A 27 -0.78 -9.77 8.40
CA ILE A 27 -0.74 -8.51 7.67
C ILE A 27 -1.94 -7.64 8.03
N THR A 28 -1.73 -6.32 8.04
CA THR A 28 -2.78 -5.38 8.36
C THR A 28 -2.61 -4.08 7.59
N ARG A 29 -3.52 -3.13 7.82
CA ARG A 29 -3.47 -1.85 7.15
C ARG A 29 -3.53 -0.70 8.16
N ASP A 30 -2.52 0.16 8.11
CA ASP A 30 -2.45 1.30 9.02
C ASP A 30 -1.76 2.49 8.36
N ILE A 31 -2.53 3.27 7.61
CA ILE A 31 -2.00 4.44 6.92
C ILE A 31 -2.52 5.73 7.54
N PRO A 32 -1.87 6.16 8.64
CA PRO A 32 -2.24 7.38 9.35
C PRO A 32 -1.93 8.65 8.55
N ASN A 33 -2.61 9.73 8.86
CA ASN A 33 -2.40 11.00 8.18
C ASN A 33 -2.78 10.89 6.70
N VAL A 34 -3.62 9.90 6.39
CA VAL A 34 -4.07 9.69 5.02
C VAL A 34 -5.37 10.42 4.74
N GLY A 35 -5.63 10.72 3.47
CA GLY A 35 -6.84 11.42 3.09
C GLY A 35 -8.04 10.50 3.05
N GLU A 36 -9.18 10.99 3.54
CA GLU A 36 -10.41 10.20 3.56
C GLU A 36 -10.73 9.67 2.17
N ASP A 37 -10.50 10.51 1.16
CA ASP A 37 -10.78 10.12 -0.22
C ASP A 37 -9.81 9.04 -0.68
N ALA A 38 -8.57 9.09 -0.18
CA ALA A 38 -7.56 8.10 -0.53
C ALA A 38 -7.95 6.71 -0.04
N LEU A 39 -8.83 6.66 0.95
CA LEU A 39 -9.28 5.39 1.51
C LEU A 39 -10.77 5.19 1.26
N ARG A 40 -11.32 5.98 0.35
CA ARG A 40 -12.74 5.88 0.03
C ARG A 40 -13.03 4.63 -0.80
N ASN A 41 -12.01 4.15 -1.50
CA ASN A 41 -12.14 2.96 -2.32
C ASN A 41 -11.69 1.72 -1.57
N LEU A 42 -10.71 1.88 -0.70
CA LEU A 42 -10.18 0.78 0.09
C LEU A 42 -11.30 0.06 0.84
N ASP A 43 -11.27 -1.27 0.80
CA ASP A 43 -12.28 -2.07 1.48
C ASP A 43 -11.72 -2.67 2.76
N ASP A 44 -12.47 -3.59 3.35
CA ASP A 44 -12.06 -4.25 4.58
C ASP A 44 -10.81 -5.10 4.36
N ARG A 45 -10.50 -5.36 3.09
CA ARG A 45 -9.33 -6.16 2.74
C ARG A 45 -8.05 -5.33 2.87
N GLY A 46 -8.20 -4.01 2.83
CA GLY A 46 -7.04 -3.14 2.95
C GLY A 46 -6.47 -2.74 1.59
N VAL A 47 -7.07 -3.26 0.53
CA VAL A 47 -6.62 -2.97 -0.82
C VAL A 47 -7.69 -2.22 -1.61
N ILE A 48 -7.25 -1.29 -2.45
CA ILE A 48 -8.17 -0.50 -3.27
C ILE A 48 -8.86 -1.38 -4.32
N ARG A 49 -10.14 -1.12 -4.53
CA ARG A 49 -10.92 -1.88 -5.51
C ARG A 49 -10.59 -1.44 -6.92
N ILE A 50 -10.96 -2.27 -7.90
CA ILE A 50 -10.70 -1.96 -9.30
C ILE A 50 -11.56 -0.80 -9.78
N GLY A 51 -11.07 -0.07 -10.77
CA GLY A 51 -11.82 1.06 -11.30
C GLY A 51 -11.54 2.34 -10.55
N ALA A 52 -10.54 2.32 -9.69
CA ALA A 52 -10.16 3.49 -8.90
C ALA A 52 -8.92 4.16 -9.45
N GLU A 53 -9.01 5.47 -9.68
CA GLU A 53 -7.89 6.23 -10.22
C GLU A 53 -6.74 6.29 -9.20
N VAL A 54 -5.51 6.11 -9.69
CA VAL A 54 -4.34 6.16 -8.82
C VAL A 54 -3.75 7.55 -8.76
N LYS A 55 -3.15 7.89 -7.63
CA LYS A 55 -2.55 9.20 -7.44
C LYS A 55 -1.51 9.17 -6.31
N ASP A 56 -0.85 10.29 -6.09
CA ASP A 56 0.16 10.39 -5.04
C ASP A 56 -0.46 10.20 -3.66
N GLY A 57 0.26 9.53 -2.77
CA GLY A 57 -0.23 9.28 -1.44
C GLY A 57 -1.15 8.07 -1.37
N ASP A 58 -1.35 7.41 -2.52
CA ASP A 58 -2.21 6.24 -2.58
C ASP A 58 -1.39 4.98 -2.87
N LEU A 59 -1.05 4.25 -1.82
CA LEU A 59 -0.27 3.03 -1.96
C LEU A 59 -1.10 1.92 -2.61
N LEU A 60 -2.41 1.97 -2.40
CA LEU A 60 -3.32 0.98 -2.96
C LEU A 60 -3.05 -0.40 -2.37
N VAL A 61 -2.29 -0.43 -1.28
CA VAL A 61 -1.95 -1.68 -0.61
C VAL A 61 -1.73 -1.48 0.88
N GLY A 62 -2.30 -2.35 1.70
CA GLY A 62 -2.15 -2.24 3.13
C GLY A 62 -1.13 -3.22 3.68
N LYS A 63 0.07 -2.73 3.95
CA LYS A 63 1.14 -3.57 4.48
C LYS A 63 1.89 -2.85 5.60
N VAL A 64 1.61 -3.25 6.84
CA VAL A 64 2.27 -2.64 8.00
C VAL A 64 2.47 -3.65 9.11
N THR A 65 3.66 -3.67 9.69
CA THR A 65 3.98 -4.60 10.77
C THR A 65 3.91 -3.90 12.12
N PRO A 66 3.75 -4.71 13.19
CA PRO A 66 3.67 -4.19 14.56
C PRO A 66 5.00 -3.63 15.06
N LYS A 67 4.94 -2.60 15.88
CA LYS A 67 6.13 -1.97 16.41
C LYS A 67 6.05 -1.86 17.93
N GLY A 68 7.12 -2.26 18.62
CA GLY A 68 7.15 -2.20 20.06
C GLY A 68 6.82 -0.81 20.59
N VAL A 69 5.86 -0.75 21.51
CA VAL A 69 5.45 0.53 22.09
C VAL A 69 6.48 1.02 23.11
N THR A 70 7.16 0.08 23.75
CA THR A 70 8.17 0.41 24.75
C THR A 70 9.45 0.92 24.09
N GLU A 71 9.67 0.52 22.84
CA GLU A 71 10.85 0.92 22.10
C GLU A 71 10.53 2.07 21.15
N LEU A 72 9.70 2.99 21.61
CA LEU A 72 9.31 4.15 20.81
C LEU A 72 10.37 5.24 20.87
N THR A 73 10.20 6.27 20.05
CA THR A 73 11.14 7.38 20.02
C THR A 73 10.66 8.54 20.88
N ALA A 74 11.47 9.59 20.97
CA ALA A 74 11.13 10.76 21.76
C ALA A 74 9.92 11.48 21.19
N GLU A 75 9.71 11.33 19.88
CA GLU A 75 8.59 11.98 19.21
C GLU A 75 7.29 11.21 19.46
N GLU A 76 7.41 9.89 19.56
CA GLU A 76 6.25 9.04 19.81
C GLU A 76 5.85 9.07 21.28
N ARG A 77 6.84 8.89 22.15
CA ARG A 77 6.61 8.88 23.59
C ARG A 77 5.83 10.12 24.01
N LEU A 78 6.09 11.24 23.34
CA LEU A 78 5.42 12.50 23.65
C LEU A 78 4.07 12.58 22.94
N LEU A 79 3.95 11.87 21.83
CA LEU A 79 2.72 11.87 21.04
C LEU A 79 1.54 11.44 21.91
N HIS A 80 1.83 10.68 22.97
CA HIS A 80 0.78 10.20 23.87
C HIS A 80 0.03 11.37 24.50
N ALA A 81 0.77 12.39 24.92
CA ALA A 81 0.19 13.57 25.52
C ALA A 81 -0.62 14.37 24.52
N ILE A 82 -0.27 14.23 23.24
CA ILE A 82 -0.96 14.94 22.18
C ILE A 82 -2.39 14.42 22.00
N PHE A 83 -2.52 13.13 21.71
CA PHE A 83 -3.82 12.51 21.52
C PHE A 83 -4.53 12.31 22.86
N GLY A 84 -3.73 12.18 23.92
CA GLY A 84 -4.29 11.99 25.25
C GLY A 84 -4.95 10.62 25.40
N GLU A 85 -4.34 9.61 24.81
CA GLU A 85 -4.88 8.25 24.88
C GLU A 85 -3.84 7.23 24.41
N LYS A 86 -3.87 6.06 25.02
CA LYS A 86 -2.93 4.99 24.68
C LYS A 86 -3.30 4.35 23.34
N ALA A 87 -2.34 4.35 22.41
CA ALA A 87 -2.56 3.77 21.09
C ALA A 87 -1.39 2.89 20.68
N ARG A 88 -1.56 2.18 19.57
CA ARG A 88 -0.51 1.30 19.06
C ARG A 88 0.20 1.92 17.87
N GLU A 89 1.49 1.66 17.75
CA GLU A 89 2.29 2.19 16.65
C GLU A 89 2.82 1.08 15.76
N VAL A 90 2.86 1.33 14.46
CA VAL A 90 3.35 0.35 13.50
C VAL A 90 4.28 0.99 12.48
N ARG A 91 4.79 0.18 11.56
CA ARG A 91 5.70 0.66 10.52
C ARG A 91 5.05 0.57 9.14
N ASP A 92 5.32 1.55 8.30
CA ASP A 92 4.76 1.59 6.95
C ASP A 92 5.62 0.77 5.99
N THR A 93 5.19 -0.44 5.67
CA THR A 93 5.92 -1.31 4.76
C THR A 93 5.15 -1.51 3.47
N SER A 94 4.32 -0.55 3.12
CA SER A 94 3.52 -0.63 1.90
C SER A 94 4.32 -0.10 0.70
N LEU A 95 3.78 -0.33 -0.50
CA LEU A 95 4.44 0.11 -1.72
C LEU A 95 4.26 1.62 -1.92
N ARG A 96 5.24 2.24 -2.56
CA ARG A 96 5.20 3.68 -2.81
C ARG A 96 4.70 3.97 -4.23
N VAL A 97 3.53 4.60 -4.32
CA VAL A 97 2.94 4.94 -5.61
C VAL A 97 3.39 6.32 -6.08
N PRO A 98 3.79 6.41 -7.35
CA PRO A 98 4.26 7.67 -7.95
C PRO A 98 3.11 8.66 -8.13
N HIS A 99 3.48 9.93 -8.33
CA HIS A 99 2.49 10.98 -8.53
C HIS A 99 1.69 10.76 -9.82
N GLY A 100 0.38 10.66 -9.70
CA GLY A 100 -0.46 10.44 -10.86
C GLY A 100 -0.55 8.99 -11.25
N GLY A 101 0.60 8.34 -11.37
CA GLY A 101 0.64 6.94 -11.75
C GLY A 101 0.66 6.74 -13.25
N GLY A 102 -0.02 7.62 -13.98
CA GLY A 102 -0.05 7.52 -15.43
C GLY A 102 -1.33 6.87 -15.94
N GLY A 103 -1.80 5.87 -15.22
CA GLY A 103 -3.01 5.17 -15.61
C GLY A 103 -3.97 4.97 -14.45
N ILE A 104 -4.89 4.03 -14.61
CA ILE A 104 -5.86 3.73 -13.58
C ILE A 104 -5.90 2.24 -13.24
N ILE A 105 -6.20 1.93 -11.99
CA ILE A 105 -6.27 0.53 -11.55
C ILE A 105 -7.39 -0.22 -12.26
N HIS A 106 -7.02 -1.03 -13.25
CA HIS A 106 -7.99 -1.81 -14.00
C HIS A 106 -7.97 -3.28 -13.57
N ASP A 107 -6.89 -3.68 -12.90
CA ASP A 107 -6.75 -5.05 -12.44
C ASP A 107 -5.74 -5.13 -11.29
N VAL A 108 -5.91 -6.13 -10.43
CA VAL A 108 -5.02 -6.32 -9.29
C VAL A 108 -4.92 -7.79 -8.91
N LYS A 109 -3.70 -8.31 -8.88
CA LYS A 109 -3.47 -9.71 -8.53
C LYS A 109 -2.99 -9.84 -7.09
N VAL A 110 -3.54 -10.81 -6.37
CA VAL A 110 -3.15 -11.04 -4.98
C VAL A 110 -3.03 -12.53 -4.69
N PHE A 111 -1.86 -12.93 -4.21
CA PHE A 111 -1.61 -14.33 -3.88
C PHE A 111 -1.62 -14.55 -2.37
N ASN A 112 -1.98 -15.76 -1.96
CA ASN A 112 -2.03 -16.10 -0.54
C ASN A 112 -1.32 -17.42 -0.27
N ARG A 113 -0.56 -17.46 0.83
CA ARG A 113 0.18 -18.66 1.21
C ARG A 113 -0.78 -19.79 1.58
N GLU A 114 -1.87 -19.44 2.25
CA GLU A 114 -2.86 -20.43 2.66
C GLU A 114 -3.46 -21.15 1.46
N ASP A 115 -3.45 -20.46 0.31
CA ASP A 115 -3.99 -21.03 -0.92
C ASP A 115 -3.04 -22.09 -1.49
N GLY A 116 -1.79 -22.07 -1.03
CA GLY A 116 -0.81 -23.03 -1.50
C GLY A 116 0.22 -22.39 -2.41
N ASP A 117 0.38 -21.07 -2.29
CA ASP A 117 1.35 -20.35 -3.11
C ASP A 117 2.69 -20.26 -2.40
N GLU A 118 3.72 -20.84 -3.01
CA GLU A 118 5.06 -20.82 -2.43
C GLU A 118 5.67 -19.42 -2.54
N LEU A 119 6.29 -18.97 -1.45
CA LEU A 119 6.91 -17.66 -1.42
C LEU A 119 8.33 -17.73 -0.86
N PRO A 120 9.14 -16.71 -1.15
CA PRO A 120 10.53 -16.65 -0.68
C PRO A 120 10.62 -16.41 0.83
N PRO A 121 11.83 -16.60 1.39
CA PRO A 121 12.07 -16.42 2.83
C PRO A 121 12.00 -14.94 3.23
N GLY A 122 11.17 -14.66 4.23
CA GLY A 122 11.02 -13.29 4.70
C GLY A 122 9.75 -12.64 4.21
N VAL A 123 8.97 -13.38 3.44
CA VAL A 123 7.71 -12.86 2.89
C VAL A 123 6.52 -13.65 3.43
N ASN A 124 5.40 -12.96 3.63
CA ASN A 124 4.19 -13.59 4.15
C ASN A 124 3.09 -13.57 3.10
N GLN A 125 3.05 -12.51 2.30
CA GLN A 125 2.05 -12.37 1.25
C GLN A 125 2.64 -11.69 0.02
N LEU A 126 1.90 -11.75 -1.09
CA LEU A 126 2.34 -11.14 -2.34
C LEU A 126 1.16 -10.59 -3.13
N VAL A 127 1.26 -9.33 -3.54
CA VAL A 127 0.21 -8.70 -4.32
C VAL A 127 0.77 -7.69 -5.30
N ARG A 128 0.24 -7.70 -6.53
CA ARG A 128 0.70 -6.79 -7.57
C ARG A 128 -0.46 -5.98 -8.13
N VAL A 129 -0.14 -4.86 -8.78
CA VAL A 129 -1.16 -4.00 -9.37
C VAL A 129 -0.99 -3.90 -10.88
N TYR A 130 -2.08 -3.62 -11.57
CA TYR A 130 -2.07 -3.50 -13.02
C TYR A 130 -2.65 -2.16 -13.47
N ILE A 131 -1.81 -1.31 -14.03
CA ILE A 131 -2.24 0.00 -14.51
C ILE A 131 -2.03 0.14 -16.01
N VAL A 132 -3.01 0.73 -16.68
CA VAL A 132 -2.93 0.94 -18.12
C VAL A 132 -2.79 2.41 -18.46
N GLN A 133 -1.79 2.73 -19.27
CA GLN A 133 -1.54 4.11 -19.68
C GLN A 133 -2.50 4.52 -20.80
N LYS A 134 -3.24 5.60 -20.56
CA LYS A 134 -4.20 6.10 -21.53
C LYS A 134 -3.50 6.50 -22.83
N ARG A 135 -4.12 6.15 -23.96
CA ARG A 135 -3.55 6.47 -25.27
C ARG A 135 -3.27 7.96 -25.40
N LYS A 136 -2.47 8.33 -26.39
CA LYS A 136 -2.12 9.72 -26.62
C LYS A 136 -2.11 10.03 -28.11
N ILE A 137 -2.53 11.25 -28.47
CA ILE A 137 -2.55 11.67 -29.86
C ILE A 137 -1.20 11.43 -30.54
N SER A 138 -1.18 11.51 -31.86
CA SER A 138 0.04 11.30 -32.62
C SER A 138 0.94 12.54 -32.57
N GLU A 139 2.07 12.42 -31.87
CA GLU A 139 3.00 13.53 -31.74
C GLU A 139 4.31 13.21 -32.46
N GLY A 140 4.95 14.25 -32.99
CA GLY A 140 6.20 14.07 -33.70
C GLY A 140 6.05 14.25 -35.20
N ASP A 141 4.83 14.09 -35.70
CA ASP A 141 4.56 14.25 -37.12
C ASP A 141 4.34 15.72 -37.48
N ASP A 3 1.58 15.36 -17.92
CA ASP A 3 0.88 14.43 -18.82
C ASP A 3 1.86 13.78 -19.79
N VAL A 4 1.39 12.77 -20.51
CA VAL A 4 2.22 12.06 -21.47
C VAL A 4 1.44 11.73 -22.74
N TYR A 5 2.12 11.76 -23.88
CA TYR A 5 1.48 11.47 -25.16
C TYR A 5 2.22 10.36 -25.89
N THR A 6 1.94 9.11 -25.50
CA THR A 6 2.57 7.96 -26.12
C THR A 6 1.57 6.81 -26.29
N SER A 7 2.06 5.68 -26.81
CA SER A 7 1.21 4.52 -27.03
C SER A 7 0.79 3.90 -25.71
N ILE A 8 0.13 2.74 -25.79
CA ILE A 8 -0.33 2.05 -24.59
C ILE A 8 0.83 1.43 -23.83
N HIS A 9 0.64 1.20 -22.54
CA HIS A 9 1.68 0.61 -21.71
C HIS A 9 1.06 -0.11 -20.51
N ILE A 10 1.83 -1.03 -19.92
CA ILE A 10 1.36 -1.78 -18.76
C ILE A 10 2.32 -1.66 -17.60
N GLU A 11 1.83 -1.11 -16.49
CA GLU A 11 2.65 -0.94 -15.30
C GLU A 11 2.68 -2.22 -14.46
N GLU A 12 3.70 -2.34 -13.61
CA GLU A 12 3.85 -3.51 -12.76
C GLU A 12 4.35 -3.12 -11.37
N TYR A 13 3.48 -3.29 -10.37
CA TYR A 13 3.84 -2.94 -9.00
C TYR A 13 3.90 -4.20 -8.12
N GLU A 14 4.84 -4.21 -7.19
CA GLU A 14 5.01 -5.35 -6.29
C GLU A 14 4.72 -4.94 -4.85
N SER A 15 4.20 -5.88 -4.06
CA SER A 15 3.88 -5.63 -2.67
C SER A 15 3.78 -6.93 -1.88
N GLU A 16 4.77 -7.19 -1.04
CA GLU A 16 4.80 -8.40 -0.23
C GLU A 16 5.06 -8.07 1.24
N ALA A 17 4.28 -8.70 2.12
CA ALA A 17 4.43 -8.48 3.56
C ALA A 17 5.64 -9.21 4.11
N ARG A 18 6.75 -8.49 4.26
CA ARG A 18 7.97 -9.07 4.77
C ARG A 18 7.96 -9.11 6.30
N ASP A 19 8.50 -10.19 6.86
CA ASP A 19 8.55 -10.35 8.30
C ASP A 19 9.53 -9.36 8.93
N THR A 20 9.08 -8.67 9.98
CA THR A 20 9.91 -7.69 10.67
C THR A 20 10.83 -8.36 11.67
N LYS A 21 11.81 -7.61 12.18
CA LYS A 21 12.75 -8.13 13.15
C LYS A 21 12.24 -7.94 14.57
N LEU A 22 11.00 -7.47 14.69
CA LEU A 22 10.39 -7.23 15.99
C LEU A 22 9.43 -8.37 16.36
N GLY A 23 9.25 -9.30 15.43
CA GLY A 23 8.36 -10.43 15.66
C GLY A 23 6.96 -10.18 15.15
N PRO A 24 6.79 -10.32 13.82
CA PRO A 24 5.49 -10.11 13.17
C PRO A 24 4.48 -11.21 13.52
N GLU A 25 3.24 -11.00 13.14
CA GLU A 25 2.17 -11.97 13.41
C GLU A 25 1.22 -12.09 12.23
N GLU A 26 0.84 -10.94 11.67
CA GLU A 26 -0.07 -10.90 10.53
C GLU A 26 -0.07 -9.53 9.88
N ILE A 27 -0.42 -9.49 8.59
CA ILE A 27 -0.47 -8.24 7.85
C ILE A 27 -1.72 -7.43 8.21
N THR A 28 -1.55 -6.11 8.29
CA THR A 28 -2.66 -5.23 8.62
C THR A 28 -2.54 -3.89 7.89
N ARG A 29 -3.54 -3.04 8.05
CA ARG A 29 -3.54 -1.73 7.42
C ARG A 29 -3.70 -0.62 8.44
N ASP A 30 -2.73 0.28 8.50
CA ASP A 30 -2.76 1.39 9.44
C ASP A 30 -2.06 2.61 8.86
N ILE A 31 -2.73 3.30 7.94
CA ILE A 31 -2.17 4.49 7.31
C ILE A 31 -2.92 5.74 7.75
N PRO A 32 -2.56 6.27 8.93
CA PRO A 32 -3.18 7.47 9.49
C PRO A 32 -2.80 8.73 8.70
N ASN A 33 -3.61 9.77 8.87
CA ASN A 33 -3.36 11.03 8.17
C ASN A 33 -3.47 10.86 6.65
N VAL A 34 -4.10 9.77 6.24
CA VAL A 34 -4.27 9.48 4.83
C VAL A 34 -5.55 10.11 4.29
N GLY A 35 -5.59 10.35 2.98
CA GLY A 35 -6.75 10.96 2.36
C GLY A 35 -7.94 10.01 2.34
N GLU A 36 -9.14 10.58 2.27
CA GLU A 36 -10.36 9.78 2.24
C GLU A 36 -10.52 9.07 0.90
N ASP A 37 -9.95 9.67 -0.16
CA ASP A 37 -10.02 9.09 -1.49
C ASP A 37 -9.17 7.83 -1.59
N ALA A 38 -8.03 7.84 -0.91
CA ALA A 38 -7.13 6.69 -0.93
C ALA A 38 -7.74 5.51 -0.17
N LEU A 39 -8.75 5.79 0.64
CA LEU A 39 -9.42 4.75 1.42
C LEU A 39 -10.90 4.69 1.07
N ARG A 40 -11.28 5.32 -0.04
CA ARG A 40 -12.67 5.33 -0.47
C ARG A 40 -13.06 3.98 -1.07
N ASN A 41 -12.08 3.25 -1.58
CA ASN A 41 -12.32 1.94 -2.17
C ASN A 41 -11.66 0.84 -1.36
N LEU A 42 -10.66 1.21 -0.56
CA LEU A 42 -9.95 0.26 0.27
C LEU A 42 -10.91 -0.58 1.09
N ASP A 43 -10.83 -1.90 0.94
CA ASP A 43 -11.69 -2.81 1.67
C ASP A 43 -11.09 -3.17 3.02
N ASP A 44 -11.73 -4.09 3.73
CA ASP A 44 -11.25 -4.53 5.03
C ASP A 44 -9.88 -5.20 4.91
N ARG A 45 -9.54 -5.64 3.70
CA ARG A 45 -8.27 -6.29 3.46
C ARG A 45 -7.13 -5.27 3.40
N GLY A 46 -7.49 -4.02 3.11
CA GLY A 46 -6.49 -2.97 3.01
C GLY A 46 -6.00 -2.75 1.61
N VAL A 47 -6.78 -3.22 0.63
CA VAL A 47 -6.41 -3.08 -0.77
C VAL A 47 -7.51 -2.37 -1.56
N ILE A 48 -7.12 -1.43 -2.41
CA ILE A 48 -8.08 -0.69 -3.22
C ILE A 48 -8.74 -1.58 -4.26
N ARG A 49 -10.04 -1.40 -4.45
CA ARG A 49 -10.79 -2.20 -5.42
C ARG A 49 -10.48 -1.74 -6.85
N ILE A 50 -10.82 -2.60 -7.81
CA ILE A 50 -10.57 -2.28 -9.22
C ILE A 50 -11.43 -1.11 -9.67
N GLY A 51 -10.93 -0.36 -10.66
CA GLY A 51 -11.67 0.78 -11.16
C GLY A 51 -11.38 2.05 -10.39
N ALA A 52 -10.33 2.03 -9.60
CA ALA A 52 -9.94 3.19 -8.80
C ALA A 52 -8.75 3.90 -9.41
N GLU A 53 -8.88 5.21 -9.60
CA GLU A 53 -7.81 6.02 -10.18
C GLU A 53 -6.63 6.13 -9.21
N VAL A 54 -5.42 5.99 -9.75
CA VAL A 54 -4.21 6.07 -8.95
C VAL A 54 -3.67 7.50 -8.90
N LYS A 55 -3.13 7.88 -7.76
CA LYS A 55 -2.56 9.22 -7.59
C LYS A 55 -1.60 9.26 -6.40
N ASP A 56 -0.99 10.42 -6.20
CA ASP A 56 -0.04 10.59 -5.09
C ASP A 56 -0.73 10.41 -3.75
N GLY A 57 -0.02 9.83 -2.79
CA GLY A 57 -0.59 9.61 -1.47
C GLY A 57 -1.46 8.36 -1.42
N ASP A 58 -1.63 7.70 -2.55
CA ASP A 58 -2.43 6.50 -2.63
C ASP A 58 -1.56 5.26 -2.84
N LEU A 59 -1.21 4.60 -1.73
CA LEU A 59 -0.37 3.41 -1.79
C LEU A 59 -1.11 2.26 -2.45
N LEU A 60 -2.43 2.23 -2.30
CA LEU A 60 -3.26 1.18 -2.88
C LEU A 60 -2.91 -0.18 -2.29
N VAL A 61 -2.18 -0.17 -1.17
CA VAL A 61 -1.78 -1.40 -0.51
C VAL A 61 -1.62 -1.19 0.99
N GLY A 62 -2.14 -2.13 1.77
CA GLY A 62 -2.05 -2.03 3.22
C GLY A 62 -0.96 -2.92 3.79
N LYS A 63 0.18 -2.32 4.11
CA LYS A 63 1.31 -3.06 4.68
C LYS A 63 1.93 -2.30 5.84
N VAL A 64 1.60 -2.72 7.06
CA VAL A 64 2.13 -2.08 8.26
C VAL A 64 2.44 -3.12 9.34
N THR A 65 3.66 -3.06 9.86
CA THR A 65 4.09 -3.99 10.90
C THR A 65 4.03 -3.34 12.28
N PRO A 66 3.98 -4.18 13.33
CA PRO A 66 3.93 -3.70 14.71
C PRO A 66 5.25 -3.08 15.16
N LYS A 67 5.20 -2.35 16.28
CA LYS A 67 6.38 -1.70 16.81
C LYS A 67 6.49 -1.92 18.32
N GLY A 68 7.72 -2.11 18.79
CA GLY A 68 7.94 -2.33 20.21
C GLY A 68 7.80 -1.06 21.02
N VAL A 69 8.37 -1.06 22.23
CA VAL A 69 8.30 0.10 23.10
C VAL A 69 9.49 1.02 22.89
N THR A 70 10.67 0.43 22.72
CA THR A 70 11.89 1.19 22.52
C THR A 70 11.77 2.10 21.30
N GLU A 71 10.91 1.72 20.36
CA GLU A 71 10.70 2.49 19.14
C GLU A 71 9.99 3.80 19.46
N LEU A 72 9.12 3.78 20.47
CA LEU A 72 8.38 4.97 20.87
C LEU A 72 9.32 6.14 21.11
N THR A 73 8.73 7.34 21.26
CA THR A 73 9.52 8.54 21.50
C THR A 73 9.16 9.17 22.84
N ALA A 74 9.97 10.13 23.27
CA ALA A 74 9.74 10.82 24.53
C ALA A 74 8.48 11.66 24.47
N GLU A 75 8.18 12.19 23.29
CA GLU A 75 6.99 13.02 23.10
C GLU A 75 5.73 12.26 23.48
N GLU A 76 5.71 10.96 23.17
CA GLU A 76 4.56 10.13 23.47
C GLU A 76 4.36 10.00 24.98
N ARG A 77 5.45 10.09 25.72
CA ARG A 77 5.39 9.99 27.18
C ARG A 77 4.52 11.11 27.76
N LEU A 78 4.77 12.33 27.34
CA LEU A 78 4.01 13.48 27.81
C LEU A 78 2.69 13.62 27.05
N LEU A 79 2.68 13.14 25.81
CA LEU A 79 1.49 13.20 24.97
C LEU A 79 0.31 12.51 25.65
N HIS A 80 0.62 11.55 26.52
CA HIS A 80 -0.42 10.81 27.24
C HIS A 80 -1.36 11.76 27.97
N ALA A 81 -0.81 12.87 28.47
CA ALA A 81 -1.59 13.85 29.20
C ALA A 81 -2.44 14.69 28.24
N ILE A 82 -2.04 14.75 26.98
CA ILE A 82 -2.76 15.51 25.97
C ILE A 82 -3.99 14.75 25.50
N PHE A 83 -3.76 13.57 24.92
CA PHE A 83 -4.85 12.73 24.42
C PHE A 83 -5.59 12.05 25.57
N GLY A 84 -4.88 11.85 26.68
CA GLY A 84 -5.48 11.21 27.84
C GLY A 84 -5.64 9.71 27.65
N GLU A 85 -4.81 9.13 26.79
CA GLU A 85 -4.85 7.70 26.52
C GLU A 85 -3.68 7.26 25.65
N LYS A 86 -3.38 5.97 25.69
CA LYS A 86 -2.28 5.41 24.91
C LYS A 86 -2.73 5.06 23.50
N ALA A 87 -1.93 5.45 22.51
CA ALA A 87 -2.24 5.16 21.11
C ALA A 87 -1.26 4.17 20.53
N ARG A 88 -1.78 3.10 19.93
CA ARG A 88 -0.95 2.07 19.32
C ARG A 88 -0.06 2.66 18.22
N GLU A 89 1.21 2.29 18.24
CA GLU A 89 2.17 2.78 17.24
C GLU A 89 2.70 1.64 16.39
N VAL A 90 2.70 1.84 15.08
CA VAL A 90 3.19 0.81 14.15
C VAL A 90 4.05 1.44 13.05
N ARG A 91 4.57 0.60 12.17
CA ARG A 91 5.41 1.07 11.07
C ARG A 91 4.69 0.90 9.74
N ASP A 92 5.09 1.71 8.76
CA ASP A 92 4.48 1.66 7.44
C ASP A 92 5.48 1.15 6.40
N THR A 93 5.24 -0.06 5.90
CA THR A 93 6.12 -0.66 4.91
C THR A 93 5.42 -0.78 3.55
N SER A 94 4.31 -0.07 3.41
CA SER A 94 3.55 -0.10 2.16
C SER A 94 4.38 0.45 1.01
N LEU A 95 3.87 0.27 -0.21
CA LEU A 95 4.56 0.74 -1.41
C LEU A 95 4.27 2.22 -1.65
N ARG A 96 5.22 2.92 -2.27
CA ARG A 96 5.07 4.33 -2.57
C ARG A 96 4.61 4.53 -4.00
N VAL A 97 3.40 5.07 -4.16
CA VAL A 97 2.83 5.31 -5.49
C VAL A 97 3.24 6.68 -6.01
N PRO A 98 3.63 6.73 -7.30
CA PRO A 98 4.05 7.97 -7.95
C PRO A 98 2.90 8.94 -8.15
N HIS A 99 3.23 10.22 -8.31
CA HIS A 99 2.21 11.26 -8.52
C HIS A 99 1.49 11.05 -9.84
N GLY A 100 0.16 11.03 -9.79
CA GLY A 100 -0.62 10.83 -10.99
C GLY A 100 -0.81 9.37 -11.34
N GLY A 101 0.28 8.62 -11.36
CA GLY A 101 0.22 7.21 -11.69
C GLY A 101 0.31 6.95 -13.17
N GLY A 102 -0.25 7.84 -13.97
CA GLY A 102 -0.22 7.69 -15.41
C GLY A 102 -1.43 6.94 -15.94
N GLY A 103 -1.87 5.93 -15.20
CA GLY A 103 -3.02 5.15 -15.62
C GLY A 103 -4.03 4.95 -14.50
N ILE A 104 -4.85 3.91 -14.63
CA ILE A 104 -5.85 3.61 -13.61
C ILE A 104 -5.87 2.12 -13.28
N ILE A 105 -6.22 1.81 -12.04
CA ILE A 105 -6.27 0.43 -11.59
C ILE A 105 -7.37 -0.34 -12.32
N HIS A 106 -6.97 -1.14 -13.31
CA HIS A 106 -7.92 -1.94 -14.08
C HIS A 106 -7.86 -3.40 -13.68
N ASP A 107 -6.72 -3.81 -13.11
CA ASP A 107 -6.54 -5.19 -12.69
C ASP A 107 -5.56 -5.26 -11.51
N VAL A 108 -5.74 -6.28 -10.67
CA VAL A 108 -4.88 -6.47 -9.51
C VAL A 108 -4.76 -7.94 -9.15
N LYS A 109 -3.53 -8.43 -9.07
CA LYS A 109 -3.28 -9.82 -8.72
C LYS A 109 -2.86 -9.97 -7.27
N VAL A 110 -3.47 -10.92 -6.56
CA VAL A 110 -3.17 -11.16 -5.16
C VAL A 110 -3.09 -12.65 -4.86
N PHE A 111 -1.93 -13.08 -4.37
CA PHE A 111 -1.72 -14.48 -4.04
C PHE A 111 -1.68 -14.69 -2.52
N ASN A 112 -2.41 -15.70 -2.06
CA ASN A 112 -2.47 -16.01 -0.63
C ASN A 112 -1.81 -17.35 -0.33
N ARG A 113 -1.11 -17.44 0.79
CA ARG A 113 -0.44 -18.66 1.19
C ARG A 113 -1.45 -19.77 1.47
N GLU A 114 -2.56 -19.41 2.10
CA GLU A 114 -3.61 -20.37 2.43
C GLU A 114 -4.37 -20.79 1.17
N ASP A 115 -4.26 -19.98 0.13
CA ASP A 115 -4.95 -20.27 -1.13
C ASP A 115 -4.25 -21.41 -1.87
N GLY A 116 -3.02 -21.70 -1.48
CA GLY A 116 -2.27 -22.76 -2.12
C GLY A 116 -1.14 -22.24 -3.00
N ASP A 117 -0.71 -21.01 -2.72
CA ASP A 117 0.37 -20.40 -3.48
C ASP A 117 1.63 -20.27 -2.65
N GLU A 118 2.63 -21.09 -2.96
CA GLU A 118 3.89 -21.08 -2.22
C GLU A 118 4.56 -19.71 -2.33
N LEU A 119 5.28 -19.32 -1.27
CA LEU A 119 5.96 -18.03 -1.26
C LEU A 119 7.41 -18.20 -0.79
N PRO A 120 8.26 -17.23 -1.15
CA PRO A 120 9.68 -17.24 -0.78
C PRO A 120 9.89 -17.01 0.71
N PRO A 121 11.12 -17.26 1.19
CA PRO A 121 11.48 -17.09 2.60
C PRO A 121 11.52 -15.63 3.00
N GLY A 122 10.79 -15.29 4.06
CA GLY A 122 10.75 -13.92 4.54
C GLY A 122 9.49 -13.19 4.10
N VAL A 123 8.73 -13.81 3.20
CA VAL A 123 7.50 -13.20 2.71
C VAL A 123 6.28 -13.92 3.27
N ASN A 124 5.22 -13.15 3.55
CA ASN A 124 4.00 -13.71 4.09
C ASN A 124 2.87 -13.64 3.07
N GLN A 125 2.92 -12.65 2.20
CA GLN A 125 1.91 -12.47 1.17
C GLN A 125 2.51 -11.83 -0.09
N LEU A 126 1.77 -11.88 -1.18
CA LEU A 126 2.22 -11.30 -2.44
C LEU A 126 1.05 -10.71 -3.23
N VAL A 127 1.17 -9.44 -3.59
CA VAL A 127 0.13 -8.76 -4.35
C VAL A 127 0.73 -7.72 -5.29
N ARG A 128 0.31 -7.76 -6.55
CA ARG A 128 0.80 -6.83 -7.55
C ARG A 128 -0.36 -6.02 -8.14
N VAL A 129 -0.03 -4.86 -8.71
CA VAL A 129 -1.03 -4.00 -9.33
C VAL A 129 -0.80 -3.85 -10.82
N TYR A 130 -1.87 -3.57 -11.56
CA TYR A 130 -1.77 -3.41 -13.00
C TYR A 130 -2.40 -2.09 -13.44
N ILE A 131 -1.55 -1.19 -13.94
CA ILE A 131 -2.02 0.12 -14.40
C ILE A 131 -1.77 0.29 -15.88
N VAL A 132 -2.80 0.73 -16.61
CA VAL A 132 -2.69 0.95 -18.04
C VAL A 132 -2.59 2.43 -18.37
N GLN A 133 -1.54 2.79 -19.11
CA GLN A 133 -1.32 4.18 -19.49
C GLN A 133 -2.34 4.62 -20.53
N LYS A 134 -2.90 5.80 -20.33
CA LYS A 134 -3.89 6.35 -21.26
C LYS A 134 -3.25 6.67 -22.61
N ARG A 135 -4.08 6.73 -23.65
CA ARG A 135 -3.59 7.03 -25.00
C ARG A 135 -3.70 8.52 -25.29
N LYS A 136 -2.66 9.06 -25.92
CA LYS A 136 -2.63 10.48 -26.27
C LYS A 136 -3.90 10.88 -27.02
N ILE A 137 -4.22 12.17 -26.97
CA ILE A 137 -5.41 12.68 -27.65
C ILE A 137 -5.05 13.85 -28.57
N SER A 138 -5.99 14.24 -29.41
CA SER A 138 -5.78 15.34 -30.35
C SER A 138 -5.28 16.58 -29.62
N GLU A 139 -3.97 16.84 -29.74
CA GLU A 139 -3.37 17.99 -29.10
C GLU A 139 -3.73 19.28 -29.83
N GLY A 140 -3.12 19.50 -30.99
CA GLY A 140 -3.39 20.68 -31.77
C GLY A 140 -2.41 21.81 -31.49
N ASP A 141 -1.33 21.47 -30.78
CA ASP A 141 -0.30 22.46 -30.44
C ASP A 141 0.83 22.41 -31.44
N ASP A 3 1.80 15.96 -32.26
CA ASP A 3 0.76 15.25 -33.00
C ASP A 3 1.12 13.78 -33.16
N VAL A 4 0.98 13.03 -32.07
CA VAL A 4 1.28 11.60 -32.09
C VAL A 4 0.28 10.81 -31.25
N TYR A 5 0.02 9.58 -31.66
CA TYR A 5 -0.92 8.72 -30.96
C TYR A 5 -0.19 7.66 -30.12
N THR A 6 0.16 8.04 -28.89
CA THR A 6 0.87 7.13 -27.99
C THR A 6 0.07 5.86 -27.75
N SER A 7 0.77 4.75 -27.58
CA SER A 7 0.13 3.46 -27.35
C SER A 7 -0.18 3.27 -25.87
N ILE A 8 -0.67 2.08 -25.52
CA ILE A 8 -1.01 1.77 -24.14
C ILE A 8 0.13 1.03 -23.45
N HIS A 9 0.60 1.58 -22.33
CA HIS A 9 1.68 0.98 -21.58
C HIS A 9 1.14 0.26 -20.33
N ILE A 10 1.93 -0.67 -19.80
CA ILE A 10 1.54 -1.41 -18.61
C ILE A 10 2.56 -1.25 -17.49
N GLU A 11 2.12 -0.71 -16.37
CA GLU A 11 3.00 -0.50 -15.22
C GLU A 11 3.22 -1.81 -14.47
N GLU A 12 4.17 -1.81 -13.55
CA GLU A 12 4.49 -2.99 -12.75
C GLU A 12 4.83 -2.61 -11.32
N TYR A 13 3.96 -2.99 -10.39
CA TYR A 13 4.18 -2.68 -8.97
C TYR A 13 3.97 -3.93 -8.11
N GLU A 14 4.93 -4.19 -7.23
CA GLU A 14 4.86 -5.35 -6.34
C GLU A 14 4.76 -4.91 -4.89
N SER A 15 4.27 -5.81 -4.04
CA SER A 15 4.13 -5.52 -2.62
C SER A 15 3.97 -6.81 -1.81
N GLU A 16 4.99 -7.14 -1.03
CA GLU A 16 4.96 -8.35 -0.21
C GLU A 16 5.14 -8.01 1.27
N ALA A 17 4.40 -8.69 2.12
CA ALA A 17 4.49 -8.47 3.56
C ALA A 17 5.70 -9.18 4.16
N ARG A 18 6.78 -8.45 4.34
CA ARG A 18 8.01 -9.02 4.90
C ARG A 18 7.94 -9.06 6.43
N ASP A 19 8.48 -10.12 7.02
CA ASP A 19 8.48 -10.27 8.46
C ASP A 19 9.44 -9.28 9.12
N THR A 20 8.98 -8.64 10.19
CA THR A 20 9.79 -7.67 10.91
C THR A 20 10.71 -8.35 11.91
N LYS A 21 11.65 -7.60 12.46
CA LYS A 21 12.59 -8.13 13.44
C LYS A 21 12.04 -7.98 14.86
N LEU A 22 10.79 -7.52 14.95
CA LEU A 22 10.15 -7.34 16.25
C LEU A 22 9.20 -8.49 16.56
N GLY A 23 9.10 -9.43 15.63
CA GLY A 23 8.23 -10.57 15.82
C GLY A 23 6.83 -10.33 15.30
N PRO A 24 6.67 -10.44 13.97
CA PRO A 24 5.37 -10.22 13.31
C PRO A 24 4.39 -11.34 13.62
N GLU A 25 3.13 -11.14 13.23
CA GLU A 25 2.09 -12.13 13.46
C GLU A 25 1.18 -12.26 12.24
N GLU A 26 0.83 -11.12 11.65
CA GLU A 26 -0.04 -11.11 10.47
C GLU A 26 -0.03 -9.73 9.82
N ILE A 27 -0.38 -9.69 8.53
CA ILE A 27 -0.41 -8.44 7.78
C ILE A 27 -1.63 -7.61 8.17
N THR A 28 -1.46 -6.30 8.21
CA THR A 28 -2.55 -5.39 8.55
C THR A 28 -2.44 -4.08 7.79
N ARG A 29 -3.43 -3.22 7.94
CA ARG A 29 -3.45 -1.93 7.27
C ARG A 29 -3.51 -0.78 8.27
N ASP A 30 -2.51 0.09 8.24
CA ASP A 30 -2.46 1.23 9.15
C ASP A 30 -1.81 2.43 8.48
N ILE A 31 -2.61 3.22 7.78
CA ILE A 31 -2.12 4.41 7.09
C ILE A 31 -2.62 5.69 7.75
N PRO A 32 -1.93 6.09 8.83
CA PRO A 32 -2.28 7.31 9.58
C PRO A 32 -1.99 8.58 8.79
N ASN A 33 -2.78 9.61 9.05
CA ASN A 33 -2.61 10.89 8.36
C ASN A 33 -2.87 10.74 6.87
N VAL A 34 -3.75 9.80 6.51
CA VAL A 34 -4.08 9.57 5.11
C VAL A 34 -5.39 10.24 4.74
N GLY A 35 -5.57 10.51 3.45
CA GLY A 35 -6.78 11.14 2.98
C GLY A 35 -7.96 10.18 2.91
N GLU A 36 -9.13 10.66 3.33
CA GLU A 36 -10.33 9.82 3.31
C GLU A 36 -10.58 9.26 1.92
N ASP A 37 -10.20 10.02 0.89
CA ASP A 37 -10.39 9.59 -0.48
C ASP A 37 -9.45 8.42 -0.82
N ALA A 38 -8.28 8.42 -0.22
CA ALA A 38 -7.30 7.37 -0.45
C ALA A 38 -7.80 6.03 0.08
N LEU A 39 -8.76 6.09 0.99
CA LEU A 39 -9.33 4.88 1.58
C LEU A 39 -10.81 4.76 1.26
N ARG A 40 -11.26 5.55 0.30
CA ARG A 40 -12.67 5.52 -0.11
C ARG A 40 -13.00 4.26 -0.88
N ASN A 41 -11.99 3.69 -1.53
CA ASN A 41 -12.17 2.46 -2.30
C ASN A 41 -11.59 1.25 -1.56
N LEU A 42 -10.61 1.52 -0.70
CA LEU A 42 -9.97 0.46 0.07
C LEU A 42 -11.01 -0.40 0.80
N ASP A 43 -10.80 -1.70 0.81
CA ASP A 43 -11.72 -2.62 1.47
C ASP A 43 -11.11 -3.16 2.76
N ASP A 44 -11.82 -4.07 3.41
CA ASP A 44 -11.36 -4.65 4.67
C ASP A 44 -10.07 -5.44 4.45
N ARG A 45 -9.79 -5.79 3.20
CA ARG A 45 -8.59 -6.53 2.86
C ARG A 45 -7.37 -5.63 2.85
N GLY A 46 -7.60 -4.32 2.70
CA GLY A 46 -6.51 -3.38 2.69
C GLY A 46 -6.02 -3.08 1.28
N VAL A 47 -6.86 -3.35 0.29
CA VAL A 47 -6.50 -3.10 -1.10
C VAL A 47 -7.62 -2.36 -1.83
N ILE A 48 -7.23 -1.39 -2.65
CA ILE A 48 -8.20 -0.60 -3.40
C ILE A 48 -8.90 -1.45 -4.46
N ARG A 49 -10.22 -1.35 -4.51
CA ARG A 49 -11.01 -2.11 -5.48
C ARG A 49 -10.68 -1.67 -6.90
N ILE A 50 -10.95 -2.56 -7.86
CA ILE A 50 -10.70 -2.26 -9.26
C ILE A 50 -11.56 -1.10 -9.75
N GLY A 51 -11.06 -0.36 -10.74
CA GLY A 51 -11.80 0.76 -11.28
C GLY A 51 -11.53 2.05 -10.54
N ALA A 52 -10.47 2.05 -9.73
CA ALA A 52 -10.09 3.23 -8.96
C ALA A 52 -8.89 3.93 -9.58
N GLU A 53 -9.02 5.23 -9.84
CA GLU A 53 -7.94 6.00 -10.42
C GLU A 53 -6.76 6.13 -9.46
N VAL A 54 -5.56 5.97 -9.98
CA VAL A 54 -4.35 6.08 -9.16
C VAL A 54 -3.80 7.50 -9.15
N LYS A 55 -3.28 7.93 -8.01
CA LYS A 55 -2.72 9.27 -7.87
C LYS A 55 -1.80 9.34 -6.66
N ASP A 56 -1.17 10.50 -6.48
CA ASP A 56 -0.26 10.71 -5.36
C ASP A 56 -0.97 10.48 -4.03
N GLY A 57 -0.41 9.60 -3.21
CA GLY A 57 -1.01 9.31 -1.92
C GLY A 57 -1.85 8.06 -1.94
N ASP A 58 -2.02 7.48 -3.13
CA ASP A 58 -2.81 6.27 -3.28
C ASP A 58 -1.91 5.04 -3.34
N LEU A 59 -1.51 4.54 -2.18
CA LEU A 59 -0.66 3.37 -2.09
C LEU A 59 -1.31 2.16 -2.76
N LEU A 60 -2.63 2.04 -2.60
CA LEU A 60 -3.37 0.94 -3.19
C LEU A 60 -2.92 -0.39 -2.62
N VAL A 61 -2.20 -0.33 -1.50
CA VAL A 61 -1.71 -1.54 -0.84
C VAL A 61 -1.58 -1.33 0.66
N GLY A 62 -2.17 -2.23 1.45
CA GLY A 62 -2.11 -2.12 2.89
C GLY A 62 -1.06 -3.04 3.49
N LYS A 63 0.07 -2.48 3.88
CA LYS A 63 1.15 -3.25 4.47
C LYS A 63 1.81 -2.49 5.62
N VAL A 64 1.74 -3.04 6.82
CA VAL A 64 2.34 -2.41 7.99
C VAL A 64 2.66 -3.44 9.06
N THR A 65 3.90 -3.42 9.54
CA THR A 65 4.34 -4.35 10.56
C THR A 65 4.36 -3.70 11.94
N PRO A 66 4.33 -4.52 13.00
CA PRO A 66 4.34 -4.03 14.38
C PRO A 66 5.69 -3.43 14.77
N LYS A 67 5.68 -2.61 15.82
CA LYS A 67 6.91 -1.97 16.29
C LYS A 67 7.13 -2.25 17.77
N GLY A 68 8.30 -1.88 18.26
CA GLY A 68 8.61 -2.10 19.67
C GLY A 68 8.73 -0.81 20.45
N VAL A 69 8.50 -0.89 21.75
CA VAL A 69 8.58 0.28 22.62
C VAL A 69 10.03 0.69 22.87
N THR A 70 10.93 -0.29 22.80
CA THR A 70 12.34 -0.04 23.02
C THR A 70 12.94 0.77 21.89
N GLU A 71 12.32 0.70 20.71
CA GLU A 71 12.80 1.43 19.55
C GLU A 71 12.05 2.77 19.40
N LEU A 72 11.67 3.35 20.53
CA LEU A 72 10.96 4.62 20.53
C LEU A 72 11.91 5.78 20.80
N THR A 73 11.39 7.00 20.66
CA THR A 73 12.19 8.20 20.90
C THR A 73 11.81 8.86 22.21
N ALA A 74 12.53 9.92 22.57
CA ALA A 74 12.27 10.65 23.80
C ALA A 74 10.90 11.33 23.76
N GLU A 75 10.45 11.65 22.54
CA GLU A 75 9.16 12.31 22.37
C GLU A 75 8.01 11.31 22.50
N GLU A 76 8.26 10.08 22.05
CA GLU A 76 7.25 9.02 22.13
C GLU A 76 7.17 8.43 23.53
N ARG A 77 8.33 8.12 24.10
CA ARG A 77 8.40 7.55 25.44
C ARG A 77 7.63 8.40 26.43
N LEU A 78 7.65 9.71 26.22
CA LEU A 78 6.95 10.64 27.09
C LEU A 78 5.48 10.77 26.70
N LEU A 79 5.20 10.53 25.42
CA LEU A 79 3.83 10.62 24.92
C LEU A 79 2.90 9.70 25.70
N HIS A 80 3.47 8.64 26.27
CA HIS A 80 2.69 7.68 27.04
C HIS A 80 2.06 8.35 28.26
N ALA A 81 2.82 9.20 28.92
CA ALA A 81 2.34 9.91 30.09
C ALA A 81 1.24 10.90 29.74
N ILE A 82 1.26 11.36 28.48
CA ILE A 82 0.28 12.32 28.00
C ILE A 82 -1.11 11.68 27.93
N PHE A 83 -1.22 10.61 27.17
CA PHE A 83 -2.50 9.90 27.01
C PHE A 83 -2.82 9.08 28.26
N GLY A 84 -1.78 8.69 29.00
CA GLY A 84 -1.98 7.92 30.20
C GLY A 84 -2.56 6.55 29.92
N GLU A 85 -2.39 6.07 28.70
CA GLU A 85 -2.91 4.77 28.30
C GLU A 85 -2.07 4.17 27.17
N LYS A 86 -1.83 2.87 27.25
CA LYS A 86 -1.04 2.17 26.24
C LYS A 86 -1.57 2.45 24.84
N ALA A 87 -0.67 2.64 23.89
CA ALA A 87 -1.05 2.93 22.51
C ALA A 87 -0.49 1.87 21.56
N ARG A 88 -0.89 1.94 20.30
CA ARG A 88 -0.43 0.99 19.29
C ARG A 88 0.45 1.69 18.25
N GLU A 89 1.72 1.31 18.20
CA GLU A 89 2.66 1.90 17.25
C GLU A 89 3.17 0.85 16.27
N VAL A 90 3.13 1.18 14.98
CA VAL A 90 3.59 0.27 13.94
C VAL A 90 4.48 0.99 12.93
N ARG A 91 4.99 0.24 11.96
CA ARG A 91 5.85 0.81 10.93
C ARG A 91 5.14 0.85 9.58
N ASP A 92 5.14 2.01 8.94
CA ASP A 92 4.49 2.17 7.65
C ASP A 92 5.34 1.55 6.53
N THR A 93 5.01 0.32 6.16
CA THR A 93 5.73 -0.39 5.11
C THR A 93 4.84 -0.65 3.91
N SER A 94 4.04 0.34 3.55
CA SER A 94 3.13 0.22 2.41
C SER A 94 3.86 0.49 1.09
N LEU A 95 3.20 0.20 -0.01
CA LEU A 95 3.78 0.43 -1.33
C LEU A 95 3.77 1.91 -1.69
N ARG A 96 4.76 2.33 -2.48
CA ARG A 96 4.86 3.73 -2.89
C ARG A 96 4.29 3.91 -4.29
N VAL A 97 3.45 4.94 -4.44
CA VAL A 97 2.82 5.24 -5.72
C VAL A 97 3.19 6.64 -6.21
N PRO A 98 3.61 6.74 -7.47
CA PRO A 98 4.00 8.01 -8.08
C PRO A 98 2.81 8.93 -8.30
N HIS A 99 3.09 10.23 -8.42
CA HIS A 99 2.04 11.22 -8.64
C HIS A 99 1.35 11.01 -9.99
N GLY A 100 0.03 11.02 -9.99
CA GLY A 100 -0.72 10.82 -11.21
C GLY A 100 -0.92 9.36 -11.54
N GLY A 101 0.16 8.60 -11.52
CA GLY A 101 0.09 7.18 -11.84
C GLY A 101 0.20 6.90 -13.32
N GLY A 102 -0.36 7.79 -14.13
CA GLY A 102 -0.31 7.62 -15.57
C GLY A 102 -1.52 6.87 -16.11
N GLY A 103 -1.97 5.87 -15.36
CA GLY A 103 -3.11 5.09 -15.78
C GLY A 103 -4.12 4.89 -14.67
N ILE A 104 -4.94 3.85 -14.80
CA ILE A 104 -5.95 3.55 -13.79
C ILE A 104 -5.94 2.07 -13.42
N ILE A 105 -6.29 1.78 -12.17
CA ILE A 105 -6.32 0.40 -11.70
C ILE A 105 -7.39 -0.40 -12.41
N HIS A 106 -6.97 -1.22 -13.38
CA HIS A 106 -7.89 -2.05 -14.14
C HIS A 106 -7.80 -3.50 -13.70
N ASP A 107 -6.61 -3.92 -13.27
CA ASP A 107 -6.38 -5.28 -12.83
C ASP A 107 -5.47 -5.32 -11.60
N VAL A 108 -5.65 -6.34 -10.77
CA VAL A 108 -4.84 -6.48 -9.56
C VAL A 108 -4.69 -7.95 -9.18
N LYS A 109 -3.44 -8.40 -9.10
CA LYS A 109 -3.15 -9.78 -8.73
C LYS A 109 -2.74 -9.90 -7.27
N VAL A 110 -3.35 -10.86 -6.57
CA VAL A 110 -3.04 -11.07 -5.16
C VAL A 110 -2.94 -12.56 -4.83
N PHE A 111 -1.83 -12.94 -4.21
CA PHE A 111 -1.60 -14.33 -3.85
C PHE A 111 -1.61 -14.51 -2.33
N ASN A 112 -2.35 -15.51 -1.86
CA ASN A 112 -2.44 -15.78 -0.43
C ASN A 112 -1.98 -17.21 -0.12
N ARG A 113 -1.35 -17.37 1.03
CA ARG A 113 -0.85 -18.68 1.45
C ARG A 113 -2.01 -19.65 1.69
N GLU A 114 -3.13 -19.11 2.17
CA GLU A 114 -4.31 -19.93 2.44
C GLU A 114 -4.83 -20.58 1.16
N ASP A 115 -4.53 -19.96 0.03
CA ASP A 115 -4.96 -20.48 -1.27
C ASP A 115 -4.14 -21.69 -1.67
N GLY A 116 -2.96 -21.82 -1.08
CA GLY A 116 -2.10 -22.96 -1.39
C GLY A 116 -0.89 -22.56 -2.21
N ASP A 117 -0.60 -21.26 -2.25
CA ASP A 117 0.53 -20.75 -3.00
C ASP A 117 1.77 -20.64 -2.13
N GLU A 118 2.87 -21.23 -2.59
CA GLU A 118 4.13 -21.20 -1.83
C GLU A 118 4.83 -19.85 -2.00
N LEU A 119 5.46 -19.39 -0.94
CA LEU A 119 6.17 -18.11 -0.96
C LEU A 119 7.60 -18.28 -0.46
N PRO A 120 8.48 -17.33 -0.83
CA PRO A 120 9.88 -17.34 -0.42
C PRO A 120 10.06 -17.07 1.06
N PRO A 121 11.28 -17.32 1.57
CA PRO A 121 11.60 -17.09 2.98
C PRO A 121 11.65 -15.62 3.35
N GLY A 122 10.85 -15.22 4.32
CA GLY A 122 10.82 -13.84 4.74
C GLY A 122 9.58 -13.10 4.26
N VAL A 123 8.83 -13.75 3.37
CA VAL A 123 7.60 -13.16 2.83
C VAL A 123 6.37 -13.86 3.38
N ASN A 124 5.31 -13.08 3.60
CA ASN A 124 4.06 -13.63 4.13
C ASN A 124 2.97 -13.58 3.07
N GLN A 125 2.99 -12.54 2.24
CA GLN A 125 2.00 -12.38 1.19
C GLN A 125 2.61 -11.71 -0.04
N LEU A 126 1.88 -11.75 -1.15
CA LEU A 126 2.36 -11.15 -2.39
C LEU A 126 1.20 -10.54 -3.18
N VAL A 127 1.35 -9.28 -3.56
CA VAL A 127 0.31 -8.58 -4.32
C VAL A 127 0.92 -7.58 -5.28
N ARG A 128 0.37 -7.52 -6.49
CA ARG A 128 0.86 -6.60 -7.51
C ARG A 128 -0.30 -5.90 -8.22
N VAL A 129 -0.12 -4.62 -8.52
CA VAL A 129 -1.16 -3.84 -9.20
C VAL A 129 -0.84 -3.69 -10.68
N TYR A 130 -1.86 -3.44 -11.48
CA TYR A 130 -1.71 -3.28 -12.92
C TYR A 130 -2.36 -1.98 -13.40
N ILE A 131 -1.52 -1.04 -13.84
CA ILE A 131 -2.01 0.24 -14.34
C ILE A 131 -1.76 0.40 -15.83
N VAL A 132 -2.83 0.62 -16.59
CA VAL A 132 -2.72 0.79 -18.03
C VAL A 132 -2.71 2.27 -18.41
N GLN A 133 -1.74 2.66 -19.24
CA GLN A 133 -1.63 4.05 -19.67
C GLN A 133 -2.53 4.31 -20.88
N LYS A 134 -3.47 5.23 -20.71
CA LYS A 134 -4.40 5.58 -21.78
C LYS A 134 -3.75 6.56 -22.76
N ARG A 135 -4.20 6.52 -24.01
CA ARG A 135 -3.67 7.39 -25.05
C ARG A 135 -4.10 8.84 -24.81
N LYS A 136 -3.39 9.77 -25.44
CA LYS A 136 -3.70 11.19 -25.30
C LYS A 136 -4.05 11.80 -26.65
N ILE A 137 -4.99 12.75 -26.63
CA ILE A 137 -5.41 13.42 -27.86
C ILE A 137 -4.22 13.95 -28.64
N SER A 138 -4.46 14.36 -29.88
CA SER A 138 -3.40 14.89 -30.73
C SER A 138 -3.22 16.39 -30.51
N GLU A 139 -2.49 16.75 -29.47
CA GLU A 139 -2.26 18.16 -29.14
C GLU A 139 -1.70 18.89 -30.36
N GLY A 140 -1.90 20.22 -30.38
CA GLY A 140 -1.41 21.02 -31.48
C GLY A 140 -2.54 21.59 -32.31
N ASP A 141 -3.71 20.97 -32.24
CA ASP A 141 -4.87 21.43 -32.99
C ASP A 141 -5.41 22.74 -32.41
N ASP A 3 4.60 19.07 -23.59
CA ASP A 3 3.58 18.34 -24.36
C ASP A 3 4.23 17.21 -25.15
N VAL A 4 4.07 15.98 -24.66
CA VAL A 4 4.63 14.81 -25.32
C VAL A 4 3.66 13.63 -25.27
N TYR A 5 3.68 12.82 -26.31
CA TYR A 5 2.79 11.65 -26.39
C TYR A 5 3.59 10.36 -26.23
N THR A 6 2.91 9.30 -25.79
CA THR A 6 3.55 8.01 -25.60
C THR A 6 2.73 6.90 -26.26
N SER A 7 3.17 5.66 -26.06
CA SER A 7 2.49 4.51 -26.64
C SER A 7 1.66 3.78 -25.58
N ILE A 8 1.07 2.66 -25.97
CA ILE A 8 0.25 1.87 -25.05
C ILE A 8 1.07 0.82 -24.34
N HIS A 9 1.02 0.83 -23.01
CA HIS A 9 1.77 -0.14 -22.20
C HIS A 9 1.17 -0.25 -20.80
N ILE A 10 1.46 -1.36 -20.13
CA ILE A 10 0.95 -1.59 -18.79
C ILE A 10 2.08 -1.58 -17.76
N GLU A 11 1.79 -1.03 -16.58
CA GLU A 11 2.79 -0.96 -15.51
C GLU A 11 2.79 -2.24 -14.68
N GLU A 12 3.82 -2.40 -13.86
CA GLU A 12 3.94 -3.58 -13.01
C GLU A 12 4.52 -3.20 -11.65
N TYR A 13 3.70 -3.31 -10.61
CA TYR A 13 4.12 -2.99 -9.25
C TYR A 13 4.13 -4.23 -8.38
N GLU A 14 5.07 -4.28 -7.43
CA GLU A 14 5.18 -5.41 -6.52
C GLU A 14 4.89 -4.98 -5.08
N SER A 15 4.12 -5.80 -4.37
CA SER A 15 3.78 -5.51 -2.99
C SER A 15 3.64 -6.79 -2.18
N GLU A 16 4.58 -7.02 -1.27
CA GLU A 16 4.56 -8.21 -0.43
C GLU A 16 4.76 -7.85 1.03
N ALA A 17 4.05 -8.55 1.92
CA ALA A 17 4.15 -8.31 3.35
C ALA A 17 5.42 -8.92 3.93
N ARG A 18 6.45 -8.09 4.10
CA ARG A 18 7.72 -8.56 4.64
C ARG A 18 7.67 -8.62 6.17
N ASP A 19 8.11 -9.75 6.72
CA ASP A 19 8.12 -9.92 8.17
C ASP A 19 9.06 -8.93 8.84
N THR A 20 8.60 -8.31 9.92
CA THR A 20 9.39 -7.34 10.65
C THR A 20 10.35 -8.03 11.62
N LYS A 21 11.30 -7.26 12.14
CA LYS A 21 12.28 -7.79 13.09
C LYS A 21 11.76 -7.70 14.52
N LEU A 22 10.52 -7.29 14.67
CA LEU A 22 9.90 -7.15 15.98
C LEU A 22 8.98 -8.33 16.28
N GLY A 23 8.88 -9.25 15.33
CA GLY A 23 8.04 -10.41 15.51
C GLY A 23 6.61 -10.18 15.06
N PRO A 24 6.39 -10.23 13.74
CA PRO A 24 5.07 -10.02 13.15
C PRO A 24 4.11 -11.16 13.46
N GLU A 25 2.85 -10.98 13.09
CA GLU A 25 1.83 -12.00 13.33
C GLU A 25 0.89 -12.12 12.13
N GLU A 26 0.45 -10.98 11.62
CA GLU A 26 -0.45 -10.97 10.47
C GLU A 26 -0.42 -9.61 9.77
N ILE A 27 -0.80 -9.59 8.50
CA ILE A 27 -0.82 -8.36 7.72
C ILE A 27 -2.03 -7.51 8.07
N THR A 28 -1.86 -6.19 8.01
CA THR A 28 -2.95 -5.27 8.32
C THR A 28 -2.75 -3.93 7.62
N ARG A 29 -3.68 -3.02 7.81
CA ARG A 29 -3.62 -1.70 7.19
C ARG A 29 -3.62 -0.60 8.25
N ASP A 30 -2.57 0.22 8.25
CA ASP A 30 -2.45 1.31 9.20
C ASP A 30 -1.71 2.49 8.59
N ILE A 31 -2.46 3.48 8.12
CA ILE A 31 -1.87 4.66 7.50
C ILE A 31 -2.43 5.94 8.14
N PRO A 32 -1.86 6.32 9.29
CA PRO A 32 -2.27 7.52 10.02
C PRO A 32 -1.88 8.81 9.29
N ASN A 33 -2.47 9.92 9.70
CA ASN A 33 -2.19 11.21 9.08
C ASN A 33 -2.65 11.23 7.63
N VAL A 34 -3.46 10.24 7.25
CA VAL A 34 -3.96 10.15 5.89
C VAL A 34 -5.49 10.15 5.86
N GLY A 35 -6.06 10.99 5.02
CA GLY A 35 -7.50 11.07 4.91
C GLY A 35 -8.13 9.77 4.45
N GLU A 36 -9.33 9.49 4.94
CA GLU A 36 -10.03 8.26 4.59
C GLU A 36 -10.26 8.19 3.08
N ASP A 37 -10.35 9.34 2.43
CA ASP A 37 -10.56 9.41 1.00
C ASP A 37 -9.50 8.61 0.26
N ALA A 38 -8.28 8.60 0.79
CA ALA A 38 -7.17 7.87 0.19
C ALA A 38 -7.45 6.37 0.17
N LEU A 39 -8.33 5.92 1.06
CA LEU A 39 -8.68 4.51 1.14
C LEU A 39 -10.18 4.31 0.96
N ARG A 40 -10.85 5.33 0.46
CA ARG A 40 -12.29 5.27 0.23
C ARG A 40 -12.66 4.03 -0.58
N ASN A 41 -11.83 3.71 -1.57
CA ASN A 41 -12.07 2.55 -2.41
C ASN A 41 -11.52 1.28 -1.77
N LEU A 42 -10.61 1.45 -0.81
CA LEU A 42 -10.02 0.32 -0.11
C LEU A 42 -11.09 -0.62 0.42
N ASP A 43 -10.81 -1.92 0.40
CA ASP A 43 -11.74 -2.92 0.89
C ASP A 43 -11.34 -3.42 2.27
N ASP A 44 -11.99 -4.47 2.73
CA ASP A 44 -11.70 -5.05 4.03
C ASP A 44 -10.32 -5.69 4.06
N ARG A 45 -9.82 -6.04 2.87
CA ARG A 45 -8.51 -6.67 2.75
C ARG A 45 -7.40 -5.64 2.91
N GLY A 46 -7.72 -4.37 2.68
CA GLY A 46 -6.74 -3.32 2.81
C GLY A 46 -6.12 -2.94 1.47
N VAL A 47 -6.82 -3.25 0.39
CA VAL A 47 -6.34 -2.94 -0.96
C VAL A 47 -7.41 -2.23 -1.77
N ILE A 48 -6.99 -1.29 -2.60
CA ILE A 48 -7.92 -0.55 -3.44
C ILE A 48 -8.53 -1.44 -4.51
N ARG A 49 -9.86 -1.47 -4.57
CA ARG A 49 -10.58 -2.28 -5.55
C ARG A 49 -10.28 -1.81 -6.96
N ILE A 50 -10.37 -2.73 -7.92
CA ILE A 50 -10.10 -2.41 -9.31
C ILE A 50 -11.07 -1.35 -9.83
N GLY A 51 -10.58 -0.50 -10.73
CA GLY A 51 -11.42 0.54 -11.29
C GLY A 51 -11.21 1.88 -10.59
N ALA A 52 -10.15 1.97 -9.80
CA ALA A 52 -9.84 3.20 -9.08
C ALA A 52 -8.69 3.96 -9.75
N GLU A 53 -8.88 5.26 -9.96
CA GLU A 53 -7.86 6.09 -10.58
C GLU A 53 -6.63 6.22 -9.69
N VAL A 54 -5.51 6.59 -10.28
CA VAL A 54 -4.27 6.75 -9.54
C VAL A 54 -4.10 8.18 -9.05
N LYS A 55 -3.52 8.33 -7.87
CA LYS A 55 -3.30 9.66 -7.27
C LYS A 55 -2.23 9.59 -6.19
N ASP A 56 -1.37 10.61 -6.15
CA ASP A 56 -0.31 10.68 -5.16
C ASP A 56 -0.87 10.47 -3.75
N GLY A 57 -0.20 9.61 -2.99
CA GLY A 57 -0.65 9.34 -1.63
C GLY A 57 -1.49 8.09 -1.53
N ASP A 58 -1.65 7.39 -2.65
CA ASP A 58 -2.44 6.17 -2.69
C ASP A 58 -1.53 4.94 -2.78
N LEU A 59 -1.31 4.30 -1.64
CA LEU A 59 -0.46 3.11 -1.59
C LEU A 59 -1.08 1.97 -2.38
N LEU A 60 -2.41 1.92 -2.42
CA LEU A 60 -3.13 0.89 -3.14
C LEU A 60 -2.82 -0.49 -2.56
N VAL A 61 -2.31 -0.51 -1.33
CA VAL A 61 -1.97 -1.75 -0.66
C VAL A 61 -1.76 -1.54 0.84
N GLY A 62 -2.29 -2.46 1.64
CA GLY A 62 -2.16 -2.36 3.08
C GLY A 62 -1.05 -3.24 3.63
N LYS A 63 0.09 -2.63 3.92
CA LYS A 63 1.23 -3.37 4.45
C LYS A 63 1.87 -2.62 5.61
N VAL A 64 1.51 -3.03 6.83
CA VAL A 64 2.05 -2.40 8.03
C VAL A 64 2.36 -3.43 9.11
N THR A 65 3.59 -3.39 9.62
CA THR A 65 4.01 -4.33 10.66
C THR A 65 4.07 -3.65 12.02
N PRO A 66 4.01 -4.47 13.08
CA PRO A 66 4.06 -3.96 14.46
C PRO A 66 5.44 -3.41 14.83
N LYS A 67 5.48 -2.58 15.86
CA LYS A 67 6.74 -1.99 16.31
C LYS A 67 7.00 -2.34 17.78
N GLY A 68 8.18 -1.95 18.27
CA GLY A 68 8.53 -2.23 19.65
C GLY A 68 8.38 -1.02 20.55
N VAL A 69 8.13 -1.27 21.83
CA VAL A 69 7.95 -0.20 22.80
C VAL A 69 9.29 0.25 23.37
N THR A 70 10.27 -0.64 23.32
CA THR A 70 11.60 -0.34 23.85
C THR A 70 12.53 0.15 22.74
N GLU A 71 11.94 0.70 21.68
CA GLU A 71 12.71 1.20 20.55
C GLU A 71 12.15 2.53 20.05
N LEU A 72 11.46 3.25 20.94
CA LEU A 72 10.86 4.53 20.60
C LEU A 72 11.87 5.66 20.75
N THR A 73 11.57 6.81 20.15
CA THR A 73 12.45 7.96 20.23
C THR A 73 12.08 8.87 21.40
N ALA A 74 13.02 9.70 21.83
CA ALA A 74 12.78 10.61 22.93
C ALA A 74 11.57 11.50 22.67
N GLU A 75 11.28 11.72 21.39
CA GLU A 75 10.14 12.55 21.00
C GLU A 75 8.83 11.78 21.15
N GLU A 76 8.89 10.48 20.90
CA GLU A 76 7.70 9.63 21.01
C GLU A 76 7.41 9.28 22.47
N ARG A 77 8.45 8.85 23.18
CA ARG A 77 8.30 8.48 24.58
C ARG A 77 7.65 9.61 25.38
N LEU A 78 7.92 10.85 24.98
CA LEU A 78 7.36 12.01 25.65
C LEU A 78 5.96 12.32 25.12
N LEU A 79 5.69 11.91 23.88
CA LEU A 79 4.40 12.14 23.27
C LEU A 79 3.27 11.58 24.12
N HIS A 80 3.60 10.58 24.94
CA HIS A 80 2.61 9.96 25.81
C HIS A 80 2.00 10.98 26.76
N ALA A 81 2.85 11.84 27.31
CA ALA A 81 2.39 12.87 28.24
C ALA A 81 1.58 13.94 27.52
N ILE A 82 1.85 14.09 26.23
CA ILE A 82 1.15 15.09 25.42
C ILE A 82 -0.32 14.71 25.24
N PHE A 83 -0.56 13.53 24.68
CA PHE A 83 -1.92 13.05 24.45
C PHE A 83 -2.56 12.58 25.76
N GLY A 84 -1.73 12.18 26.71
CA GLY A 84 -2.22 11.72 27.98
C GLY A 84 -2.87 10.34 27.89
N GLU A 85 -2.50 9.59 26.87
CA GLU A 85 -3.04 8.25 26.68
C GLU A 85 -2.13 7.40 25.80
N LYS A 86 -2.31 6.09 25.85
CA LYS A 86 -1.50 5.17 25.07
C LYS A 86 -1.88 5.24 23.58
N ALA A 87 -0.88 5.11 22.72
CA ALA A 87 -1.10 5.15 21.28
C ALA A 87 -0.35 4.04 20.57
N ARG A 88 -1.04 3.34 19.68
CA ARG A 88 -0.44 2.24 18.93
C ARG A 88 0.46 2.77 17.82
N GLU A 89 1.72 2.34 17.83
CA GLU A 89 2.68 2.77 16.82
C GLU A 89 3.17 1.59 15.98
N VAL A 90 3.15 1.76 14.66
CA VAL A 90 3.59 0.71 13.76
C VAL A 90 4.39 1.28 12.60
N ARG A 91 4.92 0.40 11.75
CA ARG A 91 5.72 0.82 10.60
C ARG A 91 4.96 0.55 9.30
N ASP A 92 5.05 1.50 8.36
CA ASP A 92 4.37 1.36 7.08
C ASP A 92 5.34 0.82 6.02
N THR A 93 5.10 -0.41 5.57
CA THR A 93 5.94 -1.04 4.57
C THR A 93 5.22 -1.13 3.22
N SER A 94 4.14 -0.37 3.09
CA SER A 94 3.35 -0.37 1.86
C SER A 94 4.17 0.18 0.71
N LEU A 95 3.65 0.04 -0.51
CA LEU A 95 4.34 0.51 -1.71
C LEU A 95 4.08 2.00 -1.92
N ARG A 96 5.06 2.68 -2.52
CA ARG A 96 4.94 4.11 -2.78
C ARG A 96 4.49 4.37 -4.22
N VAL A 97 3.33 4.98 -4.37
CA VAL A 97 2.79 5.29 -5.69
C VAL A 97 3.18 6.69 -6.13
N PRO A 98 3.66 6.80 -7.38
CA PRO A 98 4.08 8.08 -7.95
C PRO A 98 2.90 9.02 -8.23
N HIS A 99 3.19 10.31 -8.37
CA HIS A 99 2.16 11.30 -8.63
C HIS A 99 1.50 11.06 -9.99
N GLY A 100 0.18 10.88 -9.98
CA GLY A 100 -0.54 10.65 -11.22
C GLY A 100 -0.56 9.18 -11.61
N GLY A 101 0.62 8.56 -11.61
CA GLY A 101 0.71 7.15 -11.97
C GLY A 101 0.78 6.94 -13.47
N GLY A 102 0.05 7.77 -14.23
CA GLY A 102 0.06 7.64 -15.67
C GLY A 102 -1.19 6.97 -16.20
N GLY A 103 -1.65 5.94 -15.49
CA GLY A 103 -2.84 5.22 -15.90
C GLY A 103 -3.82 5.00 -14.76
N ILE A 104 -4.70 4.03 -14.93
CA ILE A 104 -5.70 3.72 -13.91
C ILE A 104 -5.70 2.23 -13.57
N ILE A 105 -6.00 1.92 -12.32
CA ILE A 105 -6.05 0.53 -11.86
C ILE A 105 -7.14 -0.25 -12.58
N HIS A 106 -6.76 -1.05 -13.56
CA HIS A 106 -7.72 -1.85 -14.33
C HIS A 106 -7.64 -3.32 -13.92
N ASP A 107 -6.52 -3.69 -13.30
CA ASP A 107 -6.33 -5.07 -12.85
C ASP A 107 -5.47 -5.12 -11.59
N VAL A 108 -5.74 -6.12 -10.74
CA VAL A 108 -4.98 -6.27 -9.50
C VAL A 108 -4.90 -7.73 -9.09
N LYS A 109 -3.68 -8.24 -8.95
CA LYS A 109 -3.47 -9.63 -8.55
C LYS A 109 -3.13 -9.72 -7.08
N VAL A 110 -3.64 -10.76 -6.41
CA VAL A 110 -3.38 -10.97 -4.99
C VAL A 110 -3.33 -12.45 -4.66
N PHE A 111 -2.23 -12.87 -4.03
CA PHE A 111 -2.06 -14.27 -3.64
C PHE A 111 -1.92 -14.40 -2.13
N ASN A 112 -2.42 -15.52 -1.59
CA ASN A 112 -2.36 -15.77 -0.17
C ASN A 112 -1.79 -17.16 0.12
N ARG A 113 -0.98 -17.26 1.17
CA ARG A 113 -0.37 -18.53 1.54
C ARG A 113 -1.44 -19.56 1.93
N GLU A 114 -2.52 -19.08 2.54
CA GLU A 114 -3.61 -19.95 2.96
C GLU A 114 -4.20 -20.69 1.76
N ASP A 115 -4.09 -20.09 0.58
CA ASP A 115 -4.61 -20.71 -0.64
C ASP A 115 -3.72 -21.86 -1.08
N GLY A 116 -2.48 -21.85 -0.61
CA GLY A 116 -1.54 -22.91 -0.98
C GLY A 116 -0.47 -22.42 -1.94
N ASP A 117 -0.28 -21.11 -1.99
CA ASP A 117 0.73 -20.51 -2.86
C ASP A 117 2.06 -20.36 -2.14
N GLU A 118 3.03 -21.19 -2.51
CA GLU A 118 4.35 -21.14 -1.90
C GLU A 118 4.98 -19.76 -2.06
N LEU A 119 5.61 -19.28 -1.00
CA LEU A 119 6.26 -17.97 -1.04
C LEU A 119 7.68 -18.05 -0.49
N PRO A 120 8.51 -17.06 -0.85
CA PRO A 120 9.91 -17.00 -0.41
C PRO A 120 10.03 -16.69 1.08
N PRO A 121 11.24 -16.87 1.62
CA PRO A 121 11.52 -16.62 3.03
C PRO A 121 11.48 -15.13 3.37
N GLY A 122 10.62 -14.75 4.32
CA GLY A 122 10.51 -13.36 4.71
C GLY A 122 9.24 -12.72 4.20
N VAL A 123 8.57 -13.39 3.26
CA VAL A 123 7.33 -12.87 2.69
C VAL A 123 6.12 -13.63 3.22
N ASN A 124 5.05 -12.89 3.50
CA ASN A 124 3.83 -13.50 4.02
C ASN A 124 2.74 -13.51 2.96
N GLN A 125 2.71 -12.47 2.13
CA GLN A 125 1.71 -12.37 1.07
C GLN A 125 2.32 -11.75 -0.18
N LEU A 126 1.61 -11.86 -1.31
CA LEU A 126 2.07 -11.31 -2.56
C LEU A 126 0.94 -10.59 -3.30
N VAL A 127 1.21 -9.38 -3.78
CA VAL A 127 0.22 -8.61 -4.51
C VAL A 127 0.87 -7.75 -5.59
N ARG A 128 0.26 -7.74 -6.77
CA ARG A 128 0.79 -6.97 -7.89
C ARG A 128 -0.30 -6.09 -8.49
N VAL A 129 0.07 -4.85 -8.83
CA VAL A 129 -0.88 -3.91 -9.42
C VAL A 129 -0.69 -3.80 -10.92
N TYR A 130 -1.77 -3.52 -11.64
CA TYR A 130 -1.72 -3.40 -13.09
C TYR A 130 -2.35 -2.08 -13.54
N ILE A 131 -1.55 -1.24 -14.18
CA ILE A 131 -2.03 0.05 -14.67
C ILE A 131 -1.83 0.18 -16.18
N VAL A 132 -2.93 0.37 -16.89
CA VAL A 132 -2.88 0.53 -18.35
C VAL A 132 -2.76 1.99 -18.75
N GLN A 133 -1.85 2.26 -19.68
CA GLN A 133 -1.63 3.62 -20.15
C GLN A 133 -2.54 3.93 -21.34
N LYS A 134 -3.29 5.02 -21.24
CA LYS A 134 -4.20 5.43 -22.30
C LYS A 134 -3.44 5.70 -23.60
N ARG A 135 -4.06 5.38 -24.73
CA ARG A 135 -3.44 5.59 -26.03
C ARG A 135 -3.72 7.00 -26.54
N LYS A 136 -2.90 7.44 -27.49
CA LYS A 136 -3.06 8.77 -28.08
C LYS A 136 -4.49 8.99 -28.55
N ILE A 137 -4.95 10.24 -28.47
CA ILE A 137 -6.30 10.58 -28.90
C ILE A 137 -6.57 10.06 -30.31
N SER A 138 -7.84 10.09 -30.71
CA SER A 138 -8.24 9.63 -32.03
C SER A 138 -7.41 10.31 -33.12
N GLU A 139 -6.74 9.50 -33.93
CA GLU A 139 -5.91 10.01 -35.01
C GLU A 139 -6.78 10.55 -36.15
N GLY A 140 -6.18 11.38 -37.00
CA GLY A 140 -6.91 11.95 -38.13
C GLY A 140 -7.39 13.37 -37.85
N ASP A 141 -6.90 13.94 -36.76
CA ASP A 141 -7.28 15.30 -36.38
C ASP A 141 -6.93 16.30 -37.48
N ASP A 3 2.90 11.97 -38.35
CA ASP A 3 1.85 11.36 -37.54
C ASP A 3 2.27 9.98 -37.07
N VAL A 4 2.52 9.85 -35.77
CA VAL A 4 2.93 8.58 -35.18
C VAL A 4 1.92 8.08 -34.17
N TYR A 5 1.81 6.76 -34.03
CA TYR A 5 0.88 6.16 -33.10
C TYR A 5 1.60 5.23 -32.13
N THR A 6 1.22 5.30 -30.85
CA THR A 6 1.84 4.47 -29.83
C THR A 6 0.80 3.57 -29.16
N SER A 7 1.25 2.47 -28.57
CA SER A 7 0.37 1.54 -27.90
C SER A 7 0.20 1.91 -26.43
N ILE A 8 -0.50 1.06 -25.69
CA ILE A 8 -0.73 1.29 -24.27
C ILE A 8 0.29 0.56 -23.41
N HIS A 9 0.94 1.30 -22.51
CA HIS A 9 1.95 0.73 -21.62
C HIS A 9 1.29 -0.02 -20.46
N ILE A 10 2.04 -0.91 -19.85
CA ILE A 10 1.53 -1.69 -18.72
C ILE A 10 2.46 -1.58 -17.51
N GLU A 11 1.94 -1.03 -16.42
CA GLU A 11 2.73 -0.86 -15.20
C GLU A 11 2.74 -2.15 -14.39
N GLU A 12 3.77 -2.31 -13.56
CA GLU A 12 3.91 -3.50 -12.74
C GLU A 12 4.47 -3.15 -11.36
N TYR A 13 3.64 -3.29 -10.33
CA TYR A 13 4.05 -2.98 -8.97
C TYR A 13 4.11 -4.24 -8.12
N GLU A 14 5.05 -4.28 -7.18
CA GLU A 14 5.21 -5.43 -6.31
C GLU A 14 4.93 -5.05 -4.85
N SER A 15 4.25 -5.95 -4.14
CA SER A 15 3.90 -5.71 -2.74
C SER A 15 3.79 -7.02 -1.98
N GLU A 16 4.76 -7.30 -1.12
CA GLU A 16 4.77 -8.52 -0.33
C GLU A 16 5.03 -8.22 1.15
N ALA A 17 4.26 -8.85 2.02
CA ALA A 17 4.41 -8.65 3.46
C ALA A 17 5.67 -9.36 3.98
N ARG A 18 6.74 -8.59 4.12
CA ARG A 18 8.00 -9.15 4.62
C ARG A 18 8.01 -9.21 6.13
N ASP A 19 8.59 -10.29 6.67
CA ASP A 19 8.66 -10.46 8.11
C ASP A 19 9.60 -9.44 8.75
N THR A 20 9.13 -8.79 9.80
CA THR A 20 9.92 -7.77 10.49
C THR A 20 10.89 -8.42 11.48
N LYS A 21 11.83 -7.63 11.98
CA LYS A 21 12.81 -8.12 12.95
C LYS A 21 12.31 -7.96 14.37
N LEU A 22 11.06 -7.54 14.51
CA LEU A 22 10.46 -7.34 15.82
C LEU A 22 9.51 -8.50 16.16
N GLY A 23 9.37 -9.44 15.23
CA GLY A 23 8.50 -10.58 15.45
C GLY A 23 7.09 -10.35 14.94
N PRO A 24 6.92 -10.49 13.61
CA PRO A 24 5.61 -10.30 12.96
C PRO A 24 4.62 -11.40 13.32
N GLU A 25 3.36 -11.17 12.99
CA GLU A 25 2.31 -12.15 13.28
C GLU A 25 1.31 -12.22 12.13
N GLU A 26 0.89 -11.06 11.64
CA GLU A 26 -0.07 -11.01 10.54
C GLU A 26 -0.02 -9.65 9.85
N ILE A 27 -0.46 -9.60 8.60
CA ILE A 27 -0.47 -8.37 7.83
C ILE A 27 -1.75 -7.57 8.08
N THR A 28 -1.63 -6.25 8.07
CA THR A 28 -2.77 -5.37 8.29
C THR A 28 -2.61 -4.05 7.56
N ARG A 29 -3.60 -3.18 7.69
CA ARG A 29 -3.56 -1.87 7.05
C ARG A 29 -3.66 -0.75 8.08
N ASP A 30 -2.66 0.13 8.08
CA ASP A 30 -2.63 1.25 9.01
C ASP A 30 -1.93 2.46 8.40
N ILE A 31 -2.72 3.33 7.79
CA ILE A 31 -2.17 4.53 7.16
C ILE A 31 -2.85 5.79 7.68
N PRO A 32 -2.39 6.26 8.86
CA PRO A 32 -2.93 7.46 9.50
C PRO A 32 -2.58 8.73 8.74
N ASN A 33 -3.37 9.78 8.95
CA ASN A 33 -3.13 11.06 8.29
C ASN A 33 -3.30 10.93 6.77
N VAL A 34 -4.01 9.89 6.36
CA VAL A 34 -4.25 9.64 4.94
C VAL A 34 -5.51 10.34 4.46
N GLY A 35 -5.56 10.65 3.17
CA GLY A 35 -6.72 11.32 2.61
C GLY A 35 -7.94 10.41 2.56
N GLU A 36 -9.10 10.97 2.90
CA GLU A 36 -10.34 10.21 2.91
C GLU A 36 -10.62 9.62 1.51
N ASP A 37 -10.29 10.38 0.48
CA ASP A 37 -10.50 9.94 -0.88
C ASP A 37 -9.57 8.79 -1.24
N ALA A 38 -8.36 8.82 -0.68
CA ALA A 38 -7.38 7.77 -0.94
C ALA A 38 -7.85 6.43 -0.39
N LEU A 39 -8.76 6.47 0.58
CA LEU A 39 -9.29 5.26 1.18
C LEU A 39 -10.78 5.10 0.87
N ARG A 40 -11.26 5.86 -0.11
CA ARG A 40 -12.67 5.82 -0.49
C ARG A 40 -12.97 4.53 -1.25
N ASN A 41 -11.95 3.95 -1.87
CA ASN A 41 -12.11 2.71 -2.63
C ASN A 41 -11.57 1.52 -1.84
N LEU A 42 -10.60 1.77 -0.97
CA LEU A 42 -10.01 0.73 -0.17
C LEU A 42 -11.07 -0.06 0.59
N ASP A 43 -10.90 -1.37 0.66
CA ASP A 43 -11.84 -2.24 1.34
C ASP A 43 -11.31 -2.67 2.70
N ASP A 44 -11.98 -3.61 3.34
CA ASP A 44 -11.58 -4.11 4.64
C ASP A 44 -10.26 -4.88 4.55
N ARG A 45 -9.90 -5.28 3.33
CA ARG A 45 -8.67 -6.03 3.10
C ARG A 45 -7.47 -5.09 3.12
N GLY A 46 -7.71 -3.80 2.87
CA GLY A 46 -6.64 -2.83 2.87
C GLY A 46 -6.08 -2.58 1.48
N VAL A 47 -6.84 -2.99 0.46
CA VAL A 47 -6.42 -2.82 -0.93
C VAL A 47 -7.50 -2.13 -1.75
N ILE A 48 -7.09 -1.22 -2.61
CA ILE A 48 -8.02 -0.49 -3.47
C ILE A 48 -8.66 -1.41 -4.49
N ARG A 49 -9.98 -1.31 -4.64
CA ARG A 49 -10.71 -2.14 -5.60
C ARG A 49 -10.37 -1.74 -7.03
N ILE A 50 -10.69 -2.62 -7.97
CA ILE A 50 -10.42 -2.36 -9.38
C ILE A 50 -11.36 -1.28 -9.93
N GLY A 51 -10.84 -0.47 -10.85
CA GLY A 51 -11.63 0.59 -11.44
C GLY A 51 -11.48 1.91 -10.71
N ALA A 52 -10.50 1.96 -9.80
CA ALA A 52 -10.25 3.17 -9.03
C ALA A 52 -9.01 3.90 -9.55
N GLU A 53 -9.16 5.20 -9.80
CA GLU A 53 -8.06 6.01 -10.29
C GLU A 53 -6.96 6.15 -9.24
N VAL A 54 -5.71 6.00 -9.67
CA VAL A 54 -4.58 6.11 -8.76
C VAL A 54 -4.04 7.54 -8.72
N LYS A 55 -3.52 7.93 -7.56
CA LYS A 55 -2.98 9.27 -7.38
C LYS A 55 -2.06 9.33 -6.17
N ASP A 56 -1.44 10.49 -5.96
CA ASP A 56 -0.53 10.67 -4.82
C ASP A 56 -1.24 10.39 -3.51
N GLY A 57 -0.64 9.53 -2.69
CA GLY A 57 -1.22 9.18 -1.41
C GLY A 57 -1.98 7.87 -1.45
N ASP A 58 -2.11 7.30 -2.65
CA ASP A 58 -2.82 6.04 -2.82
C ASP A 58 -1.84 4.89 -2.99
N LEU A 59 -1.52 4.22 -1.89
CA LEU A 59 -0.60 3.09 -1.92
C LEU A 59 -1.21 1.90 -2.64
N LEU A 60 -2.53 1.77 -2.53
CA LEU A 60 -3.24 0.67 -3.17
C LEU A 60 -2.85 -0.67 -2.54
N VAL A 61 -2.16 -0.60 -1.41
CA VAL A 61 -1.73 -1.81 -0.70
C VAL A 61 -1.60 -1.56 0.79
N GLY A 62 -2.27 -2.37 1.59
CA GLY A 62 -2.21 -2.22 3.03
C GLY A 62 -1.17 -3.12 3.67
N LYS A 63 -0.02 -2.55 3.98
CA LYS A 63 1.06 -3.31 4.60
C LYS A 63 1.71 -2.51 5.74
N VAL A 64 1.51 -2.98 6.97
CA VAL A 64 2.08 -2.32 8.14
C VAL A 64 2.48 -3.33 9.20
N THR A 65 3.74 -3.26 9.62
CA THR A 65 4.26 -4.17 10.64
C THR A 65 4.30 -3.50 12.01
N PRO A 66 4.26 -4.33 13.07
CA PRO A 66 4.28 -3.83 14.45
C PRO A 66 5.64 -3.25 14.84
N LYS A 67 5.64 -2.36 15.82
CA LYS A 67 6.88 -1.73 16.28
C LYS A 67 7.40 -2.42 17.54
N GLY A 68 8.58 -2.01 17.98
CA GLY A 68 9.18 -2.59 19.18
C GLY A 68 9.04 -1.70 20.39
N VAL A 69 9.27 -2.26 21.57
CA VAL A 69 9.18 -1.51 22.81
C VAL A 69 10.50 -0.83 23.15
N THR A 70 11.60 -1.39 22.64
CA THR A 70 12.92 -0.84 22.89
C THR A 70 13.28 0.22 21.85
N GLU A 71 12.62 0.16 20.69
CA GLU A 71 12.87 1.11 19.62
C GLU A 71 11.86 2.25 19.66
N LEU A 72 11.33 2.52 20.85
CA LEU A 72 10.35 3.58 21.02
C LEU A 72 11.04 4.91 21.32
N THR A 73 10.26 5.99 21.34
CA THR A 73 10.79 7.32 21.61
C THR A 73 10.39 7.79 23.00
N ALA A 74 11.21 8.68 23.56
CA ALA A 74 10.94 9.22 24.89
C ALA A 74 9.61 9.97 24.92
N GLU A 75 9.32 10.68 23.83
CA GLU A 75 8.08 11.45 23.73
C GLU A 75 6.87 10.54 23.86
N GLU A 76 6.97 9.32 23.33
CA GLU A 76 5.89 8.35 23.39
C GLU A 76 5.58 7.96 24.83
N ARG A 77 6.62 7.94 25.66
CA ARG A 77 6.46 7.58 27.06
C ARG A 77 5.74 8.69 27.83
N LEU A 78 6.21 9.91 27.67
CA LEU A 78 5.61 11.06 28.34
C LEU A 78 4.24 11.39 27.76
N LEU A 79 4.05 11.02 26.50
CA LEU A 79 2.77 11.28 25.82
C LEU A 79 1.62 10.65 26.58
N HIS A 80 1.91 9.60 27.35
CA HIS A 80 0.89 8.91 28.12
C HIS A 80 0.20 9.87 29.09
N ALA A 81 0.95 10.85 29.57
CA ALA A 81 0.41 11.84 30.50
C ALA A 81 -0.48 12.85 29.78
N ILE A 82 -0.23 13.02 28.48
CA ILE A 82 -1.00 13.95 27.66
C ILE A 82 -2.38 13.38 27.34
N PHE A 83 -2.40 12.26 26.64
CA PHE A 83 -3.65 11.60 26.26
C PHE A 83 -4.27 10.89 27.45
N GLY A 84 -3.43 10.49 28.40
CA GLY A 84 -3.92 9.80 29.59
C GLY A 84 -4.37 8.39 29.28
N GLU A 85 -3.83 7.81 28.21
CA GLU A 85 -4.18 6.46 27.81
C GLU A 85 -3.04 5.79 27.07
N LYS A 86 -2.98 4.46 27.13
CA LYS A 86 -1.94 3.70 26.47
C LYS A 86 -1.97 3.94 24.96
N ALA A 87 -0.78 4.07 24.37
CA ALA A 87 -0.67 4.30 22.93
C ALA A 87 0.40 3.41 22.32
N ARG A 88 0.03 2.69 21.26
CA ARG A 88 0.96 1.79 20.57
C ARG A 88 1.45 2.42 19.27
N GLU A 89 2.60 1.95 18.80
CA GLU A 89 3.18 2.46 17.56
C GLU A 89 3.25 1.36 16.50
N VAL A 90 3.28 1.77 15.23
CA VAL A 90 3.35 0.82 14.13
C VAL A 90 4.22 1.35 13.00
N ARG A 91 4.70 0.45 12.15
CA ARG A 91 5.55 0.83 11.03
C ARG A 91 4.81 0.66 9.70
N ASP A 92 4.98 1.63 8.81
CA ASP A 92 4.33 1.59 7.50
C ASP A 92 5.33 1.23 6.40
N THR A 93 5.34 -0.03 5.99
CA THR A 93 6.25 -0.50 4.95
C THR A 93 5.52 -0.65 3.63
N SER A 94 4.36 0.00 3.51
CA SER A 94 3.58 -0.06 2.28
C SER A 94 4.37 0.50 1.09
N LEU A 95 3.84 0.30 -0.10
CA LEU A 95 4.50 0.77 -1.32
C LEU A 95 4.20 2.26 -1.54
N ARG A 96 5.15 2.96 -2.17
CA ARG A 96 5.00 4.38 -2.44
C ARG A 96 4.52 4.60 -3.87
N VAL A 97 3.31 5.16 -4.01
CA VAL A 97 2.75 5.44 -5.31
C VAL A 97 2.99 6.88 -5.74
N PRO A 98 3.43 7.07 -6.99
CA PRO A 98 3.72 8.40 -7.54
C PRO A 98 2.45 9.21 -7.76
N HIS A 99 2.62 10.53 -7.90
CA HIS A 99 1.49 11.42 -8.12
C HIS A 99 0.81 11.12 -9.46
N GLY A 100 -0.49 10.83 -9.41
CA GLY A 100 -1.23 10.53 -10.62
C GLY A 100 -1.08 9.09 -11.05
N GLY A 101 0.16 8.61 -11.13
CA GLY A 101 0.41 7.25 -11.53
C GLY A 101 0.51 7.09 -13.04
N GLY A 102 -0.28 7.87 -13.76
CA GLY A 102 -0.27 7.80 -15.21
C GLY A 102 -1.46 7.03 -15.77
N GLY A 103 -1.87 6.00 -15.05
CA GLY A 103 -3.00 5.20 -15.49
C GLY A 103 -4.00 4.93 -14.38
N ILE A 104 -4.82 3.90 -14.55
CA ILE A 104 -5.83 3.55 -13.56
C ILE A 104 -5.79 2.06 -13.25
N ILE A 105 -6.15 1.70 -12.02
CA ILE A 105 -6.18 0.30 -11.61
C ILE A 105 -7.21 -0.49 -12.40
N HIS A 106 -6.73 -1.29 -13.35
CA HIS A 106 -7.62 -2.10 -14.17
C HIS A 106 -7.55 -3.57 -13.76
N ASP A 107 -6.36 -4.00 -13.35
CA ASP A 107 -6.16 -5.39 -12.92
C ASP A 107 -5.32 -5.45 -11.65
N VAL A 108 -5.53 -6.48 -10.85
CA VAL A 108 -4.79 -6.66 -9.61
C VAL A 108 -4.64 -8.13 -9.26
N LYS A 109 -3.43 -8.52 -8.85
CA LYS A 109 -3.15 -9.91 -8.49
C LYS A 109 -2.86 -10.02 -7.00
N VAL A 110 -3.33 -11.11 -6.40
CA VAL A 110 -3.11 -11.36 -4.98
C VAL A 110 -2.98 -12.84 -4.68
N PHE A 111 -1.88 -13.23 -4.05
CA PHE A 111 -1.64 -14.62 -3.71
C PHE A 111 -1.47 -14.79 -2.20
N ASN A 112 -2.24 -15.72 -1.63
CA ASN A 112 -2.19 -15.98 -0.20
C ASN A 112 -1.71 -17.39 0.08
N ARG A 113 -0.84 -17.54 1.06
CA ARG A 113 -0.29 -18.85 1.42
C ARG A 113 -1.41 -19.79 1.86
N GLU A 114 -2.39 -19.25 2.58
CA GLU A 114 -3.51 -20.04 3.06
C GLU A 114 -4.26 -20.68 1.90
N ASP A 115 -4.27 -20.00 0.76
CA ASP A 115 -4.96 -20.51 -0.42
C ASP A 115 -4.16 -21.65 -1.06
N GLY A 116 -2.89 -21.77 -0.68
CA GLY A 116 -2.05 -22.82 -1.23
C GLY A 116 -1.02 -22.29 -2.19
N ASP A 117 -0.71 -21.01 -2.08
CA ASP A 117 0.29 -20.37 -2.95
C ASP A 117 1.64 -20.30 -2.27
N GLU A 118 2.58 -21.12 -2.74
CA GLU A 118 3.93 -21.15 -2.17
C GLU A 118 4.59 -19.78 -2.28
N LEU A 119 5.51 -19.50 -1.36
CA LEU A 119 6.22 -18.22 -1.36
C LEU A 119 7.64 -18.39 -0.82
N PRO A 120 8.52 -17.44 -1.16
CA PRO A 120 9.91 -17.46 -0.72
C PRO A 120 10.05 -17.19 0.78
N PRO A 121 11.25 -17.43 1.31
CA PRO A 121 11.54 -17.21 2.74
C PRO A 121 11.57 -15.74 3.11
N GLY A 122 10.74 -15.37 4.07
CA GLY A 122 10.69 -13.98 4.51
C GLY A 122 9.40 -13.28 4.06
N VAL A 123 8.70 -13.89 3.11
CA VAL A 123 7.47 -13.32 2.60
C VAL A 123 6.25 -14.07 3.15
N ASN A 124 5.18 -13.33 3.41
CA ASN A 124 3.96 -13.92 3.93
C ASN A 124 2.81 -13.82 2.93
N GLN A 125 2.88 -12.78 2.09
CA GLN A 125 1.85 -12.56 1.06
C GLN A 125 2.44 -11.89 -0.17
N LEU A 126 1.74 -12.00 -1.29
CA LEU A 126 2.19 -11.39 -2.54
C LEU A 126 1.04 -10.70 -3.25
N VAL A 127 1.29 -9.46 -3.69
CA VAL A 127 0.28 -8.68 -4.39
C VAL A 127 0.90 -7.81 -5.46
N ARG A 128 0.35 -7.86 -6.66
CA ARG A 128 0.85 -7.06 -7.77
C ARG A 128 -0.25 -6.20 -8.38
N VAL A 129 0.07 -4.94 -8.65
CA VAL A 129 -0.89 -4.01 -9.22
C VAL A 129 -0.63 -3.79 -10.71
N TYR A 130 -1.68 -3.50 -11.45
CA TYR A 130 -1.57 -3.26 -12.89
C TYR A 130 -2.22 -1.94 -13.28
N ILE A 131 -1.43 -1.04 -13.84
CA ILE A 131 -1.93 0.26 -14.26
C ILE A 131 -1.64 0.52 -15.73
N VAL A 132 -2.70 0.55 -16.54
CA VAL A 132 -2.56 0.79 -17.97
C VAL A 132 -2.41 2.27 -18.28
N GLN A 133 -1.44 2.62 -19.12
CA GLN A 133 -1.22 4.00 -19.49
C GLN A 133 -2.09 4.40 -20.68
N LYS A 134 -3.01 5.33 -20.44
CA LYS A 134 -3.91 5.79 -21.48
C LYS A 134 -3.27 6.92 -22.29
N ARG A 135 -3.74 7.11 -23.51
CA ARG A 135 -3.21 8.15 -24.38
C ARG A 135 -3.71 9.52 -23.93
N LYS A 136 -3.11 10.57 -24.50
CA LYS A 136 -3.47 11.94 -24.17
C LYS A 136 -4.17 12.62 -25.34
N ILE A 137 -5.13 13.50 -25.02
CA ILE A 137 -5.87 14.21 -26.06
C ILE A 137 -4.93 14.88 -27.05
N SER A 138 -5.48 15.37 -28.15
CA SER A 138 -4.70 16.04 -29.18
C SER A 138 -4.64 17.54 -28.94
N GLU A 139 -3.44 18.05 -28.68
CA GLU A 139 -3.26 19.48 -28.43
C GLU A 139 -1.78 19.82 -28.35
N GLY A 140 -1.39 20.91 -29.01
CA GLY A 140 -0.01 21.34 -29.01
C GLY A 140 0.76 20.82 -30.20
N ASP A 141 0.27 19.75 -30.81
CA ASP A 141 0.92 19.14 -31.97
C ASP A 141 -0.11 18.78 -33.03
N ASP A 3 6.78 6.70 -40.17
CA ASP A 3 6.54 6.97 -38.74
C ASP A 3 6.16 5.69 -38.01
N VAL A 4 6.29 5.72 -36.68
CA VAL A 4 5.95 4.56 -35.86
C VAL A 4 5.03 4.95 -34.72
N TYR A 5 4.20 4.00 -34.28
CA TYR A 5 3.27 4.25 -33.19
C TYR A 5 3.33 3.14 -32.15
N THR A 6 3.17 3.51 -30.89
CA THR A 6 3.22 2.55 -29.79
C THR A 6 1.83 2.32 -29.21
N SER A 7 1.63 1.16 -28.60
CA SER A 7 0.35 0.82 -27.99
C SER A 7 0.34 1.16 -26.51
N ILE A 8 -0.73 0.78 -25.82
CA ILE A 8 -0.87 1.06 -24.41
C ILE A 8 0.15 0.24 -23.59
N HIS A 9 0.79 0.91 -22.64
CA HIS A 9 1.78 0.26 -21.78
C HIS A 9 1.11 -0.38 -20.57
N ILE A 10 1.81 -1.33 -19.96
CA ILE A 10 1.29 -2.02 -18.79
C ILE A 10 2.26 -1.91 -17.62
N GLU A 11 1.79 -1.31 -16.52
CA GLU A 11 2.61 -1.15 -15.33
C GLU A 11 2.61 -2.43 -14.49
N GLU A 12 3.62 -2.55 -13.64
CA GLU A 12 3.74 -3.73 -12.78
C GLU A 12 4.28 -3.34 -11.40
N TYR A 13 3.43 -3.46 -10.39
CA TYR A 13 3.82 -3.11 -9.02
C TYR A 13 3.91 -4.37 -8.15
N GLU A 14 4.82 -4.34 -7.19
CA GLU A 14 5.01 -5.47 -6.29
C GLU A 14 4.73 -5.07 -4.85
N SER A 15 4.26 -6.03 -4.05
CA SER A 15 3.94 -5.78 -2.65
C SER A 15 3.84 -7.08 -1.88
N GLU A 16 4.83 -7.34 -1.03
CA GLU A 16 4.85 -8.56 -0.23
C GLU A 16 5.06 -8.25 1.24
N ALA A 17 4.31 -8.92 2.11
CA ALA A 17 4.42 -8.72 3.54
C ALA A 17 5.70 -9.34 4.10
N ARG A 18 6.72 -8.53 4.28
CA ARG A 18 8.00 -9.01 4.80
C ARG A 18 7.96 -9.09 6.32
N ASP A 19 8.62 -10.11 6.88
CA ASP A 19 8.66 -10.30 8.32
C ASP A 19 9.58 -9.27 8.98
N THR A 20 9.10 -8.64 10.04
CA THR A 20 9.87 -7.64 10.76
C THR A 20 10.82 -8.29 11.76
N LYS A 21 11.75 -7.50 12.28
CA LYS A 21 12.71 -8.00 13.27
C LYS A 21 12.17 -7.85 14.68
N LEU A 22 10.91 -7.44 14.79
CA LEU A 22 10.28 -7.26 16.09
C LEU A 22 9.34 -8.43 16.41
N GLY A 23 9.22 -9.34 15.46
CA GLY A 23 8.35 -10.50 15.66
C GLY A 23 6.96 -10.28 15.11
N PRO A 24 6.81 -10.41 13.78
CA PRO A 24 5.52 -10.24 13.11
C PRO A 24 4.54 -11.36 13.41
N GLU A 25 3.29 -11.15 13.04
CA GLU A 25 2.24 -12.15 13.29
C GLU A 25 1.30 -12.26 12.09
N GLU A 26 0.91 -11.10 11.55
CA GLU A 26 0.01 -11.07 10.40
C GLU A 26 -0.01 -9.68 9.76
N ILE A 27 -0.22 -9.65 8.46
CA ILE A 27 -0.25 -8.39 7.72
C ILE A 27 -1.56 -7.64 7.99
N THR A 28 -1.47 -6.31 8.00
CA THR A 28 -2.64 -5.47 8.25
C THR A 28 -2.50 -4.12 7.57
N ARG A 29 -3.51 -3.28 7.72
CA ARG A 29 -3.50 -1.95 7.10
C ARG A 29 -3.59 -0.86 8.18
N ASP A 30 -2.60 0.03 8.18
CA ASP A 30 -2.57 1.13 9.15
C ASP A 30 -1.92 2.36 8.54
N ILE A 31 -2.74 3.22 7.95
CA ILE A 31 -2.24 4.44 7.34
C ILE A 31 -2.70 5.67 8.12
N PRO A 32 -1.96 5.99 9.20
CA PRO A 32 -2.26 7.14 10.05
C PRO A 32 -1.97 8.46 9.36
N ASN A 33 -2.78 9.48 9.67
CA ASN A 33 -2.62 10.79 9.08
C ASN A 33 -2.86 10.75 7.56
N VAL A 34 -3.77 9.87 7.15
CA VAL A 34 -4.11 9.73 5.74
C VAL A 34 -5.44 10.41 5.41
N GLY A 35 -5.63 10.74 4.14
CA GLY A 35 -6.85 11.40 3.71
C GLY A 35 -7.98 10.41 3.51
N GLU A 36 -9.18 10.79 3.94
CA GLU A 36 -10.36 9.94 3.80
C GLU A 36 -10.56 9.54 2.34
N ASP A 37 -10.25 10.45 1.43
CA ASP A 37 -10.41 10.20 0.00
C ASP A 37 -9.43 9.12 -0.46
N ALA A 38 -8.25 9.11 0.15
CA ALA A 38 -7.23 8.13 -0.20
C ALA A 38 -7.67 6.72 0.15
N LEU A 39 -8.64 6.61 1.06
CA LEU A 39 -9.14 5.31 1.49
C LEU A 39 -10.62 5.18 1.13
N ARG A 40 -11.10 6.05 0.26
CA ARG A 40 -12.50 6.03 -0.16
C ARG A 40 -12.79 4.79 -1.01
N ASN A 41 -11.78 4.36 -1.77
CA ASN A 41 -11.93 3.18 -2.62
C ASN A 41 -11.49 1.92 -1.90
N LEU A 42 -10.58 2.07 -0.94
CA LEU A 42 -10.07 0.95 -0.18
C LEU A 42 -11.21 0.25 0.57
N ASP A 43 -11.11 -1.07 0.70
CA ASP A 43 -12.12 -1.85 1.39
C ASP A 43 -11.55 -2.46 2.67
N ASP A 44 -12.31 -3.36 3.28
CA ASP A 44 -11.89 -4.01 4.51
C ASP A 44 -10.66 -4.89 4.26
N ARG A 45 -10.38 -5.17 3.00
CA ARG A 45 -9.25 -5.99 2.63
C ARG A 45 -7.94 -5.20 2.72
N GLY A 46 -8.05 -3.87 2.67
CA GLY A 46 -6.88 -3.03 2.75
C GLY A 46 -6.34 -2.64 1.39
N VAL A 47 -6.92 -3.22 0.34
CA VAL A 47 -6.49 -2.94 -1.02
C VAL A 47 -7.59 -2.23 -1.81
N ILE A 48 -7.18 -1.31 -2.69
CA ILE A 48 -8.13 -0.57 -3.50
C ILE A 48 -8.82 -1.47 -4.51
N ARG A 49 -10.13 -1.29 -4.66
CA ARG A 49 -10.91 -2.09 -5.59
C ARG A 49 -10.61 -1.68 -7.03
N ILE A 50 -10.98 -2.56 -7.97
CA ILE A 50 -10.75 -2.29 -9.39
C ILE A 50 -11.61 -1.11 -9.87
N GLY A 51 -11.10 -0.41 -10.88
CA GLY A 51 -11.83 0.72 -11.42
C GLY A 51 -11.55 2.01 -10.66
N ALA A 52 -10.51 1.99 -9.84
CA ALA A 52 -10.13 3.17 -9.07
C ALA A 52 -8.91 3.86 -9.67
N GLU A 53 -9.05 5.16 -9.94
CA GLU A 53 -7.95 5.93 -10.53
C GLU A 53 -6.81 6.08 -9.52
N VAL A 54 -5.59 5.91 -10.01
CA VAL A 54 -4.40 6.04 -9.16
C VAL A 54 -3.86 7.46 -9.17
N LYS A 55 -3.33 7.90 -8.04
CA LYS A 55 -2.77 9.25 -7.93
C LYS A 55 -1.83 9.34 -6.72
N ASP A 56 -1.16 10.48 -6.60
CA ASP A 56 -0.23 10.70 -5.49
C ASP A 56 -0.92 10.46 -4.16
N GLY A 57 -0.18 9.89 -3.21
CA GLY A 57 -0.74 9.62 -1.90
C GLY A 57 -1.60 8.37 -1.88
N ASP A 58 -1.71 7.72 -3.03
CA ASP A 58 -2.53 6.51 -3.14
C ASP A 58 -1.64 5.27 -3.22
N LEU A 59 -1.36 4.68 -2.05
CA LEU A 59 -0.52 3.49 -1.98
C LEU A 59 -1.19 2.31 -2.69
N LEU A 60 -2.51 2.21 -2.57
CA LEU A 60 -3.26 1.13 -3.20
C LEU A 60 -2.87 -0.22 -2.62
N VAL A 61 -2.15 -0.19 -1.49
CA VAL A 61 -1.72 -1.41 -0.83
C VAL A 61 -1.57 -1.22 0.67
N GLY A 62 -2.16 -2.13 1.44
CA GLY A 62 -2.09 -2.04 2.88
C GLY A 62 -1.02 -2.94 3.47
N LYS A 63 0.12 -2.35 3.82
CA LYS A 63 1.23 -3.11 4.39
C LYS A 63 1.84 -2.36 5.57
N VAL A 64 1.82 -2.99 6.74
CA VAL A 64 2.38 -2.38 7.94
C VAL A 64 2.76 -3.45 8.96
N THR A 65 3.62 -3.08 9.91
CA THR A 65 4.06 -3.99 10.95
C THR A 65 4.04 -3.33 12.32
N PRO A 66 3.84 -4.15 13.37
CA PRO A 66 3.80 -3.67 14.75
C PRO A 66 5.16 -3.19 15.25
N LYS A 67 5.17 -2.07 15.96
CA LYS A 67 6.41 -1.52 16.49
C LYS A 67 6.72 -2.10 17.86
N GLY A 68 7.94 -1.85 18.34
CA GLY A 68 8.35 -2.36 19.64
C GLY A 68 8.91 -1.28 20.54
N VAL A 69 9.14 -1.63 21.80
CA VAL A 69 9.69 -0.68 22.76
C VAL A 69 11.20 -0.57 22.64
N THR A 70 11.83 -1.64 22.18
CA THR A 70 13.28 -1.67 22.01
C THR A 70 13.75 -0.52 21.12
N GLU A 71 12.96 -0.22 20.10
CA GLU A 71 13.29 0.85 19.17
C GLU A 71 12.16 1.87 19.09
N LEU A 72 11.87 2.52 20.21
CA LEU A 72 10.81 3.52 20.27
C LEU A 72 11.39 4.92 20.44
N THR A 73 10.55 5.94 20.27
CA THR A 73 10.98 7.32 20.40
C THR A 73 10.69 7.84 21.81
N ALA A 74 11.48 8.85 22.23
CA ALA A 74 11.30 9.43 23.55
C ALA A 74 9.90 9.99 23.73
N GLU A 75 9.30 10.46 22.64
CA GLU A 75 7.95 11.01 22.68
C GLU A 75 6.94 9.95 23.08
N GLU A 76 7.18 8.72 22.66
CA GLU A 76 6.29 7.61 22.98
C GLU A 76 6.28 7.33 24.48
N ARG A 77 7.42 7.59 25.13
CA ARG A 77 7.56 7.37 26.56
C ARG A 77 6.76 8.41 27.35
N LEU A 78 6.95 9.67 27.00
CA LEU A 78 6.25 10.77 27.67
C LEU A 78 4.78 10.79 27.29
N LEU A 79 4.47 10.27 26.10
CA LEU A 79 3.10 10.23 25.62
C LEU A 79 2.21 9.43 26.57
N HIS A 80 2.81 8.50 27.29
CA HIS A 80 2.07 7.67 28.24
C HIS A 80 1.44 8.53 29.34
N ALA A 81 2.10 9.62 29.67
CA ALA A 81 1.60 10.54 30.71
C ALA A 81 0.44 11.37 30.18
N ILE A 82 0.40 11.57 28.87
CA ILE A 82 -0.66 12.35 28.24
C ILE A 82 -1.95 11.55 28.16
N PHE A 83 -1.91 10.42 27.45
CA PHE A 83 -3.09 9.58 27.30
C PHE A 83 -3.36 8.80 28.59
N GLY A 84 -2.32 8.58 29.37
CA GLY A 84 -2.46 7.83 30.62
C GLY A 84 -2.74 6.37 30.39
N GLU A 85 -2.27 5.84 29.26
CA GLU A 85 -2.47 4.44 28.93
C GLU A 85 -1.43 3.96 27.92
N LYS A 86 -0.96 2.73 28.09
CA LYS A 86 0.04 2.16 27.20
C LYS A 86 -0.55 1.89 25.82
N ALA A 87 0.08 2.43 24.79
CA ALA A 87 -0.39 2.25 23.43
C ALA A 87 0.72 1.70 22.53
N ARG A 88 0.33 0.94 21.51
CA ARG A 88 1.30 0.35 20.59
C ARG A 88 1.51 1.24 19.38
N GLU A 89 2.63 1.06 18.70
CA GLU A 89 2.95 1.85 17.52
C GLU A 89 3.04 0.97 16.28
N VAL A 90 2.98 1.60 15.10
CA VAL A 90 3.04 0.86 13.85
C VAL A 90 3.99 1.55 12.87
N ARG A 91 4.55 0.77 11.95
CA ARG A 91 5.47 1.31 10.96
C ARG A 91 4.84 1.32 9.56
N ASP A 92 5.03 2.41 8.84
CA ASP A 92 4.48 2.55 7.50
C ASP A 92 5.33 1.81 6.47
N THR A 93 4.94 0.59 6.15
CA THR A 93 5.67 -0.23 5.18
C THR A 93 4.84 -0.48 3.93
N SER A 94 3.88 0.40 3.66
CA SER A 94 3.02 0.26 2.51
C SER A 94 3.78 0.55 1.21
N LEU A 95 3.15 0.25 0.09
CA LEU A 95 3.77 0.48 -1.21
C LEU A 95 3.74 1.96 -1.57
N ARG A 96 4.75 2.40 -2.33
CA ARG A 96 4.84 3.79 -2.75
C ARG A 96 4.29 3.98 -4.16
N VAL A 97 3.49 5.02 -4.35
CA VAL A 97 2.90 5.31 -5.65
C VAL A 97 3.22 6.73 -6.09
N PRO A 98 3.68 6.87 -7.34
CA PRO A 98 4.03 8.18 -7.91
C PRO A 98 2.80 9.04 -8.16
N HIS A 99 3.02 10.35 -8.30
CA HIS A 99 1.94 11.28 -8.55
C HIS A 99 1.29 11.04 -9.91
N GLY A 100 -0.04 11.02 -9.94
CA GLY A 100 -0.75 10.79 -11.19
C GLY A 100 -0.93 9.31 -11.48
N GLY A 101 0.17 8.56 -11.42
CA GLY A 101 0.11 7.13 -11.69
C GLY A 101 0.28 6.81 -13.16
N GLY A 102 -0.25 7.68 -14.02
CA GLY A 102 -0.14 7.47 -15.45
C GLY A 102 -1.33 6.71 -16.01
N GLY A 103 -1.81 5.72 -15.26
CA GLY A 103 -2.94 4.93 -15.70
C GLY A 103 -3.99 4.76 -14.62
N ILE A 104 -4.80 3.72 -14.76
CA ILE A 104 -5.85 3.44 -13.77
C ILE A 104 -5.90 1.96 -13.42
N ILE A 105 -6.28 1.66 -12.18
CA ILE A 105 -6.36 0.28 -11.71
C ILE A 105 -7.45 -0.48 -12.47
N HIS A 106 -7.02 -1.33 -13.40
CA HIS A 106 -7.95 -2.12 -14.19
C HIS A 106 -7.95 -3.58 -13.73
N ASP A 107 -6.86 -3.98 -13.08
CA ASP A 107 -6.74 -5.35 -12.58
C ASP A 107 -5.75 -5.42 -11.42
N VAL A 108 -5.90 -6.44 -10.58
CA VAL A 108 -5.03 -6.61 -9.43
C VAL A 108 -4.89 -8.09 -9.07
N LYS A 109 -3.65 -8.57 -9.02
CA LYS A 109 -3.38 -9.96 -8.69
C LYS A 109 -2.91 -10.09 -7.24
N VAL A 110 -3.51 -11.03 -6.52
CA VAL A 110 -3.15 -11.25 -5.11
C VAL A 110 -3.03 -12.74 -4.81
N PHE A 111 -1.88 -13.15 -4.32
CA PHE A 111 -1.64 -14.56 -3.99
C PHE A 111 -1.57 -14.75 -2.48
N ASN A 112 -2.12 -15.86 -2.01
CA ASN A 112 -2.14 -16.17 -0.59
C ASN A 112 -1.68 -17.60 -0.34
N ARG A 113 -1.05 -17.83 0.81
CA ARG A 113 -0.56 -19.16 1.17
C ARG A 113 -1.72 -20.12 1.38
N GLU A 114 -2.89 -19.58 1.69
CA GLU A 114 -4.09 -20.39 1.92
C GLU A 114 -4.49 -21.13 0.64
N ASP A 115 -4.18 -20.53 -0.50
CA ASP A 115 -4.51 -21.13 -1.79
C ASP A 115 -3.59 -22.30 -2.10
N GLY A 116 -2.41 -22.30 -1.46
CA GLY A 116 -1.46 -23.36 -1.69
C GLY A 116 -0.26 -22.91 -2.49
N ASP A 117 -0.05 -21.59 -2.55
CA ASP A 117 1.07 -21.02 -3.29
C ASP A 117 2.29 -20.84 -2.39
N GLU A 118 3.40 -21.46 -2.78
CA GLU A 118 4.63 -21.37 -2.00
C GLU A 118 5.24 -19.98 -2.11
N LEU A 119 5.87 -19.52 -1.03
CA LEU A 119 6.50 -18.21 -1.01
C LEU A 119 7.93 -18.29 -0.49
N PRO A 120 8.74 -17.28 -0.83
CA PRO A 120 10.15 -17.23 -0.41
C PRO A 120 10.29 -16.96 1.08
N PRO A 121 11.52 -17.13 1.60
CA PRO A 121 11.81 -16.92 3.03
C PRO A 121 11.74 -15.44 3.41
N GLY A 122 10.92 -15.13 4.40
CA GLY A 122 10.78 -13.77 4.86
C GLY A 122 9.50 -13.13 4.37
N VAL A 123 8.84 -13.77 3.41
CA VAL A 123 7.59 -13.26 2.87
C VAL A 123 6.40 -14.05 3.38
N ASN A 124 5.28 -13.37 3.60
CA ASN A 124 4.07 -14.02 4.09
C ASN A 124 2.95 -13.92 3.06
N GLN A 125 3.02 -12.92 2.20
CA GLN A 125 2.03 -12.72 1.16
C GLN A 125 2.63 -12.06 -0.07
N LEU A 126 1.88 -12.07 -1.17
CA LEU A 126 2.35 -11.48 -2.42
C LEU A 126 1.18 -10.88 -3.21
N VAL A 127 1.33 -9.63 -3.62
CA VAL A 127 0.30 -8.95 -4.39
C VAL A 127 0.91 -7.96 -5.38
N ARG A 128 0.28 -7.85 -6.55
CA ARG A 128 0.77 -6.95 -7.59
C ARG A 128 -0.38 -6.12 -8.16
N VAL A 129 -0.06 -4.94 -8.67
CA VAL A 129 -1.06 -4.06 -9.26
C VAL A 129 -0.85 -3.92 -10.77
N TYR A 130 -1.93 -3.67 -11.49
CA TYR A 130 -1.87 -3.51 -12.94
C TYR A 130 -2.46 -2.17 -13.37
N ILE A 131 -1.60 -1.29 -13.87
CA ILE A 131 -2.04 0.03 -14.32
C ILE A 131 -1.74 0.23 -15.81
N VAL A 132 -2.75 0.69 -16.54
CA VAL A 132 -2.59 0.93 -17.98
C VAL A 132 -2.48 2.42 -18.28
N GLN A 133 -1.35 2.82 -18.83
CA GLN A 133 -1.12 4.22 -19.17
C GLN A 133 -2.05 4.67 -20.28
N LYS A 134 -2.41 5.95 -20.26
CA LYS A 134 -3.31 6.51 -21.28
C LYS A 134 -2.61 7.61 -22.07
N ARG A 135 -2.89 7.67 -23.37
CA ARG A 135 -2.28 8.68 -24.23
C ARG A 135 -3.18 9.92 -24.32
N LYS A 136 -2.56 11.06 -24.62
CA LYS A 136 -3.30 12.32 -24.73
C LYS A 136 -2.83 13.11 -25.95
N ILE A 137 -3.76 13.83 -26.58
CA ILE A 137 -3.44 14.62 -27.75
C ILE A 137 -2.25 15.54 -27.49
N SER A 138 -1.63 16.01 -28.57
CA SER A 138 -0.46 16.88 -28.46
C SER A 138 -0.88 18.28 -28.03
N GLU A 139 -0.35 18.73 -26.88
CA GLU A 139 -0.68 20.05 -26.36
C GLU A 139 0.31 21.09 -26.87
N GLY A 140 -0.22 22.20 -27.37
CA GLY A 140 0.63 23.26 -27.88
C GLY A 140 0.71 23.25 -29.40
N ASP A 141 0.41 22.10 -30.00
CA ASP A 141 0.46 21.96 -31.44
C ASP A 141 -0.90 21.51 -31.99
N ASP A 3 1.31 14.33 -36.24
CA ASP A 3 0.53 13.13 -35.93
C ASP A 3 1.44 11.96 -35.61
N VAL A 4 1.33 11.44 -34.39
CA VAL A 4 2.14 10.31 -33.95
C VAL A 4 1.31 9.30 -33.17
N TYR A 5 1.66 8.03 -33.31
CA TYR A 5 0.94 6.96 -32.62
C TYR A 5 1.85 6.26 -31.62
N THR A 6 1.24 5.58 -30.64
CA THR A 6 2.00 4.86 -29.63
C THR A 6 1.36 3.51 -29.32
N SER A 7 2.16 2.61 -28.77
CA SER A 7 1.68 1.27 -28.44
C SER A 7 1.00 1.25 -27.06
N ILE A 8 0.63 0.07 -26.61
CA ILE A 8 -0.03 -0.08 -25.32
C ILE A 8 0.96 -0.58 -24.26
N HIS A 9 1.22 0.25 -23.26
CA HIS A 9 2.15 -0.10 -22.18
C HIS A 9 1.39 -0.24 -20.86
N ILE A 10 2.00 -0.95 -19.91
CA ILE A 10 1.40 -1.15 -18.61
C ILE A 10 2.44 -1.06 -17.49
N GLU A 11 2.05 -0.48 -16.36
CA GLU A 11 2.96 -0.32 -15.23
C GLU A 11 3.11 -1.64 -14.48
N GLU A 12 4.10 -1.70 -13.59
CA GLU A 12 4.35 -2.91 -12.81
C GLU A 12 4.65 -2.55 -11.36
N TYR A 13 3.74 -2.91 -10.46
CA TYR A 13 3.90 -2.63 -9.04
C TYR A 13 3.91 -3.91 -8.23
N GLU A 14 4.85 -4.02 -7.30
CA GLU A 14 4.96 -5.20 -6.44
C GLU A 14 4.70 -4.84 -4.99
N SER A 15 4.40 -5.86 -4.18
CA SER A 15 4.14 -5.66 -2.76
C SER A 15 3.98 -7.00 -2.04
N GLU A 16 4.81 -7.21 -1.03
CA GLU A 16 4.77 -8.45 -0.25
C GLU A 16 5.03 -8.18 1.22
N ALA A 17 4.23 -8.81 2.08
CA ALA A 17 4.39 -8.64 3.52
C ALA A 17 5.63 -9.36 4.04
N ARG A 18 6.71 -8.62 4.20
CA ARG A 18 7.97 -9.18 4.69
C ARG A 18 7.97 -9.27 6.21
N ASP A 19 8.65 -10.28 6.73
CA ASP A 19 8.72 -10.48 8.18
C ASP A 19 9.68 -9.48 8.81
N THR A 20 9.22 -8.82 9.87
CA THR A 20 10.03 -7.83 10.57
C THR A 20 10.98 -8.50 11.56
N LYS A 21 11.94 -7.73 12.07
CA LYS A 21 12.91 -8.24 13.04
C LYS A 21 12.40 -8.08 14.47
N LEU A 22 11.14 -7.64 14.59
CA LEU A 22 10.54 -7.43 15.91
C LEU A 22 9.57 -8.56 16.23
N GLY A 23 9.42 -9.50 15.29
CA GLY A 23 8.53 -10.62 15.50
C GLY A 23 7.12 -10.35 14.98
N PRO A 24 6.95 -10.49 13.66
CA PRO A 24 5.65 -10.26 13.01
C PRO A 24 4.64 -11.34 13.36
N GLU A 25 3.37 -11.08 13.01
CA GLU A 25 2.31 -12.03 13.28
C GLU A 25 1.33 -12.11 12.11
N GLU A 26 0.97 -10.95 11.58
CA GLU A 26 0.04 -10.89 10.44
C GLU A 26 0.07 -9.51 9.79
N ILE A 27 -0.33 -9.45 8.53
CA ILE A 27 -0.36 -8.19 7.80
C ILE A 27 -1.62 -7.40 8.10
N THR A 28 -1.50 -6.08 8.12
CA THR A 28 -2.64 -5.21 8.40
C THR A 28 -2.51 -3.88 7.65
N ARG A 29 -3.52 -3.03 7.80
CA ARG A 29 -3.52 -1.73 7.14
C ARG A 29 -3.56 -0.59 8.17
N ASP A 30 -2.55 0.26 8.15
CA ASP A 30 -2.46 1.38 9.07
C ASP A 30 -1.75 2.56 8.43
N ILE A 31 -2.51 3.44 7.78
CA ILE A 31 -1.95 4.61 7.12
C ILE A 31 -2.36 5.89 7.84
N PRO A 32 -1.65 6.22 8.92
CA PRO A 32 -1.92 7.43 9.71
C PRO A 32 -1.56 8.71 8.96
N ASN A 33 -2.09 9.83 9.43
CA ASN A 33 -1.82 11.12 8.81
C ASN A 33 -2.37 11.16 7.39
N VAL A 34 -3.30 10.25 7.09
CA VAL A 34 -3.90 10.18 5.77
C VAL A 34 -5.42 10.31 5.85
N GLY A 35 -6.00 11.05 4.91
CA GLY A 35 -7.44 11.24 4.90
C GLY A 35 -8.18 9.95 4.54
N GLU A 36 -9.43 9.86 4.99
CA GLU A 36 -10.25 8.68 4.71
C GLU A 36 -10.57 8.58 3.23
N ASP A 37 -10.63 9.73 2.56
CA ASP A 37 -10.93 9.77 1.13
C ASP A 37 -9.86 9.05 0.33
N ALA A 38 -8.62 9.12 0.80
CA ALA A 38 -7.50 8.48 0.12
C ALA A 38 -7.73 6.97 0.00
N LEU A 39 -8.54 6.43 0.91
CA LEU A 39 -8.84 5.00 0.91
C LEU A 39 -10.32 4.76 0.64
N ARG A 40 -11.00 5.79 0.14
CA ARG A 40 -12.42 5.68 -0.16
C ARG A 40 -12.70 4.48 -1.08
N ASN A 41 -11.76 4.21 -1.98
CA ASN A 41 -11.89 3.09 -2.91
C ASN A 41 -11.50 1.78 -2.25
N LEU A 42 -10.67 1.87 -1.22
CA LEU A 42 -10.22 0.68 -0.49
C LEU A 42 -11.40 -0.16 -0.05
N ASP A 43 -11.17 -1.47 0.10
CA ASP A 43 -12.22 -2.39 0.54
C ASP A 43 -11.90 -2.97 1.90
N ASP A 44 -12.75 -3.89 2.35
CA ASP A 44 -12.56 -4.52 3.66
C ASP A 44 -11.24 -5.30 3.70
N ARG A 45 -10.71 -5.61 2.52
CA ARG A 45 -9.45 -6.35 2.43
C ARG A 45 -8.26 -5.43 2.71
N GLY A 46 -8.52 -4.13 2.72
CA GLY A 46 -7.47 -3.17 2.98
C GLY A 46 -6.71 -2.79 1.72
N VAL A 47 -7.31 -3.06 0.56
CA VAL A 47 -6.69 -2.75 -0.72
C VAL A 47 -7.70 -2.16 -1.69
N ILE A 48 -7.23 -1.28 -2.57
CA ILE A 48 -8.09 -0.65 -3.55
C ILE A 48 -8.60 -1.65 -4.57
N ARG A 49 -9.89 -1.55 -4.90
CA ARG A 49 -10.50 -2.45 -5.87
C ARG A 49 -10.21 -2.01 -7.29
N ILE A 50 -10.41 -2.92 -8.25
CA ILE A 50 -10.15 -2.62 -9.65
C ILE A 50 -11.14 -1.59 -10.18
N GLY A 51 -10.68 -0.76 -11.12
CA GLY A 51 -11.55 0.25 -11.69
C GLY A 51 -11.40 1.59 -10.99
N ALA A 52 -10.44 1.68 -10.08
CA ALA A 52 -10.20 2.92 -9.34
C ALA A 52 -8.96 3.65 -9.87
N GLU A 53 -9.13 4.93 -10.17
CA GLU A 53 -8.03 5.74 -10.69
C GLU A 53 -6.96 5.94 -9.62
N VAL A 54 -5.70 5.83 -10.02
CA VAL A 54 -4.57 6.00 -9.11
C VAL A 54 -4.10 7.45 -9.08
N LYS A 55 -3.59 7.88 -7.93
CA LYS A 55 -3.10 9.24 -7.77
C LYS A 55 -2.18 9.35 -6.57
N ASP A 56 -1.54 10.50 -6.41
CA ASP A 56 -0.63 10.74 -5.30
C ASP A 56 -1.31 10.45 -3.97
N GLY A 57 -0.62 9.73 -3.09
CA GLY A 57 -1.17 9.40 -1.80
C GLY A 57 -1.96 8.10 -1.81
N ASP A 58 -2.06 7.49 -2.99
CA ASP A 58 -2.78 6.23 -3.13
C ASP A 58 -1.82 5.05 -3.11
N LEU A 59 -1.68 4.44 -1.93
CA LEU A 59 -0.78 3.30 -1.77
C LEU A 59 -1.30 2.09 -2.53
N LEU A 60 -2.62 2.01 -2.68
CA LEU A 60 -3.25 0.91 -3.41
C LEU A 60 -2.98 -0.43 -2.70
N VAL A 61 -2.55 -0.34 -1.45
CA VAL A 61 -2.26 -1.54 -0.66
C VAL A 61 -2.03 -1.19 0.80
N GLY A 62 -2.47 -2.06 1.70
CA GLY A 62 -2.29 -1.83 3.12
C GLY A 62 -1.25 -2.75 3.73
N LYS A 63 -0.05 -2.21 3.93
CA LYS A 63 1.05 -2.99 4.51
C LYS A 63 1.69 -2.23 5.67
N VAL A 64 1.67 -2.85 6.85
CA VAL A 64 2.24 -2.24 8.04
C VAL A 64 2.60 -3.30 9.08
N THR A 65 3.80 -3.19 9.64
CA THR A 65 4.27 -4.14 10.64
C THR A 65 4.40 -3.48 12.00
N PRO A 66 4.36 -4.29 13.07
CA PRO A 66 4.48 -3.80 14.45
C PRO A 66 5.88 -3.28 14.76
N LYS A 67 5.99 -2.45 15.79
CA LYS A 67 7.27 -1.88 16.19
C LYS A 67 7.52 -2.11 17.69
N GLY A 68 8.70 -1.74 18.15
CA GLY A 68 9.04 -1.91 19.55
C GLY A 68 9.26 -0.58 20.26
N VAL A 69 9.62 -0.65 21.54
CA VAL A 69 9.84 0.56 22.32
C VAL A 69 11.29 1.03 22.21
N THR A 70 12.18 0.09 21.90
CA THR A 70 13.60 0.41 21.76
C THR A 70 13.86 1.20 20.48
N GLU A 71 12.95 1.08 19.52
CA GLU A 71 13.08 1.78 18.25
C GLU A 71 12.31 3.11 18.28
N LEU A 72 12.31 3.76 19.43
CA LEU A 72 11.62 5.04 19.59
C LEU A 72 12.59 6.21 19.48
N THR A 73 12.05 7.40 19.26
CA THR A 73 12.87 8.60 19.13
C THR A 73 12.63 9.56 20.29
N ALA A 74 13.39 10.64 20.32
CA ALA A 74 13.26 11.64 21.37
C ALA A 74 11.88 12.30 21.34
N GLU A 75 11.28 12.32 20.16
CA GLU A 75 9.96 12.91 19.99
C GLU A 75 8.87 11.98 20.51
N GLU A 76 9.08 10.68 20.34
CA GLU A 76 8.12 9.68 20.79
C GLU A 76 8.23 9.46 22.29
N ARG A 77 9.46 9.28 22.77
CA ARG A 77 9.70 9.05 24.19
C ARG A 77 9.04 10.13 25.04
N LEU A 78 9.01 11.34 24.51
CA LEU A 78 8.39 12.47 25.22
C LEU A 78 6.89 12.50 25.00
N LEU A 79 6.45 11.94 23.87
CA LEU A 79 5.03 11.91 23.54
C LEU A 79 4.22 11.27 24.67
N HIS A 80 4.86 10.40 25.43
CA HIS A 80 4.21 9.72 26.54
C HIS A 80 3.66 10.74 27.55
N ALA A 81 4.47 11.74 27.87
CA ALA A 81 4.06 12.76 28.82
C ALA A 81 2.98 13.66 28.22
N ILE A 82 2.94 13.74 26.90
CA ILE A 82 1.96 14.56 26.20
C ILE A 82 0.56 13.97 26.35
N PHE A 83 0.38 12.75 25.87
CA PHE A 83 -0.91 12.08 25.94
C PHE A 83 -1.18 11.59 27.36
N GLY A 84 -0.12 11.35 28.12
CA GLY A 84 -0.27 10.87 29.48
C GLY A 84 -0.84 9.47 29.55
N GLU A 85 -0.75 8.74 28.45
CA GLU A 85 -1.27 7.38 28.40
C GLU A 85 -0.40 6.50 27.50
N LYS A 86 -0.68 5.20 27.50
CA LYS A 86 0.08 4.25 26.70
C LYS A 86 -0.28 4.39 25.22
N ALA A 87 0.74 4.35 24.37
CA ALA A 87 0.53 4.47 22.93
C ALA A 87 1.05 3.23 22.20
N ARG A 88 0.66 3.09 20.94
CA ARG A 88 1.07 1.95 20.13
C ARG A 88 2.04 2.39 19.03
N GLU A 89 3.12 1.63 18.86
CA GLU A 89 4.11 1.94 17.84
C GLU A 89 4.02 0.97 16.67
N VAL A 90 3.97 1.52 15.45
CA VAL A 90 3.88 0.70 14.25
C VAL A 90 4.73 1.28 13.13
N ARG A 91 5.03 0.46 12.14
CA ARG A 91 5.84 0.88 11.00
C ARG A 91 5.00 0.98 9.73
N ASP A 92 5.38 1.88 8.84
CA ASP A 92 4.65 2.08 7.59
C ASP A 92 5.43 1.48 6.42
N THR A 93 5.08 0.26 6.04
CA THR A 93 5.73 -0.43 4.93
C THR A 93 4.80 -0.57 3.73
N SER A 94 3.91 0.40 3.56
CA SER A 94 2.96 0.38 2.46
C SER A 94 3.67 0.61 1.13
N LEU A 95 2.94 0.40 0.04
CA LEU A 95 3.50 0.60 -1.30
C LEU A 95 3.54 2.07 -1.66
N ARG A 96 4.52 2.46 -2.47
CA ARG A 96 4.67 3.84 -2.90
C ARG A 96 4.05 4.06 -4.27
N VAL A 97 3.47 5.23 -4.48
CA VAL A 97 2.84 5.56 -5.75
C VAL A 97 3.11 7.02 -6.13
N PRO A 98 3.58 7.23 -7.37
CA PRO A 98 3.88 8.57 -7.89
C PRO A 98 2.62 9.40 -8.12
N HIS A 99 2.80 10.70 -8.34
CA HIS A 99 1.68 11.60 -8.59
C HIS A 99 0.97 11.25 -9.88
N GLY A 100 -0.32 10.96 -9.78
CA GLY A 100 -1.10 10.61 -10.95
C GLY A 100 -0.98 9.14 -11.31
N GLY A 101 0.25 8.65 -11.39
CA GLY A 101 0.47 7.26 -11.73
C GLY A 101 0.60 7.04 -13.23
N GLY A 102 -0.14 7.81 -14.01
CA GLY A 102 -0.10 7.68 -15.45
C GLY A 102 -1.30 6.93 -16.00
N GLY A 103 -1.72 5.90 -15.29
CA GLY A 103 -2.86 5.11 -15.72
C GLY A 103 -3.85 4.85 -14.61
N ILE A 104 -4.68 3.82 -14.79
CA ILE A 104 -5.68 3.46 -13.79
C ILE A 104 -5.64 1.97 -13.47
N ILE A 105 -5.97 1.63 -12.24
CA ILE A 105 -5.98 0.23 -11.81
C ILE A 105 -7.02 -0.58 -12.58
N HIS A 106 -6.56 -1.31 -13.58
CA HIS A 106 -7.45 -2.14 -14.40
C HIS A 106 -7.30 -3.61 -14.05
N ASP A 107 -6.15 -3.97 -13.48
CA ASP A 107 -5.89 -5.35 -13.10
C ASP A 107 -5.09 -5.41 -11.80
N VAL A 108 -5.36 -6.41 -10.98
CA VAL A 108 -4.66 -6.58 -9.72
C VAL A 108 -4.58 -8.06 -9.33
N LYS A 109 -3.36 -8.52 -9.07
CA LYS A 109 -3.14 -9.91 -8.69
C LYS A 109 -2.78 -10.02 -7.21
N VAL A 110 -3.33 -11.04 -6.54
CA VAL A 110 -3.07 -11.25 -5.13
C VAL A 110 -3.03 -12.74 -4.79
N PHE A 111 -1.91 -13.19 -4.23
CA PHE A 111 -1.75 -14.59 -3.87
C PHE A 111 -1.71 -14.75 -2.35
N ASN A 112 -2.46 -15.72 -1.85
CA ASN A 112 -2.52 -15.98 -0.41
C ASN A 112 -1.91 -17.34 -0.09
N ARG A 113 -1.03 -17.35 0.92
CA ARG A 113 -0.38 -18.58 1.34
C ARG A 113 -1.40 -19.63 1.78
N GLU A 114 -2.43 -19.18 2.48
CA GLU A 114 -3.48 -20.07 2.96
C GLU A 114 -4.28 -20.66 1.79
N ASP A 115 -4.27 -19.96 0.66
CA ASP A 115 -4.98 -20.41 -0.52
C ASP A 115 -4.26 -21.56 -1.19
N GLY A 116 -3.02 -21.80 -0.77
CA GLY A 116 -2.23 -22.88 -1.34
C GLY A 116 -1.13 -22.39 -2.23
N ASP A 117 -0.72 -21.13 -2.04
CA ASP A 117 0.34 -20.54 -2.84
C ASP A 117 1.64 -20.47 -2.06
N GLU A 118 2.65 -21.22 -2.51
CA GLU A 118 3.94 -21.24 -1.85
C GLU A 118 4.67 -19.91 -2.02
N LEU A 119 5.49 -19.56 -1.04
CA LEU A 119 6.24 -18.31 -1.07
C LEU A 119 7.64 -18.49 -0.48
N PRO A 120 8.54 -17.56 -0.82
CA PRO A 120 9.93 -17.60 -0.33
C PRO A 120 10.02 -17.29 1.16
N PRO A 121 11.20 -17.54 1.75
CA PRO A 121 11.45 -17.31 3.17
C PRO A 121 11.50 -15.82 3.51
N GLY A 122 10.58 -15.37 4.37
CA GLY A 122 10.54 -13.98 4.75
C GLY A 122 9.27 -13.29 4.30
N VAL A 123 8.60 -13.89 3.31
CA VAL A 123 7.36 -13.32 2.79
C VAL A 123 6.14 -14.08 3.31
N ASN A 124 5.05 -13.34 3.54
CA ASN A 124 3.83 -13.94 4.04
C ASN A 124 2.69 -13.80 3.03
N GLN A 125 2.82 -12.80 2.16
CA GLN A 125 1.80 -12.56 1.14
C GLN A 125 2.42 -11.94 -0.11
N LEU A 126 1.66 -11.92 -1.20
CA LEU A 126 2.13 -11.35 -2.46
C LEU A 126 0.99 -10.69 -3.22
N VAL A 127 1.20 -9.44 -3.61
CA VAL A 127 0.19 -8.68 -4.35
C VAL A 127 0.83 -7.71 -5.33
N ARG A 128 0.49 -7.84 -6.60
CA ARG A 128 1.03 -6.98 -7.64
C ARG A 128 -0.06 -6.13 -8.28
N VAL A 129 0.20 -4.84 -8.41
CA VAL A 129 -0.77 -3.92 -9.00
C VAL A 129 -0.41 -3.60 -10.45
N TYR A 130 -1.42 -3.52 -11.30
CA TYR A 130 -1.21 -3.23 -12.72
C TYR A 130 -1.92 -1.94 -13.11
N ILE A 131 -1.23 -1.12 -13.90
CA ILE A 131 -1.78 0.15 -14.36
C ILE A 131 -1.59 0.33 -15.85
N VAL A 132 -2.69 0.18 -16.61
CA VAL A 132 -2.64 0.33 -18.06
C VAL A 132 -2.69 1.80 -18.47
N GLN A 133 -2.00 2.14 -19.54
CA GLN A 133 -1.97 3.52 -20.02
C GLN A 133 -2.97 3.71 -21.16
N LYS A 134 -3.93 4.60 -20.94
CA LYS A 134 -4.96 4.88 -21.94
C LYS A 134 -4.72 6.24 -22.59
N ARG A 135 -4.45 6.22 -23.90
CA ARG A 135 -4.20 7.45 -24.64
C ARG A 135 -5.13 7.55 -25.84
N LYS A 136 -5.18 8.73 -26.45
CA LYS A 136 -6.04 8.97 -27.61
C LYS A 136 -5.29 8.64 -28.89
N ILE A 137 -6.02 8.13 -29.88
CA ILE A 137 -5.42 7.78 -31.16
C ILE A 137 -4.62 8.95 -31.74
N SER A 138 -3.80 8.65 -32.74
CA SER A 138 -2.98 9.67 -33.38
C SER A 138 -3.82 10.86 -33.81
N GLU A 139 -3.46 12.04 -33.33
CA GLU A 139 -4.18 13.26 -33.68
C GLU A 139 -3.23 14.34 -34.18
N GLY A 140 -2.11 14.50 -33.48
CA GLY A 140 -1.13 15.51 -33.87
C GLY A 140 -1.09 16.68 -32.91
N ASP A 141 -1.76 16.54 -31.77
CA ASP A 141 -1.80 17.59 -30.77
C ASP A 141 -0.45 17.72 -30.05
N ASP A 3 -2.96 16.11 -15.91
CA ASP A 3 -3.38 15.34 -17.08
C ASP A 3 -2.35 15.42 -18.20
N VAL A 4 -1.86 14.26 -18.62
CA VAL A 4 -0.85 14.20 -19.68
C VAL A 4 -1.06 12.97 -20.56
N TYR A 5 -0.81 13.13 -21.85
CA TYR A 5 -0.97 12.04 -22.81
C TYR A 5 0.32 11.24 -22.94
N THR A 6 0.18 9.96 -23.27
CA THR A 6 1.34 9.09 -23.42
C THR A 6 0.96 7.81 -24.16
N SER A 7 1.96 7.12 -24.70
CA SER A 7 1.73 5.88 -25.44
C SER A 7 1.14 4.80 -24.53
N ILE A 8 0.89 3.63 -25.08
CA ILE A 8 0.33 2.52 -24.33
C ILE A 8 1.42 1.74 -23.60
N HIS A 9 1.19 1.47 -22.32
CA HIS A 9 2.16 0.72 -21.52
C HIS A 9 1.47 0.05 -20.34
N ILE A 10 2.12 -0.98 -19.79
CA ILE A 10 1.58 -1.71 -18.65
C ILE A 10 2.50 -1.61 -17.44
N GLU A 11 2.01 -0.98 -16.38
CA GLU A 11 2.79 -0.82 -15.15
C GLU A 11 2.82 -2.13 -14.36
N GLU A 12 3.83 -2.27 -13.51
CA GLU A 12 3.99 -3.46 -12.69
C GLU A 12 4.51 -3.11 -11.30
N TYR A 13 3.65 -3.29 -10.29
CA TYR A 13 4.02 -2.98 -8.91
C TYR A 13 4.09 -4.24 -8.08
N GLU A 14 5.00 -4.26 -7.12
CA GLU A 14 5.19 -5.42 -6.25
C GLU A 14 4.91 -5.05 -4.80
N SER A 15 4.41 -6.02 -4.02
CA SER A 15 4.10 -5.80 -2.63
C SER A 15 3.97 -7.12 -1.88
N GLU A 16 4.98 -7.42 -1.05
CA GLU A 16 4.99 -8.65 -0.27
C GLU A 16 5.28 -8.37 1.20
N ALA A 17 4.54 -9.02 2.08
CA ALA A 17 4.72 -8.85 3.52
C ALA A 17 6.02 -9.50 3.99
N ARG A 18 7.06 -8.70 4.12
CA ARG A 18 8.37 -9.20 4.56
C ARG A 18 8.42 -9.30 6.08
N ASP A 19 8.97 -10.40 6.58
CA ASP A 19 9.08 -10.62 8.01
C ASP A 19 10.00 -9.58 8.65
N THR A 20 9.63 -9.14 9.85
CA THR A 20 10.41 -8.14 10.57
C THR A 20 11.22 -8.77 11.69
N LYS A 21 12.18 -8.02 12.21
CA LYS A 21 13.04 -8.51 13.29
C LYS A 21 12.41 -8.22 14.65
N LEU A 22 11.19 -7.70 14.64
CA LEU A 22 10.48 -7.38 15.88
C LEU A 22 9.47 -8.46 16.23
N GLY A 23 9.43 -9.52 15.42
CA GLY A 23 8.51 -10.60 15.66
C GLY A 23 7.14 -10.34 15.07
N PRO A 24 7.00 -10.57 13.77
CA PRO A 24 5.73 -10.36 13.05
C PRO A 24 4.67 -11.39 13.44
N GLU A 25 3.44 -11.14 13.03
CA GLU A 25 2.34 -12.04 13.33
C GLU A 25 1.39 -12.17 12.14
N GLU A 26 1.04 -11.03 11.56
CA GLU A 26 0.13 -11.01 10.40
C GLU A 26 0.12 -9.63 9.75
N ILE A 27 -0.17 -9.61 8.46
CA ILE A 27 -0.21 -8.36 7.71
C ILE A 27 -1.48 -7.57 8.03
N THR A 28 -1.37 -6.25 8.02
CA THR A 28 -2.51 -5.38 8.32
C THR A 28 -2.37 -4.04 7.61
N ARG A 29 -3.36 -3.16 7.82
CA ARG A 29 -3.35 -1.84 7.20
C ARG A 29 -3.47 -0.75 8.26
N ASP A 30 -2.51 0.17 8.26
CA ASP A 30 -2.51 1.28 9.22
C ASP A 30 -1.90 2.53 8.61
N ILE A 31 -2.72 3.30 7.89
CA ILE A 31 -2.26 4.52 7.25
C ILE A 31 -2.85 5.75 7.94
N PRO A 32 -2.22 6.17 9.05
CA PRO A 32 -2.66 7.34 9.82
C PRO A 32 -2.42 8.65 9.07
N ASN A 33 -3.21 9.67 9.41
CA ASN A 33 -3.09 10.97 8.77
C ASN A 33 -3.42 10.88 7.28
N VAL A 34 -4.21 9.88 6.92
CA VAL A 34 -4.61 9.68 5.53
C VAL A 34 -5.94 10.36 5.25
N GLY A 35 -6.17 10.71 3.98
CA GLY A 35 -7.41 11.36 3.59
C GLY A 35 -8.52 10.36 3.34
N GLU A 36 -9.76 10.85 3.36
CA GLU A 36 -10.92 9.99 3.14
C GLU A 36 -11.02 9.58 1.67
N ASP A 37 -10.46 10.42 0.79
CA ASP A 37 -10.47 10.14 -0.64
C ASP A 37 -9.58 8.96 -0.98
N ALA A 38 -8.44 8.88 -0.30
CA ALA A 38 -7.49 7.79 -0.53
C ALA A 38 -8.05 6.46 -0.07
N LEU A 39 -9.03 6.52 0.84
CA LEU A 39 -9.65 5.31 1.36
C LEU A 39 -11.12 5.21 0.91
N ARG A 40 -11.48 6.02 -0.08
CA ARG A 40 -12.84 6.02 -0.60
C ARG A 40 -13.12 4.77 -1.40
N ASN A 41 -12.08 4.19 -1.98
CA ASN A 41 -12.21 2.98 -2.78
C ASN A 41 -11.74 1.76 -2.00
N LEU A 42 -10.82 1.98 -1.06
CA LEU A 42 -10.28 0.90 -0.25
C LEU A 42 -11.41 0.16 0.50
N ASP A 43 -11.30 -1.16 0.55
CA ASP A 43 -12.30 -1.97 1.24
C ASP A 43 -11.78 -2.45 2.59
N ASP A 44 -12.53 -3.33 3.22
CA ASP A 44 -12.15 -3.87 4.53
C ASP A 44 -10.89 -4.72 4.42
N ARG A 45 -10.54 -5.10 3.19
CA ARG A 45 -9.37 -5.93 2.95
C ARG A 45 -8.09 -5.08 3.03
N GLY A 46 -8.24 -3.77 2.86
CA GLY A 46 -7.10 -2.88 2.92
C GLY A 46 -6.47 -2.64 1.55
N VAL A 47 -7.21 -2.96 0.50
CA VAL A 47 -6.73 -2.76 -0.86
C VAL A 47 -7.77 -2.09 -1.73
N ILE A 48 -7.33 -1.19 -2.60
CA ILE A 48 -8.22 -0.48 -3.50
C ILE A 48 -8.84 -1.42 -4.53
N ARG A 49 -10.13 -1.25 -4.77
CA ARG A 49 -10.84 -2.08 -5.73
C ARG A 49 -10.48 -1.70 -7.16
N ILE A 50 -10.78 -2.58 -8.10
CA ILE A 50 -10.48 -2.34 -9.50
C ILE A 50 -11.39 -1.27 -10.09
N GLY A 51 -10.85 -0.50 -11.02
CA GLY A 51 -11.64 0.56 -11.65
C GLY A 51 -11.48 1.89 -10.94
N ALA A 52 -10.52 1.97 -10.03
CA ALA A 52 -10.26 3.20 -9.29
C ALA A 52 -9.02 3.91 -9.81
N GLU A 53 -9.16 5.20 -10.09
CA GLU A 53 -8.05 6.00 -10.60
C GLU A 53 -6.96 6.15 -9.54
N VAL A 54 -5.71 5.98 -9.96
CA VAL A 54 -4.58 6.09 -9.04
C VAL A 54 -4.02 7.52 -9.03
N LYS A 55 -3.50 7.93 -7.88
CA LYS A 55 -2.94 9.27 -7.73
C LYS A 55 -2.01 9.33 -6.53
N ASP A 56 -1.34 10.47 -6.36
CA ASP A 56 -0.41 10.66 -5.25
C ASP A 56 -1.13 10.45 -3.92
N GLY A 57 -0.46 9.76 -2.99
CA GLY A 57 -1.04 9.51 -1.69
C GLY A 57 -1.82 8.21 -1.66
N ASP A 58 -2.02 7.59 -2.82
CA ASP A 58 -2.76 6.34 -2.91
C ASP A 58 -1.81 5.17 -3.16
N LEU A 59 -1.49 4.43 -2.11
CA LEU A 59 -0.60 3.29 -2.21
C LEU A 59 -1.31 2.10 -2.85
N LEU A 60 -2.62 2.04 -2.68
CA LEU A 60 -3.42 0.95 -3.23
C LEU A 60 -3.06 -0.38 -2.58
N VAL A 61 -2.31 -0.31 -1.48
CA VAL A 61 -1.90 -1.51 -0.77
C VAL A 61 -1.69 -1.22 0.72
N GLY A 62 -2.30 -2.03 1.56
CA GLY A 62 -2.18 -1.85 3.00
C GLY A 62 -1.13 -2.76 3.61
N LYS A 63 0.06 -2.21 3.87
CA LYS A 63 1.15 -2.98 4.46
C LYS A 63 1.76 -2.24 5.64
N VAL A 64 1.69 -2.86 6.82
CA VAL A 64 2.24 -2.25 8.03
C VAL A 64 2.58 -3.32 9.06
N THR A 65 3.77 -3.23 9.62
CA THR A 65 4.22 -4.19 10.63
C THR A 65 4.41 -3.53 11.99
N PRO A 66 4.37 -4.33 13.06
CA PRO A 66 4.52 -3.84 14.43
C PRO A 66 5.94 -3.36 14.71
N LYS A 67 6.07 -2.43 15.66
CA LYS A 67 7.37 -1.90 16.04
C LYS A 67 7.74 -2.31 17.46
N GLY A 68 8.97 -1.98 17.87
CA GLY A 68 9.41 -2.32 19.20
C GLY A 68 9.61 -1.09 20.08
N VAL A 69 9.76 -1.31 21.37
CA VAL A 69 9.96 -0.22 22.32
C VAL A 69 11.43 0.02 22.59
N THR A 70 12.24 -1.01 22.40
CA THR A 70 13.68 -0.91 22.62
C THR A 70 14.31 0.15 21.73
N GLU A 71 13.81 0.24 20.49
CA GLU A 71 14.32 1.22 19.54
C GLU A 71 13.27 2.29 19.25
N LEU A 72 12.64 2.80 20.30
CA LEU A 72 11.62 3.83 20.15
C LEU A 72 12.24 5.17 19.79
N THR A 73 11.39 6.10 19.34
CA THR A 73 11.87 7.43 18.95
C THR A 73 11.76 8.41 20.12
N ALA A 74 12.50 9.51 20.02
CA ALA A 74 12.48 10.53 21.06
C ALA A 74 11.10 11.17 21.19
N GLU A 75 10.35 11.17 20.09
CA GLU A 75 9.01 11.74 20.09
C GLU A 75 8.02 10.80 20.74
N GLU A 76 8.23 9.50 20.57
CA GLU A 76 7.34 8.50 21.15
C GLU A 76 7.64 8.29 22.63
N ARG A 77 8.92 8.13 22.94
CA ARG A 77 9.35 7.92 24.31
C ARG A 77 8.78 8.99 25.24
N LEU A 78 8.66 10.21 24.71
CA LEU A 78 8.12 11.33 25.48
C LEU A 78 6.60 11.34 25.44
N LEU A 79 6.03 10.79 24.37
CA LEU A 79 4.58 10.73 24.21
C LEU A 79 3.95 9.89 25.31
N HIS A 80 4.73 8.95 25.86
CA HIS A 80 4.25 8.06 26.91
C HIS A 80 3.80 8.88 28.13
N ALA A 81 4.58 9.88 28.48
CA ALA A 81 4.27 10.73 29.62
C ALA A 81 3.05 11.62 29.33
N ILE A 82 2.82 11.89 28.05
CA ILE A 82 1.69 12.72 27.65
C ILE A 82 0.37 12.02 27.91
N PHE A 83 0.19 10.85 27.31
CA PHE A 83 -1.04 10.08 27.49
C PHE A 83 -1.06 9.40 28.87
N GLY A 84 0.12 9.16 29.42
CA GLY A 84 0.21 8.53 30.72
C GLY A 84 -0.37 7.13 30.73
N GLU A 85 -0.34 6.48 29.58
CA GLU A 85 -0.86 5.11 29.44
C GLU A 85 -0.10 4.33 28.39
N LYS A 86 -0.20 3.01 28.45
CA LYS A 86 0.48 2.14 27.49
C LYS A 86 0.01 2.41 26.08
N ALA A 87 0.96 2.61 25.17
CA ALA A 87 0.63 2.88 23.76
C ALA A 87 1.23 1.82 22.85
N ARG A 88 0.83 1.85 21.59
CA ARG A 88 1.33 0.88 20.61
C ARG A 88 1.95 1.59 19.40
N GLU A 89 3.11 1.13 18.98
CA GLU A 89 3.81 1.73 17.85
C GLU A 89 3.79 0.79 16.65
N VAL A 90 3.75 1.36 15.45
CA VAL A 90 3.72 0.58 14.22
C VAL A 90 4.58 1.22 13.14
N ARG A 91 5.01 0.42 12.17
CA ARG A 91 5.84 0.91 11.08
C ARG A 91 5.06 0.94 9.77
N ASP A 92 5.26 1.98 8.98
CA ASP A 92 4.58 2.13 7.70
C ASP A 92 5.42 1.56 6.56
N THR A 93 5.15 0.31 6.19
CA THR A 93 5.88 -0.35 5.12
C THR A 93 4.99 -0.60 3.90
N SER A 94 4.08 0.34 3.63
CA SER A 94 3.16 0.21 2.51
C SER A 94 3.88 0.50 1.20
N LEU A 95 3.21 0.23 0.08
CA LEU A 95 3.77 0.46 -1.24
C LEU A 95 3.77 1.95 -1.58
N ARG A 96 4.74 2.36 -2.38
CA ARG A 96 4.85 3.77 -2.77
C ARG A 96 4.25 3.98 -4.16
N VAL A 97 3.43 5.01 -4.29
CA VAL A 97 2.79 5.33 -5.56
C VAL A 97 3.10 6.76 -5.99
N PRO A 98 3.53 6.93 -7.25
CA PRO A 98 3.87 8.23 -7.81
C PRO A 98 2.63 9.10 -8.03
N HIS A 99 2.85 10.40 -8.19
CA HIS A 99 1.76 11.34 -8.40
C HIS A 99 1.06 11.07 -9.73
N GLY A 100 -0.24 10.82 -9.67
CA GLY A 100 -1.01 10.54 -10.87
C GLY A 100 -0.94 9.08 -11.27
N GLY A 101 0.28 8.55 -11.34
CA GLY A 101 0.46 7.16 -11.73
C GLY A 101 0.56 6.98 -13.23
N GLY A 102 -0.17 7.80 -13.97
CA GLY A 102 -0.15 7.70 -15.43
C GLY A 102 -1.32 6.93 -15.98
N GLY A 103 -1.76 5.91 -15.25
CA GLY A 103 -2.89 5.10 -15.69
C GLY A 103 -3.90 4.88 -14.58
N ILE A 104 -4.72 3.85 -14.74
CA ILE A 104 -5.75 3.52 -13.76
C ILE A 104 -5.73 2.05 -13.41
N ILE A 105 -6.11 1.73 -12.17
CA ILE A 105 -6.14 0.35 -11.71
C ILE A 105 -7.19 -0.46 -12.47
N HIS A 106 -6.72 -1.25 -13.45
CA HIS A 106 -7.62 -2.08 -14.24
C HIS A 106 -7.52 -3.54 -13.83
N ASP A 107 -6.38 -3.91 -13.24
CA ASP A 107 -6.16 -5.28 -12.80
C ASP A 107 -5.37 -5.31 -11.49
N VAL A 108 -5.64 -6.31 -10.67
CA VAL A 108 -4.96 -6.46 -9.39
C VAL A 108 -4.86 -7.92 -8.98
N LYS A 109 -3.63 -8.43 -8.89
CA LYS A 109 -3.39 -9.81 -8.51
C LYS A 109 -2.97 -9.91 -7.05
N VAL A 110 -3.53 -10.89 -6.35
CA VAL A 110 -3.21 -11.09 -4.93
C VAL A 110 -3.15 -12.57 -4.59
N PHE A 111 -2.01 -13.01 -4.08
CA PHE A 111 -1.82 -14.41 -3.71
C PHE A 111 -1.71 -14.56 -2.20
N ASN A 112 -2.33 -15.62 -1.67
CA ASN A 112 -2.31 -15.87 -0.24
C ASN A 112 -1.88 -17.31 0.05
N ARG A 113 -1.02 -17.48 1.06
CA ARG A 113 -0.54 -18.80 1.43
C ARG A 113 -1.70 -19.73 1.77
N GLU A 114 -2.79 -19.15 2.27
CA GLU A 114 -3.97 -19.93 2.64
C GLU A 114 -4.52 -20.70 1.43
N ASP A 115 -4.33 -20.14 0.24
CA ASP A 115 -4.79 -20.77 -0.98
C ASP A 115 -3.92 -21.95 -1.35
N GLY A 116 -2.69 -21.97 -0.84
CA GLY A 116 -1.76 -23.04 -1.13
C GLY A 116 -0.65 -22.62 -2.06
N ASP A 117 -0.40 -21.31 -2.13
CA ASP A 117 0.65 -20.78 -2.99
C ASP A 117 1.97 -20.67 -2.23
N GLU A 118 2.91 -21.54 -2.57
CA GLU A 118 4.22 -21.54 -1.91
C GLU A 118 4.92 -20.19 -2.09
N LEU A 119 5.60 -19.74 -1.06
CA LEU A 119 6.32 -18.48 -1.10
C LEU A 119 7.74 -18.62 -0.57
N PRO A 120 8.62 -17.68 -0.96
CA PRO A 120 10.02 -17.68 -0.53
C PRO A 120 10.18 -17.37 0.95
N PRO A 121 11.39 -17.61 1.48
CA PRO A 121 11.70 -17.35 2.89
C PRO A 121 11.73 -15.87 3.23
N GLY A 122 10.90 -15.45 4.17
CA GLY A 122 10.85 -14.06 4.57
C GLY A 122 9.57 -13.37 4.11
N VAL A 123 8.88 -13.99 3.16
CA VAL A 123 7.63 -13.43 2.63
C VAL A 123 6.42 -14.18 3.19
N ASN A 124 5.35 -13.45 3.43
CA ASN A 124 4.12 -14.03 3.95
C ASN A 124 2.99 -13.93 2.95
N GLN A 125 3.06 -12.92 2.08
CA GLN A 125 2.05 -12.71 1.05
C GLN A 125 2.64 -12.06 -0.19
N LEU A 126 1.88 -12.06 -1.27
CA LEU A 126 2.32 -11.47 -2.53
C LEU A 126 1.18 -10.77 -3.25
N VAL A 127 1.39 -9.51 -3.60
CA VAL A 127 0.37 -8.73 -4.30
C VAL A 127 1.00 -7.79 -5.33
N ARG A 128 0.39 -7.72 -6.51
CA ARG A 128 0.89 -6.86 -7.57
C ARG A 128 -0.23 -6.03 -8.18
N VAL A 129 0.10 -4.82 -8.63
CA VAL A 129 -0.88 -3.93 -9.22
C VAL A 129 -0.66 -3.80 -10.73
N TYR A 130 -1.73 -3.50 -11.45
CA TYR A 130 -1.65 -3.35 -12.91
C TYR A 130 -2.27 -2.03 -13.35
N ILE A 131 -1.44 -1.13 -13.85
CA ILE A 131 -1.92 0.17 -14.31
C ILE A 131 -1.62 0.36 -15.80
N VAL A 132 -2.68 0.52 -16.58
CA VAL A 132 -2.54 0.72 -18.02
C VAL A 132 -2.51 2.20 -18.37
N GLN A 133 -1.59 2.57 -19.26
CA GLN A 133 -1.45 3.96 -19.69
C GLN A 133 -2.38 4.28 -20.86
N LYS A 134 -3.21 5.30 -20.70
CA LYS A 134 -4.14 5.69 -21.74
C LYS A 134 -3.39 6.09 -23.01
N ARG A 135 -3.90 5.63 -24.16
CA ARG A 135 -3.27 5.93 -25.43
C ARG A 135 -3.61 7.36 -25.88
N LYS A 136 -2.85 7.86 -26.86
CA LYS A 136 -3.07 9.21 -27.36
C LYS A 136 -4.45 9.34 -28.00
N ILE A 137 -5.02 10.53 -27.91
CA ILE A 137 -6.34 10.79 -28.48
C ILE A 137 -6.41 10.34 -29.93
N SER A 138 -7.63 10.30 -30.47
CA SER A 138 -7.83 9.87 -31.85
C SER A 138 -6.94 10.67 -32.80
N GLU A 139 -6.12 9.96 -33.57
CA GLU A 139 -5.20 10.59 -34.51
C GLU A 139 -5.97 11.23 -35.66
N GLY A 140 -6.65 10.40 -36.44
CA GLY A 140 -7.43 10.90 -37.57
C GLY A 140 -6.84 10.48 -38.90
N ASP A 141 -5.56 10.11 -38.89
CA ASP A 141 -4.88 9.69 -40.11
C ASP A 141 -4.66 8.18 -40.11
N ASP A 3 2.26 5.45 -42.30
CA ASP A 3 1.97 5.98 -40.98
C ASP A 3 2.34 4.98 -39.90
N VAL A 4 2.33 5.43 -38.64
CA VAL A 4 2.66 4.57 -37.52
C VAL A 4 1.99 5.06 -36.23
N TYR A 5 1.57 4.12 -35.40
CA TYR A 5 0.92 4.46 -34.13
C TYR A 5 1.48 3.64 -32.99
N THR A 6 1.77 4.29 -31.87
CA THR A 6 2.32 3.62 -30.71
C THR A 6 1.23 2.83 -29.97
N SER A 7 1.64 1.75 -29.31
CA SER A 7 0.70 0.91 -28.57
C SER A 7 0.59 1.38 -27.12
N ILE A 8 -0.15 0.61 -26.32
CA ILE A 8 -0.34 0.95 -24.91
C ILE A 8 0.51 0.05 -24.01
N HIS A 9 1.02 0.62 -22.93
CA HIS A 9 1.83 -0.13 -21.98
C HIS A 9 1.14 -0.23 -20.63
N ILE A 10 1.56 -1.21 -19.83
CA ILE A 10 0.99 -1.41 -18.51
C ILE A 10 2.07 -1.41 -17.43
N GLU A 11 1.73 -0.84 -16.27
CA GLU A 11 2.68 -0.76 -15.16
C GLU A 11 2.68 -2.07 -14.37
N GLU A 12 3.74 -2.26 -13.57
CA GLU A 12 3.86 -3.46 -12.76
C GLU A 12 4.49 -3.15 -11.41
N TYR A 13 3.68 -3.26 -10.36
CA TYR A 13 4.15 -2.99 -9.00
C TYR A 13 4.15 -4.25 -8.15
N GLU A 14 5.08 -4.33 -7.20
CA GLU A 14 5.18 -5.48 -6.32
C GLU A 14 4.91 -5.08 -4.88
N SER A 15 4.17 -5.93 -4.16
CA SER A 15 3.84 -5.66 -2.77
C SER A 15 3.71 -6.96 -1.99
N GLU A 16 4.69 -7.23 -1.13
CA GLU A 16 4.69 -8.45 -0.32
C GLU A 16 4.97 -8.13 1.15
N ALA A 17 4.22 -8.76 2.03
CA ALA A 17 4.39 -8.54 3.47
C ALA A 17 5.70 -9.15 3.97
N ARG A 18 6.73 -8.32 4.09
CA ARG A 18 8.02 -8.78 4.56
C ARG A 18 8.07 -8.86 6.09
N ASP A 19 8.63 -9.95 6.60
CA ASP A 19 8.73 -10.14 8.04
C ASP A 19 9.66 -9.11 8.67
N THR A 20 9.21 -8.50 9.76
CA THR A 20 10.00 -7.49 10.45
C THR A 20 11.00 -8.13 11.40
N LYS A 21 11.94 -7.33 11.89
CA LYS A 21 12.95 -7.82 12.82
C LYS A 21 12.47 -7.71 14.26
N LEU A 22 11.22 -7.33 14.44
CA LEU A 22 10.64 -7.18 15.78
C LEU A 22 9.77 -8.38 16.12
N GLY A 23 9.62 -9.30 15.17
CA GLY A 23 8.80 -10.48 15.39
C GLY A 23 7.37 -10.30 14.93
N PRO A 24 7.15 -10.40 13.61
CA PRO A 24 5.83 -10.25 13.01
C PRO A 24 4.90 -11.42 13.36
N GLU A 25 3.61 -11.23 13.09
CA GLU A 25 2.62 -12.26 13.38
C GLU A 25 1.58 -12.35 12.25
N GLU A 26 1.15 -11.20 11.77
CA GLU A 26 0.16 -11.14 10.70
C GLU A 26 0.13 -9.76 10.05
N ILE A 27 -0.25 -9.71 8.78
CA ILE A 27 -0.33 -8.45 8.05
C ILE A 27 -1.56 -7.66 8.46
N THR A 28 -1.40 -6.34 8.59
CA THR A 28 -2.50 -5.47 8.97
C THR A 28 -2.55 -4.23 8.09
N ARG A 29 -3.51 -3.35 8.37
CA ARG A 29 -3.67 -2.12 7.59
C ARG A 29 -3.71 -0.90 8.52
N ASP A 30 -2.76 0.01 8.32
CA ASP A 30 -2.70 1.22 9.13
C ASP A 30 -2.13 2.39 8.34
N ILE A 31 -3.02 3.20 7.78
CA ILE A 31 -2.60 4.35 6.99
C ILE A 31 -2.92 5.66 7.70
N PRO A 32 -2.05 6.05 8.64
CA PRO A 32 -2.22 7.28 9.42
C PRO A 32 -2.01 8.53 8.57
N ASN A 33 -2.52 9.66 9.05
CA ASN A 33 -2.40 10.92 8.34
C ASN A 33 -3.11 10.87 6.99
N VAL A 34 -4.01 9.90 6.86
CA VAL A 34 -4.78 9.73 5.62
C VAL A 34 -6.27 9.69 5.90
N GLY A 35 -7.02 10.55 5.21
CA GLY A 35 -8.46 10.59 5.41
C GLY A 35 -9.15 9.37 4.83
N GLU A 36 -10.41 9.18 5.20
CA GLU A 36 -11.19 8.05 4.71
C GLU A 36 -11.43 8.15 3.21
N ASP A 37 -11.50 9.38 2.71
CA ASP A 37 -11.72 9.63 1.29
C ASP A 37 -10.60 9.02 0.45
N ALA A 38 -9.37 9.18 0.94
CA ALA A 38 -8.21 8.65 0.23
C ALA A 38 -8.27 7.13 0.13
N LEU A 39 -8.99 6.51 1.05
CA LEU A 39 -9.14 5.05 1.06
C LEU A 39 -10.57 4.65 0.76
N ARG A 40 -11.36 5.58 0.25
CA ARG A 40 -12.76 5.33 -0.08
C ARG A 40 -12.88 4.11 -0.99
N ASN A 41 -11.88 3.90 -1.84
CA ASN A 41 -11.88 2.78 -2.77
C ASN A 41 -11.39 1.51 -2.08
N LEU A 42 -10.48 1.68 -1.12
CA LEU A 42 -9.93 0.56 -0.38
C LEU A 42 -11.04 -0.31 0.22
N ASP A 43 -10.86 -1.61 0.17
CA ASP A 43 -11.84 -2.55 0.72
C ASP A 43 -11.25 -3.36 1.87
N ASP A 44 -11.98 -4.38 2.29
CA ASP A 44 -11.52 -5.24 3.39
C ASP A 44 -10.25 -5.99 3.01
N ARG A 45 -9.95 -6.01 1.72
CA ARG A 45 -8.78 -6.70 1.21
C ARG A 45 -7.51 -5.90 1.49
N GLY A 46 -7.70 -4.63 1.85
CA GLY A 46 -6.56 -3.76 2.13
C GLY A 46 -6.02 -3.08 0.90
N VAL A 47 -6.49 -3.52 -0.27
CA VAL A 47 -6.05 -2.94 -1.53
C VAL A 47 -7.18 -2.19 -2.22
N ILE A 48 -6.83 -1.18 -3.00
CA ILE A 48 -7.82 -0.37 -3.72
C ILE A 48 -8.53 -1.20 -4.78
N ARG A 49 -9.86 -1.20 -4.74
CA ARG A 49 -10.65 -1.94 -5.71
C ARG A 49 -10.31 -1.53 -7.14
N ILE A 50 -10.69 -2.35 -8.10
CA ILE A 50 -10.43 -2.07 -9.51
C ILE A 50 -11.27 -0.91 -10.01
N GLY A 51 -10.77 -0.21 -11.03
CA GLY A 51 -11.50 0.92 -11.58
C GLY A 51 -11.22 2.21 -10.84
N ALA A 52 -10.20 2.20 -9.99
CA ALA A 52 -9.83 3.38 -9.20
C ALA A 52 -8.60 4.06 -9.79
N GLU A 53 -8.67 5.38 -9.94
CA GLU A 53 -7.55 6.15 -10.48
C GLU A 53 -6.40 6.22 -9.48
N VAL A 54 -5.18 6.09 -9.98
CA VAL A 54 -4.00 6.14 -9.13
C VAL A 54 -3.45 7.57 -9.03
N LYS A 55 -2.97 7.93 -7.86
CA LYS A 55 -2.41 9.26 -7.63
C LYS A 55 -1.53 9.28 -6.39
N ASP A 56 -0.91 10.44 -6.13
CA ASP A 56 -0.04 10.59 -4.98
C ASP A 56 -0.79 10.29 -3.69
N GLY A 57 -0.11 9.69 -2.72
CA GLY A 57 -0.73 9.36 -1.45
C GLY A 57 -1.57 8.11 -1.52
N ASP A 58 -1.56 7.45 -2.68
CA ASP A 58 -2.33 6.23 -2.88
C ASP A 58 -1.42 5.00 -2.81
N LEU A 59 -1.32 4.41 -1.63
CA LEU A 59 -0.48 3.23 -1.44
C LEU A 59 -0.92 2.09 -2.34
N LEU A 60 -2.23 2.01 -2.58
CA LEU A 60 -2.79 0.96 -3.43
C LEU A 60 -2.48 -0.42 -2.87
N VAL A 61 -2.14 -0.47 -1.59
CA VAL A 61 -1.83 -1.73 -0.93
C VAL A 61 -1.75 -1.56 0.58
N GLY A 62 -2.36 -2.49 1.30
CA GLY A 62 -2.35 -2.44 2.75
C GLY A 62 -1.30 -3.33 3.37
N LYS A 63 -0.19 -2.75 3.80
CA LYS A 63 0.89 -3.50 4.41
C LYS A 63 1.59 -2.68 5.48
N VAL A 64 1.56 -3.18 6.72
CA VAL A 64 2.19 -2.49 7.83
C VAL A 64 2.58 -3.47 8.94
N THR A 65 3.79 -3.35 9.44
CA THR A 65 4.28 -4.23 10.51
C THR A 65 4.26 -3.51 11.85
N PRO A 66 4.26 -4.30 12.94
CA PRO A 66 4.24 -3.77 14.30
C PRO A 66 5.55 -3.10 14.68
N LYS A 67 5.50 -2.20 15.65
CA LYS A 67 6.69 -1.48 16.10
C LYS A 67 7.23 -2.08 17.39
N GLY A 68 8.37 -1.57 17.85
CA GLY A 68 8.97 -2.07 19.07
C GLY A 68 8.43 -1.38 20.30
N VAL A 69 9.00 -1.73 21.46
CA VAL A 69 8.57 -1.13 22.73
C VAL A 69 9.38 0.13 23.03
N THR A 70 10.62 0.16 22.57
CA THR A 70 11.48 1.31 22.80
C THR A 70 11.33 2.34 21.68
N GLU A 71 10.86 1.90 20.53
CA GLU A 71 10.67 2.78 19.38
C GLU A 71 9.84 4.01 19.78
N LEU A 72 8.94 3.81 20.73
CA LEU A 72 8.08 4.90 21.20
C LEU A 72 8.92 6.05 21.76
N THR A 73 8.35 7.25 21.74
CA THR A 73 9.04 8.43 22.26
C THR A 73 8.27 9.07 23.39
N ALA A 74 8.84 10.11 23.98
CA ALA A 74 8.20 10.82 25.09
C ALA A 74 6.82 11.35 24.67
N GLU A 75 6.70 11.73 23.40
CA GLU A 75 5.44 12.25 22.89
C GLU A 75 4.33 11.21 23.01
N GLU A 76 4.68 9.96 22.76
CA GLU A 76 3.71 8.87 22.83
C GLU A 76 3.38 8.53 24.29
N ARG A 77 4.35 8.74 25.17
CA ARG A 77 4.16 8.46 26.59
C ARG A 77 3.07 9.34 27.18
N LEU A 78 3.15 10.63 26.91
CA LEU A 78 2.17 11.60 27.41
C LEU A 78 0.85 11.45 26.67
N LEU A 79 0.92 10.99 25.43
CA LEU A 79 -0.28 10.81 24.61
C LEU A 79 -1.22 9.80 25.25
N HIS A 80 -0.66 8.90 26.06
CA HIS A 80 -1.46 7.89 26.73
C HIS A 80 -2.54 8.53 27.60
N ALA A 81 -2.17 9.59 28.31
CA ALA A 81 -3.10 10.29 29.19
C ALA A 81 -4.14 11.05 28.37
N ILE A 82 -3.79 11.39 27.13
CA ILE A 82 -4.70 12.12 26.26
C ILE A 82 -5.87 11.25 25.83
N PHE A 83 -5.56 10.14 25.17
CA PHE A 83 -6.60 9.22 24.71
C PHE A 83 -7.15 8.39 25.87
N GLY A 84 -6.34 8.21 26.90
CA GLY A 84 -6.75 7.44 28.07
C GLY A 84 -6.35 5.99 27.96
N GLU A 85 -6.20 5.49 26.74
CA GLU A 85 -5.81 4.10 26.52
C GLU A 85 -4.68 4.02 25.51
N LYS A 86 -3.88 2.96 25.63
CA LYS A 86 -2.75 2.75 24.73
C LYS A 86 -3.22 2.19 23.38
N ALA A 87 -2.66 2.71 22.30
CA ALA A 87 -3.02 2.25 20.96
C ALA A 87 -1.81 1.69 20.23
N ARG A 88 -1.93 0.45 19.74
CA ARG A 88 -0.85 -0.20 19.02
C ARG A 88 -0.33 0.70 17.89
N GLU A 89 1.00 0.75 17.74
CA GLU A 89 1.61 1.56 16.70
C GLU A 89 2.36 0.69 15.70
N VAL A 90 2.26 1.04 14.43
CA VAL A 90 2.92 0.29 13.37
C VAL A 90 3.67 1.21 12.42
N ARG A 91 4.46 0.63 11.53
CA ARG A 91 5.23 1.41 10.55
C ARG A 91 4.67 1.23 9.15
N ASP A 92 4.52 2.33 8.42
CA ASP A 92 4.01 2.29 7.06
C ASP A 92 5.04 1.69 6.10
N THR A 93 4.90 0.39 5.84
CA THR A 93 5.82 -0.30 4.93
C THR A 93 5.21 -0.50 3.56
N SER A 94 4.01 0.05 3.37
CA SER A 94 3.30 -0.06 2.10
C SER A 94 4.18 0.42 0.94
N LEU A 95 3.71 0.18 -0.28
CA LEU A 95 4.46 0.60 -1.46
C LEU A 95 4.25 2.09 -1.74
N ARG A 96 5.26 2.72 -2.35
CA ARG A 96 5.18 4.14 -2.67
C ARG A 96 4.74 4.35 -4.11
N VAL A 97 3.57 4.94 -4.29
CA VAL A 97 3.03 5.20 -5.62
C VAL A 97 3.50 6.55 -6.14
N PRO A 98 3.88 6.59 -7.43
CA PRO A 98 4.35 7.82 -8.08
C PRO A 98 3.23 8.83 -8.28
N HIS A 99 3.60 10.09 -8.48
CA HIS A 99 2.64 11.16 -8.69
C HIS A 99 1.89 10.95 -10.00
N GLY A 100 0.55 10.93 -9.91
CA GLY A 100 -0.26 10.74 -11.10
C GLY A 100 -0.45 9.27 -11.44
N GLY A 101 0.65 8.53 -11.50
CA GLY A 101 0.59 7.12 -11.82
C GLY A 101 0.71 6.86 -13.31
N GLY A 102 0.17 7.77 -14.11
CA GLY A 102 0.23 7.61 -15.55
C GLY A 102 -0.99 6.93 -16.12
N GLY A 103 -1.50 5.93 -15.40
CA GLY A 103 -2.68 5.20 -15.85
C GLY A 103 -3.70 5.03 -14.74
N ILE A 104 -4.56 4.03 -14.91
CA ILE A 104 -5.60 3.75 -13.93
C ILE A 104 -5.63 2.27 -13.56
N ILE A 105 -6.02 1.98 -12.32
CA ILE A 105 -6.10 0.60 -11.85
C ILE A 105 -7.16 -0.18 -12.61
N HIS A 106 -6.73 -1.00 -13.56
CA HIS A 106 -7.65 -1.81 -14.36
C HIS A 106 -7.61 -3.26 -13.92
N ASP A 107 -6.51 -3.66 -13.28
CA ASP A 107 -6.34 -5.02 -12.81
C ASP A 107 -5.45 -5.08 -11.58
N VAL A 108 -5.75 -6.01 -10.69
CA VAL A 108 -4.98 -6.17 -9.45
C VAL A 108 -4.97 -7.62 -8.99
N LYS A 109 -3.77 -8.20 -8.87
CA LYS A 109 -3.63 -9.58 -8.43
C LYS A 109 -3.23 -9.64 -6.97
N VAL A 110 -3.78 -10.61 -6.25
CA VAL A 110 -3.48 -10.78 -4.83
C VAL A 110 -3.49 -12.26 -4.45
N PHE A 111 -2.37 -12.73 -3.90
CA PHE A 111 -2.25 -14.12 -3.49
C PHE A 111 -2.15 -14.23 -1.97
N ASN A 112 -2.62 -15.35 -1.43
CA ASN A 112 -2.57 -15.59 0.01
C ASN A 112 -1.94 -16.93 0.33
N ARG A 113 -0.99 -16.92 1.26
CA ARG A 113 -0.31 -18.14 1.67
C ARG A 113 -1.29 -19.17 2.21
N GLU A 114 -2.26 -18.70 2.99
CA GLU A 114 -3.26 -19.57 3.58
C GLU A 114 -4.13 -20.21 2.49
N ASP A 115 -4.16 -19.58 1.33
CA ASP A 115 -4.96 -20.09 0.21
C ASP A 115 -4.29 -21.30 -0.42
N GLY A 116 -3.02 -21.50 -0.09
CA GLY A 116 -2.28 -22.64 -0.64
C GLY A 116 -1.25 -22.22 -1.67
N ASP A 117 -0.84 -20.95 -1.61
CA ASP A 117 0.15 -20.43 -2.54
C ASP A 117 1.53 -20.35 -1.89
N GLU A 118 2.43 -21.24 -2.30
CA GLU A 118 3.78 -21.26 -1.75
C GLU A 118 4.48 -19.92 -1.97
N LEU A 119 5.24 -19.49 -0.96
CA LEU A 119 5.95 -18.22 -1.03
C LEU A 119 7.39 -18.38 -0.55
N PRO A 120 8.27 -17.45 -0.96
CA PRO A 120 9.67 -17.46 -0.59
C PRO A 120 9.89 -17.15 0.89
N PRO A 121 11.11 -17.39 1.39
CA PRO A 121 11.46 -17.13 2.79
C PRO A 121 11.52 -15.65 3.11
N GLY A 122 10.72 -15.24 4.10
CA GLY A 122 10.69 -13.84 4.49
C GLY A 122 9.41 -13.14 4.07
N VAL A 123 8.67 -13.77 3.16
CA VAL A 123 7.42 -13.20 2.67
C VAL A 123 6.22 -13.95 3.23
N ASN A 124 5.15 -13.21 3.51
CA ASN A 124 3.92 -13.80 4.06
C ASN A 124 2.79 -13.72 3.05
N GLN A 125 2.83 -12.72 2.18
CA GLN A 125 1.80 -12.54 1.17
C GLN A 125 2.38 -11.94 -0.11
N LEU A 126 1.60 -11.98 -1.18
CA LEU A 126 2.05 -11.44 -2.46
C LEU A 126 0.93 -10.67 -3.14
N VAL A 127 1.24 -9.46 -3.62
CA VAL A 127 0.25 -8.63 -4.30
C VAL A 127 0.91 -7.79 -5.39
N ARG A 128 0.27 -7.77 -6.56
CA ARG A 128 0.79 -7.01 -7.69
C ARG A 128 -0.28 -6.09 -8.28
N VAL A 129 0.10 -4.86 -8.56
CA VAL A 129 -0.84 -3.88 -9.12
C VAL A 129 -0.56 -3.65 -10.60
N TYR A 130 -1.64 -3.45 -11.36
CA TYR A 130 -1.51 -3.22 -12.80
C TYR A 130 -2.17 -1.89 -13.19
N ILE A 131 -1.42 -1.07 -13.92
CA ILE A 131 -1.93 0.22 -14.37
C ILE A 131 -1.77 0.39 -15.87
N VAL A 132 -2.90 0.39 -16.58
CA VAL A 132 -2.90 0.53 -18.03
C VAL A 132 -2.86 2.00 -18.43
N GLN A 133 -2.00 2.33 -19.39
CA GLN A 133 -1.87 3.71 -19.86
C GLN A 133 -3.00 4.06 -20.82
N LYS A 134 -3.45 5.31 -20.76
CA LYS A 134 -4.53 5.78 -21.61
C LYS A 134 -4.11 7.02 -22.38
N ARG A 135 -4.79 7.28 -23.49
CA ARG A 135 -4.49 8.45 -24.31
C ARG A 135 -4.78 9.74 -23.56
N LYS A 136 -3.78 10.62 -23.47
CA LYS A 136 -3.93 11.89 -22.77
C LYS A 136 -4.20 13.01 -23.76
N ILE A 137 -5.02 13.97 -23.33
CA ILE A 137 -5.36 15.12 -24.18
C ILE A 137 -4.11 15.78 -24.73
N SER A 138 -4.30 16.70 -25.67
CA SER A 138 -3.18 17.41 -26.29
C SER A 138 -3.00 18.79 -25.65
N GLU A 139 -1.82 19.01 -25.09
CA GLU A 139 -1.51 20.29 -24.45
C GLU A 139 0.00 20.48 -24.30
N GLY A 140 0.44 21.73 -24.32
CA GLY A 140 1.85 22.02 -24.18
C GLY A 140 2.45 22.58 -25.46
N ASP A 141 1.81 22.31 -26.59
CA ASP A 141 2.28 22.79 -27.87
C ASP A 141 1.69 24.17 -28.20
N ASP A 3 1.39 18.55 -23.08
CA ASP A 3 1.28 18.29 -24.51
C ASP A 3 2.40 17.37 -24.98
N VAL A 4 2.47 16.18 -24.40
CA VAL A 4 3.50 15.21 -24.76
C VAL A 4 2.87 13.91 -25.26
N TYR A 5 3.54 13.27 -26.21
CA TYR A 5 3.05 12.02 -26.78
C TYR A 5 3.59 10.83 -26.01
N THR A 6 2.75 9.80 -25.86
CA THR A 6 3.14 8.60 -25.13
C THR A 6 2.61 7.35 -25.82
N SER A 7 3.26 6.21 -25.56
CA SER A 7 2.85 4.95 -26.16
C SER A 7 1.96 4.15 -25.20
N ILE A 8 1.63 2.93 -25.59
CA ILE A 8 0.78 2.06 -24.77
C ILE A 8 1.62 1.04 -24.01
N HIS A 9 1.48 1.03 -22.69
CA HIS A 9 2.21 0.10 -21.84
C HIS A 9 1.58 -0.02 -20.46
N ILE A 10 1.87 -1.12 -19.77
CA ILE A 10 1.32 -1.34 -18.44
C ILE A 10 2.42 -1.31 -17.38
N GLU A 11 2.10 -0.77 -16.21
CA GLU A 11 3.06 -0.68 -15.12
C GLU A 11 3.11 -1.99 -14.34
N GLU A 12 4.11 -2.11 -13.47
CA GLU A 12 4.27 -3.32 -12.67
C GLU A 12 4.76 -2.97 -11.26
N TYR A 13 3.88 -3.18 -10.27
CA TYR A 13 4.22 -2.88 -8.89
C TYR A 13 4.24 -4.16 -8.05
N GLU A 14 5.21 -4.23 -7.13
CA GLU A 14 5.35 -5.40 -6.26
C GLU A 14 5.11 -5.02 -4.81
N SER A 15 4.60 -5.98 -4.03
CA SER A 15 4.32 -5.74 -2.61
C SER A 15 4.16 -7.06 -1.87
N GLU A 16 5.16 -7.40 -1.05
CA GLU A 16 5.13 -8.64 -0.28
C GLU A 16 5.42 -8.37 1.18
N ALA A 17 4.65 -8.99 2.07
CA ALA A 17 4.82 -8.81 3.50
C ALA A 17 6.04 -9.60 4.00
N ARG A 18 7.16 -8.91 4.15
CA ARG A 18 8.39 -9.54 4.61
C ARG A 18 8.44 -9.58 6.13
N ASP A 19 9.01 -10.65 6.68
CA ASP A 19 9.12 -10.80 8.12
C ASP A 19 10.10 -9.79 8.70
N THR A 20 9.64 -9.04 9.70
CA THR A 20 10.49 -8.04 10.35
C THR A 20 11.39 -8.66 11.40
N LYS A 21 12.36 -7.89 11.87
CA LYS A 21 13.30 -8.38 12.88
C LYS A 21 12.77 -8.09 14.29
N LEU A 22 11.54 -7.61 14.36
CA LEU A 22 10.92 -7.29 15.64
C LEU A 22 9.92 -8.38 16.05
N GLY A 23 9.74 -9.36 15.17
CA GLY A 23 8.82 -10.44 15.46
C GLY A 23 7.44 -10.18 14.90
N PRO A 24 7.27 -10.40 13.58
CA PRO A 24 5.99 -10.19 12.90
C PRO A 24 4.95 -11.23 13.30
N GLU A 25 3.69 -10.99 12.91
CA GLU A 25 2.61 -11.90 13.23
C GLU A 25 1.64 -12.03 12.06
N GLU A 26 1.29 -10.90 11.47
CA GLU A 26 0.36 -10.88 10.34
C GLU A 26 0.32 -9.50 9.68
N ILE A 27 0.05 -9.47 8.39
CA ILE A 27 -0.01 -8.23 7.64
C ILE A 27 -1.36 -7.54 7.85
N THR A 28 -1.35 -6.21 7.86
CA THR A 28 -2.57 -5.43 8.05
C THR A 28 -2.45 -4.06 7.39
N ARG A 29 -3.46 -3.23 7.59
CA ARG A 29 -3.49 -1.90 7.01
C ARG A 29 -3.65 -0.83 8.09
N ASP A 30 -2.67 0.07 8.18
CA ASP A 30 -2.72 1.14 9.18
C ASP A 30 -2.04 2.40 8.65
N ILE A 31 -2.84 3.27 8.05
CA ILE A 31 -2.32 4.52 7.51
C ILE A 31 -3.07 5.72 8.07
N PRO A 32 -2.69 6.16 9.28
CA PRO A 32 -3.32 7.30 9.95
C PRO A 32 -2.99 8.63 9.27
N ASN A 33 -3.81 9.65 9.53
CA ASN A 33 -3.60 10.96 8.93
C ASN A 33 -3.77 10.91 7.41
N VAL A 34 -4.37 9.82 6.92
CA VAL A 34 -4.59 9.65 5.50
C VAL A 34 -5.90 10.29 5.06
N GLY A 35 -6.00 10.63 3.78
CA GLY A 35 -7.20 11.24 3.25
C GLY A 35 -8.34 10.26 3.12
N GLU A 36 -9.54 10.69 3.48
CA GLU A 36 -10.72 9.83 3.39
C GLU A 36 -10.93 9.33 1.96
N ASP A 37 -10.59 10.18 0.99
CA ASP A 37 -10.73 9.82 -0.41
C ASP A 37 -9.75 8.73 -0.81
N ALA A 38 -8.57 8.75 -0.19
CA ALA A 38 -7.54 7.75 -0.49
C ALA A 38 -7.99 6.37 -0.04
N LEU A 39 -8.93 6.32 0.90
CA LEU A 39 -9.43 5.05 1.41
C LEU A 39 -10.91 4.87 1.07
N ARG A 40 -11.39 5.69 0.13
CA ARG A 40 -12.78 5.62 -0.30
C ARG A 40 -13.05 4.35 -1.10
N ASN A 41 -12.03 3.89 -1.83
CA ASN A 41 -12.15 2.68 -2.64
C ASN A 41 -11.63 1.46 -1.89
N LEU A 42 -10.67 1.69 -0.99
CA LEU A 42 -10.09 0.62 -0.21
C LEU A 42 -11.17 -0.15 0.56
N ASP A 43 -11.04 -1.47 0.58
CA ASP A 43 -12.00 -2.32 1.27
C ASP A 43 -11.41 -2.88 2.56
N ASP A 44 -12.11 -3.82 3.17
CA ASP A 44 -11.66 -4.43 4.42
C ASP A 44 -10.39 -5.24 4.19
N ARG A 45 -10.08 -5.51 2.92
CA ARG A 45 -8.89 -6.29 2.58
C ARG A 45 -7.64 -5.43 2.68
N GLY A 46 -7.81 -4.11 2.62
CA GLY A 46 -6.68 -3.22 2.72
C GLY A 46 -6.11 -2.85 1.37
N VAL A 47 -6.82 -3.23 0.31
CA VAL A 47 -6.38 -2.94 -1.05
C VAL A 47 -7.48 -2.26 -1.86
N ILE A 48 -7.09 -1.33 -2.71
CA ILE A 48 -8.05 -0.60 -3.55
C ILE A 48 -8.69 -1.53 -4.58
N ARG A 49 -9.99 -1.39 -4.77
CA ARG A 49 -10.72 -2.21 -5.73
C ARG A 49 -10.37 -1.82 -7.16
N ILE A 50 -10.69 -2.70 -8.11
CA ILE A 50 -10.41 -2.44 -9.52
C ILE A 50 -11.29 -1.32 -10.05
N GLY A 51 -10.79 -0.61 -11.07
CA GLY A 51 -11.55 0.47 -11.66
C GLY A 51 -11.39 1.77 -10.89
N ALA A 52 -10.40 1.83 -10.00
CA ALA A 52 -10.16 3.02 -9.20
C ALA A 52 -8.95 3.78 -9.73
N GLU A 53 -9.13 5.08 -9.96
CA GLU A 53 -8.05 5.92 -10.46
C GLU A 53 -6.95 6.08 -9.41
N VAL A 54 -5.70 5.94 -9.84
CA VAL A 54 -4.56 6.07 -8.95
C VAL A 54 -4.05 7.51 -8.92
N LYS A 55 -3.56 7.93 -7.76
CA LYS A 55 -3.04 9.28 -7.59
C LYS A 55 -2.14 9.37 -6.35
N ASP A 56 -1.42 10.48 -6.23
CA ASP A 56 -0.54 10.69 -5.09
C ASP A 56 -1.28 10.47 -3.78
N GLY A 57 -0.73 9.60 -2.93
CA GLY A 57 -1.36 9.31 -1.66
C GLY A 57 -2.06 7.97 -1.63
N ASP A 58 -2.27 7.40 -2.81
CA ASP A 58 -2.94 6.11 -2.94
C ASP A 58 -1.93 5.00 -3.18
N LEU A 59 -1.62 4.24 -2.13
CA LEU A 59 -0.66 3.14 -2.22
C LEU A 59 -1.29 1.93 -2.92
N LEU A 60 -2.61 1.83 -2.84
CA LEU A 60 -3.33 0.73 -3.45
C LEU A 60 -2.98 -0.59 -2.78
N VAL A 61 -2.32 -0.51 -1.64
CA VAL A 61 -1.93 -1.70 -0.89
C VAL A 61 -1.81 -1.40 0.61
N GLY A 62 -2.31 -2.31 1.43
CA GLY A 62 -2.26 -2.13 2.86
C GLY A 62 -1.18 -2.97 3.52
N LYS A 63 -0.06 -2.34 3.84
CA LYS A 63 1.05 -3.03 4.48
C LYS A 63 1.61 -2.22 5.65
N VAL A 64 1.59 -2.82 6.83
CA VAL A 64 2.10 -2.16 8.03
C VAL A 64 2.52 -3.17 9.08
N THR A 65 3.77 -3.07 9.52
CA THR A 65 4.31 -3.99 10.52
C THR A 65 4.38 -3.31 11.88
N PRO A 66 4.40 -4.13 12.95
CA PRO A 66 4.48 -3.64 14.33
C PRO A 66 5.84 -3.02 14.66
N LYS A 67 5.84 -2.06 15.57
CA LYS A 67 7.07 -1.40 15.98
C LYS A 67 7.74 -2.14 17.12
N GLY A 68 8.93 -1.68 17.51
CA GLY A 68 9.65 -2.33 18.59
C GLY A 68 10.09 -1.34 19.65
N VAL A 69 9.50 -1.45 20.84
CA VAL A 69 9.83 -0.56 21.95
C VAL A 69 11.33 -0.56 22.23
N THR A 70 11.96 -1.71 22.00
CA THR A 70 13.40 -1.85 22.22
C THR A 70 14.19 -0.88 21.34
N GLU A 71 13.59 -0.48 20.23
CA GLU A 71 14.24 0.44 19.30
C GLU A 71 13.44 1.73 19.16
N LEU A 72 12.84 2.16 20.27
CA LEU A 72 12.04 3.38 20.28
C LEU A 72 12.94 4.62 20.21
N THR A 73 12.33 5.77 19.97
CA THR A 73 13.07 7.02 19.89
C THR A 73 13.03 7.78 21.20
N ALA A 74 14.04 8.60 21.45
CA ALA A 74 14.11 9.38 22.68
C ALA A 74 12.90 10.28 22.83
N GLU A 75 12.38 10.77 21.71
CA GLU A 75 11.21 11.64 21.72
C GLU A 75 9.97 10.88 22.20
N GLU A 76 9.89 9.61 21.83
CA GLU A 76 8.76 8.77 22.22
C GLU A 76 8.89 8.31 23.67
N ARG A 77 10.13 8.14 24.11
CA ARG A 77 10.40 7.70 25.47
C ARG A 77 10.09 8.80 26.47
N LEU A 78 10.60 10.00 26.21
CA LEU A 78 10.38 11.14 27.09
C LEU A 78 8.91 11.55 27.09
N LEU A 79 8.16 11.04 26.13
CA LEU A 79 6.74 11.34 26.01
C LEU A 79 5.94 10.64 27.11
N HIS A 80 6.61 9.77 27.86
CA HIS A 80 5.96 9.05 28.94
C HIS A 80 5.30 10.01 29.93
N ALA A 81 5.98 11.12 30.21
CA ALA A 81 5.47 12.12 31.13
C ALA A 81 4.42 13.00 30.46
N ILE A 82 4.44 13.03 29.13
CA ILE A 82 3.49 13.84 28.37
C ILE A 82 2.16 13.10 28.22
N PHE A 83 2.21 11.91 27.63
CA PHE A 83 1.01 11.12 27.43
C PHE A 83 0.57 10.44 28.73
N GLY A 84 1.52 10.22 29.63
CA GLY A 84 1.22 9.59 30.89
C GLY A 84 0.66 8.19 30.73
N GLU A 85 0.88 7.61 29.56
CA GLU A 85 0.40 6.27 29.27
C GLU A 85 1.14 5.65 28.08
N LYS A 86 1.38 4.35 28.15
CA LYS A 86 2.08 3.65 27.08
C LYS A 86 1.15 3.43 25.88
N ALA A 87 1.55 3.94 24.72
CA ALA A 87 0.77 3.79 23.51
C ALA A 87 1.47 2.89 22.49
N ARG A 88 0.70 2.08 21.79
CA ARG A 88 1.25 1.17 20.79
C ARG A 88 1.57 1.91 19.50
N GLU A 89 2.72 1.62 18.91
CA GLU A 89 3.14 2.26 17.67
C GLU A 89 3.25 1.23 16.54
N VAL A 90 3.22 1.72 15.31
CA VAL A 90 3.32 0.85 14.14
C VAL A 90 4.21 1.47 13.07
N ARG A 91 4.70 0.64 12.15
CA ARG A 91 5.55 1.11 11.08
C ARG A 91 4.83 1.05 9.74
N ASP A 92 4.88 2.15 8.99
CA ASP A 92 4.23 2.23 7.68
C ASP A 92 5.16 1.75 6.57
N THR A 93 5.00 0.50 6.17
CA THR A 93 5.84 -0.08 5.12
C THR A 93 5.04 -0.32 3.86
N SER A 94 4.03 0.51 3.63
CA SER A 94 3.17 0.38 2.45
C SER A 94 3.95 0.75 1.18
N LEU A 95 3.33 0.47 0.03
CA LEU A 95 3.96 0.78 -1.25
C LEU A 95 3.92 2.27 -1.54
N ARG A 96 4.92 2.76 -2.27
CA ARG A 96 4.99 4.17 -2.62
C ARG A 96 4.48 4.41 -4.04
N VAL A 97 3.37 5.15 -4.14
CA VAL A 97 2.77 5.45 -5.43
C VAL A 97 3.04 6.89 -5.84
N PRO A 98 3.51 7.08 -7.08
CA PRO A 98 3.82 8.41 -7.62
C PRO A 98 2.56 9.25 -7.85
N HIS A 99 2.75 10.54 -8.01
CA HIS A 99 1.63 11.46 -8.24
C HIS A 99 0.96 11.16 -9.58
N GLY A 100 -0.34 10.88 -9.54
CA GLY A 100 -1.07 10.59 -10.76
C GLY A 100 -0.96 9.13 -11.15
N GLY A 101 0.26 8.63 -11.21
CA GLY A 101 0.48 7.23 -11.59
C GLY A 101 0.60 7.06 -13.09
N GLY A 102 -0.14 7.86 -13.84
CA GLY A 102 -0.11 7.77 -15.29
C GLY A 102 -1.32 7.05 -15.86
N GLY A 103 -1.76 6.00 -15.17
CA GLY A 103 -2.90 5.25 -15.63
C GLY A 103 -3.91 4.97 -14.52
N ILE A 104 -4.75 3.97 -14.71
CA ILE A 104 -5.75 3.60 -13.72
C ILE A 104 -5.72 2.12 -13.42
N ILE A 105 -6.05 1.76 -12.18
CA ILE A 105 -6.06 0.36 -11.76
C ILE A 105 -7.12 -0.43 -12.51
N HIS A 106 -6.68 -1.22 -13.49
CA HIS A 106 -7.59 -2.04 -14.28
C HIS A 106 -7.51 -3.50 -13.87
N ASP A 107 -6.38 -3.87 -13.27
CA ASP A 107 -6.17 -5.25 -12.83
C ASP A 107 -5.28 -5.30 -11.59
N VAL A 108 -5.50 -6.28 -10.73
CA VAL A 108 -4.72 -6.44 -9.51
C VAL A 108 -4.63 -7.91 -9.10
N LYS A 109 -3.40 -8.41 -9.00
CA LYS A 109 -3.17 -9.80 -8.62
C LYS A 109 -2.77 -9.90 -7.14
N VAL A 110 -3.39 -10.83 -6.44
CA VAL A 110 -3.09 -11.03 -5.01
C VAL A 110 -3.06 -12.51 -4.67
N PHE A 111 -1.97 -12.93 -4.02
CA PHE A 111 -1.80 -14.32 -3.63
C PHE A 111 -1.67 -14.45 -2.11
N ASN A 112 -2.41 -15.38 -1.53
CA ASN A 112 -2.37 -15.61 -0.09
C ASN A 112 -2.03 -17.06 0.23
N ARG A 113 -1.14 -17.26 1.19
CA ARG A 113 -0.73 -18.60 1.58
C ARG A 113 -1.93 -19.43 2.02
N GLU A 114 -2.87 -18.79 2.69
CA GLU A 114 -4.07 -19.47 3.17
C GLU A 114 -4.85 -20.07 1.99
N ASP A 115 -4.76 -19.43 0.84
CA ASP A 115 -5.46 -19.91 -0.35
C ASP A 115 -4.75 -21.14 -0.93
N GLY A 116 -3.51 -21.35 -0.52
CA GLY A 116 -2.75 -22.49 -1.01
C GLY A 116 -1.65 -22.09 -1.96
N ASP A 117 -1.23 -20.83 -1.88
CA ASP A 117 -0.18 -20.32 -2.75
C ASP A 117 1.17 -20.30 -2.02
N GLU A 118 2.06 -21.21 -2.40
CA GLU A 118 3.38 -21.30 -1.79
C GLU A 118 4.15 -20.00 -1.96
N LEU A 119 5.11 -19.76 -1.07
CA LEU A 119 5.92 -18.55 -1.13
C LEU A 119 7.33 -18.81 -0.61
N PRO A 120 8.28 -17.94 -1.00
CA PRO A 120 9.68 -18.07 -0.58
C PRO A 120 9.87 -17.75 0.89
N PRO A 121 11.06 -18.08 1.42
CA PRO A 121 11.41 -17.84 2.83
C PRO A 121 11.55 -16.36 3.15
N GLY A 122 10.74 -15.88 4.09
CA GLY A 122 10.79 -14.48 4.47
C GLY A 122 9.55 -13.71 4.06
N VAL A 123 8.83 -14.25 3.08
CA VAL A 123 7.61 -13.61 2.60
C VAL A 123 6.37 -14.30 3.14
N ASN A 124 5.33 -13.52 3.41
CA ASN A 124 4.08 -14.06 3.94
C ASN A 124 2.94 -13.89 2.94
N GLN A 125 3.08 -12.89 2.07
CA GLN A 125 2.06 -12.62 1.06
C GLN A 125 2.68 -11.99 -0.18
N LEU A 126 1.95 -12.01 -1.28
CA LEU A 126 2.43 -11.46 -2.54
C LEU A 126 1.29 -10.79 -3.30
N VAL A 127 1.48 -9.50 -3.63
CA VAL A 127 0.47 -8.75 -4.36
C VAL A 127 1.11 -7.78 -5.34
N ARG A 128 0.50 -7.63 -6.51
CA ARG A 128 1.02 -6.74 -7.54
C ARG A 128 -0.10 -5.88 -8.13
N VAL A 129 0.27 -4.75 -8.71
CA VAL A 129 -0.71 -3.84 -9.32
C VAL A 129 -0.47 -3.71 -10.82
N TYR A 130 -1.55 -3.47 -11.56
CA TYR A 130 -1.46 -3.33 -13.01
C TYR A 130 -2.13 -2.04 -13.47
N ILE A 131 -1.33 -1.10 -13.98
CA ILE A 131 -1.84 0.17 -14.46
C ILE A 131 -1.56 0.36 -15.95
N VAL A 132 -2.63 0.52 -16.72
CA VAL A 132 -2.51 0.71 -18.17
C VAL A 132 -2.31 2.18 -18.51
N GLN A 133 -1.43 2.45 -19.47
CA GLN A 133 -1.15 3.82 -19.89
C GLN A 133 -2.09 4.23 -21.02
N LYS A 134 -2.94 5.21 -20.74
CA LYS A 134 -3.89 5.70 -21.73
C LYS A 134 -3.57 7.15 -22.11
N ARG A 135 -4.01 7.54 -23.30
CA ARG A 135 -3.78 8.90 -23.79
C ARG A 135 -4.42 9.93 -22.88
N LYS A 136 -3.70 11.00 -22.60
CA LYS A 136 -4.20 12.07 -21.73
C LYS A 136 -5.55 12.58 -22.22
N ILE A 137 -6.33 13.15 -21.31
CA ILE A 137 -7.64 13.69 -21.66
C ILE A 137 -7.82 15.10 -21.11
N SER A 138 -8.88 15.77 -21.56
CA SER A 138 -9.16 17.13 -21.12
C SER A 138 -10.66 17.34 -20.91
N GLU A 139 -11.00 18.36 -20.13
CA GLU A 139 -12.41 18.65 -19.85
C GLU A 139 -13.17 18.95 -21.13
N GLY A 140 -12.45 19.43 -22.14
CA GLY A 140 -13.08 19.75 -23.42
C GLY A 140 -13.70 21.13 -23.42
N ASP A 141 -13.40 21.92 -22.40
CA ASP A 141 -13.93 23.27 -22.29
C ASP A 141 -12.83 24.27 -21.92
N ASP A 3 0.30 20.47 -24.06
CA ASP A 3 -0.26 19.12 -23.94
C ASP A 3 0.56 18.11 -24.73
N VAL A 4 0.52 16.86 -24.31
CA VAL A 4 1.26 15.80 -24.99
C VAL A 4 0.49 14.49 -24.95
N TYR A 5 0.57 13.72 -26.04
CA TYR A 5 -0.11 12.44 -26.13
C TYR A 5 0.89 11.29 -26.13
N THR A 6 0.57 10.25 -25.35
CA THR A 6 1.44 9.08 -25.26
C THR A 6 0.68 7.80 -25.59
N SER A 7 1.41 6.77 -26.01
CA SER A 7 0.81 5.50 -26.37
C SER A 7 0.39 4.73 -25.13
N ILE A 8 -0.09 3.51 -25.32
CA ILE A 8 -0.53 2.67 -24.22
C ILE A 8 0.64 1.90 -23.62
N HIS A 9 0.63 1.73 -22.29
CA HIS A 9 1.69 1.01 -21.60
C HIS A 9 1.13 0.24 -20.41
N ILE A 10 1.87 -0.76 -19.96
CA ILE A 10 1.45 -1.58 -18.83
C ILE A 10 2.45 -1.48 -17.69
N GLU A 11 2.00 -0.94 -16.56
CA GLU A 11 2.86 -0.80 -15.39
C GLU A 11 2.91 -2.09 -14.59
N GLU A 12 3.93 -2.21 -13.73
CA GLU A 12 4.09 -3.40 -12.91
C GLU A 12 4.60 -3.04 -11.52
N TYR A 13 3.75 -3.22 -10.52
CA TYR A 13 4.11 -2.90 -9.14
C TYR A 13 4.11 -4.16 -8.28
N GLU A 14 5.04 -4.23 -7.34
CA GLU A 14 5.15 -5.38 -6.45
C GLU A 14 4.89 -4.96 -5.01
N SER A 15 4.27 -5.86 -4.24
CA SER A 15 3.97 -5.59 -2.83
C SER A 15 3.78 -6.89 -2.06
N GLU A 16 4.76 -7.21 -1.21
CA GLU A 16 4.70 -8.43 -0.41
C GLU A 16 4.90 -8.11 1.07
N ALA A 17 4.24 -8.87 1.93
CA ALA A 17 4.35 -8.68 3.38
C ALA A 17 5.61 -9.35 3.92
N ARG A 18 6.67 -8.57 4.10
CA ARG A 18 7.93 -9.09 4.61
C ARG A 18 7.92 -9.12 6.14
N ASP A 19 8.54 -10.14 6.71
CA ASP A 19 8.61 -10.29 8.16
C ASP A 19 9.53 -9.24 8.77
N THR A 20 9.06 -8.58 9.82
CA THR A 20 9.86 -7.55 10.49
C THR A 20 10.83 -8.17 11.47
N LYS A 21 11.76 -7.36 11.97
CA LYS A 21 12.76 -7.83 12.92
C LYS A 21 12.25 -7.67 14.35
N LEU A 22 11.00 -7.28 14.49
CA LEU A 22 10.39 -7.09 15.81
C LEU A 22 9.50 -8.28 16.17
N GLY A 23 9.39 -9.23 15.25
CA GLY A 23 8.57 -10.41 15.50
C GLY A 23 7.15 -10.23 15.01
N PRO A 24 6.94 -10.36 13.69
CA PRO A 24 5.63 -10.22 13.08
C PRO A 24 4.69 -11.37 13.44
N GLU A 25 3.41 -11.22 13.11
CA GLU A 25 2.42 -12.25 13.39
C GLU A 25 1.44 -12.40 12.24
N GLU A 26 1.02 -11.27 11.68
CA GLU A 26 0.08 -11.27 10.56
C GLU A 26 0.04 -9.90 9.87
N ILE A 27 -0.37 -9.90 8.61
CA ILE A 27 -0.45 -8.66 7.84
C ILE A 27 -1.65 -7.82 8.27
N THR A 28 -1.47 -6.51 8.26
CA THR A 28 -2.54 -5.60 8.65
C THR A 28 -2.43 -4.27 7.91
N ARG A 29 -3.35 -3.35 8.19
CA ARG A 29 -3.35 -2.04 7.56
C ARG A 29 -3.44 -0.93 8.59
N ASP A 30 -2.49 0.00 8.52
CA ASP A 30 -2.46 1.13 9.46
C ASP A 30 -1.87 2.36 8.78
N ILE A 31 -2.74 3.16 8.17
CA ILE A 31 -2.32 4.39 7.49
C ILE A 31 -2.80 5.62 8.24
N PRO A 32 -2.05 6.00 9.29
CA PRO A 32 -2.37 7.18 10.11
C PRO A 32 -2.17 8.48 9.35
N ASN A 33 -2.99 9.48 9.66
CA ASN A 33 -2.91 10.78 9.01
C ASN A 33 -3.17 10.67 7.52
N VAL A 34 -4.06 9.74 7.15
CA VAL A 34 -4.41 9.52 5.75
C VAL A 34 -5.72 10.22 5.41
N GLY A 35 -5.87 10.59 4.13
CA GLY A 35 -7.08 11.26 3.69
C GLY A 35 -8.21 10.29 3.41
N GLU A 36 -9.43 10.68 3.78
CA GLU A 36 -10.60 9.84 3.57
C GLU A 36 -10.73 9.44 2.10
N ASP A 37 -10.20 10.29 1.22
CA ASP A 37 -10.25 10.03 -0.21
C ASP A 37 -9.34 8.87 -0.59
N ALA A 38 -8.23 8.75 0.12
CA ALA A 38 -7.28 7.67 -0.14
C ALA A 38 -7.88 6.31 0.18
N LEU A 39 -8.88 6.30 1.05
CA LEU A 39 -9.55 5.06 1.44
C LEU A 39 -10.98 5.02 0.91
N ARG A 40 -11.27 5.91 -0.03
CA ARG A 40 -12.61 5.97 -0.63
C ARG A 40 -12.90 4.73 -1.45
N ASN A 41 -11.85 4.16 -2.06
CA ASN A 41 -11.99 2.97 -2.88
C ASN A 41 -11.53 1.73 -2.12
N LEU A 42 -10.65 1.94 -1.15
CA LEU A 42 -10.12 0.83 -0.34
C LEU A 42 -11.25 0.06 0.32
N ASP A 43 -11.09 -1.26 0.40
CA ASP A 43 -12.10 -2.12 1.02
C ASP A 43 -11.62 -2.62 2.37
N ASP A 44 -12.35 -3.58 2.94
CA ASP A 44 -12.00 -4.15 4.23
C ASP A 44 -10.73 -4.99 4.13
N ARG A 45 -10.35 -5.32 2.90
CA ARG A 45 -9.15 -6.12 2.66
C ARG A 45 -7.89 -5.28 2.82
N GLY A 46 -8.05 -3.96 2.69
CA GLY A 46 -6.91 -3.06 2.83
C GLY A 46 -6.28 -2.71 1.49
N VAL A 47 -6.98 -3.04 0.41
CA VAL A 47 -6.49 -2.75 -0.93
C VAL A 47 -7.57 -2.07 -1.77
N ILE A 48 -7.13 -1.17 -2.66
CA ILE A 48 -8.06 -0.46 -3.53
C ILE A 48 -8.71 -1.39 -4.54
N ARG A 49 -10.00 -1.19 -4.78
CA ARG A 49 -10.73 -2.02 -5.73
C ARG A 49 -10.36 -1.66 -7.17
N ILE A 50 -10.69 -2.55 -8.10
CA ILE A 50 -10.39 -2.34 -9.51
C ILE A 50 -11.26 -1.23 -10.09
N GLY A 51 -10.75 -0.55 -11.12
CA GLY A 51 -11.50 0.52 -11.75
C GLY A 51 -11.33 1.84 -11.03
N ALA A 52 -10.37 1.91 -10.12
CA ALA A 52 -10.11 3.12 -9.36
C ALA A 52 -8.87 3.84 -9.87
N GLU A 53 -9.02 5.14 -10.15
CA GLU A 53 -7.91 5.94 -10.64
C GLU A 53 -6.83 6.10 -9.59
N VAL A 54 -5.58 5.94 -10.00
CA VAL A 54 -4.45 6.06 -9.09
C VAL A 54 -3.91 7.49 -9.07
N LYS A 55 -3.43 7.92 -7.90
CA LYS A 55 -2.89 9.27 -7.76
C LYS A 55 -2.00 9.36 -6.51
N ASP A 56 -1.32 10.48 -6.36
CA ASP A 56 -0.44 10.70 -5.22
C ASP A 56 -1.17 10.41 -3.92
N GLY A 57 -0.54 9.64 -3.04
CA GLY A 57 -1.14 9.29 -1.76
C GLY A 57 -1.90 7.99 -1.81
N ASP A 58 -2.06 7.43 -3.01
CA ASP A 58 -2.76 6.17 -3.18
C ASP A 58 -1.80 5.00 -3.17
N LEU A 59 -1.65 4.37 -2.01
CA LEU A 59 -0.76 3.23 -1.87
C LEU A 59 -1.27 2.02 -2.63
N LEU A 60 -2.60 1.92 -2.73
CA LEU A 60 -3.22 0.80 -3.44
C LEU A 60 -2.91 -0.52 -2.76
N VAL A 61 -2.44 -0.45 -1.52
CA VAL A 61 -2.12 -1.65 -0.76
C VAL A 61 -1.93 -1.32 0.72
N GLY A 62 -2.45 -2.19 1.58
CA GLY A 62 -2.33 -1.99 3.01
C GLY A 62 -1.36 -2.94 3.66
N LYS A 63 -0.15 -2.46 3.92
CA LYS A 63 0.89 -3.28 4.55
C LYS A 63 1.60 -2.51 5.65
N VAL A 64 1.62 -3.09 6.85
CA VAL A 64 2.27 -2.47 7.99
C VAL A 64 2.65 -3.50 9.05
N THR A 65 3.90 -3.46 9.49
CA THR A 65 4.39 -4.40 10.49
C THR A 65 4.44 -3.74 11.87
N PRO A 66 4.44 -4.57 12.92
CA PRO A 66 4.50 -4.10 14.31
C PRO A 66 5.85 -3.48 14.66
N LYS A 67 5.86 -2.68 15.72
CA LYS A 67 7.09 -2.02 16.16
C LYS A 67 7.34 -2.29 17.64
N GLY A 68 8.52 -1.91 18.12
CA GLY A 68 8.86 -2.12 19.52
C GLY A 68 8.55 -0.91 20.37
N VAL A 69 8.67 -1.07 21.69
CA VAL A 69 8.39 0.02 22.62
C VAL A 69 9.65 0.83 22.89
N THR A 70 10.81 0.24 22.61
CA THR A 70 12.08 0.92 22.83
C THR A 70 12.57 1.60 21.55
N GLU A 71 11.63 1.93 20.67
CA GLU A 71 11.96 2.59 19.41
C GLU A 71 11.04 3.78 19.16
N LEU A 72 10.44 4.29 20.24
CA LEU A 72 9.53 5.43 20.13
C LEU A 72 10.32 6.73 20.01
N THR A 73 9.60 7.82 19.75
CA THR A 73 10.23 9.13 19.61
C THR A 73 9.77 10.08 20.72
N ALA A 74 10.52 11.16 20.91
CA ALA A 74 10.18 12.15 21.93
C ALA A 74 8.81 12.76 21.68
N GLU A 75 8.40 12.77 20.42
CA GLU A 75 7.11 13.34 20.03
C GLU A 75 5.97 12.53 20.66
N GLU A 76 6.16 11.22 20.76
CA GLU A 76 5.15 10.34 21.33
C GLU A 76 5.07 10.52 22.85
N ARG A 77 6.20 10.88 23.46
CA ARG A 77 6.25 11.08 24.90
C ARG A 77 5.40 12.29 25.31
N LEU A 78 5.47 13.35 24.52
CA LEU A 78 4.71 14.56 24.81
C LEU A 78 3.29 14.44 24.27
N LEU A 79 3.06 13.45 23.42
CA LEU A 79 1.74 13.23 22.83
C LEU A 79 0.78 12.63 23.87
N HIS A 80 1.31 12.28 25.03
CA HIS A 80 0.51 11.70 26.10
C HIS A 80 -0.65 12.62 26.46
N ALA A 81 -0.38 13.92 26.47
CA ALA A 81 -1.41 14.90 26.79
C ALA A 81 -2.34 15.15 25.62
N ILE A 82 -1.86 14.81 24.42
CA ILE A 82 -2.64 15.00 23.20
C ILE A 82 -3.61 13.84 22.99
N PHE A 83 -3.07 12.63 22.88
CA PHE A 83 -3.89 11.44 22.68
C PHE A 83 -4.54 10.99 23.99
N GLY A 84 -3.91 11.34 25.10
CA GLY A 84 -4.45 10.98 26.40
C GLY A 84 -3.78 9.73 26.97
N GLU A 85 -3.16 8.95 26.10
CA GLU A 85 -2.48 7.72 26.51
C GLU A 85 -1.66 7.14 25.38
N LYS A 86 -0.54 6.51 25.72
CA LYS A 86 0.34 5.91 24.73
C LYS A 86 -0.38 4.79 23.98
N ALA A 87 -0.44 4.91 22.66
CA ALA A 87 -1.09 3.92 21.82
C ALA A 87 -0.06 3.09 21.04
N ARG A 88 -0.44 1.88 20.66
CA ARG A 88 0.44 1.00 19.91
C ARG A 88 0.93 1.67 18.63
N GLU A 89 2.23 1.55 18.36
CA GLU A 89 2.80 2.14 17.16
C GLU A 89 3.35 1.07 16.22
N VAL A 90 3.29 1.34 14.92
CA VAL A 90 3.77 0.39 13.93
C VAL A 90 4.63 1.10 12.88
N ARG A 91 5.13 0.32 11.92
CA ARG A 91 5.96 0.87 10.85
C ARG A 91 5.22 0.86 9.52
N ASP A 92 5.09 2.03 8.90
CA ASP A 92 4.41 2.16 7.63
C ASP A 92 5.26 1.59 6.49
N THR A 93 4.99 0.34 6.13
CA THR A 93 5.74 -0.31 5.07
C THR A 93 4.86 -0.54 3.83
N SER A 94 3.94 0.39 3.60
CA SER A 94 3.04 0.30 2.46
C SER A 94 3.78 0.59 1.16
N LEU A 95 3.11 0.34 0.04
CA LEU A 95 3.71 0.56 -1.28
C LEU A 95 3.74 2.05 -1.60
N ARG A 96 4.75 2.47 -2.35
CA ARG A 96 4.89 3.87 -2.74
C ARG A 96 4.38 4.10 -4.16
N VAL A 97 3.47 5.06 -4.30
CA VAL A 97 2.89 5.38 -5.60
C VAL A 97 3.19 6.82 -5.99
N PRO A 98 3.68 7.01 -7.23
CA PRO A 98 4.01 8.34 -7.75
C PRO A 98 2.78 9.19 -8.00
N HIS A 99 2.99 10.49 -8.20
CA HIS A 99 1.90 11.42 -8.45
C HIS A 99 1.21 11.09 -9.78
N GLY A 100 -0.10 10.84 -9.71
CA GLY A 100 -0.84 10.53 -10.92
C GLY A 100 -0.76 9.06 -11.29
N GLY A 101 0.46 8.53 -11.34
CA GLY A 101 0.65 7.14 -11.68
C GLY A 101 0.79 6.92 -13.18
N GLY A 102 0.07 7.72 -13.96
CA GLY A 102 0.12 7.59 -15.40
C GLY A 102 -1.10 6.88 -15.96
N GLY A 103 -1.56 5.87 -15.26
CA GLY A 103 -2.72 5.11 -15.71
C GLY A 103 -3.73 4.89 -14.61
N ILE A 104 -4.58 3.89 -14.79
CA ILE A 104 -5.61 3.56 -13.80
C ILE A 104 -5.61 2.08 -13.47
N ILE A 105 -5.96 1.75 -12.22
CA ILE A 105 -5.99 0.37 -11.78
C ILE A 105 -7.06 -0.42 -12.53
N HIS A 106 -6.63 -1.22 -13.50
CA HIS A 106 -7.55 -2.03 -14.29
C HIS A 106 -7.48 -3.50 -13.88
N ASP A 107 -6.33 -3.90 -13.33
CA ASP A 107 -6.14 -5.27 -12.89
C ASP A 107 -5.27 -5.32 -11.64
N VAL A 108 -5.54 -6.29 -10.77
CA VAL A 108 -4.79 -6.45 -9.53
C VAL A 108 -4.76 -7.91 -9.09
N LYS A 109 -3.55 -8.45 -8.96
CA LYS A 109 -3.39 -9.85 -8.55
C LYS A 109 -3.01 -9.93 -7.08
N VAL A 110 -3.60 -10.89 -6.37
CA VAL A 110 -3.33 -11.07 -4.95
C VAL A 110 -3.28 -12.55 -4.59
N PHE A 111 -2.15 -13.00 -4.06
CA PHE A 111 -1.98 -14.40 -3.66
C PHE A 111 -1.89 -14.53 -2.15
N ASN A 112 -2.42 -15.64 -1.63
CA ASN A 112 -2.42 -15.89 -0.19
C ASN A 112 -1.81 -17.25 0.11
N ARG A 113 -0.99 -17.32 1.16
CA ARG A 113 -0.36 -18.57 1.55
C ARG A 113 -1.40 -19.57 2.03
N GLU A 114 -2.46 -19.07 2.65
CA GLU A 114 -3.53 -19.93 3.15
C GLU A 114 -4.19 -20.70 2.02
N ASP A 115 -4.16 -20.12 0.82
CA ASP A 115 -4.76 -20.75 -0.35
C ASP A 115 -3.92 -21.92 -0.83
N GLY A 116 -2.66 -21.95 -0.40
CA GLY A 116 -1.77 -23.03 -0.80
C GLY A 116 -0.71 -22.56 -1.79
N ASP A 117 -0.46 -21.26 -1.82
CA ASP A 117 0.53 -20.69 -2.73
C ASP A 117 1.90 -20.65 -2.07
N GLU A 118 2.89 -21.25 -2.72
CA GLU A 118 4.25 -21.28 -2.19
C GLU A 118 4.91 -19.91 -2.31
N LEU A 119 5.56 -19.48 -1.23
CA LEU A 119 6.23 -18.19 -1.21
C LEU A 119 7.65 -18.32 -0.67
N PRO A 120 8.50 -17.33 -1.01
CA PRO A 120 9.90 -17.31 -0.57
C PRO A 120 10.03 -17.07 0.93
N PRO A 121 11.24 -17.30 1.46
CA PRO A 121 11.53 -17.11 2.89
C PRO A 121 11.53 -15.63 3.28
N GLY A 122 10.65 -15.27 4.20
CA GLY A 122 10.56 -13.89 4.66
C GLY A 122 9.30 -13.21 4.20
N VAL A 123 8.63 -13.80 3.20
CA VAL A 123 7.40 -13.24 2.67
C VAL A 123 6.18 -14.01 3.18
N ASN A 124 5.14 -13.27 3.56
CA ASN A 124 3.92 -13.88 4.07
C ASN A 124 2.82 -13.84 3.02
N GLN A 125 2.82 -12.79 2.21
CA GLN A 125 1.82 -12.63 1.16
C GLN A 125 2.44 -11.99 -0.09
N LEU A 126 1.70 -12.05 -1.19
CA LEU A 126 2.17 -11.48 -2.45
C LEU A 126 1.03 -10.79 -3.19
N VAL A 127 1.30 -9.57 -3.67
CA VAL A 127 0.29 -8.80 -4.39
C VAL A 127 0.94 -7.93 -5.46
N ARG A 128 0.40 -7.98 -6.68
CA ARG A 128 0.93 -7.20 -7.79
C ARG A 128 -0.16 -6.32 -8.39
N VAL A 129 0.15 -5.03 -8.55
CA VAL A 129 -0.80 -4.08 -9.12
C VAL A 129 -0.49 -3.81 -10.59
N TYR A 130 -1.54 -3.65 -11.39
CA TYR A 130 -1.39 -3.39 -12.82
C TYR A 130 -2.04 -2.06 -13.20
N ILE A 131 -1.33 -1.29 -14.02
CA ILE A 131 -1.84 0.01 -14.46
C ILE A 131 -1.70 0.16 -15.98
N VAL A 132 -2.77 0.61 -16.62
CA VAL A 132 -2.77 0.82 -18.06
C VAL A 132 -2.91 2.29 -18.42
N GLN A 133 -2.10 2.74 -19.37
CA GLN A 133 -2.14 4.13 -19.80
C GLN A 133 -3.10 4.31 -20.98
N LYS A 134 -4.18 5.04 -20.74
CA LYS A 134 -5.18 5.30 -21.78
C LYS A 134 -5.54 6.78 -21.84
N ARG A 135 -5.70 7.29 -23.05
CA ARG A 135 -6.06 8.69 -23.25
C ARG A 135 -7.32 8.82 -24.10
N LYS A 136 -7.86 10.03 -24.16
CA LYS A 136 -9.06 10.30 -24.94
C LYS A 136 -8.92 9.78 -26.37
N ILE A 137 -10.02 9.34 -26.95
CA ILE A 137 -10.00 8.83 -28.31
C ILE A 137 -9.34 9.81 -29.27
N SER A 138 -8.83 9.30 -30.38
CA SER A 138 -8.17 10.14 -31.38
C SER A 138 -9.12 11.20 -31.91
N GLU A 139 -8.70 12.45 -31.83
CA GLU A 139 -9.51 13.57 -32.30
C GLU A 139 -9.84 13.41 -33.78
N GLY A 140 -8.84 13.04 -34.57
CA GLY A 140 -9.04 12.86 -35.99
C GLY A 140 -8.33 13.92 -36.83
N ASP A 141 -7.48 14.70 -36.18
CA ASP A 141 -6.73 15.74 -36.86
C ASP A 141 -5.54 16.19 -36.03
N ASP A 3 7.86 10.01 -37.80
CA ASP A 3 6.74 10.03 -36.86
C ASP A 3 5.94 8.74 -36.94
N VAL A 4 5.74 8.09 -35.79
CA VAL A 4 4.99 6.85 -35.73
C VAL A 4 4.10 6.81 -34.49
N TYR A 5 3.00 6.07 -34.59
CA TYR A 5 2.06 5.95 -33.48
C TYR A 5 2.43 4.77 -32.59
N THR A 6 1.95 4.81 -31.35
CA THR A 6 2.22 3.75 -30.38
C THR A 6 0.94 3.08 -29.91
N SER A 7 1.06 2.20 -28.94
CA SER A 7 -0.09 1.49 -28.39
C SER A 7 -0.15 1.64 -26.87
N ILE A 8 -1.09 0.92 -26.25
CA ILE A 8 -1.25 0.98 -24.80
C ILE A 8 -0.12 0.23 -24.10
N HIS A 9 0.10 0.58 -22.83
CA HIS A 9 1.15 -0.06 -22.04
C HIS A 9 0.56 -0.70 -20.78
N ILE A 10 1.30 -1.65 -20.22
CA ILE A 10 0.85 -2.34 -19.01
C ILE A 10 1.88 -2.23 -17.89
N GLU A 11 1.49 -1.62 -16.78
CA GLU A 11 2.38 -1.45 -15.64
C GLU A 11 2.36 -2.69 -14.75
N GLU A 12 3.41 -2.84 -13.94
CA GLU A 12 3.52 -3.99 -13.04
C GLU A 12 4.14 -3.56 -11.71
N TYR A 13 3.32 -3.60 -10.66
CA TYR A 13 3.79 -3.23 -9.32
C TYR A 13 3.85 -4.45 -8.41
N GLU A 14 4.82 -4.45 -7.50
CA GLU A 14 5.00 -5.54 -6.55
C GLU A 14 4.77 -5.08 -5.12
N SER A 15 4.27 -5.98 -4.28
CA SER A 15 4.01 -5.66 -2.89
C SER A 15 3.87 -6.93 -2.05
N GLU A 16 4.77 -7.11 -1.09
CA GLU A 16 4.73 -8.29 -0.24
C GLU A 16 4.87 -7.89 1.23
N ALA A 17 4.22 -8.66 2.11
CA ALA A 17 4.26 -8.39 3.53
C ALA A 17 5.52 -8.98 4.18
N ARG A 18 6.52 -8.13 4.40
CA ARG A 18 7.77 -8.57 5.00
C ARG A 18 7.66 -8.63 6.53
N ASP A 19 8.16 -9.72 7.10
CA ASP A 19 8.12 -9.90 8.55
C ASP A 19 8.99 -8.86 9.25
N THR A 20 8.48 -8.27 10.32
CA THR A 20 9.21 -7.28 11.09
C THR A 20 10.13 -7.93 12.10
N LYS A 21 11.03 -7.13 12.67
CA LYS A 21 11.98 -7.63 13.66
C LYS A 21 11.41 -7.55 15.07
N LEU A 22 10.14 -7.18 15.16
CA LEU A 22 9.45 -7.07 16.44
C LEU A 22 8.57 -8.28 16.70
N GLY A 23 8.57 -9.22 15.76
CA GLY A 23 7.77 -10.42 15.90
C GLY A 23 6.36 -10.24 15.39
N PRO A 24 6.20 -10.30 14.05
CA PRO A 24 4.90 -10.14 13.40
C PRO A 24 3.97 -11.32 13.67
N GLU A 25 2.71 -11.18 13.25
CA GLU A 25 1.72 -12.24 13.44
C GLU A 25 0.83 -12.38 12.21
N GLU A 26 0.36 -11.24 11.70
CA GLU A 26 -0.52 -11.23 10.54
C GLU A 26 -0.47 -9.88 9.83
N ILE A 27 -0.82 -9.88 8.54
CA ILE A 27 -0.81 -8.66 7.76
C ILE A 27 -2.01 -7.78 8.10
N THR A 28 -1.82 -6.46 8.04
CA THR A 28 -2.88 -5.52 8.35
C THR A 28 -2.69 -4.21 7.60
N ARG A 29 -3.61 -3.27 7.80
CA ARG A 29 -3.54 -1.97 7.14
C ARG A 29 -3.58 -0.84 8.16
N ASP A 30 -2.57 0.02 8.11
CA ASP A 30 -2.48 1.15 9.03
C ASP A 30 -1.80 2.34 8.37
N ILE A 31 -2.60 3.20 7.74
CA ILE A 31 -2.06 4.37 7.06
C ILE A 31 -2.46 5.65 7.79
N PRO A 32 -1.71 5.99 8.85
CA PRO A 32 -1.96 7.19 9.66
C PRO A 32 -1.64 8.47 8.91
N ASN A 33 -2.40 9.52 9.18
CA ASN A 33 -2.21 10.80 8.52
C ASN A 33 -2.44 10.70 7.01
N VAL A 34 -3.39 9.84 6.64
CA VAL A 34 -3.72 9.65 5.23
C VAL A 34 -4.99 10.40 4.85
N GLY A 35 -5.12 10.74 3.58
CA GLY A 35 -6.28 11.47 3.11
C GLY A 35 -7.51 10.59 3.01
N GLU A 36 -8.66 11.12 3.42
CA GLU A 36 -9.91 10.38 3.38
C GLU A 36 -10.18 9.85 1.96
N ASP A 37 -9.75 10.60 0.97
CA ASP A 37 -9.94 10.21 -0.43
C ASP A 37 -9.07 9.02 -0.78
N ALA A 38 -7.89 8.94 -0.18
CA ALA A 38 -6.97 7.84 -0.43
C ALA A 38 -7.55 6.51 0.06
N LEU A 39 -8.49 6.60 1.00
CA LEU A 39 -9.12 5.41 1.56
C LEU A 39 -10.62 5.38 1.23
N ARG A 40 -11.02 6.21 0.27
CA ARG A 40 -12.42 6.28 -0.15
C ARG A 40 -12.83 4.99 -0.86
N ASN A 41 -11.89 4.37 -1.55
CA ASN A 41 -12.16 3.14 -2.27
C ASN A 41 -11.60 1.93 -1.52
N LEU A 42 -10.60 2.16 -0.70
CA LEU A 42 -9.97 1.10 0.08
C LEU A 42 -11.02 0.36 0.91
N ASP A 43 -10.92 -0.96 0.92
CA ASP A 43 -11.84 -1.79 1.68
C ASP A 43 -11.19 -2.31 2.97
N ASP A 44 -11.87 -3.24 3.63
CA ASP A 44 -11.36 -3.81 4.87
C ASP A 44 -10.07 -4.59 4.61
N ARG A 45 -9.82 -4.93 3.35
CA ARG A 45 -8.63 -5.68 2.98
C ARG A 45 -7.41 -4.78 2.97
N GLY A 46 -7.63 -3.47 2.85
CA GLY A 46 -6.53 -2.52 2.82
C GLY A 46 -6.08 -2.19 1.42
N VAL A 47 -6.67 -2.86 0.43
CA VAL A 47 -6.32 -2.63 -0.97
C VAL A 47 -7.45 -1.92 -1.70
N ILE A 48 -7.08 -1.00 -2.59
CA ILE A 48 -8.05 -0.25 -3.37
C ILE A 48 -8.78 -1.15 -4.36
N ARG A 49 -10.09 -0.98 -4.47
CA ARG A 49 -10.90 -1.78 -5.39
C ARG A 49 -10.57 -1.43 -6.83
N ILE A 50 -10.93 -2.33 -7.75
CA ILE A 50 -10.68 -2.12 -9.16
C ILE A 50 -11.57 -1.03 -9.72
N GLY A 51 -11.07 -0.33 -10.73
CA GLY A 51 -11.84 0.75 -11.35
C GLY A 51 -11.63 2.08 -10.67
N ALA A 52 -10.65 2.13 -9.77
CA ALA A 52 -10.33 3.36 -9.05
C ALA A 52 -9.08 4.02 -9.60
N GLU A 53 -9.14 5.33 -9.83
CA GLU A 53 -8.01 6.08 -10.36
C GLU A 53 -6.89 6.15 -9.34
N VAL A 54 -5.65 5.96 -9.80
CA VAL A 54 -4.49 6.02 -8.93
C VAL A 54 -3.91 7.43 -8.87
N LYS A 55 -3.36 7.79 -7.72
CA LYS A 55 -2.75 9.11 -7.53
C LYS A 55 -1.81 9.11 -6.34
N ASP A 56 -1.14 10.24 -6.14
CA ASP A 56 -0.21 10.38 -5.02
C ASP A 56 -0.90 10.11 -3.69
N GLY A 57 -0.17 9.49 -2.76
CA GLY A 57 -0.73 9.18 -1.46
C GLY A 57 -1.57 7.91 -1.47
N ASP A 58 -1.67 7.29 -2.64
CA ASP A 58 -2.44 6.06 -2.79
C ASP A 58 -1.53 4.88 -3.12
N LEU A 59 -1.19 4.09 -2.10
CA LEU A 59 -0.33 2.94 -2.28
C LEU A 59 -1.08 1.79 -2.95
N LEU A 60 -2.41 1.83 -2.86
CA LEU A 60 -3.25 0.79 -3.46
C LEU A 60 -2.97 -0.57 -2.82
N VAL A 61 -2.33 -0.56 -1.65
CA VAL A 61 -2.02 -1.78 -0.94
C VAL A 61 -1.81 -1.51 0.54
N GLY A 62 -2.36 -2.39 1.39
CA GLY A 62 -2.23 -2.23 2.82
C GLY A 62 -1.24 -3.22 3.41
N LYS A 63 -0.03 -2.76 3.68
CA LYS A 63 1.00 -3.61 4.27
C LYS A 63 1.69 -2.90 5.43
N VAL A 64 1.41 -3.37 6.64
CA VAL A 64 2.01 -2.78 7.83
C VAL A 64 2.21 -3.84 8.93
N THR A 65 3.08 -3.54 9.87
CA THR A 65 3.36 -4.47 10.97
C THR A 65 3.48 -3.71 12.30
N PRO A 66 3.26 -4.44 13.40
CA PRO A 66 3.33 -3.87 14.75
C PRO A 66 4.77 -3.51 15.15
N LYS A 67 4.91 -2.40 15.86
CA LYS A 67 6.22 -1.95 16.31
C LYS A 67 6.33 -2.00 17.83
N GLY A 68 7.54 -1.84 18.34
CA GLY A 68 7.75 -1.87 19.77
C GLY A 68 8.59 -0.70 20.26
N VAL A 69 9.15 -0.83 21.46
CA VAL A 69 9.97 0.22 22.04
C VAL A 69 11.44 0.04 21.68
N THR A 70 11.70 -0.86 20.73
CA THR A 70 13.07 -1.14 20.30
C THR A 70 13.66 0.06 19.55
N GLU A 71 12.90 0.59 18.60
CA GLU A 71 13.35 1.74 17.82
C GLU A 71 12.28 2.82 17.79
N LEU A 72 11.84 3.25 18.97
CA LEU A 72 10.82 4.29 19.07
C LEU A 72 11.40 5.65 18.73
N THR A 73 10.53 6.63 18.58
CA THR A 73 10.95 8.00 18.24
C THR A 73 11.10 8.84 19.50
N ALA A 74 11.95 9.86 19.41
CA ALA A 74 12.19 10.75 20.54
C ALA A 74 10.90 11.42 21.00
N GLU A 75 10.03 11.74 20.04
CA GLU A 75 8.76 12.39 20.35
C GLU A 75 7.88 11.49 21.21
N GLU A 76 7.97 10.18 20.96
CA GLU A 76 7.19 9.21 21.71
C GLU A 76 7.66 9.12 23.16
N ARG A 77 8.95 9.37 23.37
CA ARG A 77 9.53 9.32 24.70
C ARG A 77 8.71 10.17 25.68
N LEU A 78 8.44 11.41 25.29
CA LEU A 78 7.67 12.33 26.13
C LEU A 78 6.17 12.10 25.96
N LEU A 79 5.79 11.61 24.78
CA LEU A 79 4.38 11.33 24.49
C LEU A 79 3.77 10.42 25.54
N HIS A 80 4.61 9.59 26.16
CA HIS A 80 4.16 8.66 27.18
C HIS A 80 3.65 9.41 28.42
N ALA A 81 4.22 10.58 28.66
CA ALA A 81 3.82 11.40 29.80
C ALA A 81 2.50 12.10 29.54
N ILE A 82 2.19 12.32 28.26
CA ILE A 82 0.95 13.00 27.88
C ILE A 82 -0.25 12.08 28.09
N PHE A 83 -0.26 10.95 27.39
CA PHE A 83 -1.35 9.99 27.51
C PHE A 83 -1.25 9.20 28.82
N GLY A 84 -0.05 9.10 29.34
CA GLY A 84 0.16 8.38 30.58
C GLY A 84 -0.24 6.91 30.48
N GLU A 85 -0.31 6.41 29.25
CA GLU A 85 -0.68 5.02 29.02
C GLU A 85 0.11 4.43 27.86
N LYS A 86 0.29 3.11 27.88
CA LYS A 86 1.04 2.42 26.84
C LYS A 86 0.19 2.27 25.58
N ALA A 87 0.80 2.60 24.44
CA ALA A 87 0.09 2.50 23.16
C ALA A 87 0.85 1.60 22.20
N ARG A 88 0.16 1.15 21.14
CA ARG A 88 0.75 0.27 20.15
C ARG A 88 1.34 1.08 19.00
N GLU A 89 2.41 0.55 18.41
CA GLU A 89 3.07 1.23 17.29
C GLU A 89 2.95 0.41 16.01
N VAL A 90 3.13 1.07 14.87
CA VAL A 90 3.04 0.40 13.58
C VAL A 90 4.05 0.97 12.59
N ARG A 91 4.43 0.16 11.61
CA ARG A 91 5.39 0.60 10.59
C ARG A 91 4.79 0.47 9.20
N ASP A 92 4.97 1.52 8.39
CA ASP A 92 4.45 1.52 7.02
C ASP A 92 5.32 0.68 6.10
N THR A 93 4.84 -0.50 5.74
CA THR A 93 5.57 -1.40 4.87
C THR A 93 4.85 -1.60 3.54
N SER A 94 4.06 -0.60 3.14
CA SER A 94 3.32 -0.66 1.89
C SER A 94 4.16 -0.13 0.73
N LEU A 95 3.66 -0.34 -0.49
CA LEU A 95 4.36 0.12 -1.68
C LEU A 95 4.18 1.62 -1.88
N ARG A 96 5.18 2.26 -2.49
CA ARG A 96 5.13 3.69 -2.75
C ARG A 96 4.64 3.98 -4.16
N VAL A 97 3.56 4.75 -4.26
CA VAL A 97 3.00 5.10 -5.56
C VAL A 97 3.31 6.54 -5.93
N PRO A 98 3.77 6.77 -7.16
CA PRO A 98 4.11 8.10 -7.65
C PRO A 98 2.88 8.98 -7.86
N HIS A 99 3.10 10.29 -7.93
CA HIS A 99 2.00 11.24 -8.12
C HIS A 99 1.34 11.04 -9.48
N GLY A 100 0.01 11.02 -9.50
CA GLY A 100 -0.72 10.83 -10.73
C GLY A 100 -0.91 9.37 -11.08
N GLY A 101 0.17 8.61 -11.05
CA GLY A 101 0.09 7.19 -11.37
C GLY A 101 0.26 6.93 -12.85
N GLY A 102 -0.25 7.83 -13.68
CA GLY A 102 -0.14 7.66 -15.12
C GLY A 102 -1.34 6.95 -15.70
N GLY A 103 -1.83 5.94 -14.99
CA GLY A 103 -2.98 5.18 -15.47
C GLY A 103 -4.03 4.98 -14.40
N ILE A 104 -4.86 3.96 -14.57
CA ILE A 104 -5.92 3.67 -13.61
C ILE A 104 -5.97 2.17 -13.28
N ILE A 105 -6.33 1.85 -12.05
CA ILE A 105 -6.43 0.47 -11.62
C ILE A 105 -7.53 -0.27 -12.38
N HIS A 106 -7.13 -1.14 -13.30
CA HIS A 106 -8.08 -1.91 -14.10
C HIS A 106 -8.12 -3.36 -13.63
N ASP A 107 -7.03 -3.81 -13.01
CA ASP A 107 -6.94 -5.18 -12.52
C ASP A 107 -5.95 -5.27 -11.37
N VAL A 108 -6.11 -6.32 -10.54
CA VAL A 108 -5.22 -6.53 -9.40
C VAL A 108 -5.08 -8.00 -9.08
N LYS A 109 -3.86 -8.45 -8.86
CA LYS A 109 -3.59 -9.84 -8.53
C LYS A 109 -3.06 -9.98 -7.11
N VAL A 110 -3.62 -10.92 -6.36
CA VAL A 110 -3.21 -11.16 -4.98
C VAL A 110 -3.07 -12.65 -4.70
N PHE A 111 -1.88 -13.07 -4.26
CA PHE A 111 -1.63 -14.46 -3.96
C PHE A 111 -1.62 -14.69 -2.44
N ASN A 112 -2.01 -15.89 -2.03
CA ASN A 112 -2.05 -16.24 -0.62
C ASN A 112 -1.38 -17.58 -0.37
N ARG A 113 -0.54 -17.64 0.65
CA ARG A 113 0.17 -18.88 0.99
C ARG A 113 -0.81 -20.00 1.30
N GLU A 114 -1.97 -19.63 1.85
CA GLU A 114 -2.99 -20.61 2.19
C GLU A 114 -3.52 -21.32 0.94
N ASP A 115 -3.39 -20.65 -0.20
CA ASP A 115 -3.85 -21.22 -1.47
C ASP A 115 -2.90 -22.31 -1.94
N GLY A 116 -1.68 -22.30 -1.40
CA GLY A 116 -0.69 -23.30 -1.79
C GLY A 116 0.42 -22.71 -2.65
N ASP A 117 0.57 -21.39 -2.60
CA ASP A 117 1.60 -20.72 -3.38
C ASP A 117 2.88 -20.54 -2.56
N GLU A 118 3.97 -21.12 -3.05
CA GLU A 118 5.25 -21.03 -2.36
C GLU A 118 5.82 -19.62 -2.46
N LEU A 119 6.35 -19.11 -1.34
CA LEU A 119 6.93 -17.78 -1.31
C LEU A 119 8.34 -17.82 -0.74
N PRO A 120 9.14 -16.78 -1.04
CA PRO A 120 10.52 -16.67 -0.56
C PRO A 120 10.60 -16.41 0.93
N PRO A 121 11.80 -16.55 1.50
CA PRO A 121 12.04 -16.34 2.93
C PRO A 121 11.93 -14.86 3.32
N GLY A 122 11.09 -14.58 4.32
CA GLY A 122 10.91 -13.22 4.77
C GLY A 122 9.64 -12.60 4.23
N VAL A 123 8.88 -13.38 3.47
CA VAL A 123 7.63 -12.89 2.90
C VAL A 123 6.44 -13.67 3.44
N ASN A 124 5.33 -12.98 3.64
CA ASN A 124 4.11 -13.60 4.16
C ASN A 124 3.02 -13.62 3.09
N GLN A 125 2.96 -12.56 2.30
CA GLN A 125 1.96 -12.45 1.24
C GLN A 125 2.54 -11.77 0.00
N LEU A 126 1.82 -11.86 -1.10
CA LEU A 126 2.27 -11.27 -2.36
C LEU A 126 1.09 -10.69 -3.15
N VAL A 127 1.21 -9.44 -3.56
CA VAL A 127 0.15 -8.78 -4.31
C VAL A 127 0.73 -7.78 -5.31
N ARG A 128 0.23 -7.83 -6.54
CA ARG A 128 0.70 -6.93 -7.59
C ARG A 128 -0.44 -6.09 -8.14
N VAL A 129 -0.11 -4.95 -8.73
CA VAL A 129 -1.11 -4.05 -9.30
C VAL A 129 -0.95 -3.95 -10.81
N TYR A 130 -2.05 -3.66 -11.50
CA TYR A 130 -2.03 -3.52 -12.95
C TYR A 130 -2.60 -2.18 -13.39
N ILE A 131 -1.73 -1.33 -13.94
CA ILE A 131 -2.14 -0.02 -14.39
C ILE A 131 -1.89 0.15 -15.89
N VAL A 132 -2.88 0.68 -16.59
CA VAL A 132 -2.77 0.90 -18.04
C VAL A 132 -2.62 2.38 -18.36
N GLN A 133 -1.68 2.70 -19.26
CA GLN A 133 -1.45 4.08 -19.65
C GLN A 133 -2.47 4.53 -20.70
N LYS A 134 -2.98 5.74 -20.52
CA LYS A 134 -3.97 6.30 -21.45
C LYS A 134 -3.30 6.80 -22.72
N ARG A 135 -3.99 6.65 -23.85
CA ARG A 135 -3.46 7.07 -25.13
C ARG A 135 -3.15 8.57 -25.12
N LYS A 136 -2.30 9.01 -26.04
CA LYS A 136 -1.94 10.42 -26.13
C LYS A 136 -2.68 11.10 -27.27
N ILE A 137 -2.85 12.41 -27.18
CA ILE A 137 -3.54 13.18 -28.19
C ILE A 137 -2.73 14.40 -28.61
N SER A 138 -3.10 14.99 -29.74
CA SER A 138 -2.40 16.16 -30.26
C SER A 138 -3.21 17.43 -30.01
N GLU A 139 -2.54 18.57 -29.98
CA GLU A 139 -3.20 19.85 -29.75
C GLU A 139 -3.21 20.69 -31.02
N GLY A 140 -2.07 20.75 -31.71
CA GLY A 140 -1.97 21.53 -32.93
C GLY A 140 -1.45 22.93 -32.69
N ASP A 141 -0.94 23.17 -31.49
CA ASP A 141 -0.41 24.48 -31.13
C ASP A 141 0.94 24.71 -31.81
N ASP A 3 4.33 16.66 -31.65
CA ASP A 3 4.05 15.48 -30.83
C ASP A 3 4.26 14.20 -31.64
N VAL A 4 4.26 13.06 -30.96
CA VAL A 4 4.45 11.77 -31.61
C VAL A 4 3.46 10.74 -31.10
N TYR A 5 3.04 9.83 -31.98
CA TYR A 5 2.09 8.79 -31.61
C TYR A 5 2.60 7.98 -30.42
N THR A 6 1.68 7.54 -29.57
CA THR A 6 2.04 6.75 -28.40
C THR A 6 1.07 5.59 -28.20
N SER A 7 1.56 4.51 -27.59
CA SER A 7 0.74 3.34 -27.34
C SER A 7 0.41 3.21 -25.86
N ILE A 8 -0.24 2.10 -25.51
CA ILE A 8 -0.62 1.85 -24.12
C ILE A 8 0.40 0.95 -23.42
N HIS A 9 0.88 1.39 -22.26
CA HIS A 9 1.85 0.62 -21.51
C HIS A 9 1.20 -0.03 -20.30
N ILE A 10 1.83 -1.08 -19.78
CA ILE A 10 1.31 -1.79 -18.61
C ILE A 10 2.26 -1.69 -17.43
N GLU A 11 1.80 -1.06 -16.35
CA GLU A 11 2.62 -0.90 -15.15
C GLU A 11 2.64 -2.18 -14.33
N GLU A 12 3.66 -2.32 -13.48
CA GLU A 12 3.79 -3.50 -12.64
C GLU A 12 4.33 -3.13 -11.26
N TYR A 13 3.48 -3.28 -10.25
CA TYR A 13 3.86 -2.96 -8.88
C TYR A 13 3.95 -4.22 -8.03
N GLU A 14 4.88 -4.21 -7.07
CA GLU A 14 5.07 -5.35 -6.19
C GLU A 14 4.74 -4.99 -4.75
N SER A 15 4.28 -5.97 -3.98
CA SER A 15 3.92 -5.75 -2.59
C SER A 15 3.81 -7.08 -1.84
N GLU A 16 4.79 -7.36 -0.98
CA GLU A 16 4.81 -8.60 -0.21
C GLU A 16 5.09 -8.31 1.26
N ALA A 17 4.33 -8.94 2.14
CA ALA A 17 4.49 -8.76 3.57
C ALA A 17 5.74 -9.49 4.08
N ARG A 18 6.83 -8.74 4.21
CA ARG A 18 8.09 -9.31 4.68
C ARG A 18 8.15 -9.32 6.21
N ASP A 19 8.76 -10.37 6.77
CA ASP A 19 8.88 -10.49 8.22
C ASP A 19 9.79 -9.40 8.77
N THR A 20 9.29 -8.68 9.78
CA THR A 20 10.05 -7.61 10.40
C THR A 20 11.00 -8.16 11.47
N LYS A 21 11.92 -7.32 11.93
CA LYS A 21 12.87 -7.71 12.96
C LYS A 21 12.32 -7.44 14.35
N LEU A 22 11.05 -7.04 14.42
CA LEU A 22 10.41 -6.75 15.69
C LEU A 22 9.52 -7.91 16.13
N GLY A 23 9.37 -8.90 15.25
CA GLY A 23 8.54 -10.06 15.55
C GLY A 23 7.15 -9.94 14.98
N PRO A 24 7.03 -10.18 13.67
CA PRO A 24 5.74 -10.11 12.97
C PRO A 24 4.79 -11.24 13.37
N GLU A 25 3.51 -11.06 13.08
CA GLU A 25 2.51 -12.07 13.42
C GLU A 25 1.47 -12.20 12.30
N GLU A 26 1.05 -11.06 11.76
CA GLU A 26 0.07 -11.04 10.69
C GLU A 26 0.06 -9.70 9.97
N ILE A 27 -0.42 -9.69 8.73
CA ILE A 27 -0.49 -8.47 7.94
C ILE A 27 -1.75 -7.68 8.25
N THR A 28 -1.65 -6.35 8.21
CA THR A 28 -2.79 -5.49 8.49
C THR A 28 -2.68 -4.18 7.72
N ARG A 29 -3.68 -3.31 7.90
CA ARG A 29 -3.70 -2.02 7.23
C ARG A 29 -3.78 -0.88 8.23
N ASP A 30 -2.86 0.06 8.14
CA ASP A 30 -2.83 1.20 9.05
C ASP A 30 -2.27 2.44 8.34
N ILE A 31 -3.16 3.23 7.75
CA ILE A 31 -2.75 4.44 7.04
C ILE A 31 -3.21 5.69 7.79
N PRO A 32 -2.44 6.09 8.81
CA PRO A 32 -2.76 7.27 9.61
C PRO A 32 -2.57 8.57 8.84
N ASN A 33 -3.38 9.56 9.16
CA ASN A 33 -3.31 10.86 8.48
C ASN A 33 -3.64 10.72 7.00
N VAL A 34 -4.52 9.78 6.67
CA VAL A 34 -4.91 9.55 5.29
C VAL A 34 -6.26 10.21 4.99
N GLY A 35 -6.49 10.50 3.71
CA GLY A 35 -7.74 11.13 3.31
C GLY A 35 -8.85 10.11 3.09
N GLU A 36 -10.09 10.59 3.10
CA GLU A 36 -11.24 9.71 2.90
C GLU A 36 -11.33 9.26 1.45
N ASP A 37 -10.79 10.07 0.54
CA ASP A 37 -10.81 9.76 -0.89
C ASP A 37 -9.88 8.59 -1.19
N ALA A 38 -8.74 8.57 -0.51
CA ALA A 38 -7.76 7.50 -0.71
C ALA A 38 -8.26 6.17 -0.15
N LEU A 39 -9.19 6.25 0.79
CA LEU A 39 -9.75 5.06 1.40
C LEU A 39 -11.22 4.88 1.02
N ARG A 40 -11.64 5.62 -0.01
CA ARG A 40 -13.02 5.54 -0.48
C ARG A 40 -13.28 4.23 -1.21
N ASN A 41 -12.22 3.65 -1.76
CA ASN A 41 -12.34 2.39 -2.49
C ASN A 41 -11.71 1.25 -1.70
N LEU A 42 -10.78 1.58 -0.82
CA LEU A 42 -10.11 0.58 0.01
C LEU A 42 -11.12 -0.20 0.85
N ASP A 43 -11.08 -1.52 0.71
CA ASP A 43 -12.00 -2.39 1.46
C ASP A 43 -11.40 -2.75 2.82
N ASP A 44 -12.07 -3.66 3.53
CA ASP A 44 -11.61 -4.09 4.84
C ASP A 44 -10.30 -4.86 4.72
N ARG A 45 -10.00 -5.34 3.52
CA ARG A 45 -8.78 -6.10 3.28
C ARG A 45 -7.57 -5.16 3.18
N GLY A 46 -7.83 -3.89 2.89
CA GLY A 46 -6.77 -2.92 2.78
C GLY A 46 -6.30 -2.74 1.35
N VAL A 47 -7.15 -3.10 0.39
CA VAL A 47 -6.81 -2.97 -1.02
C VAL A 47 -7.85 -2.12 -1.75
N ILE A 48 -7.36 -1.19 -2.57
CA ILE A 48 -8.24 -0.32 -3.33
C ILE A 48 -9.02 -1.09 -4.39
N ARG A 49 -10.31 -0.83 -4.48
CA ARG A 49 -11.16 -1.51 -5.45
C ARG A 49 -10.71 -1.18 -6.88
N ILE A 50 -11.17 -1.98 -7.84
CA ILE A 50 -10.82 -1.78 -9.23
C ILE A 50 -11.59 -0.61 -9.83
N GLY A 51 -11.01 0.02 -10.84
CA GLY A 51 -11.66 1.16 -11.49
C GLY A 51 -11.42 2.46 -10.75
N ALA A 52 -10.46 2.44 -9.83
CA ALA A 52 -10.14 3.64 -9.05
C ALA A 52 -8.85 4.28 -9.55
N GLU A 53 -8.91 5.58 -9.84
CA GLU A 53 -7.75 6.31 -10.33
C GLU A 53 -6.69 6.42 -9.24
N VAL A 54 -5.42 6.39 -9.65
CA VAL A 54 -4.31 6.48 -8.71
C VAL A 54 -3.87 7.92 -8.52
N LYS A 55 -3.38 8.24 -7.33
CA LYS A 55 -2.92 9.58 -7.02
C LYS A 55 -1.54 9.56 -6.36
N ASP A 56 -0.98 10.74 -6.11
CA ASP A 56 0.32 10.84 -5.48
C ASP A 56 0.24 10.49 -4.00
N GLY A 57 1.24 9.76 -3.52
CA GLY A 57 1.26 9.36 -2.12
C GLY A 57 0.34 8.19 -1.84
N ASP A 58 -0.29 7.66 -2.88
CA ASP A 58 -1.20 6.54 -2.73
C ASP A 58 -0.44 5.24 -2.49
N LEU A 59 -1.10 4.29 -1.85
CA LEU A 59 -0.48 3.00 -1.54
C LEU A 59 -1.12 1.89 -2.37
N LEU A 60 -2.45 1.81 -2.32
CA LEU A 60 -3.18 0.79 -3.06
C LEU A 60 -2.90 -0.60 -2.49
N VAL A 61 -2.22 -0.64 -1.35
CA VAL A 61 -1.90 -1.91 -0.71
C VAL A 61 -1.71 -1.72 0.80
N GLY A 62 -2.43 -2.52 1.58
CA GLY A 62 -2.34 -2.44 3.02
C GLY A 62 -1.28 -3.35 3.59
N LYS A 63 -0.11 -2.79 3.90
CA LYS A 63 0.99 -3.56 4.45
C LYS A 63 1.72 -2.77 5.53
N VAL A 64 1.45 -3.10 6.79
CA VAL A 64 2.08 -2.43 7.92
C VAL A 64 2.51 -3.42 8.99
N THR A 65 3.75 -3.30 9.45
CA THR A 65 4.27 -4.19 10.48
C THR A 65 4.26 -3.51 11.84
N PRO A 66 4.30 -4.34 12.91
CA PRO A 66 4.30 -3.83 14.29
C PRO A 66 5.60 -3.14 14.65
N LYS A 67 5.54 -2.25 15.64
CA LYS A 67 6.71 -1.51 16.09
C LYS A 67 7.08 -1.89 17.51
N GLY A 68 8.20 -1.36 18.00
CA GLY A 68 8.65 -1.66 19.35
C GLY A 68 8.01 -0.75 20.37
N VAL A 69 7.97 -1.21 21.62
CA VAL A 69 7.38 -0.43 22.71
C VAL A 69 8.35 0.62 23.22
N THR A 70 9.65 0.32 23.11
CA THR A 70 10.68 1.24 23.57
C THR A 70 10.95 2.32 22.53
N GLU A 71 10.76 1.97 21.26
CA GLU A 71 10.98 2.92 20.18
C GLU A 71 10.13 4.17 20.36
N LEU A 72 9.01 4.02 21.07
CA LEU A 72 8.10 5.14 21.31
C LEU A 72 8.86 6.33 21.90
N THR A 73 8.21 7.49 21.91
CA THR A 73 8.82 8.70 22.43
C THR A 73 8.01 9.26 23.60
N ALA A 74 8.57 10.24 24.29
CA ALA A 74 7.90 10.87 25.42
C ALA A 74 6.62 11.57 24.98
N GLU A 75 6.63 12.11 23.76
CA GLU A 75 5.47 12.80 23.23
C GLU A 75 4.26 11.89 23.15
N GLU A 76 4.51 10.60 22.87
CA GLU A 76 3.44 9.63 22.77
C GLU A 76 2.92 9.25 24.16
N ARG A 77 3.80 9.30 25.15
CA ARG A 77 3.44 8.97 26.52
C ARG A 77 2.38 9.94 27.06
N LEU A 78 2.63 11.23 26.89
CA LEU A 78 1.71 12.25 27.36
C LEU A 78 0.45 12.29 26.49
N LEU A 79 0.59 11.85 25.25
CA LEU A 79 -0.54 11.83 24.31
C LEU A 79 -1.69 11.02 24.88
N HIS A 80 -1.39 10.10 25.78
CA HIS A 80 -2.41 9.27 26.41
C HIS A 80 -3.48 10.13 27.06
N ALA A 81 -3.09 11.32 27.49
CA ALA A 81 -4.02 12.25 28.14
C ALA A 81 -4.96 12.90 27.12
N ILE A 82 -4.49 12.98 25.87
CA ILE A 82 -5.28 13.58 24.81
C ILE A 82 -6.41 12.64 24.36
N PHE A 83 -6.02 11.47 23.87
CA PHE A 83 -6.99 10.48 23.42
C PHE A 83 -7.68 9.80 24.60
N GLY A 84 -6.98 9.76 25.73
CA GLY A 84 -7.53 9.14 26.92
C GLY A 84 -7.70 7.64 26.76
N GLU A 85 -6.74 7.00 26.11
CA GLU A 85 -6.79 5.56 25.89
C GLU A 85 -5.51 5.07 25.22
N LYS A 86 -5.10 3.85 25.58
CA LYS A 86 -3.89 3.26 25.02
C LYS A 86 -4.11 2.81 23.57
N ALA A 87 -3.17 3.14 22.70
CA ALA A 87 -3.26 2.77 21.30
C ALA A 87 -1.96 2.17 20.80
N ARG A 88 -2.06 1.19 19.91
CA ARG A 88 -0.89 0.53 19.35
C ARG A 88 -0.30 1.34 18.19
N GLU A 89 1.02 1.29 18.06
CA GLU A 89 1.70 2.02 17.00
C GLU A 89 2.41 1.06 16.04
N VAL A 90 2.32 1.35 14.75
CA VAL A 90 2.94 0.51 13.74
C VAL A 90 3.74 1.35 12.74
N ARG A 91 4.44 0.68 11.84
CA ARG A 91 5.25 1.38 10.83
C ARG A 91 4.65 1.17 9.44
N ASP A 92 4.55 2.27 8.69
CA ASP A 92 4.00 2.22 7.34
C ASP A 92 5.06 1.79 6.34
N THR A 93 5.04 0.51 5.96
CA THR A 93 6.01 -0.02 5.01
C THR A 93 5.33 -0.39 3.69
N SER A 94 4.20 0.25 3.42
CA SER A 94 3.45 -0.01 2.19
C SER A 94 4.25 0.46 0.97
N LEU A 95 3.76 0.10 -0.22
CA LEU A 95 4.42 0.48 -1.46
C LEU A 95 4.18 1.95 -1.76
N ARG A 96 5.13 2.56 -2.46
CA ARG A 96 5.04 3.97 -2.84
C ARG A 96 4.49 4.13 -4.25
N VAL A 97 3.70 5.18 -4.46
CA VAL A 97 3.11 5.44 -5.77
C VAL A 97 3.46 6.84 -6.25
N PRO A 98 3.99 6.93 -7.49
CA PRO A 98 4.38 8.20 -8.09
C PRO A 98 3.18 9.07 -8.44
N HIS A 99 3.36 10.38 -8.39
CA HIS A 99 2.30 11.33 -8.70
C HIS A 99 1.65 11.00 -10.04
N GLY A 100 0.32 10.94 -10.05
CA GLY A 100 -0.40 10.63 -11.28
C GLY A 100 -0.46 9.14 -11.55
N GLY A 101 0.69 8.48 -11.52
CA GLY A 101 0.74 7.06 -11.77
C GLY A 101 0.83 6.72 -13.25
N GLY A 102 0.17 7.54 -14.08
CA GLY A 102 0.19 7.31 -15.50
C GLY A 102 -1.06 6.61 -16.00
N GLY A 103 -1.56 5.66 -15.21
CA GLY A 103 -2.75 4.93 -15.59
C GLY A 103 -3.74 4.80 -14.45
N ILE A 104 -4.63 3.82 -14.55
CA ILE A 104 -5.64 3.59 -13.52
C ILE A 104 -5.70 2.12 -13.12
N ILE A 105 -6.07 1.86 -11.87
CA ILE A 105 -6.16 0.50 -11.37
C ILE A 105 -7.26 -0.28 -12.10
N HIS A 106 -6.86 -1.08 -13.09
CA HIS A 106 -7.79 -1.87 -13.87
C HIS A 106 -7.73 -3.34 -13.46
N ASP A 107 -6.58 -3.75 -12.95
CA ASP A 107 -6.38 -5.14 -12.53
C ASP A 107 -5.53 -5.20 -11.27
N VAL A 108 -5.78 -6.21 -10.44
CA VAL A 108 -5.03 -6.39 -9.20
C VAL A 108 -4.94 -7.86 -8.82
N LYS A 109 -3.71 -8.37 -8.74
CA LYS A 109 -3.48 -9.77 -8.39
C LYS A 109 -3.03 -9.89 -6.94
N VAL A 110 -3.61 -10.84 -6.22
CA VAL A 110 -3.25 -11.07 -4.83
C VAL A 110 -3.20 -12.56 -4.51
N PHE A 111 -2.04 -13.02 -4.05
CA PHE A 111 -1.86 -14.42 -3.71
C PHE A 111 -1.76 -14.60 -2.19
N ASN A 112 -2.30 -15.72 -1.70
CA ASN A 112 -2.28 -16.01 -0.27
C ASN A 112 -1.80 -17.44 -0.02
N ARG A 113 -0.97 -17.61 1.00
CA ARG A 113 -0.44 -18.93 1.35
C ARG A 113 -1.58 -19.91 1.61
N GLU A 114 -2.71 -19.39 2.06
CA GLU A 114 -3.87 -20.22 2.35
C GLU A 114 -4.44 -20.82 1.07
N ASP A 115 -4.19 -20.16 -0.06
CA ASP A 115 -4.69 -20.65 -1.35
C ASP A 115 -3.88 -21.85 -1.81
N GLY A 116 -2.66 -21.99 -1.29
CA GLY A 116 -1.81 -23.10 -1.68
C GLY A 116 -0.65 -22.66 -2.56
N ASP A 117 -0.31 -21.38 -2.49
CA ASP A 117 0.79 -20.85 -3.30
C ASP A 117 2.08 -20.81 -2.50
N GLU A 118 3.17 -21.28 -3.10
CA GLU A 118 4.47 -21.29 -2.44
C GLU A 118 5.14 -19.92 -2.52
N LEU A 119 5.71 -19.50 -1.40
CA LEU A 119 6.38 -18.21 -1.32
C LEU A 119 7.80 -18.36 -0.79
N PRO A 120 8.67 -17.38 -1.10
CA PRO A 120 10.06 -17.38 -0.66
C PRO A 120 10.19 -17.16 0.84
N PRO A 121 11.41 -17.39 1.37
CA PRO A 121 11.69 -17.23 2.79
C PRO A 121 11.69 -15.77 3.23
N GLY A 122 10.83 -15.43 4.18
CA GLY A 122 10.74 -14.06 4.66
C GLY A 122 9.46 -13.38 4.23
N VAL A 123 8.81 -13.93 3.22
CA VAL A 123 7.57 -13.36 2.71
C VAL A 123 6.35 -14.12 3.27
N ASN A 124 5.27 -13.39 3.53
CA ASN A 124 4.06 -14.00 4.05
C ASN A 124 2.92 -13.90 3.05
N GLN A 125 2.97 -12.88 2.19
CA GLN A 125 1.94 -12.68 1.18
C GLN A 125 2.51 -11.98 -0.05
N LEU A 126 1.84 -12.11 -1.17
CA LEU A 126 2.28 -11.50 -2.42
C LEU A 126 1.11 -10.81 -3.13
N VAL A 127 1.34 -9.57 -3.57
CA VAL A 127 0.31 -8.81 -4.27
C VAL A 127 0.93 -7.89 -5.31
N ARG A 128 0.37 -7.92 -6.51
CA ARG A 128 0.86 -7.09 -7.61
C ARG A 128 -0.27 -6.28 -8.24
N VAL A 129 -0.03 -4.99 -8.44
CA VAL A 129 -1.03 -4.12 -9.04
C VAL A 129 -0.81 -3.97 -10.54
N TYR A 130 -1.88 -3.67 -11.27
CA TYR A 130 -1.81 -3.50 -12.71
C TYR A 130 -2.41 -2.17 -13.14
N ILE A 131 -1.57 -1.28 -13.64
CA ILE A 131 -2.02 0.03 -14.08
C ILE A 131 -1.79 0.21 -15.58
N VAL A 132 -2.88 0.45 -16.31
CA VAL A 132 -2.80 0.65 -17.75
C VAL A 132 -2.82 2.13 -18.11
N GLN A 133 -1.93 2.53 -19.00
CA GLN A 133 -1.84 3.92 -19.43
C GLN A 133 -2.90 4.23 -20.49
N LYS A 134 -3.78 5.17 -20.18
CA LYS A 134 -4.83 5.57 -21.11
C LYS A 134 -4.25 6.08 -22.42
N ARG A 135 -5.04 6.01 -23.49
CA ARG A 135 -4.60 6.47 -24.79
C ARG A 135 -4.32 7.97 -24.78
N LYS A 136 -3.41 8.41 -25.64
CA LYS A 136 -3.05 9.82 -25.73
C LYS A 136 -4.29 10.69 -25.89
N ILE A 137 -4.24 11.89 -25.34
CA ILE A 137 -5.37 12.82 -25.43
C ILE A 137 -5.83 12.99 -26.87
N SER A 138 -7.02 13.53 -27.05
CA SER A 138 -7.58 13.75 -28.38
C SER A 138 -6.98 14.99 -29.02
N GLU A 139 -6.29 14.80 -30.14
CA GLU A 139 -5.67 15.91 -30.86
C GLU A 139 -6.35 16.14 -32.20
N GLY A 140 -5.87 17.14 -32.94
CA GLY A 140 -6.44 17.44 -34.24
C GLY A 140 -7.31 18.68 -34.21
N ASP A 141 -7.81 19.03 -33.03
CA ASP A 141 -8.66 20.20 -32.86
C ASP A 141 -8.00 21.23 -31.97
N ASP A 3 3.92 7.69 -40.07
CA ASP A 3 2.63 7.77 -39.39
C ASP A 3 2.34 6.48 -38.62
N VAL A 4 3.21 6.17 -37.66
CA VAL A 4 3.05 4.97 -36.85
C VAL A 4 2.95 5.32 -35.36
N TYR A 5 2.13 4.57 -34.64
CA TYR A 5 1.95 4.81 -33.21
C TYR A 5 2.06 3.50 -32.43
N THR A 6 2.90 3.49 -31.40
CA THR A 6 3.08 2.30 -30.58
C THR A 6 1.77 1.84 -29.96
N SER A 7 1.80 0.68 -29.31
CA SER A 7 0.61 0.14 -28.68
C SER A 7 0.49 0.61 -27.22
N ILE A 8 -0.48 0.06 -26.51
CA ILE A 8 -0.69 0.42 -25.11
C ILE A 8 0.35 -0.25 -24.21
N HIS A 9 0.57 0.33 -23.03
CA HIS A 9 1.53 -0.21 -22.08
C HIS A 9 0.90 -0.35 -20.70
N ILE A 10 1.50 -1.20 -19.87
CA ILE A 10 1.00 -1.43 -18.52
C ILE A 10 2.13 -1.41 -17.50
N GLU A 11 1.85 -0.88 -16.32
CA GLU A 11 2.84 -0.80 -15.26
C GLU A 11 2.86 -2.09 -14.44
N GLU A 12 3.88 -2.23 -13.59
CA GLU A 12 4.01 -3.41 -12.76
C GLU A 12 4.52 -3.05 -11.36
N TYR A 13 3.66 -3.21 -10.36
CA TYR A 13 4.02 -2.87 -8.99
C TYR A 13 4.05 -4.14 -8.13
N GLU A 14 5.02 -4.20 -7.22
CA GLU A 14 5.17 -5.35 -6.32
C GLU A 14 4.95 -4.94 -4.88
N SER A 15 4.44 -5.87 -4.07
CA SER A 15 4.19 -5.60 -2.65
C SER A 15 4.00 -6.90 -1.89
N GLU A 16 4.94 -7.20 -1.00
CA GLU A 16 4.88 -8.41 -0.19
C GLU A 16 5.06 -8.09 1.28
N ALA A 17 4.30 -8.79 2.13
CA ALA A 17 4.39 -8.58 3.58
C ALA A 17 5.64 -9.23 4.15
N ARG A 18 6.66 -8.42 4.40
CA ARG A 18 7.92 -8.91 4.95
C ARG A 18 7.84 -9.05 6.46
N ASP A 19 8.50 -10.08 7.00
CA ASP A 19 8.49 -10.32 8.43
C ASP A 19 9.43 -9.36 9.15
N THR A 20 8.95 -8.77 10.24
CA THR A 20 9.75 -7.82 11.02
C THR A 20 10.65 -8.55 12.00
N LYS A 21 11.59 -7.81 12.60
CA LYS A 21 12.52 -8.39 13.56
C LYS A 21 11.94 -8.32 14.97
N LEU A 22 10.69 -7.89 15.08
CA LEU A 22 10.02 -7.78 16.37
C LEU A 22 9.07 -8.95 16.60
N GLY A 23 9.04 -9.88 15.63
CA GLY A 23 8.17 -11.04 15.74
C GLY A 23 6.77 -10.76 15.24
N PRO A 24 6.61 -10.78 13.90
CA PRO A 24 5.32 -10.53 13.25
C PRO A 24 4.33 -11.67 13.49
N GLU A 25 3.07 -11.43 13.13
CA GLU A 25 2.03 -12.44 13.31
C GLU A 25 1.12 -12.51 12.07
N GLU A 26 0.79 -11.34 11.54
CA GLU A 26 -0.07 -11.26 10.36
C GLU A 26 -0.04 -9.85 9.76
N ILE A 27 -0.32 -9.76 8.47
CA ILE A 27 -0.34 -8.49 7.78
C ILE A 27 -1.58 -7.67 8.13
N THR A 28 -1.43 -6.35 8.19
CA THR A 28 -2.53 -5.47 8.51
C THR A 28 -2.44 -4.16 7.73
N ARG A 29 -3.43 -3.28 7.93
CA ARG A 29 -3.46 -2.00 7.25
C ARG A 29 -3.49 -0.85 8.26
N ASP A 30 -2.52 0.04 8.16
CA ASP A 30 -2.44 1.18 9.06
C ASP A 30 -1.86 2.40 8.33
N ILE A 31 -2.73 3.18 7.70
CA ILE A 31 -2.30 4.37 6.98
C ILE A 31 -2.82 5.63 7.65
N PRO A 32 -2.08 6.11 8.66
CA PRO A 32 -2.44 7.32 9.41
C PRO A 32 -2.30 8.58 8.57
N ASN A 33 -2.86 9.68 9.06
CA ASN A 33 -2.79 10.95 8.36
C ASN A 33 -2.99 10.76 6.86
N VAL A 34 -3.91 9.87 6.50
CA VAL A 34 -4.19 9.59 5.09
C VAL A 34 -5.47 10.29 4.65
N GLY A 35 -5.60 10.51 3.34
CA GLY A 35 -6.78 11.17 2.81
C GLY A 35 -7.98 10.25 2.78
N GLU A 36 -9.15 10.79 3.13
CA GLU A 36 -10.38 10.01 3.14
C GLU A 36 -10.66 9.43 1.76
N ASP A 37 -10.27 10.16 0.73
CA ASP A 37 -10.48 9.71 -0.65
C ASP A 37 -9.58 8.53 -0.98
N ALA A 38 -8.39 8.51 -0.39
CA ALA A 38 -7.43 7.44 -0.62
C ALA A 38 -7.95 6.12 -0.07
N LEU A 39 -8.89 6.20 0.86
CA LEU A 39 -9.47 5.00 1.46
C LEU A 39 -10.96 4.89 1.12
N ARG A 40 -11.39 5.66 0.13
CA ARG A 40 -12.79 5.65 -0.28
C ARG A 40 -13.12 4.37 -1.04
N ASN A 41 -12.10 3.77 -1.64
CA ASN A 41 -12.28 2.53 -2.40
C ASN A 41 -11.74 1.33 -1.63
N LEU A 42 -10.77 1.58 -0.76
CA LEU A 42 -10.17 0.52 0.05
C LEU A 42 -11.24 -0.26 0.79
N ASP A 43 -11.15 -1.59 0.71
CA ASP A 43 -12.12 -2.46 1.38
C ASP A 43 -11.52 -3.05 2.66
N ASP A 44 -12.22 -4.01 3.24
CA ASP A 44 -11.76 -4.65 4.47
C ASP A 44 -10.45 -5.39 4.23
N ARG A 45 -10.12 -5.62 2.97
CA ARG A 45 -8.89 -6.31 2.61
C ARG A 45 -7.69 -5.39 2.73
N GLY A 46 -7.95 -4.09 2.69
CA GLY A 46 -6.88 -3.11 2.79
C GLY A 46 -6.36 -2.67 1.44
N VAL A 47 -6.85 -3.31 0.38
CA VAL A 47 -6.42 -2.98 -0.98
C VAL A 47 -7.54 -2.27 -1.74
N ILE A 48 -7.16 -1.32 -2.58
CA ILE A 48 -8.13 -0.56 -3.37
C ILE A 48 -8.79 -1.45 -4.42
N ARG A 49 -10.11 -1.32 -4.54
CA ARG A 49 -10.87 -2.10 -5.50
C ARG A 49 -10.54 -1.68 -6.93
N ILE A 50 -10.89 -2.52 -7.89
CA ILE A 50 -10.63 -2.23 -9.30
C ILE A 50 -11.51 -1.09 -9.79
N GLY A 51 -11.02 -0.36 -10.80
CA GLY A 51 -11.79 0.75 -11.34
C GLY A 51 -11.52 2.05 -10.61
N ALA A 52 -10.49 2.04 -9.76
CA ALA A 52 -10.14 3.24 -9.00
C ALA A 52 -8.91 3.92 -9.60
N GLU A 53 -9.01 5.24 -9.77
CA GLU A 53 -7.91 6.01 -10.35
C GLU A 53 -6.75 6.12 -9.36
N VAL A 54 -5.53 6.00 -9.87
CA VAL A 54 -4.34 6.08 -9.03
C VAL A 54 -3.82 7.51 -8.96
N LYS A 55 -3.28 7.88 -7.80
CA LYS A 55 -2.75 9.23 -7.60
C LYS A 55 -1.80 9.26 -6.40
N ASP A 56 -1.19 10.41 -6.17
CA ASP A 56 -0.28 10.58 -5.05
C ASP A 56 -0.98 10.33 -3.72
N GLY A 57 -0.28 9.69 -2.79
CA GLY A 57 -0.85 9.39 -1.49
C GLY A 57 -1.68 8.13 -1.50
N ASP A 58 -1.85 7.54 -2.68
CA ASP A 58 -2.63 6.31 -2.82
C ASP A 58 -1.71 5.12 -3.04
N LEU A 59 -1.35 4.44 -1.95
CA LEU A 59 -0.47 3.28 -2.02
C LEU A 59 -1.17 2.11 -2.72
N LEU A 60 -2.49 2.02 -2.53
CA LEU A 60 -3.28 0.95 -3.12
C LEU A 60 -2.87 -0.41 -2.57
N VAL A 61 -2.13 -0.38 -1.47
CA VAL A 61 -1.68 -1.62 -0.83
C VAL A 61 -1.48 -1.42 0.67
N GLY A 62 -2.10 -2.30 1.46
CA GLY A 62 -1.98 -2.20 2.90
C GLY A 62 -0.91 -3.13 3.46
N LYS A 63 0.24 -2.56 3.79
CA LYS A 63 1.35 -3.33 4.34
C LYS A 63 2.00 -2.61 5.51
N VAL A 64 1.71 -3.07 6.72
CA VAL A 64 2.27 -2.45 7.92
C VAL A 64 2.58 -3.51 8.98
N THR A 65 3.79 -3.47 9.52
CA THR A 65 4.20 -4.42 10.54
C THR A 65 4.23 -3.77 11.92
N PRO A 66 4.17 -4.60 12.97
CA PRO A 66 4.18 -4.14 14.36
C PRO A 66 5.54 -3.57 14.76
N LYS A 67 5.53 -2.69 15.75
CA LYS A 67 6.76 -2.07 16.24
C LYS A 67 7.06 -2.51 17.67
N GLY A 68 8.21 -2.09 18.18
CA GLY A 68 8.60 -2.44 19.54
C GLY A 68 8.01 -1.52 20.58
N VAL A 69 8.16 -1.87 21.85
CA VAL A 69 7.64 -1.06 22.93
C VAL A 69 8.63 0.03 23.33
N THR A 70 9.91 -0.23 23.11
CA THR A 70 10.96 0.72 23.45
C THR A 70 11.31 1.58 22.25
N GLU A 71 10.44 1.60 21.25
CA GLU A 71 10.67 2.39 20.05
C GLU A 71 9.98 3.75 20.15
N LEU A 72 8.86 3.78 20.88
CA LEU A 72 8.10 5.02 21.06
C LEU A 72 9.01 6.14 21.56
N THR A 73 8.50 7.37 21.52
CA THR A 73 9.26 8.52 21.97
C THR A 73 8.56 9.21 23.15
N ALA A 74 9.26 10.13 23.79
CA ALA A 74 8.71 10.86 24.92
C ALA A 74 7.53 11.73 24.50
N GLU A 75 7.53 12.14 23.23
CA GLU A 75 6.44 12.96 22.71
C GLU A 75 5.12 12.21 22.73
N GLU A 76 5.18 10.90 22.49
CA GLU A 76 4.00 10.06 22.47
C GLU A 76 3.45 9.87 23.89
N ARG A 77 4.34 9.89 24.87
CA ARG A 77 3.96 9.72 26.26
C ARG A 77 2.92 10.76 26.67
N LEU A 78 3.21 12.02 26.36
CA LEU A 78 2.32 13.11 26.70
C LEU A 78 1.16 13.20 25.69
N LEU A 79 1.41 12.75 24.48
CA LEU A 79 0.40 12.77 23.43
C LEU A 79 -0.84 11.98 23.86
N HIS A 80 -0.66 11.04 24.77
CA HIS A 80 -1.76 10.22 25.26
C HIS A 80 -2.87 11.10 25.84
N ALA A 81 -2.48 12.06 26.67
CA ALA A 81 -3.44 12.97 27.29
C ALA A 81 -4.10 13.87 26.24
N ILE A 82 -3.42 14.07 25.13
CA ILE A 82 -3.94 14.90 24.05
C ILE A 82 -5.11 14.22 23.35
N PHE A 83 -4.88 13.01 22.85
CA PHE A 83 -5.92 12.25 22.17
C PHE A 83 -6.92 11.68 23.16
N GLY A 84 -6.47 11.47 24.39
CA GLY A 84 -7.35 10.92 25.42
C GLY A 84 -7.64 9.45 25.20
N GLU A 85 -6.65 8.71 24.73
CA GLU A 85 -6.81 7.29 24.48
C GLU A 85 -5.49 6.65 24.06
N LYS A 86 -5.41 5.34 24.18
CA LYS A 86 -4.20 4.60 23.81
C LYS A 86 -4.22 4.21 22.33
N ALA A 87 -3.11 4.43 21.65
CA ALA A 87 -3.01 4.11 20.23
C ALA A 87 -1.76 3.29 19.94
N ARG A 88 -1.89 2.31 19.05
CA ARG A 88 -0.77 1.44 18.70
C ARG A 88 0.11 2.10 17.64
N GLU A 89 1.40 1.79 17.66
CA GLU A 89 2.34 2.36 16.71
C GLU A 89 2.95 1.26 15.84
N VAL A 90 2.93 1.47 14.53
CA VAL A 90 3.48 0.51 13.59
C VAL A 90 4.34 1.19 12.53
N ARG A 91 4.92 0.40 11.64
CA ARG A 91 5.75 0.94 10.57
C ARG A 91 5.07 0.78 9.21
N ASP A 92 5.08 1.85 8.42
CA ASP A 92 4.47 1.83 7.10
C ASP A 92 5.42 1.24 6.06
N THR A 93 5.25 -0.05 5.78
CA THR A 93 6.10 -0.73 4.81
C THR A 93 5.38 -0.90 3.47
N SER A 94 4.38 -0.04 3.23
CA SER A 94 3.62 -0.10 2.00
C SER A 94 4.41 0.48 0.84
N LEU A 95 3.91 0.30 -0.38
CA LEU A 95 4.58 0.79 -1.57
C LEU A 95 4.27 2.27 -1.78
N ARG A 96 5.21 2.99 -2.39
CA ARG A 96 5.03 4.41 -2.66
C ARG A 96 4.56 4.65 -4.09
N VAL A 97 3.34 5.16 -4.23
CA VAL A 97 2.79 5.43 -5.55
C VAL A 97 3.14 6.84 -6.03
N PRO A 98 3.55 6.94 -7.30
CA PRO A 98 3.93 8.21 -7.91
C PRO A 98 2.74 9.14 -8.11
N HIS A 99 3.00 10.43 -8.25
CA HIS A 99 1.95 11.42 -8.45
C HIS A 99 1.26 11.20 -9.80
N GLY A 100 -0.08 11.16 -9.77
CA GLY A 100 -0.83 10.96 -10.99
C GLY A 100 -0.98 9.48 -11.35
N GLY A 101 0.14 8.77 -11.36
CA GLY A 101 0.11 7.35 -11.69
C GLY A 101 0.23 7.10 -13.17
N GLY A 102 -0.35 8.00 -13.97
CA GLY A 102 -0.30 7.85 -15.41
C GLY A 102 -1.48 7.08 -15.97
N GLY A 103 -1.93 6.07 -15.24
CA GLY A 103 -3.06 5.27 -15.67
C GLY A 103 -4.08 5.05 -14.57
N ILE A 104 -4.88 4.01 -14.71
CA ILE A 104 -5.90 3.69 -13.72
C ILE A 104 -5.89 2.20 -13.39
N ILE A 105 -6.22 1.88 -12.14
CA ILE A 105 -6.25 0.50 -11.69
C ILE A 105 -7.34 -0.29 -12.40
N HIS A 106 -6.93 -1.10 -13.38
CA HIS A 106 -7.88 -1.91 -14.15
C HIS A 106 -7.80 -3.37 -13.73
N ASP A 107 -6.67 -3.76 -13.14
CA ASP A 107 -6.48 -5.13 -12.69
C ASP A 107 -5.55 -5.17 -11.47
N VAL A 108 -5.77 -6.16 -10.61
CA VAL A 108 -4.95 -6.32 -9.41
C VAL A 108 -4.86 -7.78 -8.99
N LYS A 109 -3.64 -8.29 -8.93
CA LYS A 109 -3.41 -9.68 -8.54
C LYS A 109 -2.97 -9.77 -7.08
N VAL A 110 -3.61 -10.65 -6.33
CA VAL A 110 -3.29 -10.85 -4.92
C VAL A 110 -3.22 -12.33 -4.57
N PHE A 111 -2.07 -12.76 -4.04
CA PHE A 111 -1.88 -14.14 -3.66
C PHE A 111 -1.85 -14.30 -2.14
N ASN A 112 -2.33 -15.43 -1.65
CA ASN A 112 -2.36 -15.70 -0.22
C ASN A 112 -1.81 -17.09 0.08
N ARG A 113 -0.96 -17.16 1.10
CA ARG A 113 -0.36 -18.43 1.50
C ARG A 113 -1.43 -19.44 1.91
N GLU A 114 -2.48 -18.94 2.56
CA GLU A 114 -3.58 -19.81 3.01
C GLU A 114 -4.21 -20.53 1.83
N ASP A 115 -4.11 -19.93 0.64
CA ASP A 115 -4.68 -20.52 -0.56
C ASP A 115 -3.84 -21.70 -1.04
N GLY A 116 -2.58 -21.75 -0.59
CA GLY A 116 -1.70 -22.83 -0.98
C GLY A 116 -0.63 -22.37 -1.96
N ASP A 117 -0.35 -21.08 -1.97
CA ASP A 117 0.66 -20.51 -2.86
C ASP A 117 2.02 -20.46 -2.16
N GLU A 118 3.04 -21.03 -2.82
CA GLU A 118 4.38 -21.04 -2.27
C GLU A 118 5.02 -19.66 -2.38
N LEU A 119 5.79 -19.29 -1.35
CA LEU A 119 6.46 -18.00 -1.33
C LEU A 119 7.89 -18.13 -0.80
N PRO A 120 8.73 -17.13 -1.10
CA PRO A 120 10.13 -17.11 -0.65
C PRO A 120 10.25 -16.89 0.86
N PRO A 121 11.46 -17.11 1.40
CA PRO A 121 11.72 -16.93 2.82
C PRO A 121 11.71 -15.47 3.23
N GLY A 122 10.90 -15.15 4.24
CA GLY A 122 10.81 -13.78 4.72
C GLY A 122 9.57 -13.08 4.21
N VAL A 123 8.72 -13.81 3.47
CA VAL A 123 7.50 -13.24 2.93
C VAL A 123 6.27 -13.98 3.46
N ASN A 124 5.18 -13.24 3.65
CA ASN A 124 3.95 -13.83 4.16
C ASN A 124 2.84 -13.75 3.10
N GLN A 125 2.88 -12.69 2.30
CA GLN A 125 1.88 -12.49 1.26
C GLN A 125 2.49 -11.80 0.04
N LEU A 126 1.77 -11.82 -1.08
CA LEU A 126 2.24 -11.20 -2.30
C LEU A 126 1.08 -10.56 -3.06
N VAL A 127 1.30 -9.32 -3.50
CA VAL A 127 0.27 -8.59 -4.25
C VAL A 127 0.90 -7.66 -5.28
N ARG A 128 0.29 -7.57 -6.46
CA ARG A 128 0.79 -6.72 -7.53
C ARG A 128 -0.32 -5.86 -8.10
N VAL A 129 0.05 -4.74 -8.71
CA VAL A 129 -0.92 -3.83 -9.31
C VAL A 129 -0.72 -3.71 -10.81
N TYR A 130 -1.79 -3.44 -11.53
CA TYR A 130 -1.73 -3.30 -12.99
C TYR A 130 -2.37 -1.99 -13.44
N ILE A 131 -1.54 -1.10 -13.99
CA ILE A 131 -2.02 0.19 -14.46
C ILE A 131 -1.77 0.36 -15.96
N VAL A 132 -2.84 0.53 -16.73
CA VAL A 132 -2.73 0.71 -18.17
C VAL A 132 -2.49 2.17 -18.53
N GLN A 133 -1.38 2.42 -19.23
CA GLN A 133 -1.03 3.78 -19.64
C GLN A 133 -1.88 4.22 -20.83
N LYS A 134 -2.48 5.40 -20.71
CA LYS A 134 -3.33 5.94 -21.78
C LYS A 134 -2.51 6.85 -22.69
N ARG A 135 -2.86 6.85 -23.98
CA ARG A 135 -2.16 7.67 -24.95
C ARG A 135 -2.33 9.16 -24.63
N LYS A 136 -1.27 9.92 -24.85
CA LYS A 136 -1.30 11.36 -24.59
C LYS A 136 -2.50 12.02 -25.26
N ILE A 137 -3.05 13.04 -24.62
CA ILE A 137 -4.20 13.75 -25.15
C ILE A 137 -3.95 14.18 -26.59
N SER A 138 -5.04 14.37 -27.34
CA SER A 138 -4.93 14.79 -28.73
C SER A 138 -4.32 16.17 -28.85
N GLU A 139 -3.35 16.31 -29.74
CA GLU A 139 -2.67 17.59 -29.94
C GLU A 139 -3.43 18.46 -30.94
N GLY A 140 -3.70 17.91 -32.11
CA GLY A 140 -4.42 18.65 -33.14
C GLY A 140 -3.50 19.28 -34.16
N ASP A 141 -2.22 18.90 -34.13
CA ASP A 141 -1.24 19.44 -35.06
C ASP A 141 -1.09 18.52 -36.28
#